data_7EOQ
#
_entry.id   7EOQ
#
_cell.length_a   1.00
_cell.length_b   1.00
_cell.length_c   1.00
_cell.angle_alpha   90.00
_cell.angle_beta   90.00
_cell.angle_gamma   90.00
#
_symmetry.space_group_name_H-M   'P 1'
#
loop_
_entity.id
_entity.type
_entity.pdbx_description
1 polymer 'Glutamate receptor ionotropic, NMDA 2A'
2 polymer 'Glutamate receptor ionotropic, NMDA 1'
3 non-polymer 2-acetamido-2-deoxy-beta-D-glucopyranose
4 non-polymer '(2R)-4-(3-phosphonopropyl)piperazine-2-carboxylic acid'
#
loop_
_entity_poly.entity_id
_entity_poly.type
_entity_poly.pdbx_seq_one_letter_code
_entity_poly.pdbx_strand_id
1 'polypeptide(L)'
;MGRVGYWTLLVLPALLVWRGPAPSAAAEKGPPALNIAVMLGHSHDVTERELRTLWGPEQAAGLPLDVNVVALLMNRTDPK
SLITHVCDLMSGARIHGLVFGDDTDQEAVAQMLDFISSHTFVPILGIHGGASMIMADKDPTSTFFQFGASIQQQATVMLK
IMQDYDWHVFSLVTTIFPGYREFISFVKTTVDNSFVGWDMQNVITLDTSFEDAKTQVQLKKIHSSVILLYCSKDEAVLIL
SEARSLGLTGYDFFWIVPSLVSGNTELIPKEFPSGLISVSYDDWDYSLEARVRDGIGILTTAASSMLEKFSYIPEAKASC
YGQMERPEVPMHTLHPFMVNVTWDGKDLSFTEEGYQVHPRLVVIVLNKDREWEKVGKWENHTLSLRHAVWPRYKSFSDCE
PDDNHLSIVTLEEAPFVIVEDIDPLTETCVRNTVPCRKFVKINNSTNEGMNVKKCCKGFCIDILKKLSRTVKFTYDLYLV
TNGKHGKKVNNVWNGMIGEVVYQRAVMAVGSLTINEERSEVVDFSVPFVETGISVMVSRSNGTVSPSAFLEPFSASVWVM
MFVMLLIVSAIAVFVFEYFSPVGYNRNLAKGKAPHGPSFTIGKAIWLLWGLVFNNSVPVQNPKGTTSKIMVSVWAFFAVI
FLASYTANLAAFMIQEEFVDQVTGLSDKKFQRPHDYSPPFRFGTVPNGSTERNIRNNYPYMHQYMTKFNQKGVEDALVSL
KTGKLDAFIYDAAVLNYKAGRDEGCKLVTIGSGYIFATTGYGIALQKGSPWKRQIDLALLQFVGDGEMEELETCWLTGIC
HNEKNEVMSSQLDIDNMAGVFYMLAAAMALSLITFIWEHLFYKSRAEAKRMKG
;
A,C
2 'polypeptide(L)'
;MSTMRLLTLALLFSCSVARAACDPKIVNIGAVLSTRKHEQMFREAVNQANKRHGSWKIQLNATSVTHKPNAIQMALSVCE
DLISSQVYAILVSHPPTPNDHFTPTPVSYTAGFYRIPVLGLTTRMSIYSDKSIHLSFLRTVPPYSHQSSVWFEMMRVYSW
NHIILLVSDDHEGRAAQKRLETLLEERESKAEKVLQFDPGTKNVTALLMEAKELEARVIILSASEDDAATVYRAAAMLNM
TGSGYVWLVGEREISGNALRYAPDGILGLQLINGKNESAHISDAVGVVAQAVHELLEKENITDPPRGCVGNTNIWKTGPL
FKRVLMSSKYADGVTGRVEFNEDGDRKFANYSIMNLQNRKLVQVGIYNGTHVIPNDRKIIWPGGETEKPRGYQMSTRLKI
VTIHQEPFVYVKPTLSDGTCKEEFTVNGDPVKKVICTGPNDTSPGSPRHTVPQCCYGFCIDLLIKLARTMNFTYEVHLVA
DGKFGTQERVNNSNKKEWNGMMGELLSGQADMIVAPLTINNERAQYIEFSKPFKYQGLTILVKKEIPRSTLDSFMQPFQS
TLWLLVGLSVHVVAVMLYLLDRFSPFGRFKVNSEEEEEDALTLSSAMWFSWGVLLNSGIGEGAPRSFSARILGMVWAGFA
MIIVASYTANLAAFLVLDRPEERITGINDPRLRNPSDKFIYATVKQSSVDIYFRRQVCLSTMYRHMEKHNYESAAEAIQA
VRDNKLHAFIWDSAVLEFEASQKCDLVTTGELFFRSGFGIGMRKDSPWKQNVSLSILKSHENGFMEDLDKTWVRYQECDS
RSNAPATLTFENMAGVFMLVAGGIVAGIFLIFIEIAYKRHKDARRKQ
;
B,D
#
loop_
_chem_comp.id
_chem_comp.type
_chem_comp.name
_chem_comp.formula
7RC non-polymer '(2R)-4-(3-phosphonopropyl)piperazine-2-carboxylic acid' 'C8 H17 N2 O5 P'
NAG D-saccharide, beta linking 2-acetamido-2-deoxy-beta-D-glucopyranose 'C8 H15 N O6'
#
# COMPACT_ATOMS: atom_id res chain seq x y z
N LEU A 34 55.87 43.62 8.06
CA LEU A 34 56.75 44.70 7.62
C LEU A 34 57.12 44.54 6.15
N ASN A 35 57.28 43.29 5.72
CA ASN A 35 57.62 42.96 4.34
C ASN A 35 56.73 41.84 3.85
N ILE A 36 56.29 41.94 2.60
CA ILE A 36 55.40 40.97 1.98
C ILE A 36 56.06 40.42 0.73
N ALA A 37 56.07 39.10 0.59
CA ALA A 37 56.64 38.44 -0.58
C ALA A 37 55.59 37.53 -1.19
N VAL A 38 55.40 37.65 -2.50
CA VAL A 38 54.41 36.87 -3.25
C VAL A 38 55.14 36.09 -4.33
N MET A 39 54.88 34.78 -4.39
CA MET A 39 55.48 33.90 -5.38
C MET A 39 54.49 33.66 -6.51
N LEU A 40 54.97 33.82 -7.75
CA LEU A 40 54.15 33.65 -8.94
C LEU A 40 54.86 32.69 -9.90
N GLY A 41 54.23 32.47 -11.06
CA GLY A 41 54.79 31.59 -12.07
C GLY A 41 54.99 32.27 -13.39
N HIS A 42 54.96 31.51 -14.48
CA HIS A 42 55.15 32.04 -15.82
C HIS A 42 53.83 32.23 -16.58
N SER A 43 52.70 32.13 -15.88
CA SER A 43 51.40 32.27 -16.55
C SER A 43 51.22 33.67 -17.11
N HIS A 44 51.64 34.70 -16.37
CA HIS A 44 51.45 36.08 -16.77
C HIS A 44 52.77 36.83 -16.72
N ASP A 45 52.75 38.06 -17.23
CA ASP A 45 53.96 38.88 -17.29
C ASP A 45 54.44 39.27 -15.90
N VAL A 46 55.77 39.34 -15.74
CA VAL A 46 56.35 39.62 -14.45
C VAL A 46 56.13 41.08 -14.05
N THR A 47 56.28 42.01 -15.00
CA THR A 47 56.24 43.43 -14.67
C THR A 47 54.87 43.85 -14.17
N GLU A 48 53.81 43.43 -14.86
CA GLU A 48 52.46 43.80 -14.43
C GLU A 48 52.11 43.17 -13.09
N ARG A 49 52.56 41.92 -12.87
CA ARG A 49 52.35 41.29 -11.57
C ARG A 49 53.04 42.05 -10.46
N GLU A 50 54.29 42.48 -10.69
CA GLU A 50 55.00 43.27 -9.69
C GLU A 50 54.29 44.59 -9.41
N LEU A 51 53.83 45.26 -10.48
CA LEU A 51 53.14 46.54 -10.29
C LEU A 51 51.84 46.37 -9.51
N ARG A 52 51.05 45.34 -9.85
CA ARG A 52 49.79 45.15 -9.15
C ARG A 52 50.01 44.73 -7.70
N THR A 53 51.02 43.91 -7.44
CA THR A 53 51.34 43.58 -6.04
C THR A 53 51.81 44.81 -5.29
N LEU A 54 52.54 45.71 -5.95
CA LEU A 54 52.98 46.93 -5.30
C LEU A 54 51.81 47.84 -4.95
N TRP A 55 50.86 48.01 -5.87
CA TRP A 55 49.77 48.94 -5.63
C TRP A 55 48.57 48.29 -4.96
N GLY A 56 48.63 46.99 -4.65
CA GLY A 56 47.58 46.34 -3.91
C GLY A 56 47.29 46.95 -2.56
N PRO A 57 48.26 46.89 -1.64
CA PRO A 57 48.04 47.47 -0.30
C PRO A 57 47.80 48.96 -0.30
N GLU A 58 48.19 49.67 -1.37
CA GLU A 58 48.00 51.10 -1.45
C GLU A 58 46.58 51.50 -1.86
N GLN A 59 45.73 50.52 -2.21
CA GLN A 59 44.36 50.85 -2.61
C GLN A 59 43.56 51.45 -1.46
N ALA A 60 43.58 50.78 -0.32
CA ALA A 60 42.82 51.24 0.85
C ALA A 60 43.41 50.61 2.10
N ALA A 61 43.03 51.18 3.25
CA ALA A 61 43.44 50.68 4.56
C ALA A 61 44.97 50.65 4.68
N GLY A 62 45.57 51.83 4.59
CA GLY A 62 47.01 51.96 4.68
C GLY A 62 47.58 51.48 6.00
N LEU A 63 48.58 50.61 5.94
CA LEU A 63 49.19 50.08 7.14
C LEU A 63 50.02 51.17 7.83
N PRO A 64 50.13 51.11 9.17
CA PRO A 64 51.01 52.07 9.86
C PRO A 64 52.46 51.96 9.42
N LEU A 65 52.92 50.76 9.07
CA LEU A 65 54.26 50.54 8.53
C LEU A 65 54.11 50.06 7.10
N ASP A 66 54.64 50.81 6.15
CA ASP A 66 54.52 50.46 4.74
C ASP A 66 55.29 49.17 4.45
N VAL A 67 54.72 48.32 3.61
CA VAL A 67 55.33 47.06 3.24
C VAL A 67 55.75 47.12 1.77
N ASN A 68 56.74 46.31 1.43
CA ASN A 68 57.25 46.21 0.08
C ASN A 68 56.85 44.85 -0.52
N VAL A 69 57.23 44.64 -1.78
CA VAL A 69 56.92 43.41 -2.50
C VAL A 69 58.21 42.87 -3.09
N VAL A 70 58.49 41.59 -2.84
CA VAL A 70 59.62 40.89 -3.43
C VAL A 70 59.03 39.70 -4.18
N ALA A 71 58.77 39.88 -5.47
CA ALA A 71 58.12 38.87 -6.30
C ALA A 71 59.18 38.12 -7.11
N LEU A 72 59.20 36.80 -6.94
CA LEU A 72 60.10 35.92 -7.68
C LEU A 72 59.26 35.01 -8.57
N LEU A 73 59.54 35.00 -9.86
CA LEU A 73 58.78 34.23 -10.83
C LEU A 73 59.69 33.24 -11.53
N MET A 74 59.29 31.97 -11.56
CA MET A 74 60.04 30.93 -12.22
C MET A 74 59.10 29.80 -12.64
N ASN A 75 59.45 29.13 -13.74
CA ASN A 75 58.60 28.04 -14.23
C ASN A 75 58.74 26.80 -13.36
N ARG A 76 59.96 26.48 -12.94
CA ARG A 76 60.21 25.27 -12.16
C ARG A 76 59.80 25.49 -10.70
N THR A 77 59.61 24.38 -10.00
CA THR A 77 59.25 24.36 -8.58
C THR A 77 60.12 23.37 -7.83
N ASP A 78 61.42 23.40 -8.12
CA ASP A 78 62.35 22.47 -7.48
C ASP A 78 62.49 22.80 -5.99
N PRO A 79 62.60 21.78 -5.14
CA PRO A 79 62.73 22.06 -3.70
C PRO A 79 63.96 22.88 -3.34
N LYS A 80 65.08 22.66 -4.03
CA LYS A 80 66.27 23.44 -3.76
C LYS A 80 66.06 24.91 -4.15
N SER A 81 65.41 25.14 -5.29
CA SER A 81 65.07 26.51 -5.67
C SER A 81 64.15 27.15 -4.64
N LEU A 82 63.18 26.38 -4.15
CA LEU A 82 62.25 26.91 -3.15
C LEU A 82 62.97 27.29 -1.86
N ILE A 83 63.88 26.43 -1.38
CA ILE A 83 64.55 26.73 -0.12
C ILE A 83 65.53 27.90 -0.31
N THR A 84 66.18 27.99 -1.48
CA THR A 84 67.05 29.13 -1.73
C THR A 84 66.25 30.43 -1.77
N HIS A 85 65.07 30.40 -2.40
CA HIS A 85 64.21 31.59 -2.43
C HIS A 85 63.74 31.96 -1.02
N VAL A 86 63.41 30.95 -0.21
CA VAL A 86 63.00 31.20 1.17
C VAL A 86 64.14 31.85 1.96
N CYS A 87 65.36 31.36 1.77
CA CYS A 87 66.52 31.97 2.44
C CYS A 87 66.74 33.40 1.97
N ASP A 88 66.59 33.65 0.67
CA ASP A 88 66.75 35.00 0.15
C ASP A 88 65.70 35.94 0.73
N LEU A 89 64.46 35.48 0.84
CA LEU A 89 63.42 36.28 1.47
C LEU A 89 63.70 36.52 2.94
N MET A 90 64.23 35.51 3.63
CA MET A 90 64.60 35.67 5.03
C MET A 90 65.68 36.73 5.20
N SER A 91 66.67 36.73 4.29
CA SER A 91 67.69 37.78 4.31
C SER A 91 67.14 39.14 3.89
N GLY A 92 65.92 39.20 3.36
CA GLY A 92 65.34 40.44 2.91
C GLY A 92 64.70 41.26 4.01
N ALA A 93 65.50 41.68 4.99
CA ALA A 93 65.05 42.54 6.08
C ALA A 93 63.90 41.91 6.87
N ARG A 94 64.01 40.62 7.14
CA ARG A 94 63.09 39.89 8.01
C ARG A 94 61.65 39.98 7.51
N ILE A 95 61.44 39.37 6.34
CA ILE A 95 60.10 39.34 5.76
C ILE A 95 59.16 38.57 6.66
N HIS A 96 58.03 39.18 7.01
CA HIS A 96 57.07 38.56 7.90
C HIS A 96 55.98 37.80 7.16
N GLY A 97 55.68 38.16 5.92
CA GLY A 97 54.63 37.50 5.17
C GLY A 97 55.11 36.93 3.86
N LEU A 98 54.87 35.64 3.65
CA LEU A 98 55.32 34.92 2.46
C LEU A 98 54.09 34.34 1.76
N VAL A 99 53.69 34.93 0.64
CA VAL A 99 52.60 34.39 -0.16
C VAL A 99 53.19 33.44 -1.19
N PHE A 100 52.74 32.18 -1.17
CA PHE A 100 53.27 31.14 -2.04
C PHE A 100 52.25 30.81 -3.12
N GLY A 101 52.68 30.89 -4.38
CA GLY A 101 51.86 30.52 -5.51
C GLY A 101 52.48 29.35 -6.26
N ASP A 102 51.69 28.78 -7.16
CA ASP A 102 52.13 27.63 -7.94
C ASP A 102 51.28 27.54 -9.21
N ASP A 103 51.79 26.78 -10.17
CA ASP A 103 51.08 26.54 -11.42
C ASP A 103 50.97 25.08 -11.80
N THR A 104 51.59 24.16 -11.05
CA THR A 104 51.53 22.74 -11.34
C THR A 104 50.34 22.12 -10.63
N ASP A 105 50.24 20.79 -10.68
CA ASP A 105 49.14 20.06 -10.04
C ASP A 105 49.68 18.98 -9.09
N GLN A 106 50.80 19.25 -8.45
CA GLN A 106 51.40 18.31 -7.51
C GLN A 106 51.11 18.76 -6.08
N GLU A 107 50.69 17.82 -5.25
CA GLU A 107 50.34 18.11 -3.86
C GLU A 107 51.53 17.99 -2.90
N ALA A 108 52.68 17.51 -3.36
CA ALA A 108 53.85 17.39 -2.49
C ALA A 108 54.42 18.75 -2.12
N VAL A 109 54.16 19.79 -2.93
CA VAL A 109 54.62 21.13 -2.59
C VAL A 109 53.96 21.60 -1.30
N ALA A 110 52.71 21.17 -1.07
CA ALA A 110 52.04 21.49 0.19
C ALA A 110 52.78 20.88 1.37
N GLN A 111 53.22 19.62 1.23
CA GLN A 111 53.99 18.98 2.30
C GLN A 111 55.32 19.69 2.51
N MET A 112 56.00 20.06 1.43
CA MET A 112 57.27 20.77 1.56
C MET A 112 57.10 22.11 2.26
N LEU A 113 56.04 22.85 1.91
CA LEU A 113 55.78 24.12 2.57
C LEU A 113 55.39 23.92 4.03
N ASP A 114 54.66 22.84 4.33
CA ASP A 114 54.36 22.50 5.72
C ASP A 114 55.64 22.29 6.52
N PHE A 115 56.57 21.51 5.97
CA PHE A 115 57.83 21.28 6.68
C PHE A 115 58.65 22.55 6.81
N ILE A 116 58.64 23.40 5.78
CA ILE A 116 59.39 24.66 5.85
C ILE A 116 58.81 25.56 6.93
N SER A 117 57.49 25.68 6.98
CA SER A 117 56.84 26.55 7.97
C SER A 117 56.88 25.95 9.37
N SER A 118 57.10 24.64 9.49
CA SER A 118 57.30 24.04 10.81
C SER A 118 58.56 24.54 11.49
N HIS A 119 59.47 25.19 10.77
CA HIS A 119 60.70 25.72 11.32
C HIS A 119 60.86 27.22 11.14
N THR A 120 60.46 27.76 9.98
CA THR A 120 60.65 29.19 9.75
C THR A 120 59.64 30.04 10.50
N PHE A 121 58.53 29.45 10.96
CA PHE A 121 57.51 30.15 11.75
C PHE A 121 57.00 31.40 11.02
N VAL A 122 56.76 31.26 9.73
CA VAL A 122 56.26 32.36 8.89
C VAL A 122 54.90 31.93 8.32
N PRO A 123 53.82 32.64 8.64
CA PRO A 123 52.52 32.29 8.06
C PRO A 123 52.52 32.43 6.54
N ILE A 124 51.83 31.50 5.88
CA ILE A 124 51.75 31.47 4.43
C ILE A 124 50.30 31.21 4.03
N LEU A 125 49.80 31.99 3.08
CA LEU A 125 48.44 31.83 2.58
C LEU A 125 48.47 31.06 1.26
N GLY A 126 47.60 30.06 1.14
CA GLY A 126 47.56 29.23 -0.05
C GLY A 126 46.82 29.92 -1.19
N ILE A 127 47.40 29.86 -2.38
CA ILE A 127 46.81 30.47 -3.58
C ILE A 127 46.60 29.38 -4.61
N HIS A 128 46.08 29.75 -5.78
CA HIS A 128 45.83 28.78 -6.83
C HIS A 128 47.13 28.08 -7.25
N GLY A 129 47.04 26.78 -7.49
CA GLY A 129 48.21 25.99 -7.86
C GLY A 129 48.28 24.67 -7.12
N GLY A 130 49.50 24.22 -6.81
CA GLY A 130 49.66 22.97 -6.10
C GLY A 130 49.23 23.03 -4.65
N ALA A 131 49.19 24.22 -4.06
CA ALA A 131 48.73 24.39 -2.68
C ALA A 131 47.22 24.47 -2.57
N SER A 132 46.50 24.48 -3.70
CA SER A 132 45.04 24.54 -3.65
C SER A 132 44.44 23.31 -2.97
N MET A 133 44.99 22.14 -3.27
CA MET A 133 44.50 20.89 -2.69
C MET A 133 45.09 20.73 -1.29
N ILE A 134 44.23 20.79 -0.28
CA ILE A 134 44.65 20.64 1.11
C ILE A 134 44.29 19.22 1.55
N MET A 135 45.33 18.41 1.81
CA MET A 135 45.15 17.03 2.24
C MET A 135 46.02 16.63 3.42
N ALA A 136 46.99 17.46 3.81
CA ALA A 136 47.90 17.13 4.90
C ALA A 136 47.30 17.54 6.24
N ASP A 137 47.65 16.79 7.27
CA ASP A 137 47.17 17.07 8.62
C ASP A 137 47.76 18.39 9.11
N LYS A 138 46.95 19.11 9.90
CA LYS A 138 47.35 20.41 10.42
C LYS A 138 48.30 20.21 11.59
N ASP A 139 49.58 20.50 11.36
CA ASP A 139 50.57 20.36 12.43
C ASP A 139 50.31 21.42 13.51
N PRO A 140 50.51 21.08 14.78
CA PRO A 140 50.31 22.09 15.85
C PRO A 140 51.20 23.31 15.69
N THR A 141 52.42 23.13 15.19
CA THR A 141 53.33 24.26 14.97
C THR A 141 53.15 24.90 13.60
N SER A 142 52.33 24.33 12.73
CA SER A 142 52.11 24.90 11.41
C SER A 142 51.34 26.21 11.51
N THR A 143 51.58 27.10 10.55
CA THR A 143 50.97 28.41 10.47
C THR A 143 50.31 28.61 9.11
N PHE A 144 49.54 27.62 8.67
CA PHE A 144 48.90 27.65 7.36
C PHE A 144 47.42 27.95 7.49
N PHE A 145 46.94 28.86 6.64
CA PHE A 145 45.51 29.16 6.52
C PHE A 145 45.23 29.27 5.02
N GLN A 146 44.88 28.14 4.41
CA GLN A 146 44.75 28.06 2.97
C GLN A 146 43.33 28.37 2.52
N PHE A 147 43.17 28.57 1.21
CA PHE A 147 41.89 28.83 0.58
C PHE A 147 41.21 27.56 0.08
N GLY A 148 41.80 26.40 0.34
CA GLY A 148 41.24 25.16 -0.16
C GLY A 148 39.97 24.75 0.57
N ALA A 149 39.30 23.75 0.01
CA ALA A 149 38.05 23.23 0.53
C ALA A 149 38.27 21.84 1.09
N SER A 150 37.89 21.66 2.36
CA SER A 150 38.04 20.37 3.01
C SER A 150 36.86 19.46 2.68
N ILE A 151 37.04 18.16 2.94
CA ILE A 151 35.98 17.19 2.71
C ILE A 151 34.82 17.41 3.66
N GLN A 152 35.11 17.84 4.90
CA GLN A 152 34.05 18.03 5.89
C GLN A 152 33.04 19.09 5.43
N GLN A 153 33.51 20.17 4.85
CA GLN A 153 32.64 21.24 4.37
C GLN A 153 32.11 20.97 2.96
N GLN A 154 32.47 19.84 2.35
CA GLN A 154 31.91 19.44 1.07
C GLN A 154 30.71 18.51 1.22
N ALA A 155 30.69 17.72 2.28
CA ALA A 155 29.54 16.84 2.53
C ALA A 155 28.27 17.65 2.78
N THR A 156 28.37 18.77 3.49
CA THR A 156 27.20 19.62 3.70
C THR A 156 26.70 20.21 2.38
N VAL A 157 27.61 20.60 1.49
CA VAL A 157 27.20 21.09 0.18
C VAL A 157 26.49 20.00 -0.61
N MET A 158 27.03 18.78 -0.56
CA MET A 158 26.39 17.66 -1.25
C MET A 158 25.00 17.39 -0.68
N LEU A 159 24.85 17.45 0.65
CA LEU A 159 23.55 17.23 1.26
C LEU A 159 22.57 18.34 0.88
N LYS A 160 23.04 19.58 0.81
CA LYS A 160 22.18 20.67 0.36
C LYS A 160 21.73 20.46 -1.08
N ILE A 161 22.64 19.99 -1.94
CA ILE A 161 22.28 19.69 -3.32
C ILE A 161 21.23 18.57 -3.36
N MET A 162 21.41 17.54 -2.54
CA MET A 162 20.42 16.46 -2.47
C MET A 162 19.06 16.99 -2.02
N GLN A 163 19.04 17.87 -1.01
CA GLN A 163 17.78 18.44 -0.55
C GLN A 163 17.12 19.27 -1.64
N ASP A 164 17.91 20.05 -2.38
CA ASP A 164 17.35 20.84 -3.47
C ASP A 164 16.76 19.95 -4.57
N TYR A 165 17.46 18.85 -4.89
CA TYR A 165 16.99 17.95 -5.93
C TYR A 165 15.94 16.96 -5.43
N ASP A 166 15.69 16.91 -4.12
CA ASP A 166 14.71 16.00 -3.54
C ASP A 166 15.01 14.54 -3.88
N TRP A 167 16.30 14.20 -3.91
CA TRP A 167 16.75 12.83 -4.18
C TRP A 167 16.94 12.13 -2.84
N HIS A 168 16.04 11.20 -2.53
CA HIS A 168 16.04 10.50 -1.25
C HIS A 168 16.65 9.09 -1.34
N VAL A 169 17.59 8.88 -2.26
CA VAL A 169 18.26 7.61 -2.42
C VAL A 169 19.77 7.85 -2.42
N PHE A 170 20.47 7.13 -1.55
CA PHE A 170 21.92 7.28 -1.40
C PHE A 170 22.60 5.94 -1.62
N SER A 171 23.84 6.00 -2.12
CA SER A 171 24.65 4.80 -2.32
C SER A 171 26.12 5.22 -2.20
N LEU A 172 26.70 4.95 -1.02
CA LEU A 172 28.07 5.35 -0.73
C LEU A 172 29.03 4.29 -1.27
N VAL A 173 29.19 4.30 -2.60
CA VAL A 173 30.13 3.38 -3.27
C VAL A 173 31.47 4.09 -3.27
N THR A 174 32.26 3.84 -2.24
CA THR A 174 33.55 4.48 -2.03
C THR A 174 34.68 3.49 -2.34
N THR A 175 35.91 3.93 -2.08
CA THR A 175 37.09 3.10 -2.28
C THR A 175 37.99 3.23 -1.07
N ILE A 176 38.67 2.15 -0.72
CA ILE A 176 39.53 2.13 0.46
C ILE A 176 40.73 3.04 0.22
N PHE A 177 40.77 4.16 0.93
CA PHE A 177 41.89 5.08 0.92
C PHE A 177 42.13 5.57 2.34
N PRO A 178 43.36 5.94 2.68
CA PRO A 178 43.63 6.45 4.03
C PRO A 178 42.89 7.74 4.29
N GLY A 179 42.04 7.73 5.31
CA GLY A 179 41.28 8.88 5.70
C GLY A 179 39.85 8.95 5.18
N TYR A 180 39.35 7.89 4.55
CA TYR A 180 37.98 7.87 4.06
C TYR A 180 37.01 7.19 5.01
N ARG A 181 37.48 6.31 5.89
CA ARG A 181 36.59 5.69 6.88
C ARG A 181 36.01 6.73 7.82
N GLU A 182 36.82 7.70 8.24
CA GLU A 182 36.32 8.78 9.09
C GLU A 182 35.28 9.61 8.34
N PHE A 183 35.49 9.85 7.05
CA PHE A 183 34.51 10.59 6.25
C PHE A 183 33.21 9.82 6.15
N ILE A 184 33.28 8.51 5.96
CA ILE A 184 32.07 7.69 5.88
C ILE A 184 31.33 7.71 7.22
N SER A 185 32.08 7.62 8.31
CA SER A 185 31.44 7.70 9.64
C SER A 185 30.78 9.04 9.85
N PHE A 186 31.45 10.13 9.43
CA PHE A 186 30.87 11.46 9.59
C PHE A 186 29.60 11.61 8.77
N VAL A 187 29.61 11.13 7.52
CA VAL A 187 28.44 11.30 6.67
C VAL A 187 27.29 10.43 7.16
N LYS A 188 27.59 9.23 7.68
CA LYS A 188 26.52 8.38 8.19
C LYS A 188 25.92 8.95 9.48
N THR A 189 26.76 9.54 10.34
CA THR A 189 26.24 10.21 11.53
C THR A 189 25.40 11.42 11.14
N THR A 190 25.82 12.17 10.12
CA THR A 190 25.05 13.33 9.68
C THR A 190 23.70 12.92 9.10
N VAL A 191 23.67 11.89 8.26
CA VAL A 191 22.41 11.46 7.67
C VAL A 191 21.50 10.86 8.73
N ASP A 192 22.07 10.15 9.71
CA ASP A 192 21.28 9.67 10.82
C ASP A 192 20.71 10.82 11.64
N ASN A 193 21.52 11.87 11.84
CA ASN A 193 21.06 13.05 12.58
C ASN A 193 20.12 13.92 11.76
N SER A 194 20.09 13.76 10.45
CA SER A 194 19.25 14.59 9.60
C SER A 194 17.78 14.29 9.84
N PHE A 195 16.96 15.35 9.81
CA PHE A 195 15.52 15.17 9.99
C PHE A 195 14.88 14.50 8.79
N VAL A 196 15.43 14.70 7.59
CA VAL A 196 14.83 14.13 6.38
C VAL A 196 14.86 12.62 6.43
N GLY A 197 15.99 12.04 6.81
CA GLY A 197 16.12 10.60 6.89
C GLY A 197 16.06 9.92 5.53
N TRP A 198 17.05 10.19 4.68
CA TRP A 198 17.07 9.58 3.36
C TRP A 198 17.36 8.09 3.45
N ASP A 199 17.04 7.38 2.38
CA ASP A 199 17.29 5.95 2.32
C ASP A 199 18.79 5.69 2.30
N MET A 200 19.27 4.93 3.27
CA MET A 200 20.70 4.65 3.42
C MET A 200 20.96 3.16 3.17
N GLN A 201 21.99 2.88 2.39
CA GLN A 201 22.42 1.52 2.11
C GLN A 201 23.85 1.32 2.63
N ASN A 202 24.19 0.05 2.84
CA ASN A 202 25.53 -0.28 3.32
C ASN A 202 26.58 0.13 2.30
N VAL A 203 27.74 0.56 2.80
CA VAL A 203 28.82 1.02 1.93
C VAL A 203 29.37 -0.19 1.17
N ILE A 204 29.13 -0.22 -0.15
CA ILE A 204 29.60 -1.29 -1.01
C ILE A 204 30.83 -0.74 -1.72
N THR A 205 32.00 -0.99 -1.14
CA THR A 205 33.25 -0.43 -1.62
C THR A 205 34.07 -1.50 -2.35
N LEU A 206 34.91 -1.03 -3.27
CA LEU A 206 35.80 -1.91 -4.01
C LEU A 206 37.05 -2.18 -3.19
N ASP A 207 37.27 -3.45 -2.84
CA ASP A 207 38.37 -3.79 -1.95
C ASP A 207 39.73 -3.46 -2.58
N THR A 208 40.06 -4.12 -3.69
CA THR A 208 41.33 -3.94 -4.35
C THR A 208 41.12 -3.66 -5.83
N SER A 209 42.03 -2.88 -6.41
CA SER A 209 41.92 -2.51 -7.80
C SER A 209 42.21 -3.71 -8.71
N PHE A 210 41.54 -3.73 -9.87
CA PHE A 210 41.74 -4.74 -10.90
C PHE A 210 41.48 -6.15 -10.36
N GLU A 211 40.37 -6.30 -9.65
CA GLU A 211 39.96 -7.63 -9.17
C GLU A 211 39.57 -8.53 -10.34
N ASP A 212 38.75 -8.01 -11.25
CA ASP A 212 38.25 -8.69 -12.45
C ASP A 212 37.38 -9.90 -12.14
N ALA A 213 37.13 -10.21 -10.87
CA ALA A 213 36.27 -11.33 -10.51
C ALA A 213 35.21 -10.91 -9.51
N LYS A 214 35.54 -9.92 -8.68
CA LYS A 214 34.63 -9.42 -7.65
C LYS A 214 34.05 -8.05 -7.99
N THR A 215 34.63 -7.34 -8.95
CA THR A 215 34.08 -6.03 -9.34
C THR A 215 32.67 -6.18 -9.91
N GLN A 216 32.43 -7.25 -10.68
CA GLN A 216 31.09 -7.50 -11.20
C GLN A 216 30.11 -7.75 -10.06
N VAL A 217 30.52 -8.49 -9.04
CA VAL A 217 29.65 -8.72 -7.89
C VAL A 217 29.36 -7.41 -7.17
N GLN A 218 30.38 -6.57 -6.99
CA GLN A 218 30.18 -5.28 -6.33
C GLN A 218 29.21 -4.40 -7.13
N LEU A 219 29.35 -4.40 -8.45
CA LEU A 219 28.44 -3.61 -9.28
C LEU A 219 27.04 -4.19 -9.31
N LYS A 220 26.89 -5.50 -9.12
CA LYS A 220 25.57 -6.10 -8.99
C LYS A 220 24.95 -5.90 -7.62
N LYS A 221 25.75 -5.59 -6.60
CA LYS A 221 25.24 -5.36 -5.26
C LYS A 221 24.50 -4.04 -5.12
N ILE A 222 24.66 -3.12 -6.07
CA ILE A 222 23.99 -1.82 -6.04
C ILE A 222 22.88 -1.81 -7.08
N HIS A 223 21.69 -1.39 -6.65
CA HIS A 223 20.51 -1.32 -7.52
C HIS A 223 19.79 0.01 -7.31
N SER A 224 20.54 1.10 -7.24
CA SER A 224 19.99 2.42 -7.01
C SER A 224 20.29 3.32 -8.21
N SER A 225 19.94 4.61 -8.07
CA SER A 225 20.11 5.58 -9.14
C SER A 225 21.14 6.65 -8.83
N VAL A 226 21.35 6.99 -7.56
CA VAL A 226 22.29 8.03 -7.17
C VAL A 226 23.43 7.35 -6.42
N ILE A 227 24.66 7.55 -6.90
CA ILE A 227 25.85 6.92 -6.34
C ILE A 227 26.89 8.01 -6.08
N LEU A 228 27.46 8.00 -4.87
CA LEU A 228 28.54 8.91 -4.51
C LEU A 228 29.87 8.16 -4.57
N LEU A 229 30.89 8.83 -5.07
CA LEU A 229 32.20 8.23 -5.28
C LEU A 229 33.25 8.95 -4.45
N TYR A 230 34.09 8.16 -3.77
CA TYR A 230 35.23 8.67 -2.99
C TYR A 230 36.45 7.88 -3.41
N CYS A 231 37.13 8.34 -4.46
CA CYS A 231 38.32 7.66 -4.97
C CYS A 231 39.22 8.70 -5.63
N SER A 232 40.20 8.25 -6.40
CA SER A 232 41.08 9.11 -7.15
C SER A 232 40.65 9.16 -8.62
N LYS A 233 41.34 9.99 -9.40
CA LYS A 233 40.98 10.15 -10.81
C LYS A 233 41.26 8.88 -11.60
N ASP A 234 42.44 8.27 -11.39
CA ASP A 234 42.81 7.08 -12.14
C ASP A 234 41.86 5.93 -11.87
N GLU A 235 41.49 5.72 -10.61
CA GLU A 235 40.55 4.65 -10.27
C GLU A 235 39.13 5.01 -10.68
N ALA A 236 38.78 6.29 -10.65
CA ALA A 236 37.46 6.71 -11.12
C ALA A 236 37.30 6.45 -12.61
N VAL A 237 38.39 6.57 -13.38
CA VAL A 237 38.31 6.27 -14.81
C VAL A 237 37.90 4.82 -15.03
N LEU A 238 38.55 3.88 -14.32
CA LEU A 238 38.20 2.47 -14.50
C LEU A 238 36.83 2.15 -13.91
N ILE A 239 36.44 2.84 -12.82
CA ILE A 239 35.10 2.65 -12.28
C ILE A 239 34.04 3.07 -13.31
N LEU A 240 34.26 4.22 -13.96
CA LEU A 240 33.33 4.66 -14.99
C LEU A 240 33.33 3.74 -16.19
N SER A 241 34.50 3.18 -16.54
CA SER A 241 34.55 2.20 -17.63
C SER A 241 33.74 0.97 -17.29
N GLU A 242 33.86 0.48 -16.05
CA GLU A 242 33.08 -0.67 -15.62
C GLU A 242 31.58 -0.36 -15.62
N ALA A 243 31.22 0.85 -15.18
CA ALA A 243 29.82 1.26 -15.22
C ALA A 243 29.28 1.31 -16.64
N ARG A 244 30.10 1.83 -17.57
CA ARG A 244 29.70 1.84 -18.98
C ARG A 244 29.52 0.43 -19.52
N SER A 245 30.43 -0.48 -19.14
CA SER A 245 30.29 -1.87 -19.57
C SER A 245 29.01 -2.50 -19.03
N LEU A 246 28.69 -2.22 -17.76
CA LEU A 246 27.46 -2.73 -17.16
C LEU A 246 26.24 -1.89 -17.53
N GLY A 247 26.44 -0.69 -18.07
CA GLY A 247 25.33 0.15 -18.48
C GLY A 247 24.66 0.89 -17.34
N LEU A 248 25.41 1.76 -16.66
CA LEU A 248 24.91 2.54 -15.55
C LEU A 248 24.86 4.04 -15.86
N THR A 249 24.58 4.38 -17.12
CA THR A 249 24.52 5.77 -17.57
C THR A 249 23.14 6.10 -18.14
N GLY A 250 22.09 5.65 -17.48
CA GLY A 250 20.74 5.90 -17.92
C GLY A 250 20.22 7.26 -17.50
N TYR A 251 18.98 7.54 -17.91
CA TYR A 251 18.34 8.81 -17.56
C TYR A 251 18.13 8.92 -16.06
N ASP A 252 17.67 7.83 -15.42
CA ASP A 252 17.38 7.87 -14.00
C ASP A 252 18.66 7.87 -13.16
N PHE A 253 19.76 7.35 -13.69
CA PHE A 253 21.00 7.31 -12.94
C PHE A 253 21.57 8.71 -12.75
N PHE A 254 22.06 8.98 -11.54
CA PHE A 254 22.69 10.25 -11.21
C PHE A 254 24.03 9.97 -10.53
N TRP A 255 25.01 10.82 -10.79
CA TRP A 255 26.35 10.64 -10.25
C TRP A 255 26.88 11.98 -9.75
N ILE A 256 27.58 11.94 -8.62
CA ILE A 256 28.24 13.11 -8.05
C ILE A 256 29.71 12.80 -7.88
N VAL A 257 30.56 13.69 -8.38
CA VAL A 257 32.01 13.51 -8.38
C VAL A 257 32.62 14.54 -7.43
N PRO A 258 33.51 14.14 -6.51
CA PRO A 258 34.10 15.12 -5.60
C PRO A 258 35.09 16.05 -6.27
N SER A 259 35.69 16.96 -5.50
CA SER A 259 36.57 17.96 -6.08
C SER A 259 37.91 17.37 -6.50
N LEU A 260 38.45 16.45 -5.70
CA LEU A 260 39.79 15.92 -5.96
C LEU A 260 39.85 15.08 -7.24
N VAL A 261 38.72 14.57 -7.72
CA VAL A 261 38.70 13.75 -8.92
C VAL A 261 38.61 14.61 -10.18
N SER A 262 37.70 15.58 -10.18
CA SER A 262 37.49 16.45 -11.33
C SER A 262 38.13 17.82 -11.15
N GLY A 263 39.26 17.90 -10.45
CA GLY A 263 39.95 19.16 -10.29
C GLY A 263 40.48 19.70 -11.60
N ASN A 264 41.02 18.82 -12.45
CA ASN A 264 41.56 19.21 -13.74
C ASN A 264 40.42 19.28 -14.73
N THR A 265 39.92 20.51 -14.98
CA THR A 265 38.74 20.68 -15.82
C THR A 265 39.07 20.53 -17.31
N GLU A 266 40.26 20.92 -17.74
CA GLU A 266 40.60 20.89 -19.15
C GLU A 266 40.94 19.50 -19.67
N LEU A 267 41.06 18.51 -18.79
CA LEU A 267 41.32 17.13 -19.18
C LEU A 267 40.08 16.29 -18.84
N ILE A 268 39.27 16.01 -19.85
CA ILE A 268 38.05 15.23 -19.68
C ILE A 268 38.16 13.93 -20.45
N PRO A 269 38.31 12.79 -19.78
CA PRO A 269 38.37 11.51 -20.50
C PRO A 269 37.04 11.18 -21.16
N LYS A 270 37.11 10.39 -22.23
CA LYS A 270 35.93 10.01 -23.00
C LYS A 270 34.99 9.10 -22.21
N GLU A 271 35.42 8.55 -21.09
CA GLU A 271 34.60 7.63 -20.30
C GLU A 271 33.79 8.34 -19.23
N PHE A 272 33.66 9.66 -19.31
CA PHE A 272 32.87 10.43 -18.35
C PHE A 272 31.59 10.93 -19.01
N PRO A 273 30.44 10.34 -18.70
CA PRO A 273 29.18 10.85 -19.26
C PRO A 273 28.83 12.21 -18.70
N SER A 274 28.05 12.96 -19.47
CA SER A 274 27.62 14.28 -19.05
C SER A 274 26.70 14.19 -17.84
N GLY A 275 26.70 15.25 -17.04
CA GLY A 275 25.90 15.30 -15.84
C GLY A 275 26.63 14.97 -14.55
N LEU A 276 27.95 14.85 -14.58
CA LEU A 276 28.73 14.56 -13.37
C LEU A 276 28.78 15.82 -12.52
N ILE A 277 27.90 15.90 -11.52
CA ILE A 277 27.85 17.07 -10.66
C ILE A 277 29.07 17.07 -9.74
N SER A 278 29.79 18.19 -9.74
CA SER A 278 30.98 18.35 -8.92
C SER A 278 30.93 19.69 -8.21
N VAL A 279 31.48 19.71 -6.99
CA VAL A 279 31.57 20.92 -6.18
C VAL A 279 33.03 21.20 -5.88
N SER A 280 33.49 22.38 -6.26
CA SER A 280 34.88 22.79 -6.09
C SER A 280 34.94 24.30 -6.31
N TYR A 281 36.16 24.84 -6.38
CA TYR A 281 36.38 26.25 -6.67
C TYR A 281 37.42 26.37 -7.78
N ASP A 282 37.18 27.28 -8.72
CA ASP A 282 38.06 27.47 -9.86
C ASP A 282 38.16 28.96 -10.15
N ASP A 283 38.70 29.30 -11.32
CA ASP A 283 38.96 30.68 -11.70
C ASP A 283 37.90 31.26 -12.63
N TRP A 284 36.74 30.61 -12.73
CA TRP A 284 35.68 31.16 -13.58
C TRP A 284 35.18 32.50 -13.05
N ASP A 285 35.00 32.61 -11.74
CA ASP A 285 34.50 33.83 -11.11
C ASP A 285 35.53 34.50 -10.22
N TYR A 286 36.77 34.00 -10.21
CA TYR A 286 37.83 34.59 -9.40
C TYR A 286 39.12 34.56 -10.20
N SER A 287 40.09 35.36 -9.76
CA SER A 287 41.37 35.47 -10.44
C SER A 287 42.50 35.44 -9.43
N LEU A 288 43.72 35.29 -9.95
CA LEU A 288 44.90 35.35 -9.09
C LEU A 288 44.98 36.68 -8.36
N GLU A 289 44.64 37.77 -9.05
CA GLU A 289 44.60 39.08 -8.41
C GLU A 289 43.57 39.11 -7.29
N ALA A 290 42.37 38.56 -7.55
CA ALA A 290 41.34 38.54 -6.52
C ALA A 290 41.76 37.72 -5.31
N ARG A 291 42.53 36.65 -5.53
CA ARG A 291 42.99 35.84 -4.41
C ARG A 291 44.11 36.52 -3.64
N VAL A 292 45.08 37.14 -4.33
CA VAL A 292 46.18 37.79 -3.62
C VAL A 292 45.70 39.02 -2.87
N ARG A 293 44.73 39.75 -3.41
CA ARG A 293 44.19 40.89 -2.66
C ARG A 293 43.51 40.43 -1.38
N ASP A 294 42.74 39.35 -1.45
CA ASP A 294 42.13 38.81 -0.24
C ASP A 294 43.19 38.33 0.76
N GLY A 295 44.24 37.69 0.25
CA GLY A 295 45.29 37.23 1.15
C GLY A 295 46.01 38.37 1.85
N ILE A 296 46.35 39.42 1.10
CA ILE A 296 47.02 40.56 1.72
C ILE A 296 46.09 41.30 2.66
N GLY A 297 44.78 41.34 2.36
CA GLY A 297 43.84 41.93 3.29
C GLY A 297 43.75 41.14 4.59
N ILE A 298 43.73 39.81 4.49
CA ILE A 298 43.74 38.97 5.69
C ILE A 298 45.00 39.20 6.50
N LEU A 299 46.14 39.30 5.82
CA LEU A 299 47.40 39.54 6.51
C LEU A 299 47.39 40.89 7.22
N THR A 300 46.85 41.92 6.57
CA THR A 300 46.77 43.24 7.20
C THR A 300 45.85 43.23 8.40
N THR A 301 44.71 42.52 8.30
CA THR A 301 43.81 42.41 9.44
C THR A 301 44.47 41.68 10.60
N ALA A 302 45.22 40.61 10.29
CA ALA A 302 45.94 39.90 11.34
C ALA A 302 46.99 40.78 12.01
N ALA A 303 47.71 41.58 11.21
CA ALA A 303 48.69 42.49 11.77
C ALA A 303 48.03 43.53 12.65
N SER A 304 46.88 44.06 12.21
CA SER A 304 46.16 45.03 13.03
C SER A 304 45.69 44.41 14.35
N SER A 305 45.18 43.17 14.29
CA SER A 305 44.77 42.49 15.52
C SER A 305 45.95 42.27 16.45
N MET A 306 47.10 41.91 15.89
CA MET A 306 48.30 41.74 16.70
C MET A 306 48.73 43.05 17.36
N LEU A 307 48.66 44.15 16.60
CA LEU A 307 49.05 45.45 17.15
C LEU A 307 48.03 45.98 18.16
N GLU A 308 46.78 45.52 18.09
CA GLU A 308 45.78 45.96 19.05
C GLU A 308 46.16 45.58 20.48
N LYS A 309 46.66 44.35 20.66
CA LYS A 309 47.03 43.85 21.98
C LYS A 309 48.48 44.15 22.32
N PHE A 310 49.41 43.65 21.52
CA PHE A 310 50.83 43.84 21.76
C PHE A 310 51.37 45.01 20.94
N SER A 311 52.53 45.52 21.36
CA SER A 311 53.20 46.62 20.70
C SER A 311 54.64 46.23 20.35
N TYR A 312 54.84 44.97 19.98
CA TYR A 312 56.15 44.44 19.62
C TYR A 312 56.11 43.88 18.21
N ILE A 313 57.09 44.25 17.41
CA ILE A 313 57.20 43.79 16.03
C ILE A 313 57.82 42.39 16.05
N PRO A 314 57.16 41.37 15.50
CA PRO A 314 57.73 40.02 15.52
C PRO A 314 59.02 39.95 14.72
N GLU A 315 59.93 39.10 15.18
CA GLU A 315 61.23 38.90 14.55
C GLU A 315 61.37 37.45 14.13
N ALA A 316 62.04 37.23 12.99
CA ALA A 316 62.26 35.91 12.45
C ALA A 316 63.62 35.38 12.90
N LYS A 317 63.95 34.18 12.42
CA LYS A 317 65.21 33.55 12.78
C LYS A 317 66.38 34.34 12.18
N ALA A 318 67.46 34.46 12.96
CA ALA A 318 68.65 35.16 12.47
C ALA A 318 69.25 34.44 11.27
N SER A 319 69.32 33.12 11.32
CA SER A 319 69.81 32.33 10.21
C SER A 319 68.66 31.90 9.30
N CYS A 320 69.01 31.34 8.15
CA CYS A 320 67.99 30.89 7.21
C CYS A 320 67.37 29.57 7.64
N TYR A 321 68.17 28.50 7.66
CA TYR A 321 67.67 27.19 8.05
C TYR A 321 68.58 26.44 9.01
N GLY A 322 69.81 26.90 9.24
CA GLY A 322 70.70 26.17 10.13
C GLY A 322 70.27 26.28 11.58
N GLN A 323 70.29 25.15 12.27
CA GLN A 323 69.89 25.11 13.68
C GLN A 323 70.50 23.88 14.33
N MET A 324 70.89 24.03 15.60
CA MET A 324 71.45 22.93 16.37
C MET A 324 70.55 22.49 17.52
N GLU A 325 69.58 23.31 17.92
CA GLU A 325 68.65 23.00 18.99
C GLU A 325 67.23 23.22 18.51
N ARG A 326 66.27 22.69 19.27
CA ARG A 326 64.88 22.78 18.87
C ARG A 326 64.42 24.23 18.86
N PRO A 327 63.57 24.62 17.90
CA PRO A 327 63.11 26.00 17.84
C PRO A 327 61.83 26.22 18.64
N GLU A 328 61.62 27.48 19.03
CA GLU A 328 60.44 27.87 19.78
C GLU A 328 60.11 29.32 19.46
N VAL A 329 58.85 29.68 19.67
CA VAL A 329 58.36 31.04 19.43
C VAL A 329 58.17 31.71 20.78
N PRO A 330 58.98 32.70 21.14
CA PRO A 330 58.79 33.37 22.44
C PRO A 330 57.46 34.09 22.55
N MET A 331 57.13 34.94 21.59
CA MET A 331 55.88 35.67 21.61
C MET A 331 54.72 34.79 21.18
N HIS A 332 53.50 35.25 21.46
CA HIS A 332 52.31 34.51 21.08
C HIS A 332 52.16 34.47 19.56
N THR A 333 51.67 33.34 19.05
CA THR A 333 51.47 33.19 17.62
C THR A 333 50.28 34.01 17.16
N LEU A 334 50.14 34.11 15.84
CA LEU A 334 49.07 34.90 15.23
C LEU A 334 47.75 34.13 15.14
N HIS A 335 47.72 32.86 15.53
CA HIS A 335 46.49 32.08 15.44
C HIS A 335 45.35 32.66 16.26
N PRO A 336 45.52 32.98 17.56
CA PRO A 336 44.39 33.55 18.31
C PRO A 336 43.98 34.94 17.85
N PHE A 337 44.87 35.67 17.17
CA PHE A 337 44.54 37.03 16.75
C PHE A 337 43.62 37.05 15.53
N MET A 338 43.75 36.09 14.63
CA MET A 338 43.00 36.06 13.39
C MET A 338 41.82 35.10 13.44
N VAL A 339 41.34 34.73 14.64
CA VAL A 339 40.20 33.85 14.73
C VAL A 339 38.93 34.52 14.21
N ASN A 340 38.79 35.83 14.47
CA ASN A 340 37.65 36.62 14.02
C ASN A 340 38.18 37.73 13.12
N VAL A 341 37.97 37.59 11.82
CA VAL A 341 38.47 38.55 10.83
C VAL A 341 37.31 39.01 9.97
N THR A 342 37.16 40.33 9.83
CA THR A 342 36.16 40.93 8.97
C THR A 342 36.85 41.87 7.99
N TRP A 343 36.59 41.68 6.70
CA TRP A 343 37.22 42.46 5.64
C TRP A 343 36.14 43.13 4.81
N ASP A 344 35.83 44.39 5.13
CA ASP A 344 34.85 45.19 4.38
C ASP A 344 33.50 44.49 4.30
N GLY A 345 33.09 43.86 5.40
CA GLY A 345 31.83 43.14 5.46
C GLY A 345 31.90 41.72 4.97
N LYS A 346 33.04 41.27 4.47
CA LYS A 346 33.21 39.89 3.99
C LYS A 346 34.03 39.15 5.04
N ASP A 347 33.35 38.48 5.96
CA ASP A 347 34.02 37.76 7.04
C ASP A 347 34.74 36.54 6.47
N LEU A 348 36.07 36.61 6.45
CA LEU A 348 36.91 35.51 5.97
C LEU A 348 37.76 35.05 7.15
N SER A 349 37.21 34.13 7.94
CA SER A 349 37.87 33.59 9.12
C SER A 349 38.33 32.16 8.85
N PHE A 350 39.02 31.59 9.84
CA PHE A 350 39.52 30.23 9.75
C PHE A 350 39.19 29.47 11.03
N THR A 351 39.00 28.16 10.89
CA THR A 351 38.67 27.31 12.02
C THR A 351 39.93 27.04 12.85
N GLU A 352 39.80 26.18 13.86
CA GLU A 352 40.96 25.84 14.69
C GLU A 352 42.04 25.14 13.89
N GLU A 353 41.64 24.20 13.02
CA GLU A 353 42.61 23.52 12.17
C GLU A 353 43.23 24.48 11.16
N GLY A 354 42.42 25.36 10.58
CA GLY A 354 42.92 26.31 9.60
C GLY A 354 42.06 26.40 8.36
N TYR A 355 40.98 25.61 8.32
CA TYR A 355 40.08 25.63 7.18
C TYR A 355 39.19 26.86 7.22
N GLN A 356 38.79 27.31 6.03
CA GLN A 356 37.96 28.51 5.93
C GLN A 356 36.55 28.23 6.44
N VAL A 357 35.87 29.30 6.85
CA VAL A 357 34.51 29.20 7.36
C VAL A 357 33.49 29.41 6.25
N HIS A 358 33.76 30.32 5.32
CA HIS A 358 32.85 30.64 4.22
C HIS A 358 33.61 30.53 2.90
N PRO A 359 33.82 29.32 2.40
CA PRO A 359 34.47 29.14 1.10
C PRO A 359 33.51 29.47 -0.04
N ARG A 360 33.99 29.25 -1.26
CA ARG A 360 33.20 29.55 -2.46
C ARG A 360 32.33 28.36 -2.87
N LEU A 361 32.99 27.25 -3.22
CA LEU A 361 32.30 26.01 -3.60
C LEU A 361 31.27 26.23 -4.71
N VAL A 362 31.76 26.66 -5.87
CA VAL A 362 30.92 26.86 -7.03
C VAL A 362 30.58 25.50 -7.63
N VAL A 363 29.29 25.23 -7.78
CA VAL A 363 28.84 23.94 -8.31
C VAL A 363 29.00 23.93 -9.83
N ILE A 364 29.55 22.85 -10.36
CA ILE A 364 29.77 22.70 -11.79
C ILE A 364 29.15 21.39 -12.25
N VAL A 365 28.47 21.43 -13.38
CA VAL A 365 27.84 20.25 -13.99
C VAL A 365 28.39 20.10 -15.39
N LEU A 366 28.79 18.87 -15.74
CA LEU A 366 29.38 18.61 -17.04
C LEU A 366 28.35 18.88 -18.15
N ASN A 367 28.79 19.61 -19.18
CA ASN A 367 27.91 19.98 -20.27
C ASN A 367 27.74 18.81 -21.24
N LYS A 368 26.78 18.97 -22.16
CA LYS A 368 26.53 17.92 -23.15
C LYS A 368 27.73 17.71 -24.07
N ASP A 369 28.53 18.76 -24.30
CA ASP A 369 29.71 18.67 -25.14
C ASP A 369 30.99 18.64 -24.31
N ARG A 370 30.93 18.09 -23.10
CA ARG A 370 32.07 17.96 -22.19
C ARG A 370 32.68 19.32 -21.87
N GLU A 371 31.89 20.16 -21.21
CA GLU A 371 32.34 21.44 -20.67
C GLU A 371 31.80 21.60 -19.26
N TRP A 372 32.40 22.52 -18.52
CA TRP A 372 32.00 22.82 -17.14
C TRP A 372 31.45 24.24 -17.08
N GLU A 373 30.28 24.39 -16.47
CA GLU A 373 29.63 25.69 -16.35
C GLU A 373 29.18 25.89 -14.91
N LYS A 374 29.12 27.16 -14.50
CA LYS A 374 28.67 27.52 -13.16
C LYS A 374 27.16 27.41 -13.09
N VAL A 375 26.67 26.60 -12.14
CA VAL A 375 25.24 26.37 -11.95
C VAL A 375 24.77 26.78 -10.56
N GLY A 376 25.61 27.46 -9.79
CA GLY A 376 25.21 27.89 -8.46
C GLY A 376 26.41 28.37 -7.67
N LYS A 377 26.13 28.71 -6.41
CA LYS A 377 27.15 29.21 -5.50
C LYS A 377 26.78 28.79 -4.08
N TRP A 378 27.80 28.78 -3.21
CA TRP A 378 27.62 28.35 -1.84
C TRP A 378 27.97 29.41 -0.81
N GLU A 379 28.59 30.53 -1.21
CA GLU A 379 28.98 31.56 -0.25
C GLU A 379 27.80 32.34 0.30
N ASN A 380 26.60 32.16 -0.26
CA ASN A 380 25.41 32.89 0.19
C ASN A 380 24.93 32.32 1.52
N HIS A 381 25.59 32.77 2.59
CA HIS A 381 25.25 32.36 3.96
C HIS A 381 25.29 30.84 4.13
N THR A 382 26.29 30.21 3.52
CA THR A 382 26.49 28.76 3.59
C THR A 382 25.24 28.00 3.16
N LEU A 383 24.60 28.49 2.10
CA LEU A 383 23.42 27.85 1.52
C LEU A 383 23.72 27.45 0.08
N SER A 384 22.73 26.87 -0.58
CA SER A 384 22.87 26.40 -1.94
C SER A 384 21.96 27.18 -2.88
N LEU A 385 22.43 27.37 -4.11
CA LEU A 385 21.68 28.11 -5.12
C LEU A 385 21.80 27.37 -6.44
N ARG A 386 20.78 27.55 -7.29
CA ARG A 386 20.73 26.87 -8.58
C ARG A 386 19.96 27.73 -9.56
N HIS A 387 20.19 27.49 -10.84
CA HIS A 387 19.51 28.18 -11.92
C HIS A 387 18.20 27.51 -12.32
N ALA A 388 17.79 26.46 -11.59
CA ALA A 388 16.52 25.76 -11.82
C ALA A 388 16.48 25.15 -13.22
N VAL A 389 17.48 24.33 -13.52
CA VAL A 389 17.55 23.59 -14.78
C VAL A 389 17.62 22.12 -14.40
N TRP A 390 16.46 21.44 -14.38
CA TRP A 390 16.42 20.05 -13.95
C TRP A 390 16.99 19.09 -15.00
N PRO A 391 16.47 19.04 -16.23
CA PRO A 391 16.87 17.95 -17.14
C PRO A 391 18.17 18.25 -17.84
N ARG A 392 19.20 17.47 -17.53
CA ARG A 392 20.47 17.55 -18.25
C ARG A 392 21.06 16.17 -18.57
N TYR A 393 20.41 15.08 -18.16
CA TYR A 393 20.96 13.74 -18.33
C TYR A 393 20.32 13.11 -19.57
N LYS A 394 20.82 13.53 -20.73
CA LYS A 394 20.38 12.96 -22.00
C LYS A 394 21.32 11.83 -22.41
N SER A 395 20.78 10.87 -23.16
CA SER A 395 21.54 9.71 -23.58
C SER A 395 22.64 10.14 -24.54
N PHE A 396 23.89 10.14 -24.06
CA PHE A 396 25.04 10.53 -24.86
C PHE A 396 25.99 9.37 -25.12
N SER A 397 26.41 8.66 -24.07
CA SER A 397 27.30 7.52 -24.26
C SER A 397 26.62 6.42 -25.05
N ASP A 398 25.35 6.16 -24.76
CA ASP A 398 24.56 5.17 -25.48
C ASP A 398 23.50 5.87 -26.32
N CYS A 399 22.75 5.08 -27.09
CA CYS A 399 21.70 5.58 -27.96
C CYS A 399 20.39 4.87 -27.58
N GLU A 400 19.67 5.45 -26.62
CA GLU A 400 18.41 4.88 -26.16
C GLU A 400 17.56 6.01 -25.60
N PRO A 401 16.68 6.58 -26.42
CA PRO A 401 15.79 7.65 -25.92
C PRO A 401 14.77 7.10 -24.93
N ASP A 402 14.34 7.98 -24.03
CA ASP A 402 13.36 7.59 -23.02
C ASP A 402 12.54 8.83 -22.65
N ASP A 403 11.34 8.57 -22.13
CA ASP A 403 10.41 9.62 -21.69
C ASP A 403 10.11 9.39 -20.21
N ASN A 404 10.94 9.97 -19.35
CA ASN A 404 10.80 9.83 -17.90
C ASN A 404 10.19 11.06 -17.25
N HIS A 405 10.65 12.26 -17.61
CA HIS A 405 10.16 13.50 -17.01
C HIS A 405 8.85 13.89 -17.69
N LEU A 406 7.74 13.38 -17.16
CA LEU A 406 6.41 13.68 -17.69
C LEU A 406 5.96 15.03 -17.14
N SER A 407 5.92 16.04 -18.01
CA SER A 407 5.51 17.38 -17.59
C SER A 407 4.03 17.40 -17.24
N ILE A 408 3.70 17.99 -16.10
CA ILE A 408 2.33 18.07 -15.60
C ILE A 408 2.02 19.51 -15.24
N VAL A 409 0.80 19.94 -15.55
CA VAL A 409 0.31 21.27 -15.19
C VAL A 409 -0.84 21.10 -14.20
N THR A 410 -0.75 21.81 -13.07
CA THR A 410 -1.75 21.71 -12.02
C THR A 410 -2.12 23.11 -11.54
N LEU A 411 -3.40 23.30 -11.25
CA LEU A 411 -3.93 24.57 -10.79
C LEU A 411 -4.42 24.45 -9.35
N GLU A 412 -4.73 25.61 -8.76
CA GLU A 412 -5.32 25.65 -7.41
C GLU A 412 -6.49 26.64 -7.43
N GLU A 413 -7.67 26.15 -7.81
CA GLU A 413 -8.91 26.89 -7.65
C GLU A 413 -9.93 26.13 -6.81
N ALA A 414 -10.17 24.86 -7.15
CA ALA A 414 -11.10 24.03 -6.40
C ALA A 414 -10.46 23.55 -5.11
N PRO A 415 -11.28 23.18 -4.10
CA PRO A 415 -10.75 22.66 -2.83
C PRO A 415 -10.29 21.20 -2.93
N PHE A 416 -9.51 20.90 -3.97
CA PHE A 416 -8.93 19.58 -4.16
C PHE A 416 -7.42 19.55 -4.00
N VAL A 417 -6.78 20.72 -3.87
CA VAL A 417 -5.33 20.81 -3.71
C VAL A 417 -5.05 21.80 -2.59
N ILE A 418 -4.09 21.45 -1.72
CA ILE A 418 -3.73 22.28 -0.57
C ILE A 418 -2.27 22.67 -0.67
N VAL A 419 -1.78 22.85 -1.90
CA VAL A 419 -0.38 23.22 -2.11
C VAL A 419 -0.06 24.52 -1.39
N GLU A 420 1.05 24.51 -0.65
CA GLU A 420 1.51 25.67 0.10
C GLU A 420 2.99 25.88 -0.17
N ASP A 421 3.44 27.13 0.01
CA ASP A 421 4.82 27.48 -0.25
C ASP A 421 5.75 26.80 0.75
N ILE A 422 7.06 26.96 0.53
CA ILE A 422 8.05 26.32 1.38
C ILE A 422 8.08 27.00 2.74
N ASP A 423 7.92 26.21 3.80
CA ASP A 423 7.98 26.70 5.17
C ASP A 423 9.43 26.67 5.66
N PRO A 424 9.87 27.71 6.38
CA PRO A 424 11.24 27.71 6.91
C PRO A 424 11.53 26.56 7.86
N LEU A 425 10.54 26.10 8.62
CA LEU A 425 10.73 25.03 9.59
C LEU A 425 10.63 23.68 8.89
N THR A 426 10.64 22.60 9.68
CA THR A 426 10.57 21.21 9.20
C THR A 426 11.73 21.00 8.23
N GLU A 427 11.53 20.37 7.08
CA GLU A 427 12.57 20.12 6.10
C GLU A 427 12.21 20.81 4.78
N THR A 428 11.73 22.05 4.87
CA THR A 428 11.26 22.90 3.78
C THR A 428 9.95 22.39 3.17
N CYS A 429 9.46 21.24 3.59
CA CYS A 429 8.19 20.68 3.14
C CYS A 429 7.73 19.67 4.18
N VAL A 430 6.75 18.84 3.82
CA VAL A 430 6.28 17.76 4.67
C VAL A 430 6.78 16.43 4.10
N ARG A 431 6.63 15.37 4.90
CA ARG A 431 7.09 14.04 4.48
C ARG A 431 6.20 13.43 3.41
N ASN A 432 5.03 13.99 3.15
CA ASN A 432 4.09 13.47 2.15
C ASN A 432 3.70 14.63 1.22
N THR A 433 4.50 14.86 0.19
CA THR A 433 4.25 15.94 -0.75
C THR A 433 5.01 15.66 -2.04
N VAL A 434 4.76 16.50 -3.04
CA VAL A 434 5.42 16.41 -4.34
C VAL A 434 6.06 17.76 -4.65
N PRO A 435 7.29 17.80 -5.14
CA PRO A 435 7.90 19.09 -5.51
C PRO A 435 7.11 19.77 -6.62
N CYS A 436 7.02 21.10 -6.53
CA CYS A 436 6.24 21.90 -7.47
C CYS A 436 7.03 23.15 -7.81
N ARG A 437 6.48 23.95 -8.72
CA ARG A 437 7.11 25.20 -9.14
C ARG A 437 6.04 26.14 -9.68
N LYS A 438 6.33 27.44 -9.61
CA LYS A 438 5.39 28.45 -10.08
C LYS A 438 6.15 29.75 -10.26
N PHE A 439 5.72 30.53 -11.27
CA PHE A 439 6.33 31.81 -11.58
C PHE A 439 5.70 32.89 -10.71
N VAL A 440 6.51 33.51 -9.85
CA VAL A 440 6.04 34.56 -8.96
C VAL A 440 6.27 35.91 -9.62
N LYS A 441 5.23 36.74 -9.64
CA LYS A 441 5.33 38.06 -10.24
C LYS A 441 6.02 39.03 -9.30
N ILE A 442 6.85 39.92 -9.86
CA ILE A 442 7.59 40.90 -9.10
C ILE A 442 7.22 42.33 -9.49
N ASN A 443 7.09 42.60 -10.79
CA ASN A 443 6.75 43.92 -11.28
C ASN A 443 5.58 43.81 -12.26
N ASN A 444 4.86 44.91 -12.41
CA ASN A 444 3.70 44.94 -13.29
C ASN A 444 4.08 44.94 -14.77
N SER A 445 5.36 45.11 -15.10
CA SER A 445 5.81 45.13 -16.48
C SER A 445 6.76 44.00 -16.83
N THR A 446 7.74 43.73 -15.97
CA THR A 446 8.69 42.65 -16.24
C THR A 446 8.05 41.29 -16.05
N ASN A 447 8.36 40.36 -16.95
CA ASN A 447 7.82 39.00 -16.89
C ASN A 447 8.75 38.03 -16.18
N GLU A 448 9.87 38.51 -15.62
CA GLU A 448 10.80 37.64 -14.95
C GLU A 448 10.21 37.13 -13.63
N GLY A 449 10.32 35.83 -13.40
CA GLY A 449 9.81 35.24 -12.18
C GLY A 449 10.65 34.06 -11.70
N MET A 450 11.09 34.10 -10.45
CA MET A 450 11.88 33.01 -9.89
C MET A 450 11.04 31.76 -9.74
N ASN A 451 11.64 30.61 -10.05
CA ASN A 451 10.96 29.31 -9.96
C ASN A 451 11.11 28.75 -8.54
N VAL A 452 10.46 29.44 -7.60
CA VAL A 452 10.50 29.01 -6.21
C VAL A 452 9.64 27.76 -6.05
N LYS A 453 10.23 26.74 -5.43
CA LYS A 453 9.51 25.47 -5.24
C LYS A 453 8.46 25.61 -4.15
N LYS A 454 7.44 24.77 -4.24
CA LYS A 454 6.36 24.74 -3.26
C LYS A 454 6.00 23.29 -2.96
N CYS A 455 5.48 23.06 -1.76
CA CYS A 455 5.06 21.73 -1.34
C CYS A 455 3.64 21.48 -1.84
N CYS A 456 3.47 20.47 -2.67
CA CYS A 456 2.21 20.20 -3.35
C CYS A 456 1.51 19.01 -2.69
N LYS A 457 0.28 19.24 -2.22
CA LYS A 457 -0.57 18.20 -1.67
C LYS A 457 -2.00 18.42 -2.14
N GLY A 458 -2.75 17.34 -2.24
CA GLY A 458 -4.14 17.44 -2.63
C GLY A 458 -4.69 16.10 -3.09
N PHE A 459 -5.96 16.13 -3.48
CA PHE A 459 -6.64 14.92 -3.92
C PHE A 459 -6.10 14.44 -5.26
N CYS A 460 -5.98 15.36 -6.23
CA CYS A 460 -5.43 14.98 -7.53
C CYS A 460 -3.98 14.56 -7.41
N ILE A 461 -3.22 15.21 -6.53
CA ILE A 461 -1.83 14.82 -6.32
C ILE A 461 -1.76 13.44 -5.67
N ASP A 462 -2.71 13.11 -4.78
CA ASP A 462 -2.75 11.78 -4.22
C ASP A 462 -3.11 10.74 -5.28
N ILE A 463 -4.00 11.10 -6.21
CA ILE A 463 -4.32 10.21 -7.33
C ILE A 463 -3.07 9.98 -8.18
N LEU A 464 -2.29 11.04 -8.41
CA LEU A 464 -1.04 10.89 -9.15
C LEU A 464 -0.07 9.98 -8.41
N LYS A 465 0.00 10.12 -7.08
CA LYS A 465 0.86 9.23 -6.28
C LYS A 465 0.41 7.78 -6.42
N LYS A 466 -0.90 7.54 -6.40
CA LYS A 466 -1.40 6.19 -6.58
C LYS A 466 -1.07 5.64 -7.97
N LEU A 467 -1.22 6.49 -9.00
CA LEU A 467 -0.87 6.08 -10.36
C LEU A 467 0.62 5.85 -10.54
N SER A 468 1.45 6.47 -9.68
CA SER A 468 2.90 6.27 -9.77
C SER A 468 3.29 4.82 -9.50
N ARG A 469 2.43 4.04 -8.85
CA ARG A 469 2.72 2.62 -8.67
C ARG A 469 2.79 1.89 -10.00
N THR A 470 2.05 2.37 -11.00
CA THR A 470 2.06 1.78 -12.34
C THR A 470 2.96 2.54 -13.31
N VAL A 471 2.90 3.87 -13.30
CA VAL A 471 3.73 4.66 -14.20
C VAL A 471 5.20 4.54 -13.83
N LYS A 472 5.51 4.70 -12.54
CA LYS A 472 6.87 4.53 -12.02
C LYS A 472 7.88 5.43 -12.72
N PHE A 473 7.49 6.68 -12.96
CA PHE A 473 8.35 7.66 -13.59
C PHE A 473 8.47 8.90 -12.69
N THR A 474 9.12 9.93 -13.21
CA THR A 474 9.30 11.19 -12.50
C THR A 474 8.31 12.22 -13.02
N TYR A 475 7.64 12.92 -12.11
CA TYR A 475 6.59 13.86 -12.46
C TYR A 475 6.92 15.23 -11.89
N ASP A 476 6.98 16.23 -12.76
CA ASP A 476 7.14 17.62 -12.37
C ASP A 476 5.85 18.37 -12.67
N LEU A 477 5.34 19.11 -11.69
CA LEU A 477 4.07 19.80 -11.79
C LEU A 477 4.32 21.29 -12.03
N TYR A 478 3.59 21.85 -12.99
CA TYR A 478 3.71 23.25 -13.37
C TYR A 478 2.45 24.00 -12.96
N LEU A 479 2.41 25.28 -13.30
CA LEU A 479 1.26 26.12 -13.01
C LEU A 479 1.17 27.22 -14.07
N VAL A 480 -0.05 27.55 -14.48
CA VAL A 480 -0.28 28.55 -15.53
C VAL A 480 -0.59 29.88 -14.87
N THR A 481 0.16 30.91 -15.23
CA THR A 481 -0.04 32.25 -14.69
C THR A 481 -0.96 33.11 -15.56
N ASN A 482 -1.45 32.57 -16.67
CA ASN A 482 -2.35 33.30 -17.57
C ASN A 482 -3.73 32.67 -17.47
N GLY A 483 -4.61 33.30 -16.68
CA GLY A 483 -5.95 32.77 -16.50
C GLY A 483 -5.94 31.50 -15.66
N LYS A 484 -7.08 30.81 -15.71
CA LYS A 484 -7.25 29.54 -15.00
C LYS A 484 -7.41 28.38 -15.97
N HIS A 485 -8.41 28.42 -16.84
CA HIS A 485 -8.68 27.34 -17.78
C HIS A 485 -8.56 27.76 -19.23
N GLY A 486 -9.02 28.96 -19.57
CA GLY A 486 -8.93 29.46 -20.93
C GLY A 486 -9.99 28.88 -21.84
N LYS A 487 -10.04 29.41 -23.06
CA LYS A 487 -10.99 28.99 -24.07
C LYS A 487 -10.47 29.43 -25.43
N LYS A 488 -11.21 29.05 -26.48
CA LYS A 488 -10.82 29.41 -27.84
C LYS A 488 -11.07 30.88 -28.10
N VAL A 489 -10.05 31.71 -27.92
CA VAL A 489 -10.13 33.14 -28.19
C VAL A 489 -9.13 33.46 -29.29
N ASN A 490 -9.64 33.97 -30.41
CA ASN A 490 -8.81 34.27 -31.59
C ASN A 490 -8.01 33.04 -32.02
N ASN A 491 -8.66 31.88 -31.96
CA ASN A 491 -8.05 30.59 -32.31
C ASN A 491 -6.80 30.32 -31.47
N VAL A 492 -6.79 30.80 -30.23
CA VAL A 492 -5.67 30.60 -29.31
C VAL A 492 -6.23 30.06 -28.00
N TRP A 493 -5.62 28.98 -27.51
CA TRP A 493 -6.01 28.36 -26.25
C TRP A 493 -5.08 28.81 -25.13
N ASN A 494 -5.64 29.00 -23.94
CA ASN A 494 -4.90 29.42 -22.76
C ASN A 494 -5.09 28.39 -21.65
N GLY A 495 -4.40 28.63 -20.53
CA GLY A 495 -4.52 27.74 -19.39
C GLY A 495 -3.93 26.37 -19.66
N MET A 496 -4.52 25.35 -19.02
CA MET A 496 -4.07 23.99 -19.21
C MET A 496 -4.24 23.53 -20.64
N ILE A 497 -5.35 23.92 -21.27
CA ILE A 497 -5.59 23.54 -22.67
C ILE A 497 -4.51 24.12 -23.57
N GLY A 498 -4.18 25.39 -23.37
CA GLY A 498 -3.12 26.01 -24.16
C GLY A 498 -1.77 25.38 -23.90
N GLU A 499 -1.50 25.01 -22.64
CA GLU A 499 -0.25 24.35 -22.31
C GLU A 499 -0.13 23.01 -23.02
N VAL A 500 -1.23 22.24 -23.04
CA VAL A 500 -1.20 20.93 -23.69
C VAL A 500 -1.09 21.08 -25.21
N VAL A 501 -1.72 22.12 -25.76
CA VAL A 501 -1.75 22.28 -27.22
C VAL A 501 -0.34 22.42 -27.79
N TYR A 502 0.51 23.23 -27.14
CA TYR A 502 1.86 23.49 -27.62
C TYR A 502 2.86 22.45 -27.13
N GLN A 503 2.40 21.26 -26.76
CA GLN A 503 3.26 20.15 -26.33
C GLN A 503 4.10 20.53 -25.11
N ARG A 504 3.60 21.46 -24.29
CA ARG A 504 4.28 21.85 -23.06
C ARG A 504 3.89 20.99 -21.86
N ALA A 505 2.92 20.09 -22.03
CA ALA A 505 2.47 19.23 -20.94
C ALA A 505 1.93 17.95 -21.55
N VAL A 506 2.70 16.87 -21.46
CA VAL A 506 2.27 15.59 -22.02
C VAL A 506 1.03 15.08 -21.29
N MET A 507 1.02 15.16 -19.97
CA MET A 507 -0.10 14.74 -19.14
C MET A 507 -0.55 15.89 -18.27
N ALA A 508 -1.87 16.09 -18.19
CA ALA A 508 -2.43 17.23 -17.48
C ALA A 508 -3.58 16.76 -16.59
N VAL A 509 -3.54 17.16 -15.32
CA VAL A 509 -4.63 16.86 -14.39
C VAL A 509 -4.84 18.07 -13.48
N GLY A 510 -5.93 18.80 -13.70
CA GLY A 510 -6.22 19.97 -12.89
C GLY A 510 -7.69 20.12 -12.57
N SER A 511 -8.41 19.00 -12.50
CA SER A 511 -9.83 19.03 -12.20
C SER A 511 -10.58 19.76 -13.31
N LEU A 512 -9.94 19.89 -14.45
CA LEU A 512 -10.55 20.56 -15.62
C LEU A 512 -11.94 20.00 -15.73
N THR A 513 -12.83 20.80 -16.31
CA THR A 513 -14.23 20.38 -16.51
C THR A 513 -14.26 19.89 -17.94
N ILE A 514 -15.23 19.02 -18.24
CA ILE A 514 -15.37 18.48 -19.58
C ILE A 514 -16.43 19.27 -20.34
N ASN A 515 -16.07 19.76 -21.52
CA ASN A 515 -16.98 20.53 -22.37
C ASN A 515 -16.94 19.96 -23.78
N GLU A 516 -17.63 20.63 -24.70
CA GLU A 516 -17.70 20.21 -26.09
C GLU A 516 -16.56 20.76 -26.94
N GLU A 517 -15.67 21.56 -26.35
CA GLU A 517 -14.54 22.13 -27.09
C GLU A 517 -13.22 21.44 -26.80
N ARG A 518 -13.09 20.78 -25.65
CA ARG A 518 -11.85 20.11 -25.28
C ARG A 518 -11.75 18.70 -25.82
N SER A 519 -12.87 18.05 -26.12
CA SER A 519 -12.83 16.65 -26.56
C SER A 519 -12.13 16.52 -27.91
N GLU A 520 -12.36 17.45 -28.82
CA GLU A 520 -11.70 17.39 -30.12
C GLU A 520 -10.22 17.73 -30.00
N VAL A 521 -9.88 18.73 -29.19
CA VAL A 521 -8.50 19.17 -29.07
C VAL A 521 -7.65 18.11 -28.37
N VAL A 522 -8.13 17.60 -27.23
CA VAL A 522 -7.39 16.65 -26.42
C VAL A 522 -8.30 15.51 -26.02
N ASP A 523 -7.69 14.41 -25.59
CA ASP A 523 -8.40 13.23 -25.14
C ASP A 523 -8.19 13.05 -23.63
N PHE A 524 -9.24 12.59 -22.96
CA PHE A 524 -9.22 12.40 -21.51
C PHE A 524 -9.73 11.02 -21.16
N SER A 525 -9.29 10.53 -20.00
CA SER A 525 -9.63 9.18 -19.56
C SER A 525 -11.01 9.17 -18.90
N VAL A 526 -11.37 8.05 -18.28
CA VAL A 526 -12.67 7.93 -17.61
C VAL A 526 -12.69 8.85 -16.39
N PRO A 527 -13.73 9.66 -16.21
CA PRO A 527 -13.79 10.55 -15.05
C PRO A 527 -13.92 9.76 -13.76
N PHE A 528 -13.40 10.35 -12.68
CA PHE A 528 -13.43 9.72 -11.36
C PHE A 528 -14.16 10.55 -10.31
N VAL A 529 -14.41 11.83 -10.56
CA VAL A 529 -15.17 12.69 -9.65
C VAL A 529 -16.41 13.20 -10.39
N GLU A 530 -17.57 13.02 -9.78
CA GLU A 530 -18.82 13.43 -10.39
C GLU A 530 -19.00 14.94 -10.30
N THR A 531 -19.54 15.53 -11.36
CA THR A 531 -19.81 16.96 -11.41
C THR A 531 -20.99 17.20 -12.34
N GLY A 532 -21.41 18.46 -12.41
CA GLY A 532 -22.53 18.84 -13.25
C GLY A 532 -23.22 20.06 -12.69
N ILE A 533 -24.39 20.35 -13.25
CA ILE A 533 -25.21 21.48 -12.84
C ILE A 533 -26.14 21.02 -11.72
N SER A 534 -25.83 21.42 -10.49
CA SER A 534 -26.62 21.06 -9.32
C SER A 534 -27.32 22.29 -8.76
N VAL A 535 -28.34 22.03 -7.94
CA VAL A 535 -29.14 23.08 -7.31
C VAL A 535 -29.11 22.86 -5.80
N MET A 536 -28.82 23.93 -5.06
CA MET A 536 -28.81 23.91 -3.61
C MET A 536 -30.08 24.53 -3.08
N VAL A 537 -30.79 23.80 -2.21
CA VAL A 537 -32.03 24.27 -1.60
C VAL A 537 -31.87 24.19 -0.09
N SER A 538 -32.26 25.27 0.59
CA SER A 538 -32.18 25.30 2.05
C SER A 538 -33.14 24.28 2.65
N ARG A 539 -32.70 23.65 3.74
CA ARG A 539 -33.53 22.65 4.40
C ARG A 539 -34.76 23.30 5.03
N SER A 540 -35.89 22.61 4.92
CA SER A 540 -37.16 23.10 5.44
C SER A 540 -37.52 22.34 6.71
N ASN A 541 -37.84 23.08 7.76
CA ASN A 541 -38.21 22.46 9.03
C ASN A 541 -39.53 21.71 8.90
N GLY A 542 -39.66 20.64 9.70
CA GLY A 542 -40.89 19.87 9.69
C GLY A 542 -42.05 20.63 10.29
N THR A 543 -43.26 20.20 9.92
CA THR A 543 -44.47 20.87 10.36
C THR A 543 -45.57 19.84 10.55
N VAL A 544 -46.79 20.32 10.76
CA VAL A 544 -47.97 19.49 10.97
C VAL A 544 -48.92 19.72 9.81
N SER A 545 -48.35 19.94 8.62
CA SER A 545 -49.15 20.21 7.42
C SER A 545 -50.26 19.19 7.15
N PRO A 546 -50.06 17.88 7.33
CA PRO A 546 -51.20 16.96 7.21
C PRO A 546 -52.30 17.31 8.21
N SER A 547 -53.54 17.10 7.78
CA SER A 547 -54.72 17.54 8.53
C SER A 547 -54.76 16.96 9.94
N ALA A 548 -54.64 17.81 10.95
CA ALA A 548 -54.72 17.38 12.33
C ALA A 548 -56.15 17.00 12.68
N PHE A 549 -56.29 16.08 13.63
CA PHE A 549 -57.55 15.52 14.12
C PHE A 549 -58.29 14.74 13.06
N LEU A 550 -57.74 14.60 11.85
CA LEU A 550 -58.27 13.79 10.77
C LEU A 550 -57.48 12.48 10.70
N GLU A 551 -57.63 11.73 9.61
CA GLU A 551 -57.00 10.42 9.45
C GLU A 551 -55.52 10.37 9.82
N PRO A 552 -54.66 11.32 9.41
CA PRO A 552 -53.26 11.26 9.86
C PRO A 552 -53.09 11.26 11.37
N PHE A 553 -53.90 12.05 12.09
CA PHE A 553 -53.82 12.07 13.55
C PHE A 553 -54.34 10.77 14.14
N SER A 554 -55.51 10.33 13.70
CA SER A 554 -56.13 9.08 14.16
C SER A 554 -57.27 8.76 13.21
N ALA A 555 -57.78 7.53 13.31
CA ALA A 555 -58.87 7.04 12.47
C ALA A 555 -58.49 7.13 10.99
N SER A 556 -57.50 6.32 10.61
CA SER A 556 -56.97 6.33 9.25
C SER A 556 -58.05 5.97 8.22
N VAL A 557 -58.84 4.94 8.51
CA VAL A 557 -59.92 4.57 7.61
C VAL A 557 -61.03 5.63 7.63
N TRP A 558 -61.32 6.17 8.82
CA TRP A 558 -62.16 7.35 9.05
C TRP A 558 -63.64 7.11 8.75
N VAL A 559 -64.03 5.94 8.24
CA VAL A 559 -65.40 5.70 7.83
C VAL A 559 -66.13 4.72 8.73
N MET A 560 -65.47 4.21 9.78
CA MET A 560 -66.10 3.23 10.67
C MET A 560 -66.27 3.73 12.10
N MET A 561 -65.29 4.46 12.66
CA MET A 561 -65.42 4.90 14.04
C MET A 561 -66.44 6.01 14.19
N PHE A 562 -66.54 6.89 13.19
CA PHE A 562 -67.46 8.01 13.28
C PHE A 562 -68.91 7.58 13.18
N VAL A 563 -69.18 6.40 12.61
CA VAL A 563 -70.51 5.82 12.68
C VAL A 563 -70.65 4.85 13.85
N MET A 564 -69.55 4.27 14.33
CA MET A 564 -69.59 3.45 15.53
C MET A 564 -70.02 4.28 16.74
N LEU A 565 -69.47 5.48 16.87
CA LEU A 565 -69.89 6.35 17.98
C LEU A 565 -71.37 6.70 17.87
N LEU A 566 -71.85 6.97 16.65
CA LEU A 566 -73.25 7.30 16.47
C LEU A 566 -74.15 6.12 16.83
N ILE A 567 -73.79 4.90 16.40
CA ILE A 567 -74.65 3.76 16.68
C ILE A 567 -74.62 3.39 18.15
N VAL A 568 -73.46 3.52 18.82
CA VAL A 568 -73.44 3.22 20.24
C VAL A 568 -74.20 4.28 21.03
N SER A 569 -74.16 5.55 20.61
CA SER A 569 -74.99 6.56 21.25
C SER A 569 -76.47 6.26 21.06
N ALA A 570 -76.84 5.83 19.84
CA ALA A 570 -78.23 5.50 19.57
C ALA A 570 -78.70 4.32 20.42
N ILE A 571 -77.88 3.29 20.54
CA ILE A 571 -78.29 2.13 21.35
C ILE A 571 -78.30 2.48 22.83
N ALA A 572 -77.43 3.40 23.27
CA ALA A 572 -77.50 3.87 24.64
C ALA A 572 -78.80 4.62 24.90
N VAL A 573 -79.22 5.46 23.96
CA VAL A 573 -80.50 6.14 24.10
C VAL A 573 -81.63 5.14 24.12
N PHE A 574 -81.56 4.12 23.26
CA PHE A 574 -82.61 3.11 23.21
C PHE A 574 -82.72 2.34 24.52
N VAL A 575 -81.59 1.93 25.10
CA VAL A 575 -81.65 1.19 26.35
C VAL A 575 -82.06 2.10 27.50
N PHE A 576 -81.69 3.38 27.45
CA PHE A 576 -82.16 4.32 28.46
C PHE A 576 -83.68 4.47 28.39
N GLU A 577 -84.24 4.53 27.18
CA GLU A 577 -85.69 4.56 27.04
C GLU A 577 -86.31 3.26 27.55
N TYR A 578 -85.67 2.12 27.26
CA TYR A 578 -86.14 0.84 27.74
C TYR A 578 -86.11 0.73 29.26
N PHE A 579 -85.22 1.49 29.92
CA PHE A 579 -85.10 1.47 31.37
C PHE A 579 -86.17 2.32 32.06
N SER A 580 -87.22 2.72 31.34
CA SER A 580 -88.28 3.52 31.96
C SER A 580 -88.98 2.81 33.11
N PRO A 581 -89.37 1.52 33.00
CA PRO A 581 -90.01 0.93 34.18
C PRO A 581 -89.00 0.59 35.28
N SER A 598 -84.05 11.21 33.05
CA SER A 598 -85.46 11.56 33.00
C SER A 598 -86.02 11.38 31.59
N PHE A 599 -86.10 12.47 30.85
CA PHE A 599 -86.60 12.42 29.48
C PHE A 599 -85.64 11.65 28.59
N THR A 600 -86.20 10.77 27.75
CA THR A 600 -85.36 9.95 26.87
C THR A 600 -84.64 10.80 25.83
N ILE A 601 -85.37 11.66 25.13
CA ILE A 601 -84.76 12.46 24.07
C ILE A 601 -83.93 13.60 24.66
N GLY A 602 -84.42 14.24 25.72
CA GLY A 602 -83.78 15.44 26.23
C GLY A 602 -82.63 15.23 27.19
N LYS A 603 -82.36 13.99 27.60
CA LYS A 603 -81.32 13.77 28.59
C LYS A 603 -80.29 12.73 28.16
N ALA A 604 -80.71 11.68 27.46
CA ALA A 604 -79.79 10.60 27.12
C ALA A 604 -78.67 11.08 26.19
N ILE A 605 -79.03 11.85 25.16
CA ILE A 605 -78.02 12.33 24.23
C ILE A 605 -77.05 13.28 24.92
N TRP A 606 -77.57 14.18 25.75
CA TRP A 606 -76.70 15.10 26.48
C TRP A 606 -75.76 14.36 27.41
N LEU A 607 -76.27 13.36 28.14
CA LEU A 607 -75.41 12.58 29.02
C LEU A 607 -74.34 11.82 28.23
N LEU A 608 -74.73 11.21 27.12
CA LEU A 608 -73.77 10.44 26.33
C LEU A 608 -72.67 11.34 25.77
N TRP A 609 -73.03 12.53 25.28
CA TRP A 609 -72.03 13.43 24.72
C TRP A 609 -71.30 14.24 25.79
N GLY A 610 -71.76 14.21 27.04
CA GLY A 610 -71.03 14.85 28.11
C GLY A 610 -70.14 13.88 28.87
N LEU A 611 -70.36 12.58 28.68
CA LEU A 611 -69.53 11.58 29.33
C LEU A 611 -68.43 11.02 28.43
N VAL A 612 -68.49 11.29 27.12
CA VAL A 612 -67.43 10.82 26.23
C VAL A 612 -66.12 11.52 26.57
N PHE A 613 -66.19 12.79 26.94
CA PHE A 613 -65.03 13.54 27.40
C PHE A 613 -65.39 14.28 28.67
N ASN A 614 -64.41 14.42 29.57
CA ASN A 614 -64.67 14.91 30.92
C ASN A 614 -64.85 16.43 30.99
N ASN A 615 -64.54 17.16 29.92
CA ASN A 615 -64.62 18.62 29.96
C ASN A 615 -66.04 19.11 29.67
N SER A 616 -67.01 18.60 30.43
CA SER A 616 -68.41 18.99 30.28
C SER A 616 -68.92 19.54 31.60
N VAL A 617 -69.30 20.81 31.60
CA VAL A 617 -69.82 21.47 32.80
C VAL A 617 -71.28 21.08 32.99
N PRO A 618 -72.11 21.13 31.95
CA PRO A 618 -73.53 20.80 32.12
C PRO A 618 -73.78 19.31 32.30
N VAL A 619 -73.46 18.79 33.48
CA VAL A 619 -73.65 17.38 33.79
C VAL A 619 -74.47 17.28 35.07
N GLN A 620 -75.63 16.65 34.97
CA GLN A 620 -76.51 16.46 36.13
C GLN A 620 -77.31 15.18 35.87
N ASN A 621 -76.92 14.08 36.52
CA ASN A 621 -77.52 12.77 36.31
C ASN A 621 -78.12 12.25 37.61
N PRO A 622 -79.05 13.01 38.21
CA PRO A 622 -79.69 12.56 39.44
C PRO A 622 -80.97 11.77 39.23
N LYS A 623 -81.51 11.74 38.01
CA LYS A 623 -82.76 11.01 37.76
C LYS A 623 -82.57 9.51 37.88
N GLY A 624 -81.44 8.98 37.42
CA GLY A 624 -81.21 7.55 37.48
C GLY A 624 -80.90 7.12 38.91
N THR A 625 -81.70 6.19 39.43
CA THR A 625 -81.49 5.72 40.80
C THR A 625 -80.40 4.66 40.88
N THR A 626 -80.60 3.55 40.17
CA THR A 626 -79.63 2.45 40.19
C THR A 626 -79.30 2.00 38.78
N SER A 627 -80.28 2.10 37.87
CA SER A 627 -80.09 1.61 36.51
C SER A 627 -79.00 2.38 35.78
N LYS A 628 -78.99 3.71 35.92
CA LYS A 628 -78.02 4.53 35.22
C LYS A 628 -76.64 4.50 35.86
N ILE A 629 -76.56 4.05 37.11
CA ILE A 629 -75.26 3.99 37.80
C ILE A 629 -74.33 3.04 37.08
N MET A 630 -74.84 1.87 36.66
CA MET A 630 -74.01 0.95 35.90
C MET A 630 -73.81 1.44 34.47
N VAL A 631 -74.75 2.21 33.94
CA VAL A 631 -74.56 2.80 32.62
C VAL A 631 -73.40 3.79 32.64
N SER A 632 -73.12 4.37 33.81
CA SER A 632 -72.02 5.31 33.95
C SER A 632 -70.65 4.69 33.69
N VAL A 633 -70.53 3.36 33.70
CA VAL A 633 -69.23 2.73 33.51
C VAL A 633 -68.70 2.87 32.10
N TRP A 634 -69.52 3.34 31.16
CA TRP A 634 -69.02 3.63 29.81
C TRP A 634 -68.03 4.78 29.82
N ALA A 635 -68.01 5.58 30.89
CA ALA A 635 -67.00 6.62 31.03
C ALA A 635 -65.59 6.04 31.10
N PHE A 636 -65.44 4.80 31.54
CA PHE A 636 -64.12 4.15 31.52
C PHE A 636 -63.63 4.00 30.09
N PHE A 637 -64.47 3.44 29.21
CA PHE A 637 -64.09 3.34 27.80
C PHE A 637 -63.92 4.72 27.18
N ALA A 638 -64.74 5.69 27.58
CA ALA A 638 -64.62 7.04 27.05
C ALA A 638 -63.27 7.65 27.39
N VAL A 639 -62.85 7.54 28.65
CA VAL A 639 -61.58 8.14 29.05
C VAL A 639 -60.41 7.35 28.47
N ILE A 640 -60.54 6.04 28.32
CA ILE A 640 -59.48 5.26 27.68
C ILE A 640 -59.32 5.70 26.22
N PHE A 641 -60.44 5.89 25.52
CA PHE A 641 -60.38 6.36 24.15
C PHE A 641 -59.77 7.75 24.06
N LEU A 642 -60.15 8.65 24.99
CA LEU A 642 -59.58 9.98 24.99
C LEU A 642 -58.08 9.96 25.23
N ALA A 643 -57.63 9.14 26.18
CA ALA A 643 -56.20 9.04 26.46
C ALA A 643 -55.45 8.47 25.27
N SER A 644 -56.00 7.43 24.63
CA SER A 644 -55.34 6.85 23.46
C SER A 644 -55.28 7.87 22.32
N TYR A 645 -56.36 8.61 22.11
CA TYR A 645 -56.38 9.63 21.05
C TYR A 645 -55.35 10.71 21.31
N THR A 646 -55.27 11.20 22.56
CA THR A 646 -54.30 12.24 22.89
C THR A 646 -52.87 11.73 22.72
N ALA A 647 -52.60 10.51 23.19
CA ALA A 647 -51.26 9.95 23.05
C ALA A 647 -50.88 9.76 21.58
N ASN A 648 -51.82 9.27 20.76
CA ASN A 648 -51.53 9.08 19.34
C ASN A 648 -51.29 10.40 18.65
N LEU A 649 -52.09 11.42 18.97
CA LEU A 649 -51.89 12.74 18.38
C LEU A 649 -50.54 13.32 18.78
N ALA A 650 -50.15 13.14 20.03
CA ALA A 650 -48.86 13.65 20.49
C ALA A 650 -47.70 12.89 19.85
N ALA A 651 -47.85 11.59 19.63
CA ALA A 651 -46.76 10.77 19.10
C ALA A 651 -46.67 10.77 17.59
N PHE A 652 -47.71 11.21 16.89
CA PHE A 652 -47.68 11.24 15.42
C PHE A 652 -47.46 12.65 14.87
N MET A 653 -46.62 13.44 15.51
CA MET A 653 -46.25 14.76 15.00
C MET A 653 -44.75 14.99 15.13
N ILE A 654 -43.97 13.92 15.17
CA ILE A 654 -42.52 14.00 15.24
C ILE A 654 -41.97 13.73 13.84
N GLN A 655 -41.72 14.79 13.09
CA GLN A 655 -41.21 14.67 11.73
C GLN A 655 -39.89 15.42 11.56
N PHE A 658 -40.98 16.65 3.64
CA PHE A 658 -40.82 17.74 2.67
C PHE A 658 -39.40 18.30 2.70
N VAL A 659 -38.53 17.76 1.86
CA VAL A 659 -37.14 18.19 1.79
C VAL A 659 -36.86 18.82 0.44
N ASP A 660 -37.04 18.05 -0.63
CA ASP A 660 -36.79 18.52 -1.99
C ASP A 660 -37.97 18.15 -2.87
N GLN A 661 -38.42 19.11 -3.69
CA GLN A 661 -39.52 18.89 -4.60
C GLN A 661 -39.26 19.37 -6.02
N VAL A 662 -38.16 20.10 -6.26
CA VAL A 662 -37.89 20.62 -7.60
C VAL A 662 -37.55 19.48 -8.55
N THR A 663 -36.82 18.47 -8.06
CA THR A 663 -36.42 17.26 -8.78
C THR A 663 -36.01 17.52 -10.24
N GLY A 664 -35.33 18.62 -10.48
CA GLY A 664 -34.86 18.97 -11.81
C GLY A 664 -35.14 20.42 -12.15
N LEU A 665 -34.52 20.85 -13.25
CA LEU A 665 -34.67 22.21 -13.75
C LEU A 665 -35.82 22.37 -14.74
N SER A 666 -36.46 21.28 -15.15
CA SER A 666 -37.55 21.34 -16.10
C SER A 666 -38.91 21.45 -15.44
N ASP A 667 -38.97 21.49 -14.12
CA ASP A 667 -40.24 21.63 -13.42
C ASP A 667 -40.83 23.02 -13.65
N LYS A 668 -42.16 23.11 -13.56
CA LYS A 668 -42.84 24.37 -13.80
C LYS A 668 -42.54 25.42 -12.73
N LYS A 669 -42.04 25.00 -11.56
CA LYS A 669 -41.74 25.96 -10.50
C LYS A 669 -40.65 26.93 -10.93
N PHE A 670 -39.60 26.43 -11.58
CA PHE A 670 -38.53 27.31 -12.04
C PHE A 670 -39.00 28.25 -13.14
N GLN A 671 -39.82 27.75 -14.07
CA GLN A 671 -40.23 28.52 -15.23
C GLN A 671 -41.48 29.35 -15.00
N ARG A 672 -42.19 29.15 -13.89
CA ARG A 672 -43.41 29.89 -13.58
C ARG A 672 -43.33 30.41 -12.14
N PRO A 673 -42.57 31.49 -11.91
CA PRO A 673 -42.53 32.07 -10.56
C PRO A 673 -43.80 32.82 -10.18
N HIS A 674 -44.68 33.11 -11.15
CA HIS A 674 -45.89 33.86 -10.84
C HIS A 674 -46.94 33.02 -10.13
N ASP A 675 -46.83 31.68 -10.20
CA ASP A 675 -47.81 30.82 -9.55
C ASP A 675 -47.69 30.82 -8.03
N TYR A 676 -46.60 31.36 -7.48
CA TYR A 676 -46.40 31.42 -6.04
C TYR A 676 -46.24 32.88 -5.61
N SER A 677 -46.86 33.21 -4.47
CA SER A 677 -46.77 34.58 -3.96
C SER A 677 -45.33 35.01 -3.67
N PRO A 678 -44.50 34.23 -2.98
CA PRO A 678 -43.10 34.64 -2.82
C PRO A 678 -42.32 34.41 -4.10
N PRO A 679 -41.77 35.47 -4.69
CA PRO A 679 -41.01 35.31 -5.93
C PRO A 679 -39.74 34.47 -5.71
N PHE A 680 -39.40 33.67 -6.71
CA PHE A 680 -38.20 32.85 -6.63
C PHE A 680 -36.96 33.71 -6.86
N ARG A 681 -35.89 33.39 -6.12
CA ARG A 681 -34.63 34.11 -6.20
C ARG A 681 -33.51 33.08 -6.37
N PHE A 682 -33.15 32.81 -7.62
CA PHE A 682 -32.10 31.87 -7.96
C PHE A 682 -30.79 32.63 -8.23
N GLY A 683 -29.68 31.90 -8.15
CA GLY A 683 -28.39 32.51 -8.30
C GLY A 683 -27.38 31.70 -9.09
N THR A 684 -26.66 32.36 -10.01
CA THR A 684 -25.57 31.75 -10.75
C THR A 684 -24.45 32.77 -10.89
N VAL A 685 -23.22 32.26 -11.03
CA VAL A 685 -22.05 33.12 -11.22
C VAL A 685 -21.97 33.51 -12.69
N PRO A 686 -21.99 34.81 -13.00
CA PRO A 686 -21.89 35.22 -14.41
C PRO A 686 -20.50 34.94 -14.98
N ASN A 687 -20.42 35.03 -16.31
CA ASN A 687 -19.19 34.82 -17.05
C ASN A 687 -18.62 33.42 -16.80
N GLY A 688 -19.49 32.44 -16.63
CA GLY A 688 -19.06 31.06 -16.45
C GLY A 688 -19.72 30.12 -17.44
N SER A 689 -19.60 28.81 -17.20
CA SER A 689 -20.24 27.84 -18.07
C SER A 689 -21.73 27.70 -17.82
N THR A 690 -22.22 28.16 -16.67
CA THR A 690 -23.63 28.02 -16.35
C THR A 690 -24.51 28.81 -17.31
N GLU A 691 -24.09 30.05 -17.64
CA GLU A 691 -24.88 30.85 -18.56
C GLU A 691 -24.92 30.23 -19.95
N ARG A 692 -23.78 29.68 -20.41
CA ARG A 692 -23.76 29.01 -21.71
C ARG A 692 -24.64 27.78 -21.69
N ASN A 693 -24.64 27.03 -20.60
CA ASN A 693 -25.48 25.84 -20.50
C ASN A 693 -26.96 26.21 -20.51
N ILE A 694 -27.34 27.29 -19.82
CA ILE A 694 -28.76 27.63 -19.72
C ILE A 694 -29.27 28.39 -20.94
N ARG A 695 -28.39 29.07 -21.69
CA ARG A 695 -28.86 29.78 -22.88
C ARG A 695 -29.35 28.82 -23.95
N ASN A 696 -28.65 27.69 -24.13
CA ASN A 696 -28.98 26.75 -25.19
C ASN A 696 -30.16 25.85 -24.86
N ASN A 697 -30.66 25.88 -23.63
CA ASN A 697 -31.75 24.99 -23.24
C ASN A 697 -32.92 25.76 -22.64
N TYR A 698 -32.64 26.88 -21.97
CA TYR A 698 -33.67 27.68 -21.32
C TYR A 698 -33.50 29.14 -21.73
N PRO A 699 -33.84 29.47 -22.98
CA PRO A 699 -33.73 30.88 -23.41
C PRO A 699 -34.64 31.82 -22.64
N TYR A 700 -35.83 31.36 -22.23
CA TYR A 700 -36.76 32.22 -21.52
C TYR A 700 -36.37 32.42 -20.06
N MET A 701 -35.79 31.39 -19.42
CA MET A 701 -35.45 31.49 -18.02
C MET A 701 -34.30 32.47 -17.78
N HIS A 702 -33.45 32.70 -18.79
CA HIS A 702 -32.31 33.58 -18.62
C HIS A 702 -32.73 35.02 -18.36
N GLN A 703 -33.85 35.46 -18.94
CA GLN A 703 -34.31 36.83 -18.72
C GLN A 703 -34.63 37.08 -17.25
N TYR A 704 -35.31 36.12 -16.60
CA TYR A 704 -35.58 36.25 -15.18
C TYR A 704 -34.34 35.96 -14.34
N MET A 705 -33.43 35.14 -14.85
CA MET A 705 -32.21 34.82 -14.10
C MET A 705 -31.27 36.00 -14.01
N THR A 706 -31.24 36.84 -15.04
CA THR A 706 -30.35 38.00 -15.05
C THR A 706 -30.67 39.00 -13.94
N LYS A 707 -31.87 38.92 -13.36
CA LYS A 707 -32.26 39.85 -12.31
C LYS A 707 -31.52 39.62 -11.00
N PHE A 708 -30.89 38.45 -10.84
CA PHE A 708 -30.18 38.11 -9.61
C PHE A 708 -28.80 37.59 -9.97
N ASN A 709 -27.77 38.42 -9.73
CA ASN A 709 -26.39 38.05 -10.00
C ASN A 709 -25.56 38.23 -8.74
N GLN A 710 -24.54 37.37 -8.59
CA GLN A 710 -23.62 37.44 -7.47
C GLN A 710 -22.20 37.31 -7.98
N LYS A 711 -21.27 37.95 -7.28
CA LYS A 711 -19.87 38.03 -7.72
C LYS A 711 -18.96 37.05 -6.99
N GLY A 712 -19.50 36.18 -6.14
CA GLY A 712 -18.66 35.24 -5.42
C GLY A 712 -19.47 34.13 -4.80
N VAL A 713 -18.79 33.01 -4.56
CA VAL A 713 -19.43 31.87 -3.91
C VAL A 713 -19.73 32.19 -2.45
N GLU A 714 -18.85 32.94 -1.79
CA GLU A 714 -19.09 33.31 -0.39
C GLU A 714 -20.32 34.19 -0.26
N ASP A 715 -20.55 35.07 -1.24
CA ASP A 715 -21.77 35.87 -1.24
C ASP A 715 -23.00 34.99 -1.32
N ALA A 716 -22.97 33.97 -2.18
CA ALA A 716 -24.08 33.03 -2.25
C ALA A 716 -24.27 32.30 -0.94
N LEU A 717 -23.18 31.88 -0.31
CA LEU A 717 -23.27 31.16 0.96
C LEU A 717 -23.90 32.02 2.05
N VAL A 718 -23.46 33.28 2.15
CA VAL A 718 -24.00 34.15 3.19
C VAL A 718 -25.45 34.53 2.88
N SER A 719 -25.80 34.66 1.59
CA SER A 719 -27.19 34.91 1.24
C SER A 719 -28.08 33.73 1.62
N LEU A 720 -27.61 32.51 1.37
CA LEU A 720 -28.37 31.33 1.75
C LEU A 720 -28.50 31.22 3.26
N LYS A 721 -27.43 31.54 3.99
CA LYS A 721 -27.50 31.53 5.45
C LYS A 721 -28.51 32.57 5.95
N THR A 722 -28.50 33.76 5.36
CA THR A 722 -29.47 34.78 5.73
C THR A 722 -30.86 34.49 5.17
N GLY A 723 -30.95 33.71 4.10
CA GLY A 723 -32.21 33.40 3.48
C GLY A 723 -32.63 34.34 2.36
N LYS A 724 -31.72 35.15 1.84
CA LYS A 724 -32.04 36.10 0.79
C LYS A 724 -32.24 35.42 -0.57
N LEU A 725 -31.81 34.18 -0.74
CA LEU A 725 -31.97 33.46 -1.99
C LEU A 725 -32.64 32.13 -1.71
N ASP A 726 -33.69 31.81 -2.48
CA ASP A 726 -34.40 30.54 -2.31
C ASP A 726 -33.53 29.36 -2.72
N ALA A 727 -32.75 29.51 -3.81
CA ALA A 727 -31.90 28.43 -4.28
C ALA A 727 -30.70 29.02 -5.00
N PHE A 728 -29.65 28.21 -5.12
CA PHE A 728 -28.43 28.61 -5.81
C PHE A 728 -27.97 27.47 -6.70
N ILE A 729 -27.36 27.82 -7.83
CA ILE A 729 -26.91 26.86 -8.83
C ILE A 729 -25.42 27.10 -9.10
N TYR A 730 -24.64 26.03 -9.07
CA TYR A 730 -23.20 26.11 -9.33
C TYR A 730 -22.72 24.71 -9.69
N ASP A 731 -21.40 24.53 -9.75
CA ASP A 731 -20.83 23.23 -10.05
C ASP A 731 -21.20 22.22 -8.97
N ALA A 732 -21.44 20.97 -9.38
CA ALA A 732 -21.93 19.97 -8.45
C ALA A 732 -20.93 19.69 -7.34
N ALA A 733 -19.65 19.53 -7.70
CA ALA A 733 -18.64 19.21 -6.70
C ALA A 733 -18.45 20.35 -5.71
N VAL A 734 -18.34 21.58 -6.22
CA VAL A 734 -18.17 22.74 -5.34
C VAL A 734 -19.39 22.93 -4.46
N LEU A 735 -20.59 22.77 -5.03
CA LEU A 735 -21.81 22.92 -4.25
C LEU A 735 -21.89 21.88 -3.14
N ASN A 736 -21.55 20.63 -3.47
CA ASN A 736 -21.58 19.57 -2.46
C ASN A 736 -20.55 19.83 -1.36
N TYR A 737 -19.35 20.30 -1.74
CA TYR A 737 -18.32 20.60 -0.75
C TYR A 737 -18.78 21.73 0.17
N LYS A 738 -19.36 22.79 -0.40
CA LYS A 738 -19.84 23.90 0.41
C LYS A 738 -20.98 23.47 1.33
N ALA A 739 -21.90 22.66 0.83
CA ALA A 739 -22.99 22.17 1.66
C ALA A 739 -22.48 21.30 2.81
N GLY A 740 -21.49 20.45 2.52
CA GLY A 740 -20.93 19.61 3.56
C GLY A 740 -20.21 20.40 4.63
N ARG A 741 -19.42 21.40 4.21
CA ARG A 741 -18.64 22.20 5.15
C ARG A 741 -19.33 23.52 5.50
N ASP A 742 -20.65 23.53 5.59
CA ASP A 742 -21.41 24.70 6.01
C ASP A 742 -21.95 24.45 7.42
N GLU A 743 -21.79 25.44 8.29
CA GLU A 743 -22.26 25.32 9.66
C GLU A 743 -23.79 25.31 9.71
N GLY A 744 -24.34 24.44 10.54
CA GLY A 744 -25.77 24.31 10.70
C GLY A 744 -26.41 23.21 9.88
N CYS A 745 -25.74 22.75 8.83
CA CYS A 745 -26.23 21.68 7.97
C CYS A 745 -27.62 21.99 7.42
N LYS A 746 -27.85 23.26 7.09
CA LYS A 746 -29.12 23.71 6.53
C LYS A 746 -29.10 23.81 5.01
N LEU A 747 -27.99 23.45 4.36
CA LEU A 747 -27.86 23.49 2.91
C LEU A 747 -27.48 22.12 2.40
N VAL A 748 -28.16 21.68 1.34
CA VAL A 748 -27.91 20.35 0.77
C VAL A 748 -28.42 20.38 -0.66
N THR A 749 -27.87 19.49 -1.49
CA THR A 749 -28.27 19.37 -2.89
C THR A 749 -29.60 18.62 -2.96
N ILE A 750 -30.03 18.30 -4.19
CA ILE A 750 -31.30 17.61 -4.39
C ILE A 750 -31.06 16.17 -4.82
N GLY A 751 -30.94 15.27 -3.84
CA GLY A 751 -30.81 13.84 -4.09
C GLY A 751 -29.62 13.52 -4.98
N SER A 752 -29.80 12.47 -5.78
CA SER A 752 -28.79 12.05 -6.75
C SER A 752 -29.49 11.67 -8.05
N GLY A 753 -28.80 11.88 -9.16
CA GLY A 753 -29.34 11.57 -10.46
C GLY A 753 -30.23 12.65 -11.05
N TYR A 754 -30.47 13.74 -10.33
CA TYR A 754 -31.29 14.85 -10.81
C TYR A 754 -30.46 15.95 -11.47
N ILE A 755 -29.16 15.72 -11.64
CA ILE A 755 -28.30 16.73 -12.27
C ILE A 755 -28.75 16.95 -13.71
N PHE A 756 -28.82 18.22 -14.10
CA PHE A 756 -29.24 18.56 -15.46
C PHE A 756 -28.27 18.00 -16.49
N ALA A 757 -27.01 18.47 -16.45
CA ALA A 757 -25.97 18.01 -17.36
C ALA A 757 -24.83 17.46 -16.51
N THR A 758 -24.92 16.19 -16.17
CA THR A 758 -23.90 15.56 -15.33
C THR A 758 -22.72 15.11 -16.16
N THR A 759 -21.52 15.48 -15.73
CA THR A 759 -20.28 15.15 -16.42
C THR A 759 -19.24 14.78 -15.36
N GLY A 760 -17.98 14.69 -15.79
CA GLY A 760 -16.90 14.42 -14.87
C GLY A 760 -15.71 15.34 -15.08
N TYR A 761 -14.57 15.00 -14.47
CA TYR A 761 -13.36 15.77 -14.63
C TYR A 761 -12.31 15.01 -15.43
N GLY A 762 -11.95 13.80 -15.00
CA GLY A 762 -10.97 13.01 -15.72
C GLY A 762 -9.57 13.59 -15.64
N ILE A 763 -8.71 13.07 -16.50
CA ILE A 763 -7.32 13.51 -16.61
C ILE A 763 -7.02 13.76 -18.08
N ALA A 764 -6.45 14.92 -18.39
CA ALA A 764 -6.17 15.29 -19.77
C ALA A 764 -4.88 14.65 -20.25
N LEU A 765 -4.91 14.15 -21.48
CA LEU A 765 -3.72 13.55 -22.09
C LEU A 765 -3.42 14.19 -23.45
N GLN A 766 -2.48 13.61 -24.18
CA GLN A 766 -2.10 14.08 -25.50
C GLN A 766 -2.68 13.17 -26.57
N LYS A 767 -3.01 13.76 -27.72
CA LYS A 767 -3.59 13.00 -28.81
C LYS A 767 -2.57 11.98 -29.34
N GLY A 768 -2.94 10.71 -29.30
CA GLY A 768 -2.05 9.66 -29.74
C GLY A 768 -0.99 9.26 -28.76
N SER A 769 -1.00 9.82 -27.55
CA SER A 769 0.01 9.48 -26.55
C SER A 769 -0.21 8.06 -26.06
N PRO A 770 0.84 7.23 -25.99
CA PRO A 770 0.68 5.83 -25.54
C PRO A 770 0.60 5.71 -24.03
N TRP A 771 -0.37 6.40 -23.43
CA TRP A 771 -0.59 6.35 -21.99
C TRP A 771 -2.04 6.12 -21.59
N LYS A 772 -3.01 6.41 -22.46
CA LYS A 772 -4.41 6.21 -22.10
C LYS A 772 -4.72 4.75 -21.82
N ARG A 773 -4.14 3.85 -22.62
CA ARG A 773 -4.47 2.43 -22.53
C ARG A 773 -4.15 1.85 -21.16
N GLN A 774 -3.16 2.43 -20.46
CA GLN A 774 -2.85 2.00 -19.10
C GLN A 774 -3.45 2.92 -18.04
N ILE A 775 -3.60 4.22 -18.33
CA ILE A 775 -4.18 5.14 -17.35
C ILE A 775 -5.63 4.77 -17.06
N ASP A 776 -6.41 4.49 -18.11
CA ASP A 776 -7.81 4.14 -17.89
C ASP A 776 -7.93 2.84 -17.09
N LEU A 777 -7.10 1.85 -17.41
CA LEU A 777 -7.13 0.59 -16.68
C LEU A 777 -6.75 0.79 -15.22
N ALA A 778 -5.73 1.61 -14.96
CA ALA A 778 -5.34 1.88 -13.58
C ALA A 778 -6.44 2.59 -12.81
N LEU A 779 -7.09 3.58 -13.44
CA LEU A 779 -8.19 4.28 -12.79
C LEU A 779 -9.35 3.34 -12.49
N LEU A 780 -9.69 2.47 -13.44
CA LEU A 780 -10.77 1.51 -13.20
C LEU A 780 -10.42 0.52 -12.11
N GLN A 781 -9.17 0.05 -12.07
CA GLN A 781 -8.74 -0.85 -11.01
C GLN A 781 -8.82 -0.16 -9.65
N PHE A 782 -8.40 1.11 -9.57
CA PHE A 782 -8.47 1.84 -8.31
C PHE A 782 -9.91 2.05 -7.86
N VAL A 783 -10.80 2.36 -8.81
CA VAL A 783 -12.19 2.61 -8.44
C VAL A 783 -12.94 1.31 -8.16
N GLY A 784 -12.44 0.17 -8.63
CA GLY A 784 -13.08 -1.10 -8.36
C GLY A 784 -12.61 -1.75 -7.08
N ASP A 785 -11.31 -1.63 -6.78
CA ASP A 785 -10.77 -2.20 -5.56
C ASP A 785 -11.24 -1.48 -4.30
N GLY A 786 -11.83 -0.29 -4.44
CA GLY A 786 -12.31 0.44 -3.28
C GLY A 786 -11.22 1.26 -2.62
N GLU A 787 -10.44 1.99 -3.41
CA GLU A 787 -9.37 2.82 -2.91
C GLU A 787 -9.76 4.30 -2.82
N MET A 788 -11.04 4.62 -3.02
CA MET A 788 -11.51 5.99 -2.95
C MET A 788 -12.30 6.30 -1.67
N GLU A 789 -12.72 5.27 -0.93
CA GLU A 789 -13.50 5.52 0.29
C GLU A 789 -12.68 6.26 1.34
N GLU A 790 -11.41 5.85 1.52
CA GLU A 790 -10.57 6.52 2.51
C GLU A 790 -10.32 7.97 2.14
N LEU A 791 -10.13 8.24 0.84
CA LEU A 791 -9.97 9.62 0.39
C LEU A 791 -11.25 10.43 0.61
N GLU A 792 -12.41 9.83 0.31
CA GLU A 792 -13.67 10.54 0.48
C GLU A 792 -13.98 10.82 1.94
N THR A 793 -13.58 9.92 2.85
CA THR A 793 -13.94 10.09 4.26
C THR A 793 -13.31 11.34 4.85
N CYS A 794 -12.04 11.60 4.56
CA CYS A 794 -11.33 12.70 5.21
C CYS A 794 -10.80 13.74 4.23
N TRP A 795 -11.29 13.75 2.98
CA TRP A 795 -10.92 14.78 2.02
C TRP A 795 -12.10 15.69 1.67
N LEU A 796 -13.21 15.12 1.22
CA LEU A 796 -14.44 15.89 0.96
C LEU A 796 -15.59 15.18 1.65
N THR A 797 -15.80 15.50 2.92
CA THR A 797 -16.94 14.98 3.68
C THR A 797 -17.13 15.87 4.91
N GLY A 798 -18.06 16.82 4.81
CA GLY A 798 -18.29 17.71 5.93
C GLY A 798 -19.10 17.07 7.04
N ILE A 799 -20.34 16.72 6.73
CA ILE A 799 -21.23 16.06 7.70
C ILE A 799 -21.80 14.81 7.05
N CYS A 800 -22.46 14.97 5.90
CA CYS A 800 -23.06 13.90 5.11
C CYS A 800 -24.19 13.18 5.83
N HIS A 801 -24.63 13.68 6.98
CA HIS A 801 -25.71 13.05 7.73
C HIS A 801 -26.65 14.13 8.23
N ASN A 802 -27.92 14.04 7.85
CA ASN A 802 -28.92 15.00 8.28
C ASN A 802 -30.28 14.33 8.34
N GLU A 803 -31.18 14.94 9.09
CA GLU A 803 -32.54 14.41 9.25
C GLU A 803 -33.52 15.52 9.62
N VAL A 807 -37.36 15.07 14.35
CA VAL A 807 -36.53 16.13 14.90
C VAL A 807 -37.20 17.49 14.66
N MET A 808 -38.52 17.49 14.64
CA MET A 808 -39.30 18.70 14.44
C MET A 808 -40.33 18.84 15.55
N SER A 809 -40.63 20.09 15.90
CA SER A 809 -41.61 20.41 16.93
C SER A 809 -42.83 21.12 16.36
N SER A 810 -42.62 22.24 15.67
CA SER A 810 -43.68 22.98 15.00
C SER A 810 -44.77 23.43 15.97
N GLN A 811 -45.89 23.89 15.43
CA GLN A 811 -47.01 24.38 16.23
C GLN A 811 -48.29 24.22 15.39
N LEU A 812 -49.34 24.94 15.79
CA LEU A 812 -50.62 24.87 15.07
C LEU A 812 -50.45 25.54 13.72
N ASP A 813 -50.38 24.74 12.66
CA ASP A 813 -50.15 25.24 11.31
C ASP A 813 -51.46 25.75 10.72
N ILE A 814 -51.45 26.05 9.42
CA ILE A 814 -52.62 26.60 8.76
C ILE A 814 -53.76 25.58 8.72
N ASP A 815 -53.40 24.29 8.66
CA ASP A 815 -54.42 23.25 8.58
C ASP A 815 -55.31 23.24 9.82
N ASN A 816 -54.77 23.64 10.98
CA ASN A 816 -55.62 23.79 12.16
C ASN A 816 -56.65 24.90 11.96
N MET A 817 -56.23 26.01 11.33
CA MET A 817 -57.19 27.06 10.99
C MET A 817 -58.22 26.55 9.99
N ALA A 818 -57.79 25.72 9.04
CA ALA A 818 -58.74 25.13 8.10
C ALA A 818 -59.77 24.27 8.82
N GLY A 819 -59.32 23.47 9.79
CA GLY A 819 -60.25 22.64 10.53
C GLY A 819 -61.21 23.44 11.40
N VAL A 820 -60.71 24.48 12.06
CA VAL A 820 -61.59 25.30 12.89
C VAL A 820 -62.58 26.05 12.02
N PHE A 821 -62.15 26.51 10.83
CA PHE A 821 -63.09 27.14 9.90
C PHE A 821 -64.14 26.15 9.43
N TYR A 822 -63.74 24.90 9.16
CA TYR A 822 -64.69 23.89 8.73
C TYR A 822 -65.73 23.62 9.81
N MET A 823 -65.29 23.48 11.06
CA MET A 823 -66.25 23.21 12.13
C MET A 823 -67.15 24.42 12.39
N LEU A 824 -66.60 25.63 12.29
CA LEU A 824 -67.44 26.83 12.43
C LEU A 824 -68.47 26.90 11.33
N ALA A 825 -68.08 26.57 10.09
CA ALA A 825 -69.03 26.57 8.98
C ALA A 825 -70.12 25.52 9.19
N ALA A 826 -69.74 24.34 9.69
CA ALA A 826 -70.72 23.31 9.97
C ALA A 826 -71.70 23.77 11.05
N ALA A 827 -71.18 24.42 12.11
CA ALA A 827 -72.06 24.94 13.15
C ALA A 827 -73.00 26.00 12.61
N MET A 828 -72.49 26.90 11.76
CA MET A 828 -73.33 27.92 11.17
C MET A 828 -74.42 27.31 10.30
N ALA A 829 -74.06 26.29 9.51
CA ALA A 829 -75.04 25.62 8.66
C ALA A 829 -76.13 24.95 9.50
N LEU A 830 -75.72 24.28 10.59
CA LEU A 830 -76.71 23.65 11.47
C LEU A 830 -77.62 24.69 12.11
N SER A 831 -77.05 25.82 12.54
CA SER A 831 -77.86 26.87 13.13
C SER A 831 -78.85 27.43 12.11
N LEU A 832 -78.41 27.64 10.88
CA LEU A 832 -79.30 28.14 9.84
C LEU A 832 -80.41 27.14 9.53
N ILE A 833 -80.08 25.84 9.49
CA ILE A 833 -81.10 24.83 9.26
C ILE A 833 -82.13 24.82 10.39
N THR A 834 -81.65 24.89 11.64
CA THR A 834 -82.59 24.92 12.77
C THR A 834 -83.46 26.17 12.73
N PHE A 835 -82.88 27.31 12.35
CA PHE A 835 -83.66 28.55 12.25
C PHE A 835 -84.72 28.44 11.17
N ILE A 836 -84.37 27.86 10.01
CA ILE A 836 -85.33 27.74 8.92
C ILE A 836 -86.33 26.63 9.14
N TRP A 837 -86.09 25.72 10.08
CA TRP A 837 -87.05 24.68 10.41
C TRP A 837 -88.34 25.28 10.95
N LYS B 25 48.85 -28.88 -48.96
CA LYS B 25 47.73 -27.94 -48.85
C LYS B 25 46.83 -28.06 -50.08
N ILE B 26 46.16 -29.21 -50.20
CA ILE B 26 45.25 -29.48 -51.30
C ILE B 26 43.89 -29.84 -50.73
N VAL B 27 42.85 -29.18 -51.20
CA VAL B 27 41.47 -29.40 -50.77
C VAL B 27 40.66 -29.82 -51.97
N ASN B 28 39.96 -30.95 -51.86
CA ASN B 28 39.11 -31.47 -52.93
C ASN B 28 37.65 -31.33 -52.52
N ILE B 29 36.84 -30.77 -53.41
CA ILE B 29 35.41 -30.58 -53.18
C ILE B 29 34.64 -31.28 -54.29
N GLY B 30 33.69 -32.14 -53.90
CA GLY B 30 32.86 -32.80 -54.88
C GLY B 30 31.72 -31.92 -55.36
N ALA B 31 31.20 -32.26 -56.54
CA ALA B 31 30.12 -31.51 -57.15
C ALA B 31 29.08 -32.46 -57.72
N VAL B 32 27.81 -32.09 -57.58
CA VAL B 32 26.69 -32.85 -58.13
C VAL B 32 26.01 -31.97 -59.17
N LEU B 33 26.01 -32.42 -60.43
CA LEU B 33 25.49 -31.63 -61.53
C LEU B 33 24.66 -32.53 -62.45
N SER B 34 23.76 -31.90 -63.20
CA SER B 34 22.77 -32.65 -63.98
C SER B 34 23.39 -33.28 -65.22
N THR B 35 23.89 -32.47 -66.14
CA THR B 35 24.36 -32.95 -67.44
C THR B 35 25.88 -32.79 -67.54
N ARG B 36 26.44 -33.52 -68.51
CA ARG B 36 27.90 -33.57 -68.66
C ARG B 36 28.47 -32.21 -69.07
N LYS B 37 27.78 -31.51 -69.98
CA LYS B 37 28.27 -30.21 -70.41
C LYS B 37 28.30 -29.21 -69.26
N HIS B 38 27.28 -29.26 -68.39
CA HIS B 38 27.31 -28.46 -67.18
C HIS B 38 28.50 -28.82 -66.30
N GLU B 39 28.79 -30.12 -66.17
CA GLU B 39 29.93 -30.55 -65.38
C GLU B 39 31.23 -29.98 -65.92
N GLN B 40 31.43 -30.07 -67.24
CA GLN B 40 32.66 -29.56 -67.84
C GLN B 40 32.76 -28.04 -67.70
N MET B 41 31.67 -27.33 -67.96
CA MET B 41 31.73 -25.87 -67.90
C MET B 41 31.94 -25.38 -66.47
N PHE B 42 31.33 -26.05 -65.48
CA PHE B 42 31.53 -25.66 -64.10
C PHE B 42 32.92 -26.05 -63.61
N ARG B 43 33.48 -27.16 -64.09
CA ARG B 43 34.86 -27.48 -63.78
C ARG B 43 35.81 -26.43 -64.33
N GLU B 44 35.57 -25.99 -65.56
CA GLU B 44 36.38 -24.90 -66.11
C GLU B 44 36.21 -23.62 -65.32
N ALA B 45 34.98 -23.33 -64.89
CA ALA B 45 34.71 -22.12 -64.12
C ALA B 45 35.45 -22.15 -62.78
N VAL B 46 35.42 -23.28 -62.08
CA VAL B 46 36.11 -23.35 -60.79
C VAL B 46 37.62 -23.35 -60.99
N ASN B 47 38.13 -23.95 -62.06
CA ASN B 47 39.55 -23.87 -62.34
C ASN B 47 39.98 -22.43 -62.61
N GLN B 48 39.16 -21.67 -63.34
CA GLN B 48 39.47 -20.26 -63.55
C GLN B 48 39.38 -19.47 -62.24
N ALA B 49 38.38 -19.75 -61.42
CA ALA B 49 38.23 -19.06 -60.14
C ALA B 49 39.36 -19.38 -59.19
N ASN B 50 40.03 -20.53 -59.37
CA ASN B 50 41.21 -20.84 -58.57
C ASN B 50 42.34 -19.84 -58.82
N LYS B 51 42.28 -19.07 -59.90
CA LYS B 51 43.27 -18.05 -60.19
C LYS B 51 42.72 -16.64 -60.18
N ARG B 52 41.41 -16.47 -59.99
CA ARG B 52 40.82 -15.15 -59.97
C ARG B 52 41.17 -14.42 -58.68
N HIS B 53 41.39 -13.12 -58.79
CA HIS B 53 41.67 -12.22 -57.66
C HIS B 53 42.93 -12.74 -56.95
N GLY B 54 42.94 -12.78 -55.62
CA GLY B 54 44.09 -13.27 -54.88
C GLY B 54 43.93 -14.75 -54.58
N SER B 55 44.98 -15.51 -54.83
CA SER B 55 44.94 -16.95 -54.65
C SER B 55 46.36 -17.47 -54.48
N TRP B 56 46.45 -18.72 -54.00
CA TRP B 56 47.73 -19.38 -53.76
C TRP B 56 47.97 -20.44 -54.84
N LYS B 57 49.09 -21.15 -54.70
CA LYS B 57 49.48 -22.13 -55.71
C LYS B 57 48.51 -23.31 -55.76
N ILE B 58 48.22 -23.91 -54.61
CA ILE B 58 47.34 -25.07 -54.53
C ILE B 58 46.25 -24.74 -53.52
N GLN B 59 45.01 -24.65 -54.00
CA GLN B 59 43.88 -24.33 -53.14
C GLN B 59 42.70 -25.29 -53.29
N LEU B 60 42.43 -25.76 -54.51
CA LEU B 60 41.23 -26.53 -54.79
C LEU B 60 41.55 -27.65 -55.76
N ASN B 61 40.77 -28.73 -55.67
CA ASN B 61 40.84 -29.86 -56.60
C ASN B 61 39.47 -30.03 -57.22
N ALA B 62 39.43 -30.17 -58.54
CA ALA B 62 38.17 -30.20 -59.28
C ALA B 62 37.67 -31.64 -59.39
N THR B 63 36.52 -31.92 -58.76
CA THR B 63 35.84 -33.20 -58.87
C THR B 63 34.34 -32.95 -58.98
N SER B 64 33.66 -33.82 -59.70
CA SER B 64 32.22 -33.66 -59.91
C SER B 64 31.59 -35.03 -60.12
N VAL B 65 30.28 -35.11 -59.85
CA VAL B 65 29.50 -36.30 -60.07
C VAL B 65 28.17 -35.91 -60.71
N THR B 66 27.53 -36.89 -61.34
CA THR B 66 26.27 -36.65 -62.04
C THR B 66 25.09 -36.71 -61.07
N HIS B 67 24.00 -36.05 -61.46
CA HIS B 67 22.77 -36.08 -60.69
C HIS B 67 22.01 -37.36 -61.01
N LYS B 68 22.08 -38.34 -60.12
CA LYS B 68 21.41 -39.61 -60.33
C LYS B 68 20.02 -39.56 -59.70
N PRO B 69 18.96 -39.77 -60.48
CA PRO B 69 17.60 -39.77 -59.89
C PRO B 69 17.40 -40.84 -58.83
N ASN B 70 18.08 -41.98 -58.94
CA ASN B 70 17.91 -43.05 -57.97
C ASN B 70 18.59 -42.68 -56.66
N ALA B 71 17.84 -42.78 -55.56
CA ALA B 71 18.34 -42.33 -54.27
C ALA B 71 19.51 -43.19 -53.80
N ILE B 72 19.38 -44.51 -53.89
CA ILE B 72 20.45 -45.40 -53.43
C ILE B 72 21.71 -45.20 -54.29
N GLN B 73 21.53 -45.11 -55.61
CA GLN B 73 22.68 -44.93 -56.49
C GLN B 73 23.38 -43.60 -56.22
N MET B 74 22.62 -42.52 -56.03
CA MET B 74 23.24 -41.22 -55.79
C MET B 74 23.92 -41.19 -54.42
N ALA B 75 23.33 -41.85 -53.42
CA ALA B 75 23.98 -41.92 -52.10
C ALA B 75 25.29 -42.70 -52.19
N LEU B 76 25.28 -43.83 -52.91
CA LEU B 76 26.51 -44.61 -53.07
C LEU B 76 27.57 -43.80 -53.81
N SER B 77 27.16 -43.07 -54.86
CA SER B 77 28.12 -42.25 -55.59
C SER B 77 28.70 -41.16 -54.69
N VAL B 78 27.85 -40.51 -53.89
CA VAL B 78 28.33 -39.47 -52.99
C VAL B 78 29.34 -40.05 -51.99
N CYS B 79 29.00 -41.20 -51.40
CA CYS B 79 29.92 -41.81 -50.43
C CYS B 79 31.25 -42.19 -51.08
N GLU B 80 31.19 -42.75 -52.29
CA GLU B 80 32.41 -43.23 -52.94
C GLU B 80 33.21 -42.12 -53.61
N ASP B 81 32.64 -40.92 -53.77
CA ASP B 81 33.34 -39.82 -54.43
C ASP B 81 33.76 -38.69 -53.50
N LEU B 82 32.89 -38.24 -52.60
CA LEU B 82 33.18 -37.09 -51.76
C LEU B 82 33.76 -37.47 -50.41
N ILE B 83 33.13 -38.42 -49.71
CA ILE B 83 33.60 -38.81 -48.38
C ILE B 83 35.01 -39.37 -48.45
N SER B 84 35.28 -40.19 -49.46
CA SER B 84 36.59 -40.79 -49.65
C SER B 84 37.59 -39.85 -50.32
N SER B 85 37.31 -38.54 -50.38
CA SER B 85 38.20 -37.58 -51.02
C SER B 85 38.44 -36.35 -50.15
N GLN B 86 38.08 -36.41 -48.87
CA GLN B 86 38.35 -35.34 -47.90
C GLN B 86 37.72 -34.02 -48.35
N VAL B 87 36.39 -34.01 -48.43
CA VAL B 87 35.65 -32.85 -48.88
C VAL B 87 35.18 -32.04 -47.68
N TYR B 88 34.99 -30.74 -47.91
CA TYR B 88 34.46 -29.83 -46.90
C TYR B 88 33.09 -29.28 -47.26
N ALA B 89 32.63 -29.46 -48.49
CA ALA B 89 31.34 -28.94 -48.93
C ALA B 89 30.82 -29.78 -50.08
N ILE B 90 29.52 -29.66 -50.35
CA ILE B 90 28.86 -30.39 -51.41
C ILE B 90 28.31 -29.36 -52.40
N LEU B 91 28.69 -29.51 -53.68
CA LEU B 91 28.24 -28.61 -54.74
C LEU B 91 27.12 -29.31 -55.50
N VAL B 92 25.93 -29.30 -54.90
CA VAL B 92 24.74 -29.90 -55.48
C VAL B 92 23.90 -28.81 -56.13
N SER B 93 23.53 -29.01 -57.38
CA SER B 93 22.77 -28.03 -58.15
C SER B 93 21.28 -28.35 -58.09
N HIS B 94 20.49 -27.45 -58.68
CA HIS B 94 19.05 -27.60 -58.69
C HIS B 94 18.65 -28.75 -59.63
N PRO B 95 17.55 -29.43 -59.34
CA PRO B 95 17.04 -30.47 -60.24
C PRO B 95 16.80 -29.92 -61.63
N PRO B 96 17.11 -30.69 -62.67
CA PRO B 96 16.87 -30.20 -64.05
C PRO B 96 15.41 -29.92 -64.35
N THR B 97 14.48 -30.66 -63.75
CA THR B 97 13.06 -30.49 -64.04
C THR B 97 12.39 -29.77 -62.88
N PRO B 98 11.96 -28.52 -63.07
CA PRO B 98 11.26 -27.82 -61.98
C PRO B 98 9.94 -28.46 -61.59
N ASN B 99 9.30 -29.20 -62.49
CA ASN B 99 8.02 -29.83 -62.18
C ASN B 99 8.17 -30.85 -61.05
N ASP B 100 9.20 -31.68 -61.13
CA ASP B 100 9.48 -32.63 -60.05
C ASP B 100 10.19 -31.92 -58.90
N HIS B 101 9.95 -32.42 -57.69
CA HIS B 101 10.56 -31.80 -56.52
C HIS B 101 12.06 -32.07 -56.47
N PHE B 102 12.44 -33.34 -56.34
CA PHE B 102 13.85 -33.77 -56.30
C PHE B 102 14.65 -32.92 -55.31
N THR B 103 14.09 -32.73 -54.13
CA THR B 103 14.70 -31.85 -53.14
C THR B 103 16.04 -32.41 -52.68
N PRO B 104 17.06 -31.55 -52.49
CA PRO B 104 18.38 -31.99 -52.02
C PRO B 104 18.40 -32.32 -50.54
N THR B 105 17.49 -33.19 -50.11
CA THR B 105 17.36 -33.62 -48.72
C THR B 105 18.38 -34.69 -48.35
N PRO B 106 18.54 -35.77 -49.13
CA PRO B 106 19.51 -36.81 -48.71
C PRO B 106 20.93 -36.31 -48.58
N VAL B 107 21.37 -35.41 -49.46
CA VAL B 107 22.73 -34.88 -49.36
C VAL B 107 22.91 -34.09 -48.07
N SER B 108 21.94 -33.25 -47.73
CA SER B 108 22.02 -32.49 -46.48
C SER B 108 21.99 -33.42 -45.28
N TYR B 109 21.14 -34.45 -45.31
CA TYR B 109 21.08 -35.38 -44.19
C TYR B 109 22.39 -36.13 -44.01
N THR B 110 23.00 -36.57 -45.11
CA THR B 110 24.29 -37.24 -45.03
C THR B 110 25.38 -36.28 -44.53
N ALA B 111 25.35 -35.03 -44.98
CA ALA B 111 26.32 -34.05 -44.51
C ALA B 111 26.08 -33.63 -43.07
N GLY B 112 24.91 -33.91 -42.52
CA GLY B 112 24.61 -33.53 -41.15
C GLY B 112 25.31 -34.37 -40.10
N PHE B 113 25.88 -35.51 -40.49
CA PHE B 113 26.64 -36.32 -39.53
C PHE B 113 27.85 -35.57 -39.00
N TYR B 114 28.57 -34.89 -39.89
CA TYR B 114 29.75 -34.13 -39.53
C TYR B 114 29.54 -32.62 -39.70
N ARG B 115 28.28 -32.18 -39.77
CA ARG B 115 27.94 -30.76 -39.95
C ARG B 115 28.63 -30.16 -41.17
N ILE B 116 28.66 -30.93 -42.27
CA ILE B 116 29.31 -30.49 -43.49
C ILE B 116 28.40 -29.49 -44.20
N PRO B 117 28.87 -28.28 -44.49
CA PRO B 117 28.04 -27.32 -45.23
C PRO B 117 27.78 -27.79 -46.65
N VAL B 118 26.62 -27.40 -47.18
CA VAL B 118 26.21 -27.73 -48.53
C VAL B 118 25.88 -26.44 -49.27
N LEU B 119 25.68 -26.57 -50.58
CA LEU B 119 25.39 -25.43 -51.45
C LEU B 119 24.02 -25.62 -52.08
N GLY B 120 23.17 -24.60 -51.95
CA GLY B 120 21.86 -24.60 -52.58
C GLY B 120 21.83 -23.60 -53.71
N LEU B 121 21.42 -24.08 -54.89
CA LEU B 121 21.38 -23.23 -56.08
C LEU B 121 20.13 -22.37 -56.11
N THR B 122 18.96 -23.01 -56.22
CA THR B 122 17.70 -22.28 -56.24
C THR B 122 16.62 -22.93 -55.39
N THR B 123 17.01 -23.73 -54.39
CA THR B 123 16.05 -24.38 -53.50
C THR B 123 15.44 -23.31 -52.61
N ARG B 124 14.22 -22.89 -52.94
CA ARG B 124 13.55 -21.78 -52.26
C ARG B 124 12.57 -22.23 -51.19
N MET B 125 12.41 -23.54 -50.99
CA MET B 125 11.49 -24.04 -49.98
C MET B 125 11.96 -23.67 -48.59
N SER B 126 11.00 -23.47 -47.69
CA SER B 126 11.28 -23.06 -46.32
C SER B 126 11.61 -24.22 -45.40
N ILE B 127 11.59 -25.45 -45.91
CA ILE B 127 11.94 -26.61 -45.07
C ILE B 127 13.38 -26.52 -44.62
N TYR B 128 14.29 -26.15 -45.53
CA TYR B 128 15.70 -26.04 -45.21
C TYR B 128 16.06 -24.79 -44.41
N SER B 129 15.11 -23.85 -44.27
CA SER B 129 15.40 -22.62 -43.53
C SER B 129 15.72 -22.91 -42.07
N ASP B 130 14.95 -23.79 -41.44
CA ASP B 130 15.18 -24.12 -40.03
C ASP B 130 16.38 -25.05 -39.89
N LYS B 131 17.18 -24.80 -38.85
CA LYS B 131 18.35 -25.61 -38.58
C LYS B 131 18.04 -26.84 -37.74
N SER B 132 16.82 -26.95 -37.20
CA SER B 132 16.46 -28.13 -36.43
C SER B 132 16.34 -29.37 -37.33
N ILE B 133 15.86 -29.19 -38.55
CA ILE B 133 15.71 -30.31 -39.48
C ILE B 133 17.00 -30.56 -40.25
N HIS B 134 17.59 -29.51 -40.81
CA HIS B 134 18.86 -29.59 -41.53
C HIS B 134 19.91 -28.84 -40.73
N LEU B 135 20.89 -29.58 -40.19
CA LEU B 135 21.86 -28.97 -39.29
C LEU B 135 22.70 -27.91 -39.98
N SER B 136 23.14 -28.17 -41.21
CA SER B 136 24.01 -27.25 -41.94
C SER B 136 23.57 -27.21 -43.40
N PHE B 137 22.74 -26.22 -43.73
CA PHE B 137 22.30 -25.99 -45.11
C PHE B 137 22.56 -24.54 -45.48
N LEU B 138 23.25 -24.34 -46.60
CA LEU B 138 23.57 -23.00 -47.09
C LEU B 138 23.10 -22.89 -48.53
N ARG B 139 22.32 -21.84 -48.83
CA ARG B 139 21.80 -21.61 -50.17
C ARG B 139 21.99 -20.15 -50.55
N THR B 140 22.13 -19.92 -51.85
CA THR B 140 22.31 -18.57 -52.38
C THR B 140 20.99 -17.93 -52.81
N VAL B 141 19.87 -18.59 -52.59
CA VAL B 141 18.55 -18.10 -52.98
C VAL B 141 17.83 -17.65 -51.72
N PRO B 142 17.21 -16.46 -51.70
CA PRO B 142 16.49 -16.03 -50.52
C PRO B 142 15.29 -16.93 -50.27
N PRO B 143 14.91 -17.14 -49.00
CA PRO B 143 13.75 -17.99 -48.71
C PRO B 143 12.44 -17.35 -49.09
N TYR B 144 11.34 -18.11 -48.97
CA TYR B 144 10.01 -17.56 -49.21
C TYR B 144 9.58 -16.55 -48.16
N SER B 145 10.31 -16.45 -47.05
CA SER B 145 9.96 -15.47 -46.02
C SER B 145 10.12 -14.04 -46.51
N HIS B 146 11.00 -13.82 -47.50
CA HIS B 146 11.18 -12.48 -48.05
C HIS B 146 9.95 -11.99 -48.79
N GLN B 147 9.05 -12.89 -49.19
CA GLN B 147 7.78 -12.46 -49.77
C GLN B 147 6.98 -11.64 -48.76
N SER B 148 7.01 -12.06 -47.49
CA SER B 148 6.33 -11.31 -46.45
C SER B 148 6.93 -9.91 -46.30
N SER B 149 8.26 -9.81 -46.37
CA SER B 149 8.90 -8.50 -46.30
C SER B 149 8.50 -7.63 -47.50
N VAL B 150 8.40 -8.24 -48.68
CA VAL B 150 7.97 -7.50 -49.86
C VAL B 150 6.55 -6.99 -49.69
N TRP B 151 5.65 -7.84 -49.18
CA TRP B 151 4.28 -7.40 -48.94
C TRP B 151 4.23 -6.27 -47.92
N PHE B 152 5.02 -6.39 -46.85
CA PHE B 152 5.05 -5.35 -45.83
C PHE B 152 5.55 -4.02 -46.40
N GLU B 153 6.60 -4.08 -47.23
CA GLU B 153 7.12 -2.85 -47.83
C GLU B 153 6.10 -2.23 -48.78
N MET B 154 5.40 -3.06 -49.56
CA MET B 154 4.38 -2.54 -50.46
C MET B 154 3.24 -1.89 -49.69
N MET B 155 2.82 -2.52 -48.58
CA MET B 155 1.77 -1.92 -47.76
C MET B 155 2.25 -0.60 -47.13
N ARG B 156 3.52 -0.57 -46.71
CA ARG B 156 4.07 0.65 -46.11
C ARG B 156 4.12 1.79 -47.12
N VAL B 157 4.52 1.49 -48.37
CA VAL B 157 4.63 2.54 -49.39
C VAL B 157 3.29 2.87 -50.04
N TYR B 158 2.27 2.03 -49.89
CA TYR B 158 0.96 2.29 -50.46
C TYR B 158 -0.11 2.50 -49.41
N SER B 159 0.28 2.62 -48.13
CA SER B 159 -0.63 2.92 -47.02
C SER B 159 -1.75 1.87 -46.91
N TRP B 160 -1.35 0.64 -46.63
CA TRP B 160 -2.26 -0.46 -46.36
C TRP B 160 -2.08 -0.92 -44.92
N ASN B 161 -3.18 -1.02 -44.18
CA ASN B 161 -3.14 -1.42 -42.79
C ASN B 161 -3.88 -2.73 -42.53
N HIS B 162 -5.14 -2.83 -42.97
CA HIS B 162 -5.94 -4.03 -42.77
C HIS B 162 -5.75 -4.96 -43.97
N ILE B 163 -5.15 -6.12 -43.72
CA ILE B 163 -4.85 -7.09 -44.78
C ILE B 163 -5.23 -8.48 -44.29
N ILE B 164 -5.91 -9.25 -45.15
CA ILE B 164 -6.23 -10.62 -44.86
C ILE B 164 -5.22 -11.52 -45.57
N LEU B 165 -5.06 -12.74 -45.06
CA LEU B 165 -4.06 -13.67 -45.57
C LEU B 165 -4.71 -15.00 -45.88
N LEU B 166 -4.30 -15.60 -47.00
CA LEU B 166 -4.78 -16.91 -47.44
C LEU B 166 -3.57 -17.84 -47.53
N VAL B 167 -3.44 -18.73 -46.55
CA VAL B 167 -2.30 -19.64 -46.45
C VAL B 167 -2.81 -21.05 -46.28
N SER B 168 -2.31 -21.97 -47.12
CA SER B 168 -2.69 -23.37 -47.04
C SER B 168 -1.92 -24.06 -45.91
N ASP B 169 -2.39 -25.26 -45.55
CA ASP B 169 -1.80 -26.03 -44.46
C ASP B 169 -0.49 -26.65 -44.95
N ASP B 170 0.55 -25.83 -44.97
CA ASP B 170 1.89 -26.25 -45.35
C ASP B 170 2.89 -25.63 -44.38
N HIS B 171 4.04 -26.30 -44.23
CA HIS B 171 5.08 -25.77 -43.36
C HIS B 171 5.61 -24.43 -43.85
N GLU B 172 5.83 -24.32 -45.16
CA GLU B 172 6.29 -23.05 -45.73
C GLU B 172 5.25 -21.95 -45.54
N GLY B 173 3.97 -22.29 -45.74
CA GLY B 173 2.91 -21.31 -45.54
C GLY B 173 2.82 -20.85 -44.10
N ARG B 174 2.94 -21.79 -43.14
CA ARG B 174 2.92 -21.42 -41.74
C ARG B 174 4.12 -20.54 -41.37
N ALA B 175 5.30 -20.87 -41.93
CA ALA B 175 6.48 -20.04 -41.68
C ALA B 175 6.29 -18.63 -42.23
N ALA B 176 5.71 -18.52 -43.43
CA ALA B 176 5.45 -17.20 -44.01
C ALA B 176 4.43 -16.43 -43.17
N GLN B 177 3.39 -17.11 -42.69
CA GLN B 177 2.41 -16.45 -41.85
C GLN B 177 3.03 -15.95 -40.54
N LYS B 178 3.88 -16.77 -39.92
CA LYS B 178 4.55 -16.35 -38.70
C LYS B 178 5.48 -15.17 -38.96
N ARG B 179 6.19 -15.18 -40.09
CA ARG B 179 7.05 -14.05 -40.45
C ARG B 179 6.23 -12.79 -40.65
N LEU B 180 5.09 -12.90 -41.33
CA LEU B 180 4.23 -11.73 -41.52
C LEU B 180 3.71 -11.20 -40.19
N GLU B 181 3.30 -12.09 -39.29
CA GLU B 181 2.80 -11.65 -38.00
C GLU B 181 3.89 -10.95 -37.19
N THR B 182 5.09 -11.53 -37.16
CA THR B 182 6.17 -10.94 -36.36
C THR B 182 6.75 -9.69 -37.02
N LEU B 183 6.54 -9.49 -38.32
CA LEU B 183 6.97 -8.27 -38.98
C LEU B 183 5.93 -7.16 -38.89
N LEU B 184 4.64 -7.52 -38.77
CA LEU B 184 3.59 -6.52 -38.67
C LEU B 184 3.27 -6.14 -37.22
N GLU B 185 3.60 -6.99 -36.25
CA GLU B 185 3.28 -6.69 -34.86
C GLU B 185 4.09 -5.52 -34.33
N GLU B 186 5.25 -5.24 -34.91
CA GLU B 186 6.12 -4.17 -34.40
C GLU B 186 5.54 -2.79 -34.67
N ARG B 187 4.57 -2.67 -35.57
CA ARG B 187 3.90 -1.40 -35.85
C ARG B 187 2.53 -1.31 -35.19
N GLU B 188 2.26 -2.16 -34.20
CA GLU B 188 0.98 -2.19 -33.48
C GLU B 188 -0.19 -2.41 -34.44
N SER B 189 0.04 -3.21 -35.48
CA SER B 189 -1.00 -3.54 -36.46
C SER B 189 -1.16 -5.06 -36.53
N LYS B 190 -2.41 -5.52 -36.56
CA LYS B 190 -2.72 -6.94 -36.60
C LYS B 190 -3.67 -7.22 -37.76
N ALA B 191 -3.45 -8.33 -38.44
CA ALA B 191 -4.33 -8.75 -39.52
C ALA B 191 -5.70 -9.12 -38.97
N GLU B 192 -6.73 -8.90 -39.79
CA GLU B 192 -8.10 -9.19 -39.37
C GLU B 192 -8.29 -10.67 -39.07
N LYS B 193 -7.92 -11.52 -40.02
CA LYS B 193 -8.03 -12.96 -39.84
C LYS B 193 -7.26 -13.64 -40.98
N VAL B 194 -6.89 -14.90 -40.74
CA VAL B 194 -6.14 -15.70 -41.70
C VAL B 194 -6.90 -16.99 -41.96
N LEU B 195 -7.08 -17.33 -43.22
CA LEU B 195 -7.79 -18.53 -43.62
C LEU B 195 -6.81 -19.65 -43.94
N GLN B 196 -7.17 -20.88 -43.56
CA GLN B 196 -6.33 -22.05 -43.77
C GLN B 196 -6.95 -22.92 -44.85
N PHE B 197 -6.14 -23.28 -45.85
CA PHE B 197 -6.56 -24.15 -46.94
C PHE B 197 -5.83 -25.48 -46.87
N ASP B 198 -6.25 -26.40 -47.73
CA ASP B 198 -5.65 -27.73 -47.80
C ASP B 198 -5.24 -28.04 -49.22
N PRO B 199 -4.18 -28.84 -49.39
CA PRO B 199 -3.71 -29.16 -50.75
C PRO B 199 -4.58 -30.20 -51.44
N GLY B 200 -5.67 -29.75 -52.06
CA GLY B 200 -6.54 -30.67 -52.79
C GLY B 200 -8.01 -30.36 -52.66
N THR B 201 -8.36 -29.43 -51.77
CA THR B 201 -9.76 -29.05 -51.61
C THR B 201 -10.27 -28.32 -52.82
N LYS B 202 -11.51 -28.64 -53.22
CA LYS B 202 -12.15 -28.01 -54.36
C LYS B 202 -13.43 -27.28 -53.98
N ASN B 203 -13.76 -27.18 -52.69
CA ASN B 203 -14.97 -26.50 -52.25
C ASN B 203 -14.62 -25.35 -51.33
N VAL B 204 -13.64 -24.54 -51.73
CA VAL B 204 -13.17 -23.41 -50.94
C VAL B 204 -14.09 -22.20 -51.16
N THR B 205 -15.23 -22.43 -51.82
CA THR B 205 -16.17 -21.35 -52.09
C THR B 205 -16.69 -20.73 -50.80
N ALA B 206 -16.93 -21.55 -49.77
CA ALA B 206 -17.39 -21.01 -48.49
C ALA B 206 -16.32 -20.13 -47.84
N LEU B 207 -15.06 -20.57 -47.90
CA LEU B 207 -13.98 -19.76 -47.35
C LEU B 207 -13.83 -18.45 -48.12
N LEU B 208 -13.97 -18.51 -49.45
CA LEU B 208 -13.90 -17.29 -50.24
C LEU B 208 -15.04 -16.34 -49.91
N MET B 209 -16.24 -16.88 -49.69
CA MET B 209 -17.38 -16.03 -49.33
C MET B 209 -17.18 -15.39 -47.96
N GLU B 210 -16.68 -16.16 -46.99
CA GLU B 210 -16.47 -15.58 -45.67
C GLU B 210 -15.30 -14.61 -45.65
N ALA B 211 -14.36 -14.74 -46.60
CA ALA B 211 -13.31 -13.73 -46.74
C ALA B 211 -13.86 -12.47 -47.42
N LYS B 212 -14.76 -12.63 -48.38
CA LYS B 212 -15.40 -11.47 -49.00
C LYS B 212 -16.22 -10.69 -47.98
N GLU B 213 -16.93 -11.40 -47.11
CA GLU B 213 -17.73 -10.76 -46.07
C GLU B 213 -16.82 -10.22 -44.95
N LEU B 214 -16.00 -9.25 -45.34
CA LEU B 214 -15.04 -8.63 -44.42
C LEU B 214 -14.84 -7.18 -44.83
N GLU B 215 -14.32 -6.39 -43.88
CA GLU B 215 -14.09 -4.98 -44.15
C GLU B 215 -12.95 -4.78 -45.16
N ALA B 216 -11.89 -5.59 -45.04
CA ALA B 216 -10.74 -5.45 -45.93
C ALA B 216 -11.09 -5.92 -47.34
N ARG B 217 -10.36 -5.39 -48.32
CA ARG B 217 -10.55 -5.73 -49.73
C ARG B 217 -9.22 -5.99 -50.42
N VAL B 218 -8.22 -6.46 -49.67
CA VAL B 218 -6.91 -6.80 -50.21
C VAL B 218 -6.59 -8.25 -49.84
N ILE B 219 -6.18 -9.04 -50.83
CA ILE B 219 -6.00 -10.47 -50.67
C ILE B 219 -4.57 -10.83 -51.06
N ILE B 220 -3.92 -11.65 -50.23
CA ILE B 220 -2.59 -12.17 -50.49
C ILE B 220 -2.70 -13.67 -50.71
N LEU B 221 -2.13 -14.16 -51.81
CA LEU B 221 -2.16 -15.57 -52.15
C LEU B 221 -0.77 -16.16 -51.98
N SER B 222 -0.68 -17.27 -51.24
CA SER B 222 0.60 -17.97 -51.03
C SER B 222 0.28 -19.45 -50.82
N ALA B 223 0.38 -20.22 -51.89
CA ALA B 223 0.12 -21.66 -51.84
C ALA B 223 0.80 -22.31 -53.03
N SER B 224 0.46 -23.58 -53.28
CA SER B 224 1.00 -24.27 -54.44
C SER B 224 0.36 -23.74 -55.72
N GLU B 225 0.96 -24.12 -56.86
CA GLU B 225 0.49 -23.62 -58.14
C GLU B 225 -0.93 -24.08 -58.44
N ASP B 226 -1.21 -25.37 -58.21
CA ASP B 226 -2.54 -25.89 -58.51
C ASP B 226 -3.59 -25.29 -57.60
N ASP B 227 -3.29 -25.16 -56.30
CA ASP B 227 -4.24 -24.55 -55.37
C ASP B 227 -4.48 -23.08 -55.70
N ALA B 228 -3.41 -22.36 -56.08
CA ALA B 228 -3.57 -20.97 -56.49
C ALA B 228 -4.43 -20.86 -57.73
N ALA B 229 -4.22 -21.73 -58.72
CA ALA B 229 -5.05 -21.71 -59.91
C ALA B 229 -6.52 -22.01 -59.57
N THR B 230 -6.75 -22.99 -58.70
CA THR B 230 -8.13 -23.34 -58.33
C THR B 230 -8.81 -22.19 -57.61
N VAL B 231 -8.12 -21.55 -56.66
CA VAL B 231 -8.74 -20.46 -55.93
C VAL B 231 -8.94 -19.24 -56.82
N TYR B 232 -8.04 -19.03 -57.79
CA TYR B 232 -8.22 -17.93 -58.72
C TYR B 232 -9.41 -18.18 -59.65
N ARG B 233 -9.59 -19.43 -60.08
CA ARG B 233 -10.78 -19.76 -60.87
C ARG B 233 -12.06 -19.57 -60.06
N ALA B 234 -12.02 -19.95 -58.78
CA ALA B 234 -13.18 -19.74 -57.92
C ALA B 234 -13.48 -18.26 -57.76
N ALA B 235 -12.44 -17.44 -57.58
CA ALA B 235 -12.63 -15.99 -57.46
C ALA B 235 -13.19 -15.41 -58.75
N ALA B 236 -12.70 -15.87 -59.90
CA ALA B 236 -13.19 -15.37 -61.18
C ALA B 236 -14.65 -15.75 -61.39
N MET B 237 -15.04 -16.97 -61.04
CA MET B 237 -16.43 -17.39 -61.20
C MET B 237 -17.34 -16.84 -60.12
N LEU B 238 -16.78 -16.31 -59.03
CA LEU B 238 -17.57 -15.64 -58.00
C LEU B 238 -17.47 -14.12 -58.08
N ASN B 239 -16.98 -13.60 -59.21
CA ASN B 239 -16.93 -12.16 -59.46
C ASN B 239 -16.09 -11.41 -58.43
N MET B 240 -14.90 -11.94 -58.14
CA MET B 240 -13.96 -11.30 -57.24
C MET B 240 -12.91 -10.46 -57.97
N THR B 241 -12.98 -10.38 -59.30
CA THR B 241 -12.03 -9.62 -60.08
C THR B 241 -12.49 -8.19 -60.33
N GLY B 242 -13.41 -7.67 -59.52
CA GLY B 242 -13.91 -6.33 -59.69
C GLY B 242 -12.97 -5.26 -59.17
N SER B 243 -13.41 -4.01 -59.30
CA SER B 243 -12.62 -2.88 -58.85
C SER B 243 -12.52 -2.87 -57.34
N GLY B 244 -11.40 -2.35 -56.83
CA GLY B 244 -11.17 -2.26 -55.40
C GLY B 244 -10.72 -3.54 -54.74
N TYR B 245 -10.36 -4.56 -55.52
CA TYR B 245 -9.90 -5.85 -54.99
C TYR B 245 -8.47 -6.06 -55.47
N VAL B 246 -7.51 -5.62 -54.67
CA VAL B 246 -6.09 -5.78 -55.00
C VAL B 246 -5.67 -7.19 -54.70
N TRP B 247 -5.08 -7.87 -55.69
CA TRP B 247 -4.61 -9.23 -55.56
C TRP B 247 -3.09 -9.24 -55.52
N LEU B 248 -2.53 -9.91 -54.51
CA LEU B 248 -1.09 -10.07 -54.36
C LEU B 248 -0.73 -11.53 -54.56
N VAL B 249 0.18 -11.79 -55.49
CA VAL B 249 0.51 -13.15 -55.91
C VAL B 249 2.00 -13.37 -55.71
N GLY B 250 2.35 -14.55 -55.18
CA GLY B 250 3.73 -14.89 -54.89
C GLY B 250 4.52 -15.25 -56.14
N GLU B 251 5.79 -15.63 -55.91
CA GLU B 251 6.69 -15.93 -57.01
C GLU B 251 6.27 -17.17 -57.78
N ARG B 252 5.92 -18.24 -57.05
CA ARG B 252 5.64 -19.53 -57.68
C ARG B 252 4.24 -19.60 -58.27
N GLU B 253 3.36 -18.66 -57.94
CA GLU B 253 1.96 -18.71 -58.36
C GLU B 253 1.67 -17.86 -59.59
N ILE B 254 2.70 -17.37 -60.27
CA ILE B 254 2.52 -16.57 -61.48
C ILE B 254 2.80 -17.36 -62.75
N SER B 255 3.09 -18.65 -62.63
CA SER B 255 3.40 -19.50 -63.77
C SER B 255 2.36 -20.61 -63.90
N GLY B 256 2.58 -21.50 -64.85
CA GLY B 256 1.65 -22.60 -65.06
C GLY B 256 0.31 -22.08 -65.57
N ASN B 257 -0.77 -22.50 -64.91
CA ASN B 257 -2.11 -22.08 -65.30
C ASN B 257 -2.39 -20.62 -64.97
N ALA B 258 -1.51 -19.95 -64.22
CA ALA B 258 -1.72 -18.54 -63.91
C ALA B 258 -1.63 -17.67 -65.16
N LEU B 259 -0.69 -17.99 -66.06
CA LEU B 259 -0.54 -17.22 -67.29
C LEU B 259 -1.72 -17.40 -68.24
N ARG B 260 -2.60 -18.37 -68.00
CA ARG B 260 -3.74 -18.62 -68.86
C ARG B 260 -5.08 -18.26 -68.23
N TYR B 261 -5.22 -18.39 -66.92
CA TYR B 261 -6.49 -18.17 -66.24
C TYR B 261 -6.41 -16.99 -65.27
N ALA B 262 -5.80 -15.89 -65.69
CA ALA B 262 -5.72 -14.72 -64.83
C ALA B 262 -5.75 -13.43 -65.65
N PRO B 263 -6.72 -12.56 -65.42
CA PRO B 263 -6.72 -11.26 -66.11
C PRO B 263 -5.68 -10.30 -65.55
N ASP B 264 -5.71 -9.05 -66.01
CA ASP B 264 -4.74 -8.05 -65.58
C ASP B 264 -4.97 -7.67 -64.11
N GLY B 265 -4.13 -6.78 -63.62
CA GLY B 265 -4.22 -6.35 -62.23
C GLY B 265 -3.55 -7.25 -61.23
N ILE B 266 -2.54 -8.01 -61.65
CA ILE B 266 -1.83 -8.94 -60.77
C ILE B 266 -0.51 -8.33 -60.35
N LEU B 267 -0.28 -8.27 -59.03
CA LEU B 267 0.96 -7.73 -58.49
C LEU B 267 1.94 -8.87 -58.20
N GLY B 268 2.48 -9.43 -59.29
CA GLY B 268 3.40 -10.54 -59.16
C GLY B 268 4.79 -10.10 -58.74
N LEU B 269 5.57 -11.07 -58.29
CA LEU B 269 6.96 -10.86 -57.88
C LEU B 269 7.85 -11.88 -58.56
N GLN B 270 9.07 -11.44 -58.91
CA GLN B 270 10.03 -12.31 -59.56
C GLN B 270 11.44 -11.94 -59.09
N LEU B 271 12.28 -12.95 -58.91
CA LEU B 271 13.65 -12.73 -58.48
C LEU B 271 14.51 -12.29 -59.65
N ILE B 272 15.28 -11.22 -59.45
CA ILE B 272 16.21 -10.74 -60.47
C ILE B 272 17.46 -11.62 -60.45
N ASN B 273 17.84 -12.12 -61.63
CA ASN B 273 19.00 -12.99 -61.77
C ASN B 273 18.88 -14.22 -60.88
N GLY B 274 17.67 -14.77 -60.79
CA GLY B 274 17.42 -15.93 -59.96
C GLY B 274 17.50 -17.23 -60.72
N LYS B 275 16.82 -17.31 -61.87
CA LYS B 275 16.81 -18.53 -62.66
C LYS B 275 18.16 -18.82 -63.28
N ASN B 276 19.04 -17.83 -63.41
CA ASN B 276 20.36 -18.06 -63.97
C ASN B 276 21.19 -18.93 -63.04
N GLU B 277 21.92 -19.88 -63.62
CA GLU B 277 22.66 -20.87 -62.84
C GLU B 277 24.09 -20.45 -62.57
N SER B 278 24.85 -20.11 -63.61
CA SER B 278 26.26 -19.79 -63.45
C SER B 278 26.49 -18.42 -62.83
N ALA B 279 25.44 -17.59 -62.69
CA ALA B 279 25.63 -16.26 -62.12
C ALA B 279 26.07 -16.32 -60.67
N HIS B 280 25.47 -17.23 -59.89
CA HIS B 280 25.75 -17.31 -58.46
C HIS B 280 26.73 -18.41 -58.09
N ILE B 281 26.92 -19.42 -58.95
CA ILE B 281 27.78 -20.55 -58.61
C ILE B 281 29.24 -20.11 -58.53
N SER B 282 29.67 -19.22 -59.42
CA SER B 282 31.04 -18.73 -59.37
C SER B 282 31.30 -17.96 -58.07
N ASP B 283 30.35 -17.09 -57.68
CA ASP B 283 30.49 -16.37 -56.41
C ASP B 283 30.49 -17.33 -55.24
N ALA B 284 29.64 -18.35 -55.28
CA ALA B 284 29.57 -19.31 -54.18
C ALA B 284 30.87 -20.08 -54.04
N VAL B 285 31.45 -20.54 -55.15
CA VAL B 285 32.69 -21.30 -55.06
C VAL B 285 33.84 -20.39 -54.66
N GLY B 286 33.82 -19.12 -55.08
CA GLY B 286 34.82 -18.18 -54.59
C GLY B 286 34.74 -17.97 -53.10
N VAL B 287 33.52 -17.83 -52.57
CA VAL B 287 33.33 -17.69 -51.13
C VAL B 287 33.78 -18.95 -50.40
N VAL B 288 33.51 -20.12 -50.98
CA VAL B 288 33.94 -21.37 -50.37
C VAL B 288 35.46 -21.44 -50.32
N ALA B 289 36.13 -21.06 -51.41
CA ALA B 289 37.59 -21.06 -51.42
C ALA B 289 38.16 -20.08 -50.40
N GLN B 290 37.56 -18.89 -50.30
CA GLN B 290 38.03 -17.92 -49.30
C GLN B 290 37.83 -18.45 -47.88
N ALA B 291 36.70 -19.11 -47.63
CA ALA B 291 36.45 -19.69 -46.32
C ALA B 291 37.45 -20.79 -46.01
N VAL B 292 37.79 -21.61 -47.01
CA VAL B 292 38.78 -22.66 -46.82
C VAL B 292 40.14 -22.06 -46.48
N HIS B 293 40.53 -21.00 -47.19
CA HIS B 293 41.80 -20.33 -46.88
C HIS B 293 41.79 -19.75 -45.47
N GLU B 294 40.68 -19.12 -45.08
CA GLU B 294 40.59 -18.55 -43.73
C GLU B 294 40.67 -19.63 -42.67
N LEU B 295 40.00 -20.77 -42.90
CA LEU B 295 40.07 -21.88 -41.95
C LEU B 295 41.48 -22.44 -41.87
N LEU B 296 42.17 -22.53 -43.01
CA LEU B 296 43.55 -23.03 -43.00
C LEU B 296 44.47 -22.09 -42.24
N GLU B 297 44.29 -20.78 -42.40
CA GLU B 297 45.14 -19.79 -41.76
C GLU B 297 44.71 -19.45 -40.34
N LYS B 298 43.55 -19.93 -39.88
CA LYS B 298 43.04 -19.59 -38.57
C LYS B 298 43.63 -20.47 -37.48
N GLU B 299 43.36 -21.78 -37.55
CA GLU B 299 43.78 -22.72 -36.51
C GLU B 299 43.81 -24.12 -37.11
N ASN B 300 43.94 -25.12 -36.24
CA ASN B 300 43.98 -26.51 -36.67
C ASN B 300 42.65 -26.94 -37.29
N ILE B 301 42.73 -27.77 -38.32
CA ILE B 301 41.55 -28.28 -39.02
C ILE B 301 41.52 -29.80 -38.85
N THR B 302 40.35 -30.33 -38.50
CA THR B 302 40.18 -31.76 -38.38
C THR B 302 39.83 -32.37 -39.74
N ASP B 303 40.28 -33.60 -39.95
CA ASP B 303 40.01 -34.20 -41.25
C ASP B 303 38.89 -35.23 -41.17
N PRO B 304 38.04 -35.30 -42.19
CA PRO B 304 36.96 -36.29 -42.17
C PRO B 304 37.52 -37.69 -42.34
N PRO B 305 36.82 -38.71 -41.83
CA PRO B 305 37.26 -40.09 -42.05
C PRO B 305 37.23 -40.45 -43.54
N ARG B 306 38.19 -41.27 -43.94
CA ARG B 306 38.31 -41.65 -45.34
C ARG B 306 37.11 -42.48 -45.79
N GLY B 307 36.92 -43.64 -45.15
CA GLY B 307 35.82 -44.51 -45.52
C GLY B 307 34.48 -44.04 -44.97
N CYS B 308 33.42 -44.45 -45.65
CA CYS B 308 32.06 -44.13 -45.21
C CYS B 308 31.62 -45.01 -44.05
N VAL B 309 32.31 -46.10 -43.78
CA VAL B 309 31.96 -47.03 -42.71
C VAL B 309 33.16 -47.12 -41.76
N GLY B 310 32.91 -46.88 -40.47
CA GLY B 310 33.95 -47.01 -39.48
C GLY B 310 34.05 -45.86 -38.50
N ASN B 311 33.42 -44.74 -38.83
CA ASN B 311 33.49 -43.55 -37.97
C ASN B 311 32.13 -42.87 -37.92
N THR B 312 31.72 -42.47 -36.71
CA THR B 312 30.46 -41.76 -36.49
C THR B 312 30.67 -40.55 -35.60
N ASN B 313 31.83 -39.90 -35.70
CA ASN B 313 32.17 -38.78 -34.84
C ASN B 313 31.55 -37.49 -35.40
N ILE B 314 31.91 -36.36 -34.82
CA ILE B 314 31.38 -35.06 -35.22
C ILE B 314 32.56 -34.10 -35.42
N TRP B 315 32.48 -33.30 -36.47
CA TRP B 315 33.54 -32.32 -36.74
C TRP B 315 33.60 -31.28 -35.64
N LYS B 316 34.83 -30.87 -35.30
CA LYS B 316 35.03 -29.75 -34.39
C LYS B 316 34.99 -28.40 -35.09
N THR B 317 35.02 -28.38 -36.42
CA THR B 317 34.96 -27.17 -37.21
C THR B 317 33.57 -26.89 -37.76
N GLY B 318 32.57 -27.69 -37.37
CA GLY B 318 31.21 -27.50 -37.81
C GLY B 318 30.67 -26.11 -37.51
N PRO B 319 30.51 -25.80 -36.22
CA PRO B 319 30.11 -24.43 -35.85
C PRO B 319 31.11 -23.38 -36.27
N LEU B 320 32.39 -23.75 -36.40
CA LEU B 320 33.40 -22.78 -36.82
C LEU B 320 33.13 -22.30 -38.25
N PHE B 321 32.70 -23.20 -39.13
CA PHE B 321 32.37 -22.81 -40.49
C PHE B 321 31.22 -21.81 -40.50
N LYS B 322 30.18 -22.06 -39.71
CA LYS B 322 29.06 -21.12 -39.64
C LYS B 322 29.52 -19.77 -39.08
N ARG B 323 30.36 -19.80 -38.04
CA ARG B 323 30.84 -18.55 -37.45
C ARG B 323 31.67 -17.75 -38.44
N VAL B 324 32.48 -18.42 -39.25
CA VAL B 324 33.33 -17.71 -40.20
C VAL B 324 32.60 -17.34 -41.48
N LEU B 325 31.44 -17.95 -41.75
CA LEU B 325 30.69 -17.65 -42.96
C LEU B 325 29.58 -16.63 -42.76
N MET B 326 28.92 -16.63 -41.60
CA MET B 326 27.83 -15.68 -41.37
C MET B 326 28.35 -14.25 -41.35
N SER B 327 29.51 -14.03 -40.70
CA SER B 327 30.10 -12.69 -40.61
C SER B 327 30.98 -12.36 -41.80
N SER B 328 31.19 -13.29 -42.73
CA SER B 328 32.03 -13.03 -43.89
C SER B 328 31.33 -12.09 -44.87
N LYS B 329 32.11 -11.17 -45.44
CA LYS B 329 31.59 -10.22 -46.42
C LYS B 329 32.48 -10.28 -47.66
N TYR B 330 31.84 -10.36 -48.83
CA TYR B 330 32.57 -10.42 -50.10
C TYR B 330 31.84 -9.55 -51.11
N ALA B 331 32.51 -8.51 -51.59
CA ALA B 331 31.94 -7.59 -52.55
C ALA B 331 32.26 -7.96 -54.00
N ASP B 332 32.94 -9.08 -54.23
CA ASP B 332 33.31 -9.49 -55.57
C ASP B 332 32.17 -10.18 -56.32
N GLY B 333 31.04 -10.42 -55.66
CA GLY B 333 29.93 -11.07 -56.32
C GLY B 333 29.22 -10.16 -57.31
N VAL B 334 28.38 -10.78 -58.14
CA VAL B 334 27.64 -10.04 -59.15
C VAL B 334 26.58 -9.14 -58.53
N THR B 335 26.14 -9.45 -57.30
CA THR B 335 25.12 -8.67 -56.60
C THR B 335 25.75 -7.81 -55.51
N GLY B 336 26.94 -7.28 -55.76
CA GLY B 336 27.61 -6.47 -54.75
C GLY B 336 28.09 -7.32 -53.59
N ARG B 337 27.97 -6.77 -52.39
CA ARG B 337 28.38 -7.49 -51.19
C ARG B 337 27.48 -8.69 -50.95
N VAL B 338 28.05 -9.73 -50.35
CA VAL B 338 27.34 -10.97 -50.05
C VAL B 338 27.22 -11.10 -48.53
N GLU B 339 25.99 -11.23 -48.05
CA GLU B 339 25.71 -11.37 -46.63
C GLU B 339 24.76 -12.54 -46.41
N PHE B 340 24.89 -13.16 -45.24
CA PHE B 340 24.07 -14.31 -44.87
C PHE B 340 23.25 -13.98 -43.63
N ASN B 341 22.02 -14.48 -43.60
CA ASN B 341 21.11 -14.25 -42.48
C ASN B 341 21.46 -15.22 -41.35
N GLU B 342 20.60 -15.28 -40.33
CA GLU B 342 20.82 -16.21 -39.23
C GLU B 342 20.61 -17.66 -39.64
N ASP B 343 19.94 -17.91 -40.76
CA ASP B 343 19.72 -19.25 -41.27
C ASP B 343 20.70 -19.64 -42.36
N GLY B 344 21.73 -18.82 -42.59
CA GLY B 344 22.71 -19.11 -43.62
C GLY B 344 22.17 -19.05 -45.03
N ASP B 345 21.29 -18.09 -45.32
CA ASP B 345 20.70 -17.92 -46.63
C ASP B 345 21.04 -16.54 -47.18
N ARG B 346 20.67 -16.32 -48.44
CA ARG B 346 20.96 -15.05 -49.09
C ARG B 346 20.22 -13.90 -48.42
N LYS B 347 20.94 -12.81 -48.20
CA LYS B 347 20.40 -11.63 -47.55
C LYS B 347 20.37 -10.45 -48.52
N PHE B 348 19.26 -9.72 -48.52
CA PHE B 348 19.08 -8.52 -49.33
C PHE B 348 19.26 -8.83 -50.81
N ALA B 349 18.40 -9.71 -51.32
CA ALA B 349 18.41 -10.08 -52.72
C ALA B 349 17.60 -9.07 -53.54
N ASN B 350 17.78 -9.12 -54.86
CA ASN B 350 17.12 -8.22 -55.78
C ASN B 350 15.77 -8.81 -56.20
N TYR B 351 14.70 -8.08 -55.96
CA TYR B 351 13.35 -8.47 -56.35
C TYR B 351 12.83 -7.53 -57.43
N SER B 352 11.78 -7.99 -58.12
CA SER B 352 11.18 -7.23 -59.21
C SER B 352 9.67 -7.40 -59.16
N ILE B 353 8.96 -6.29 -59.03
CA ILE B 353 7.50 -6.32 -59.01
C ILE B 353 7.00 -6.55 -60.43
N MET B 354 6.14 -7.55 -60.59
CA MET B 354 5.61 -7.93 -61.89
C MET B 354 4.15 -7.55 -62.00
N ASN B 355 3.78 -6.96 -63.14
CA ASN B 355 2.39 -6.60 -63.41
C ASN B 355 1.98 -7.24 -64.74
N LEU B 356 0.71 -7.65 -64.80
CA LEU B 356 0.17 -8.35 -65.96
C LEU B 356 -0.69 -7.40 -66.77
N GLN B 357 -0.39 -7.30 -68.06
CA GLN B 357 -1.16 -6.46 -68.98
C GLN B 357 -1.41 -7.26 -70.24
N ASN B 358 -2.65 -7.70 -70.43
CA ASN B 358 -3.04 -8.54 -71.57
C ASN B 358 -2.17 -9.79 -71.66
N ARG B 359 -2.02 -10.47 -70.52
CA ARG B 359 -1.21 -11.69 -70.40
C ARG B 359 0.25 -11.44 -70.77
N LYS B 360 0.74 -10.23 -70.50
CA LYS B 360 2.13 -9.88 -70.72
C LYS B 360 2.71 -9.31 -69.45
N LEU B 361 3.90 -9.78 -69.07
CA LEU B 361 4.55 -9.31 -67.86
C LEU B 361 5.16 -7.93 -68.08
N VAL B 362 4.89 -7.02 -67.14
CA VAL B 362 5.40 -5.65 -67.20
C VAL B 362 6.19 -5.36 -65.93
N GLN B 363 7.40 -4.84 -66.09
CA GLN B 363 8.26 -4.51 -64.97
C GLN B 363 8.01 -3.06 -64.56
N VAL B 364 7.70 -2.85 -63.28
CA VAL B 364 7.42 -1.52 -62.77
C VAL B 364 8.32 -1.21 -61.57
N GLY B 365 8.30 -2.08 -60.56
CA GLY B 365 9.03 -1.85 -59.34
C GLY B 365 10.14 -2.87 -59.14
N ILE B 366 11.22 -2.43 -58.49
CA ILE B 366 12.35 -3.28 -58.17
C ILE B 366 12.69 -3.08 -56.69
N TYR B 367 13.38 -4.08 -56.12
CA TYR B 367 13.78 -4.06 -54.73
C TYR B 367 15.27 -4.28 -54.62
N ASN B 368 15.94 -3.43 -53.83
CA ASN B 368 17.37 -3.56 -53.60
C ASN B 368 17.75 -3.38 -52.14
N GLY B 369 16.79 -3.50 -51.23
CA GLY B 369 17.07 -3.36 -49.81
C GLY B 369 16.44 -2.12 -49.20
N THR B 370 15.29 -2.28 -48.55
CA THR B 370 14.58 -1.20 -47.85
C THR B 370 14.35 -0.01 -48.77
N HIS B 371 14.11 -0.28 -50.05
CA HIS B 371 13.86 0.77 -51.02
C HIS B 371 12.91 0.25 -52.10
N VAL B 372 12.22 1.18 -52.74
CA VAL B 372 11.33 0.88 -53.86
C VAL B 372 11.63 1.87 -54.98
N ILE B 373 11.74 1.36 -56.20
CA ILE B 373 12.05 2.20 -57.36
C ILE B 373 11.01 1.94 -58.44
N PRO B 374 9.86 2.60 -58.40
CA PRO B 374 8.87 2.42 -59.47
C PRO B 374 9.35 3.02 -60.78
N ASN B 375 8.85 2.46 -61.88
CA ASN B 375 9.18 2.92 -63.22
C ASN B 375 8.08 3.84 -63.73
N ASP B 376 8.24 4.28 -64.99
CA ASP B 376 7.27 5.20 -65.59
C ASP B 376 5.96 4.51 -65.94
N ARG B 377 5.94 3.18 -66.02
CA ARG B 377 4.71 2.46 -66.34
C ARG B 377 3.72 2.59 -65.20
N LYS B 378 2.46 2.89 -65.54
CA LYS B 378 1.42 3.02 -64.53
C LYS B 378 1.02 1.66 -63.99
N ILE B 379 0.76 1.61 -62.68
CA ILE B 379 0.32 0.37 -62.03
C ILE B 379 -1.19 0.28 -62.19
N ILE B 380 -1.64 -0.72 -62.95
CA ILE B 380 -3.06 -0.91 -63.19
C ILE B 380 -3.65 -1.76 -62.06
N TRP B 381 -4.97 -1.73 -61.96
CA TRP B 381 -5.72 -2.44 -60.95
C TRP B 381 -6.88 -3.17 -61.60
N PRO B 382 -7.38 -4.24 -60.98
CA PRO B 382 -8.52 -4.96 -61.54
C PRO B 382 -9.73 -4.05 -61.66
N GLY B 383 -10.53 -4.29 -62.70
CA GLY B 383 -11.68 -3.47 -63.00
C GLY B 383 -11.41 -2.30 -63.94
N GLY B 384 -10.17 -2.10 -64.37
CA GLY B 384 -9.83 -1.05 -65.29
C GLY B 384 -9.51 0.29 -64.66
N GLU B 385 -9.63 0.42 -63.35
CA GLU B 385 -9.32 1.68 -62.69
C GLU B 385 -7.82 1.95 -62.71
N THR B 386 -7.46 3.22 -62.93
CA THR B 386 -6.07 3.64 -62.98
C THR B 386 -5.61 4.32 -61.70
N GLU B 387 -6.43 4.27 -60.64
CA GLU B 387 -6.10 4.90 -59.38
C GLU B 387 -6.07 3.85 -58.27
N LYS B 388 -5.20 4.08 -57.29
CA LYS B 388 -5.07 3.14 -56.17
C LYS B 388 -6.33 3.15 -55.33
N PRO B 389 -6.98 2.00 -55.13
CA PRO B 389 -8.20 1.96 -54.32
C PRO B 389 -7.87 2.03 -52.84
N ARG B 390 -8.92 2.03 -52.02
CA ARG B 390 -8.81 2.09 -50.57
C ARG B 390 -9.47 0.85 -49.96
N GLY B 391 -8.84 0.31 -48.92
CA GLY B 391 -9.34 -0.86 -48.23
C GLY B 391 -10.30 -0.58 -47.09
N TYR B 392 -10.70 0.66 -46.90
CA TYR B 392 -11.61 1.05 -45.83
C TYR B 392 -12.96 1.43 -46.43
N GLN B 393 -13.87 0.46 -46.48
CA GLN B 393 -15.24 0.67 -46.92
C GLN B 393 -16.18 0.20 -45.82
N MET B 394 -16.86 1.15 -45.18
CA MET B 394 -17.77 0.84 -44.08
C MET B 394 -19.15 0.55 -44.65
N SER B 395 -19.55 -0.72 -44.62
CA SER B 395 -20.87 -1.11 -45.11
C SER B 395 -22.00 -0.66 -44.19
N THR B 396 -21.66 -0.19 -42.98
CA THR B 396 -22.62 0.29 -41.99
C THR B 396 -23.65 -0.77 -41.61
N ARG B 397 -23.31 -2.05 -41.78
CA ARG B 397 -24.18 -3.14 -41.38
C ARG B 397 -23.80 -3.63 -39.98
N LEU B 398 -23.92 -2.72 -39.01
CA LEU B 398 -23.51 -2.99 -37.64
C LEU B 398 -24.58 -3.82 -36.95
N LYS B 399 -24.26 -5.08 -36.67
CA LYS B 399 -25.16 -5.94 -35.92
C LYS B 399 -25.07 -5.60 -34.43
N ILE B 400 -26.21 -5.23 -33.84
CA ILE B 400 -26.25 -4.74 -32.46
C ILE B 400 -27.02 -5.75 -31.61
N VAL B 401 -26.41 -6.17 -30.51
CA VAL B 401 -27.01 -7.09 -29.55
C VAL B 401 -27.33 -6.31 -28.28
N THR B 402 -28.55 -6.48 -27.77
CA THR B 402 -29.02 -5.74 -26.61
C THR B 402 -29.62 -6.69 -25.59
N ILE B 403 -29.46 -6.35 -24.32
CA ILE B 403 -30.00 -7.15 -23.23
C ILE B 403 -31.39 -6.63 -22.90
N HIS B 404 -32.22 -7.51 -22.32
CA HIS B 404 -33.59 -7.18 -21.97
C HIS B 404 -33.61 -6.59 -20.57
N GLN B 405 -33.76 -5.28 -20.47
CA GLN B 405 -33.91 -4.57 -19.21
C GLN B 405 -35.19 -3.74 -19.28
N GLU B 406 -36.11 -3.98 -18.34
CA GLU B 406 -37.42 -3.36 -18.40
C GLU B 406 -37.37 -1.83 -18.44
N PRO B 407 -36.61 -1.13 -17.59
CA PRO B 407 -36.59 0.34 -17.69
C PRO B 407 -36.03 0.87 -19.00
N PHE B 408 -35.25 0.06 -19.73
CA PHE B 408 -34.59 0.52 -20.94
C PHE B 408 -35.07 -0.18 -22.20
N VAL B 409 -35.35 -1.48 -22.14
CA VAL B 409 -35.77 -2.25 -23.31
C VAL B 409 -37.09 -2.94 -22.97
N TYR B 410 -38.14 -2.59 -23.72
CA TYR B 410 -39.47 -3.19 -23.53
C TYR B 410 -39.69 -4.22 -24.63
N VAL B 411 -39.25 -5.45 -24.37
CA VAL B 411 -39.41 -6.54 -25.33
C VAL B 411 -40.85 -7.04 -25.26
N LYS B 412 -41.57 -6.91 -26.37
CA LYS B 412 -42.95 -7.35 -26.46
C LYS B 412 -43.18 -8.12 -27.75
N PRO B 413 -44.06 -9.10 -27.73
CA PRO B 413 -44.33 -9.87 -28.96
C PRO B 413 -45.04 -9.01 -30.01
N THR B 414 -44.81 -9.37 -31.27
CA THR B 414 -45.43 -8.67 -32.38
C THR B 414 -46.85 -9.18 -32.62
N LEU B 415 -47.53 -8.57 -33.58
CA LEU B 415 -48.90 -8.94 -33.93
C LEU B 415 -48.87 -9.92 -35.10
N SER B 416 -50.05 -10.23 -35.64
CA SER B 416 -50.16 -11.17 -36.74
C SER B 416 -49.75 -10.56 -38.08
N ASP B 417 -49.57 -9.24 -38.15
CA ASP B 417 -49.17 -8.58 -39.38
C ASP B 417 -47.67 -8.40 -39.51
N GLY B 418 -46.90 -8.89 -38.54
CA GLY B 418 -45.46 -8.76 -38.56
C GLY B 418 -44.90 -7.51 -37.90
N THR B 419 -45.77 -6.59 -37.48
CA THR B 419 -45.35 -5.36 -36.83
C THR B 419 -46.05 -5.23 -35.48
N CYS B 420 -45.79 -4.12 -34.80
CA CYS B 420 -46.38 -3.83 -33.51
C CYS B 420 -47.34 -2.65 -33.60
N LYS B 421 -48.13 -2.48 -32.54
CA LYS B 421 -49.10 -1.40 -32.50
C LYS B 421 -48.41 -0.05 -32.37
N GLU B 422 -49.10 1.00 -32.81
CA GLU B 422 -48.60 2.36 -32.78
C GLU B 422 -49.34 3.14 -31.69
N GLU B 423 -48.60 3.57 -30.68
CA GLU B 423 -49.15 4.35 -29.57
C GLU B 423 -48.43 5.70 -29.49
N PHE B 424 -48.83 6.50 -28.50
CA PHE B 424 -48.25 7.81 -28.28
C PHE B 424 -47.96 8.00 -26.80
N THR B 425 -47.00 8.87 -26.51
CA THR B 425 -46.60 9.15 -25.14
C THR B 425 -47.57 10.14 -24.50
N VAL B 426 -47.23 10.64 -23.32
CA VAL B 426 -48.08 11.60 -22.63
C VAL B 426 -48.15 12.90 -23.41
N ASN B 427 -47.04 13.30 -24.04
CA ASN B 427 -47.00 14.53 -24.82
C ASN B 427 -47.59 14.37 -26.22
N GLY B 428 -47.98 13.16 -26.61
CA GLY B 428 -48.55 12.91 -27.92
C GLY B 428 -47.55 12.62 -29.01
N ASP B 429 -46.25 12.67 -28.71
CA ASP B 429 -45.25 12.35 -29.73
C ASP B 429 -45.30 10.87 -30.06
N PRO B 430 -45.09 10.49 -31.33
CA PRO B 430 -45.11 9.07 -31.70
C PRO B 430 -43.89 8.35 -31.13
N VAL B 431 -44.14 7.19 -30.53
CA VAL B 431 -43.06 6.37 -29.97
C VAL B 431 -42.49 5.50 -31.06
N LYS B 432 -41.19 5.66 -31.33
CA LYS B 432 -40.54 4.85 -32.35
C LYS B 432 -40.41 3.41 -31.89
N LYS B 433 -40.62 2.48 -32.82
CA LYS B 433 -40.50 1.05 -32.55
C LYS B 433 -39.70 0.38 -33.66
N VAL B 434 -38.83 -0.54 -33.28
CA VAL B 434 -37.96 -1.25 -34.21
C VAL B 434 -38.17 -2.75 -34.01
N ILE B 435 -38.20 -3.49 -35.10
CA ILE B 435 -38.34 -4.95 -35.03
C ILE B 435 -37.04 -5.53 -34.48
N CYS B 436 -37.14 -6.30 -33.41
CA CYS B 436 -35.99 -6.88 -32.73
C CYS B 436 -36.01 -8.39 -32.88
N THR B 437 -34.86 -8.97 -33.22
CA THR B 437 -34.72 -10.40 -33.42
C THR B 437 -34.18 -11.05 -32.15
N GLY B 438 -34.86 -12.08 -31.68
CA GLY B 438 -34.44 -12.78 -30.48
C GLY B 438 -35.18 -14.09 -30.28
N PRO B 439 -34.74 -14.88 -29.30
CA PRO B 439 -35.40 -16.16 -29.04
C PRO B 439 -36.82 -15.96 -28.53
N ASN B 440 -37.69 -16.91 -28.89
CA ASN B 440 -39.07 -16.84 -28.44
C ASN B 440 -39.18 -17.05 -26.93
N ASP B 441 -38.41 -17.98 -26.38
CA ASP B 441 -38.43 -18.30 -24.96
C ASP B 441 -37.11 -17.90 -24.33
N THR B 442 -37.17 -17.06 -23.28
CA THR B 442 -35.96 -16.63 -22.61
C THR B 442 -35.33 -17.76 -21.81
N SER B 443 -36.16 -18.56 -21.13
CA SER B 443 -35.63 -19.63 -20.29
C SER B 443 -35.00 -20.72 -21.16
N PRO B 444 -33.93 -21.36 -20.69
CA PRO B 444 -33.30 -22.43 -21.45
C PRO B 444 -34.11 -23.72 -21.35
N GLY B 445 -33.62 -24.75 -22.03
CA GLY B 445 -34.32 -26.02 -22.06
C GLY B 445 -35.69 -25.95 -22.72
N SER B 446 -35.80 -25.18 -23.79
CA SER B 446 -37.04 -24.97 -24.50
C SER B 446 -36.76 -24.95 -26.00
N PRO B 447 -37.77 -25.21 -26.83
CA PRO B 447 -37.57 -25.14 -28.28
C PRO B 447 -37.38 -23.71 -28.75
N ARG B 448 -36.15 -23.20 -28.61
CA ARG B 448 -35.86 -21.82 -28.96
C ARG B 448 -36.13 -21.56 -30.44
N HIS B 449 -36.82 -20.47 -30.73
CA HIS B 449 -37.10 -20.03 -32.09
C HIS B 449 -36.78 -18.54 -32.20
N THR B 450 -36.05 -18.17 -33.25
CA THR B 450 -35.64 -16.79 -33.47
C THR B 450 -36.75 -16.02 -34.17
N VAL B 451 -37.89 -15.90 -33.48
CA VAL B 451 -39.03 -15.15 -33.99
C VAL B 451 -38.73 -13.66 -33.85
N PRO B 452 -39.26 -12.82 -34.74
CA PRO B 452 -39.01 -11.37 -34.61
C PRO B 452 -39.91 -10.75 -33.55
N GLN B 453 -39.30 -10.03 -32.61
CA GLN B 453 -40.01 -9.30 -31.58
C GLN B 453 -40.02 -7.82 -31.93
N CYS B 454 -40.57 -7.01 -31.02
CA CYS B 454 -40.66 -5.56 -31.19
C CYS B 454 -40.29 -4.92 -29.85
N CYS B 455 -39.01 -4.58 -29.70
CA CYS B 455 -38.49 -4.04 -28.45
C CYS B 455 -38.22 -2.54 -28.60
N TYR B 456 -38.55 -1.79 -27.55
CA TYR B 456 -38.39 -0.35 -27.55
C TYR B 456 -38.08 0.11 -26.12
N GLY B 457 -37.88 1.41 -25.96
CA GLY B 457 -37.62 1.96 -24.64
C GLY B 457 -36.77 3.21 -24.62
N PHE B 458 -35.71 3.20 -23.82
CA PHE B 458 -34.87 4.37 -23.61
C PHE B 458 -33.73 4.46 -24.62
N CYS B 459 -32.94 3.39 -24.75
CA CYS B 459 -31.76 3.43 -25.60
C CYS B 459 -32.11 3.45 -27.08
N ILE B 460 -33.35 3.14 -27.44
CA ILE B 460 -33.72 3.10 -28.86
C ILE B 460 -33.67 4.49 -29.48
N ASP B 461 -34.10 5.52 -28.73
CA ASP B 461 -34.06 6.88 -29.25
C ASP B 461 -32.62 7.33 -29.48
N LEU B 462 -31.73 7.03 -28.53
CA LEU B 462 -30.33 7.37 -28.70
C LEU B 462 -29.72 6.63 -29.89
N LEU B 463 -30.07 5.35 -30.05
CA LEU B 463 -29.56 4.59 -31.19
C LEU B 463 -30.05 5.17 -32.51
N ILE B 464 -31.33 5.57 -32.57
CA ILE B 464 -31.87 6.16 -33.79
C ILE B 464 -31.18 7.48 -34.09
N LYS B 465 -30.94 8.30 -33.06
CA LYS B 465 -30.25 9.57 -33.26
C LYS B 465 -28.82 9.33 -33.77
N LEU B 466 -28.12 8.36 -33.20
CA LEU B 466 -26.77 8.05 -33.65
C LEU B 466 -26.77 7.55 -35.09
N ALA B 467 -27.74 6.70 -35.44
CA ALA B 467 -27.84 6.21 -36.81
C ALA B 467 -28.12 7.34 -37.79
N ARG B 468 -29.01 8.26 -37.42
CA ARG B 468 -29.31 9.38 -38.30
C ARG B 468 -28.11 10.30 -38.47
N THR B 469 -27.36 10.55 -37.40
CA THR B 469 -26.25 11.49 -37.47
C THR B 469 -24.93 10.85 -37.87
N MET B 470 -24.88 9.53 -38.05
CA MET B 470 -23.62 8.85 -38.32
C MET B 470 -23.71 7.80 -39.43
N ASN B 471 -24.72 7.93 -40.31
CA ASN B 471 -24.84 7.05 -41.49
C ASN B 471 -24.92 5.58 -41.11
N PHE B 472 -25.55 5.29 -39.97
CA PHE B 472 -25.62 3.93 -39.47
C PHE B 472 -26.97 3.28 -39.80
N THR B 473 -26.92 1.98 -40.07
CA THR B 473 -28.11 1.15 -40.29
C THR B 473 -28.07 0.04 -39.26
N TYR B 474 -28.79 0.22 -38.15
CA TYR B 474 -28.73 -0.69 -37.01
C TYR B 474 -29.63 -1.90 -37.22
N GLU B 475 -29.20 -3.04 -36.68
CA GLU B 475 -29.98 -4.27 -36.65
C GLU B 475 -29.96 -4.79 -35.22
N VAL B 476 -31.03 -4.50 -34.48
CA VAL B 476 -31.08 -4.86 -33.06
C VAL B 476 -31.27 -6.36 -32.91
N HIS B 477 -30.47 -6.97 -32.03
CA HIS B 477 -30.54 -8.40 -31.75
C HIS B 477 -30.60 -8.60 -30.24
N LEU B 478 -31.14 -9.75 -29.83
CA LEU B 478 -31.28 -10.09 -28.43
C LEU B 478 -30.26 -11.15 -28.04
N VAL B 479 -29.84 -11.12 -26.76
CA VAL B 479 -28.88 -12.07 -26.25
C VAL B 479 -29.51 -13.45 -26.19
N ALA B 480 -28.81 -14.46 -26.71
CA ALA B 480 -29.31 -15.82 -26.67
C ALA B 480 -29.21 -16.43 -25.27
N ASP B 481 -28.33 -15.89 -24.42
CA ASP B 481 -28.16 -16.41 -23.07
C ASP B 481 -28.87 -15.58 -22.01
N GLY B 482 -29.08 -14.29 -22.27
CA GLY B 482 -29.74 -13.44 -21.30
C GLY B 482 -28.85 -12.88 -20.21
N LYS B 483 -27.54 -13.08 -20.31
CA LYS B 483 -26.60 -12.60 -19.31
C LYS B 483 -25.56 -11.70 -19.96
N PHE B 484 -24.98 -10.81 -19.15
CA PHE B 484 -23.95 -9.91 -19.66
C PHE B 484 -22.72 -10.68 -20.12
N GLY B 485 -22.30 -11.68 -19.35
CA GLY B 485 -21.19 -12.52 -19.74
C GLY B 485 -19.86 -12.11 -19.14
N THR B 486 -19.25 -13.00 -18.37
CA THR B 486 -17.94 -12.79 -17.78
C THR B 486 -17.14 -14.08 -17.94
N GLN B 487 -16.03 -14.17 -17.22
CA GLN B 487 -15.21 -15.38 -17.26
C GLN B 487 -15.94 -16.54 -16.61
N GLU B 488 -15.87 -17.71 -17.25
CA GLU B 488 -16.47 -18.93 -16.72
C GLU B 488 -15.51 -20.08 -16.96
N ARG B 489 -15.66 -21.12 -16.15
CA ARG B 489 -14.79 -22.29 -16.19
C ARG B 489 -15.52 -23.45 -16.85
N VAL B 490 -14.91 -24.00 -17.90
CA VAL B 490 -15.45 -25.14 -18.64
C VAL B 490 -14.36 -26.19 -18.76
N ASN B 491 -14.63 -27.25 -19.52
CA ASN B 491 -13.61 -28.24 -19.81
C ASN B 491 -12.37 -27.55 -20.37
N ASN B 492 -11.20 -28.04 -19.94
CA ASN B 492 -9.92 -27.34 -20.14
C ASN B 492 -9.98 -25.94 -19.52
N SER B 493 -10.12 -25.93 -18.19
CA SER B 493 -10.39 -24.71 -17.43
C SER B 493 -9.26 -23.69 -17.50
N ASN B 494 -8.18 -24.01 -18.23
CA ASN B 494 -7.08 -23.08 -18.43
C ASN B 494 -7.36 -22.09 -19.56
N LYS B 495 -8.63 -21.97 -19.99
CA LYS B 495 -9.02 -21.08 -21.07
C LYS B 495 -9.90 -19.98 -20.51
N LYS B 496 -9.55 -18.73 -20.81
CA LYS B 496 -10.34 -17.57 -20.41
C LYS B 496 -11.09 -17.07 -21.63
N GLU B 497 -12.33 -17.56 -21.79
CA GLU B 497 -13.19 -17.18 -22.91
C GLU B 497 -14.50 -16.64 -22.35
N TRP B 498 -14.94 -15.50 -22.89
CA TRP B 498 -16.15 -14.86 -22.43
C TRP B 498 -17.39 -15.55 -22.99
N ASN B 499 -18.49 -15.44 -22.27
CA ASN B 499 -19.79 -15.94 -22.70
C ASN B 499 -20.76 -14.76 -22.81
N GLY B 500 -22.03 -15.08 -23.06
CA GLY B 500 -23.07 -14.06 -23.06
C GLY B 500 -22.82 -12.95 -24.07
N MET B 501 -23.18 -11.72 -23.68
CA MET B 501 -23.05 -10.58 -24.56
C MET B 501 -21.58 -10.28 -24.91
N MET B 502 -20.70 -10.37 -23.92
CA MET B 502 -19.29 -10.09 -24.17
C MET B 502 -18.70 -11.11 -25.15
N GLY B 503 -19.03 -12.40 -24.97
CA GLY B 503 -18.57 -13.41 -25.90
C GLY B 503 -19.15 -13.23 -27.29
N GLU B 504 -20.42 -12.82 -27.36
CA GLU B 504 -21.03 -12.53 -28.65
C GLU B 504 -20.31 -11.39 -29.36
N LEU B 505 -19.97 -10.33 -28.62
CA LEU B 505 -19.24 -9.22 -29.20
C LEU B 505 -17.85 -9.64 -29.66
N LEU B 506 -17.14 -10.43 -28.84
CA LEU B 506 -15.80 -10.85 -29.19
C LEU B 506 -15.77 -11.88 -30.32
N SER B 507 -16.88 -12.59 -30.54
CA SER B 507 -16.93 -13.58 -31.61
C SER B 507 -16.96 -12.94 -33.00
N GLY B 508 -17.15 -11.63 -33.10
CA GLY B 508 -17.20 -10.94 -34.36
C GLY B 508 -18.58 -10.81 -34.96
N GLN B 509 -19.59 -11.49 -34.41
CA GLN B 509 -20.95 -11.37 -34.93
C GLN B 509 -21.51 -9.98 -34.65
N ALA B 510 -21.23 -9.43 -33.48
CA ALA B 510 -21.70 -8.11 -33.09
C ALA B 510 -20.59 -7.08 -33.28
N ASP B 511 -20.99 -5.86 -33.64
CA ASP B 511 -20.05 -4.76 -33.88
C ASP B 511 -20.16 -3.67 -32.83
N MET B 512 -21.35 -3.13 -32.61
CA MET B 512 -21.57 -2.09 -31.62
C MET B 512 -22.72 -2.50 -30.71
N ILE B 513 -22.57 -2.25 -29.41
CA ILE B 513 -23.56 -2.65 -28.41
C ILE B 513 -24.04 -1.39 -27.70
N VAL B 514 -25.35 -1.16 -27.72
CA VAL B 514 -25.99 -0.09 -26.97
C VAL B 514 -26.92 -0.76 -25.96
N ALA B 515 -26.49 -0.83 -24.71
CA ALA B 515 -27.21 -1.51 -23.66
C ALA B 515 -26.61 -1.11 -22.32
N PRO B 516 -27.37 -1.21 -21.23
CA PRO B 516 -26.81 -0.91 -19.91
C PRO B 516 -25.75 -1.91 -19.49
N LEU B 517 -24.50 -1.47 -19.44
CA LEU B 517 -23.37 -2.33 -19.08
C LEU B 517 -22.44 -1.55 -18.18
N THR B 518 -22.32 -1.98 -16.92
CA THR B 518 -21.45 -1.30 -15.97
C THR B 518 -20.00 -1.42 -16.39
N ILE B 519 -19.27 -0.31 -16.29
CA ILE B 519 -17.86 -0.30 -16.67
C ILE B 519 -17.06 -1.12 -15.67
N ASN B 520 -16.26 -2.06 -16.19
CA ASN B 520 -15.42 -2.92 -15.36
C ASN B 520 -14.02 -2.96 -15.94
N ASN B 521 -13.03 -3.12 -15.05
CA ASN B 521 -11.64 -3.16 -15.49
C ASN B 521 -11.38 -4.37 -16.38
N GLU B 522 -11.92 -5.54 -16.00
CA GLU B 522 -11.73 -6.74 -16.81
C GLU B 522 -12.36 -6.58 -18.20
N ARG B 523 -13.56 -5.99 -18.26
CA ARG B 523 -14.18 -5.75 -19.55
C ARG B 523 -13.38 -4.75 -20.38
N ALA B 524 -12.84 -3.71 -19.73
CA ALA B 524 -12.06 -2.71 -20.45
C ALA B 524 -10.72 -3.24 -20.93
N GLN B 525 -10.17 -4.26 -20.27
CA GLN B 525 -8.90 -4.84 -20.71
C GLN B 525 -9.03 -5.49 -22.07
N TYR B 526 -10.24 -5.91 -22.46
CA TYR B 526 -10.46 -6.57 -23.74
C TYR B 526 -11.43 -5.85 -24.66
N ILE B 527 -12.35 -5.04 -24.12
CA ILE B 527 -13.33 -4.33 -24.92
C ILE B 527 -13.24 -2.85 -24.59
N GLU B 528 -13.08 -2.02 -25.62
CA GLU B 528 -13.01 -0.58 -25.43
C GLU B 528 -14.40 -0.03 -25.11
N PHE B 529 -14.44 0.99 -24.25
CA PHE B 529 -15.69 1.62 -23.84
C PHE B 529 -15.64 3.12 -24.11
N SER B 530 -16.81 3.68 -24.40
CA SER B 530 -16.96 5.11 -24.64
C SER B 530 -17.52 5.79 -23.40
N LYS B 531 -17.87 7.06 -23.53
CA LYS B 531 -18.38 7.82 -22.39
C LYS B 531 -19.74 7.28 -21.96
N PRO B 532 -20.01 7.23 -20.66
CA PRO B 532 -21.30 6.69 -20.19
C PRO B 532 -22.46 7.60 -20.52
N PHE B 533 -23.64 7.00 -20.62
CA PHE B 533 -24.87 7.79 -20.81
C PHE B 533 -25.13 8.69 -19.60
N LYS B 534 -24.95 8.17 -18.40
CA LYS B 534 -25.17 8.92 -17.18
C LYS B 534 -24.28 8.33 -16.09
N TYR B 535 -24.52 8.74 -14.84
CA TYR B 535 -23.74 8.29 -13.70
C TYR B 535 -24.66 7.91 -12.56
N GLN B 536 -24.64 6.65 -12.18
CA GLN B 536 -25.46 6.16 -11.07
C GLN B 536 -24.85 4.87 -10.54
N GLY B 537 -25.11 4.61 -9.27
CA GLY B 537 -24.61 3.42 -8.59
C GLY B 537 -25.67 2.35 -8.42
N LEU B 538 -25.53 1.56 -7.37
CA LEU B 538 -26.46 0.48 -7.06
C LEU B 538 -26.95 0.63 -5.63
N THR B 539 -28.21 0.30 -5.41
CA THR B 539 -28.82 0.44 -4.09
C THR B 539 -29.46 -0.88 -3.65
N ILE B 540 -30.19 -0.83 -2.53
CA ILE B 540 -30.84 -2.01 -1.96
C ILE B 540 -32.34 -1.79 -2.00
N LEU B 541 -33.08 -2.80 -2.48
CA LEU B 541 -34.52 -2.74 -2.58
C LEU B 541 -35.14 -3.60 -1.48
N VAL B 542 -36.09 -3.02 -0.74
CA VAL B 542 -36.81 -3.71 0.31
C VAL B 542 -38.30 -3.39 0.19
N LYS B 543 -39.12 -4.27 0.76
CA LYS B 543 -40.57 -4.09 0.75
C LYS B 543 -41.00 -3.31 1.98
N LYS B 544 -41.80 -2.27 1.78
CA LYS B 544 -42.28 -1.41 2.84
C LYS B 544 -43.81 -1.45 2.84
N GLU B 545 -44.37 -2.31 3.69
CA GLU B 545 -45.81 -2.40 3.83
C GLU B 545 -46.33 -1.30 4.76
N ILE B 546 -47.64 -1.11 4.75
CA ILE B 546 -48.27 -0.05 5.53
C ILE B 546 -48.10 -0.35 7.02
N PRO B 547 -47.49 0.55 7.79
CA PRO B 547 -47.32 0.29 9.23
C PRO B 547 -48.67 0.19 9.94
N ARG B 548 -48.71 -0.68 10.96
CA ARG B 548 -49.91 -0.90 11.74
C ARG B 548 -49.56 -0.85 13.22
N SER B 549 -50.55 -0.50 14.03
CA SER B 549 -50.36 -0.42 15.48
C SER B 549 -50.27 -1.83 16.05
N THR B 550 -49.09 -2.21 16.53
CA THR B 550 -48.85 -3.53 17.10
C THR B 550 -49.00 -3.52 18.62
N LEU B 551 -49.83 -2.62 19.16
CA LEU B 551 -50.04 -2.52 20.60
C LEU B 551 -51.28 -3.33 20.97
N ASP B 552 -51.07 -4.64 21.14
CA ASP B 552 -52.14 -5.55 21.51
C ASP B 552 -52.40 -5.60 23.00
N SER B 553 -51.61 -4.88 23.80
CA SER B 553 -51.77 -4.87 25.26
C SER B 553 -52.87 -3.87 25.62
N PHE B 554 -54.12 -4.33 25.48
CA PHE B 554 -55.26 -3.50 25.85
C PHE B 554 -55.24 -3.17 27.34
N MET B 555 -54.94 -4.17 28.17
CA MET B 555 -54.82 -3.99 29.60
C MET B 555 -53.37 -3.68 29.95
N GLN B 556 -53.03 -3.75 31.23
CA GLN B 556 -51.65 -3.54 31.66
C GLN B 556 -50.74 -4.56 30.98
N PRO B 557 -49.54 -4.17 30.54
CA PRO B 557 -48.66 -5.11 29.83
C PRO B 557 -48.38 -6.39 30.60
N PHE B 558 -48.01 -6.29 31.87
CA PHE B 558 -47.83 -7.45 32.73
C PHE B 558 -48.34 -7.11 34.11
N GLN B 559 -48.40 -8.13 34.97
CA GLN B 559 -48.92 -8.00 36.33
C GLN B 559 -50.36 -7.46 36.30
N SER B 560 -51.24 -8.28 35.70
CA SER B 560 -52.64 -7.93 35.56
C SER B 560 -53.38 -7.81 36.88
N THR B 561 -52.70 -8.06 38.01
CA THR B 561 -53.30 -7.92 39.33
C THR B 561 -53.53 -6.47 39.73
N LEU B 562 -53.07 -5.50 38.93
CA LEU B 562 -53.27 -4.11 39.28
C LEU B 562 -54.75 -3.74 39.28
N TRP B 563 -55.53 -4.31 38.36
CA TRP B 563 -56.97 -4.04 38.35
C TRP B 563 -57.62 -4.57 39.62
N LEU B 564 -57.23 -5.78 40.05
CA LEU B 564 -57.75 -6.31 41.31
C LEU B 564 -57.32 -5.43 42.49
N LEU B 565 -56.08 -4.93 42.46
CA LEU B 565 -55.59 -4.08 43.54
C LEU B 565 -56.38 -2.79 43.62
N VAL B 566 -56.66 -2.16 42.47
CA VAL B 566 -57.41 -0.91 42.50
C VAL B 566 -58.86 -1.15 42.89
N GLY B 567 -59.44 -2.28 42.47
CA GLY B 567 -60.78 -2.62 42.94
C GLY B 567 -60.84 -2.82 44.45
N LEU B 568 -59.83 -3.52 44.99
CA LEU B 568 -59.76 -3.68 46.43
C LEU B 568 -59.58 -2.35 47.14
N SER B 569 -58.79 -1.44 46.55
CA SER B 569 -58.63 -0.12 47.13
C SER B 569 -59.96 0.63 47.15
N VAL B 570 -60.72 0.54 46.06
CA VAL B 570 -62.04 1.17 46.01
C VAL B 570 -62.93 0.60 47.10
N HIS B 571 -62.92 -0.72 47.26
CA HIS B 571 -63.77 -1.36 48.27
C HIS B 571 -63.36 -0.91 49.68
N VAL B 572 -62.06 -0.88 49.97
CA VAL B 572 -61.62 -0.54 51.32
C VAL B 572 -61.87 0.93 51.63
N VAL B 573 -61.69 1.82 50.64
CA VAL B 573 -61.99 3.23 50.91
C VAL B 573 -63.49 3.43 51.07
N ALA B 574 -64.30 2.66 50.35
CA ALA B 574 -65.75 2.74 50.52
C ALA B 574 -66.17 2.32 51.93
N VAL B 575 -65.64 1.18 52.40
CA VAL B 575 -66.02 0.70 53.73
C VAL B 575 -65.45 1.63 54.81
N MET B 576 -64.28 2.21 54.56
CA MET B 576 -63.73 3.18 55.51
C MET B 576 -64.58 4.44 55.57
N LEU B 577 -65.10 4.88 54.42
CA LEU B 577 -66.03 6.02 54.41
C LEU B 577 -67.31 5.68 55.16
N TYR B 578 -67.79 4.44 55.00
CA TYR B 578 -68.96 4.01 55.78
C TYR B 578 -68.68 4.06 57.28
N LEU B 579 -67.50 3.58 57.69
CA LEU B 579 -67.15 3.62 59.10
C LEU B 579 -67.04 5.05 59.61
N LEU B 580 -66.46 5.95 58.81
CA LEU B 580 -66.35 7.34 59.21
C LEU B 580 -67.72 8.00 59.33
N ASP B 581 -68.63 7.69 58.40
CA ASP B 581 -69.99 8.19 58.50
C ASP B 581 -70.68 7.67 59.75
N ARG B 582 -70.44 6.40 60.09
CA ARG B 582 -70.97 5.87 61.35
C ARG B 582 -70.38 6.61 62.55
N PHE B 583 -69.11 6.99 62.47
CA PHE B 583 -68.43 7.71 63.53
C PHE B 583 -68.37 9.21 63.27
N SER B 584 -69.41 9.76 62.65
CA SER B 584 -69.46 11.19 62.35
C SER B 584 -69.60 12.01 63.62
N LEU B 601 -75.51 6.58 52.46
CA LEU B 601 -74.44 6.19 53.38
C LEU B 601 -74.83 4.92 54.15
N THR B 602 -75.75 4.15 53.58
CA THR B 602 -76.24 2.93 54.22
C THR B 602 -75.86 1.66 53.47
N LEU B 603 -76.17 1.57 52.18
CA LEU B 603 -75.98 0.32 51.44
C LEU B 603 -74.97 0.44 50.32
N SER B 604 -75.18 1.36 49.37
CA SER B 604 -74.32 1.44 48.19
C SER B 604 -74.01 2.85 47.73
N SER B 605 -74.42 3.89 48.45
CA SER B 605 -74.17 5.25 48.00
C SER B 605 -72.67 5.55 47.98
N ALA B 606 -71.94 5.08 49.00
CA ALA B 606 -70.50 5.34 49.06
C ALA B 606 -69.77 4.68 47.89
N MET B 607 -70.13 3.43 47.56
CA MET B 607 -69.48 2.77 46.44
C MET B 607 -69.89 3.38 45.11
N TRP B 608 -71.14 3.85 45.00
CA TRP B 608 -71.54 4.59 43.81
C TRP B 608 -70.71 5.85 43.63
N PHE B 609 -70.49 6.58 44.73
CA PHE B 609 -69.65 7.78 44.67
C PHE B 609 -68.21 7.44 44.31
N SER B 610 -67.69 6.35 44.87
CA SER B 610 -66.31 5.95 44.58
C SER B 610 -66.14 5.53 43.12
N TRP B 611 -67.17 4.93 42.53
CA TRP B 611 -67.11 4.61 41.10
C TRP B 611 -67.28 5.87 40.25
N GLY B 612 -68.17 6.78 40.65
CA GLY B 612 -68.46 7.95 39.86
C GLY B 612 -67.38 9.02 39.89
N VAL B 613 -66.57 9.06 40.96
CA VAL B 613 -65.46 10.01 40.98
C VAL B 613 -64.40 9.61 39.95
N LEU B 614 -64.16 8.31 39.79
CA LEU B 614 -63.24 7.85 38.76
C LEU B 614 -63.88 7.95 37.37
N LEU B 615 -65.15 7.59 37.26
CA LEU B 615 -65.89 7.65 36.00
C LEU B 615 -66.93 8.76 36.15
N ASN B 616 -66.56 9.97 35.74
CA ASN B 616 -67.35 11.17 35.99
C ASN B 616 -68.75 11.08 35.40
N SER B 617 -69.77 10.98 36.26
CA SER B 617 -71.15 11.01 35.84
C SER B 617 -72.04 11.82 36.75
N GLY B 618 -71.49 12.50 37.77
CA GLY B 618 -72.30 13.24 38.71
C GLY B 618 -73.06 12.35 39.67
N ILE B 619 -72.33 11.64 40.53
CA ILE B 619 -72.94 10.76 41.52
C ILE B 619 -72.50 11.18 42.91
N GLY B 620 -73.42 11.75 43.67
CA GLY B 620 -73.13 12.18 45.03
C GLY B 620 -73.81 13.49 45.40
N SER B 626 -67.42 13.74 59.48
CA SER B 626 -67.43 15.04 58.83
C SER B 626 -66.05 15.41 58.31
N PHE B 627 -65.15 15.76 59.23
CA PHE B 627 -63.79 16.12 58.84
C PHE B 627 -63.04 14.93 58.24
N SER B 628 -63.26 13.73 58.78
CA SER B 628 -62.61 12.54 58.24
C SER B 628 -63.08 12.27 56.81
N ALA B 629 -64.35 12.51 56.53
CA ALA B 629 -64.84 12.36 55.16
C ALA B 629 -64.14 13.34 54.23
N ARG B 630 -63.83 14.55 54.72
CA ARG B 630 -63.15 15.53 53.90
C ARG B 630 -61.76 15.06 53.49
N ILE B 631 -60.98 14.58 54.46
CA ILE B 631 -59.62 14.12 54.13
C ILE B 631 -59.67 12.85 53.30
N LEU B 632 -60.67 11.99 53.52
CA LEU B 632 -60.85 10.82 52.66
C LEU B 632 -61.10 11.24 51.22
N GLY B 633 -61.98 12.22 51.01
CA GLY B 633 -62.22 12.72 49.68
C GLY B 633 -60.99 13.35 49.06
N MET B 634 -60.22 14.09 49.88
CA MET B 634 -58.99 14.71 49.39
C MET B 634 -58.00 13.67 48.89
N VAL B 635 -57.76 12.64 49.71
CA VAL B 635 -56.76 11.64 49.33
C VAL B 635 -57.25 10.81 48.15
N TRP B 636 -58.55 10.51 48.09
CA TRP B 636 -59.08 9.77 46.96
C TRP B 636 -59.00 10.60 45.67
N ALA B 637 -59.27 11.90 45.76
CA ALA B 637 -59.13 12.77 44.60
C ALA B 637 -57.68 12.84 44.14
N GLY B 638 -56.74 12.91 45.09
CA GLY B 638 -55.33 12.89 44.72
C GLY B 638 -54.92 11.60 44.05
N PHE B 639 -55.46 10.47 44.52
CA PHE B 639 -55.13 9.18 43.93
C PHE B 639 -55.80 8.96 42.58
N ALA B 640 -56.93 9.63 42.33
CA ALA B 640 -57.69 9.38 41.11
C ALA B 640 -56.88 9.70 39.86
N MET B 641 -56.15 10.82 39.87
CA MET B 641 -55.39 11.22 38.69
C MET B 641 -54.18 10.32 38.43
N ILE B 642 -53.74 9.57 39.45
CA ILE B 642 -52.55 8.74 39.30
C ILE B 642 -52.75 7.68 38.22
N ILE B 643 -53.91 7.01 38.25
CA ILE B 643 -54.17 5.92 37.32
C ILE B 643 -54.20 6.44 35.88
N VAL B 644 -54.91 7.55 35.65
CA VAL B 644 -55.03 8.08 34.30
C VAL B 644 -53.68 8.62 33.81
N ALA B 645 -52.91 9.25 34.70
CA ALA B 645 -51.58 9.72 34.30
C ALA B 645 -50.68 8.56 33.92
N SER B 646 -50.69 7.48 34.71
CA SER B 646 -49.87 6.32 34.39
C SER B 646 -50.32 5.68 33.07
N TYR B 647 -51.63 5.59 32.85
CA TYR B 647 -52.13 5.01 31.61
C TYR B 647 -51.72 5.84 30.40
N THR B 648 -51.84 7.17 30.50
CA THR B 648 -51.42 8.03 29.40
C THR B 648 -49.92 7.92 29.14
N ALA B 649 -49.11 7.88 30.21
CA ALA B 649 -47.67 7.75 30.03
C ALA B 649 -47.31 6.43 29.37
N ASN B 650 -47.95 5.33 29.79
CA ASN B 650 -47.66 4.04 29.19
C ASN B 650 -48.09 4.00 27.73
N LEU B 651 -49.25 4.59 27.41
CA LEU B 651 -49.70 4.62 26.03
C LEU B 651 -48.75 5.44 25.16
N ALA B 652 -48.29 6.59 25.66
CA ALA B 652 -47.34 7.39 24.91
C ALA B 652 -46.02 6.66 24.70
N ALA B 653 -45.53 5.98 25.74
CA ALA B 653 -44.29 5.23 25.63
C ALA B 653 -44.41 4.10 24.61
N PHE B 654 -45.55 3.41 24.60
CA PHE B 654 -45.78 2.37 23.60
C PHE B 654 -45.87 2.96 22.20
N LEU B 655 -46.51 4.13 22.07
CA LEU B 655 -46.72 4.73 20.75
C LEU B 655 -45.46 5.35 20.17
N VAL B 656 -44.49 5.74 21.00
CA VAL B 656 -43.23 6.29 20.48
C VAL B 656 -42.33 5.09 20.18
N LEU B 657 -42.56 4.48 19.02
CA LEU B 657 -41.83 3.30 18.59
C LEU B 657 -42.10 3.02 17.12
N ASP B 658 -41.04 2.79 16.35
CA ASP B 658 -41.19 2.45 14.94
C ASP B 658 -41.57 0.97 14.83
N ARG B 659 -42.82 0.70 14.43
CA ARG B 659 -43.27 -0.68 14.30
C ARG B 659 -42.46 -1.47 13.29
N PRO B 660 -42.23 -0.98 12.08
CA PRO B 660 -41.36 -1.71 11.14
C PRO B 660 -39.91 -1.65 11.59
N GLU B 661 -39.16 -2.68 11.19
CA GLU B 661 -37.74 -2.72 11.51
C GLU B 661 -36.99 -1.65 10.73
N GLU B 662 -35.88 -1.19 11.29
CA GLU B 662 -35.11 -0.11 10.69
C GLU B 662 -34.63 -0.50 9.30
N ARG B 663 -34.73 0.44 8.36
CA ARG B 663 -34.35 0.18 6.98
C ARG B 663 -32.83 0.04 6.86
N ILE B 664 -32.40 -0.44 5.71
CA ILE B 664 -30.97 -0.66 5.46
C ILE B 664 -30.29 0.69 5.30
N THR B 665 -29.25 0.92 6.11
CA THR B 665 -28.51 2.18 6.05
C THR B 665 -27.46 2.19 4.94
N GLY B 666 -27.14 1.04 4.36
CA GLY B 666 -26.16 0.96 3.31
C GLY B 666 -25.43 -0.37 3.35
N ILE B 667 -24.25 -0.38 2.74
CA ILE B 667 -23.44 -1.60 2.70
C ILE B 667 -22.95 -1.96 4.09
N ASN B 668 -22.65 -0.95 4.92
CA ASN B 668 -22.11 -1.17 6.25
C ASN B 668 -23.17 -1.46 7.30
N ASP B 669 -24.36 -1.91 6.90
CA ASP B 669 -25.39 -2.26 7.87
C ASP B 669 -24.95 -3.51 8.64
N PRO B 670 -24.95 -3.47 9.97
CA PRO B 670 -24.50 -4.64 10.74
C PRO B 670 -25.31 -5.89 10.48
N ARG B 671 -26.60 -5.78 10.21
CA ARG B 671 -27.42 -6.97 9.97
C ARG B 671 -27.05 -7.64 8.65
N LEU B 672 -26.57 -6.86 7.67
CA LEU B 672 -26.14 -7.42 6.40
C LEU B 672 -24.80 -8.13 6.52
N ARG B 673 -23.93 -7.67 7.42
CA ARG B 673 -22.62 -8.28 7.59
C ARG B 673 -22.71 -9.70 8.15
N ASN B 674 -23.82 -10.05 8.79
CA ASN B 674 -24.03 -11.39 9.34
C ASN B 674 -25.17 -12.06 8.60
N PRO B 675 -24.89 -12.93 7.64
CA PRO B 675 -25.96 -13.60 6.90
C PRO B 675 -26.78 -14.52 7.79
N SER B 676 -28.06 -14.63 7.45
CA SER B 676 -28.98 -15.48 8.21
C SER B 676 -30.12 -15.91 7.29
N ASP B 677 -30.80 -16.99 7.71
CA ASP B 677 -31.90 -17.52 6.93
C ASP B 677 -33.16 -16.68 7.03
N LYS B 678 -33.35 -15.94 8.14
CA LYS B 678 -34.54 -15.12 8.28
C LYS B 678 -34.53 -13.94 7.32
N PHE B 679 -33.36 -13.41 6.99
CA PHE B 679 -33.21 -12.29 6.07
C PHE B 679 -32.30 -12.75 4.93
N ILE B 680 -32.92 -13.20 3.84
CA ILE B 680 -32.19 -13.73 2.69
C ILE B 680 -32.12 -12.66 1.60
N TYR B 681 -30.92 -12.46 1.05
CA TYR B 681 -30.71 -11.53 -0.04
C TYR B 681 -29.52 -12.00 -0.85
N ALA B 682 -29.62 -11.83 -2.17
CA ALA B 682 -28.56 -12.33 -3.06
C ALA B 682 -28.61 -11.56 -4.37
N THR B 683 -27.53 -11.69 -5.14
CA THR B 683 -27.45 -11.09 -6.47
C THR B 683 -28.15 -12.01 -7.47
N VAL B 684 -27.98 -11.73 -8.76
CA VAL B 684 -28.66 -12.50 -9.80
C VAL B 684 -27.71 -13.51 -10.43
N LYS B 685 -26.54 -13.05 -10.88
CA LYS B 685 -25.64 -13.88 -11.65
C LYS B 685 -24.23 -13.31 -11.52
N GLN B 686 -23.32 -13.75 -12.40
CA GLN B 686 -21.93 -13.34 -12.38
C GLN B 686 -21.69 -11.99 -13.04
N SER B 687 -22.73 -11.15 -13.12
CA SER B 687 -22.62 -9.83 -13.74
C SER B 687 -21.72 -8.90 -12.92
N SER B 688 -21.62 -7.64 -13.34
CA SER B 688 -20.68 -6.70 -12.72
C SER B 688 -20.90 -6.57 -11.22
N VAL B 689 -22.12 -6.76 -10.75
CA VAL B 689 -22.37 -6.70 -9.30
C VAL B 689 -21.60 -7.81 -8.58
N ASP B 690 -21.60 -9.01 -9.14
CA ASP B 690 -20.86 -10.12 -8.54
C ASP B 690 -19.37 -9.84 -8.52
N ILE B 691 -18.83 -9.26 -9.60
CA ILE B 691 -17.41 -8.93 -9.64
C ILE B 691 -17.07 -7.87 -8.61
N TYR B 692 -17.93 -6.85 -8.48
CA TYR B 692 -17.70 -5.82 -7.48
C TYR B 692 -17.71 -6.39 -6.07
N PHE B 693 -18.66 -7.29 -5.79
CA PHE B 693 -18.71 -7.91 -4.46
C PHE B 693 -17.51 -8.82 -4.21
N ARG B 694 -17.02 -9.49 -5.26
CA ARG B 694 -15.88 -10.39 -5.11
C ARG B 694 -14.57 -9.64 -4.95
N ARG B 695 -14.47 -8.43 -5.52
CA ARG B 695 -13.20 -7.72 -5.52
C ARG B 695 -12.72 -7.40 -4.11
N GLN B 696 -13.63 -6.91 -3.26
CA GLN B 696 -13.28 -6.61 -1.87
C GLN B 696 -13.42 -7.89 -1.06
N VAL B 697 -12.31 -8.62 -0.90
CA VAL B 697 -12.35 -9.92 -0.22
C VAL B 697 -12.07 -9.64 1.25
N CYS B 698 -13.13 -9.27 1.97
CA CYS B 698 -13.10 -9.23 3.43
C CYS B 698 -14.36 -9.90 3.97
N LEU B 699 -15.40 -9.95 3.14
CA LEU B 699 -16.67 -10.60 3.51
C LEU B 699 -16.68 -12.03 2.96
N SER B 700 -15.90 -12.88 3.62
CA SER B 700 -15.81 -14.27 3.20
C SER B 700 -17.14 -14.99 3.34
N THR B 701 -17.86 -14.74 4.44
CA THR B 701 -19.13 -15.40 4.69
C THR B 701 -20.26 -14.87 3.82
N MET B 702 -20.08 -13.74 3.15
CA MET B 702 -21.14 -13.18 2.31
C MET B 702 -21.45 -14.10 1.14
N TYR B 703 -20.43 -14.62 0.47
CA TYR B 703 -20.65 -15.51 -0.66
C TYR B 703 -21.10 -16.90 -0.25
N ARG B 704 -20.92 -17.25 1.02
CA ARG B 704 -21.43 -18.53 1.52
C ARG B 704 -22.96 -18.58 1.52
N HIS B 705 -23.61 -17.42 1.49
CA HIS B 705 -25.07 -17.34 1.44
C HIS B 705 -25.60 -16.67 0.19
N MET B 706 -24.85 -15.74 -0.41
CA MET B 706 -25.33 -15.07 -1.61
C MET B 706 -25.43 -16.03 -2.80
N GLU B 707 -24.47 -16.93 -2.94
CA GLU B 707 -24.46 -17.87 -4.06
C GLU B 707 -25.58 -18.91 -3.97
N LYS B 708 -26.25 -19.04 -2.82
CA LYS B 708 -27.28 -20.04 -2.63
C LYS B 708 -28.66 -19.57 -3.06
N HIS B 709 -28.81 -18.30 -3.46
CA HIS B 709 -30.12 -17.77 -3.82
C HIS B 709 -30.08 -16.99 -5.13
N ASN B 710 -29.11 -17.28 -6.00
CA ASN B 710 -29.04 -16.60 -7.29
C ASN B 710 -30.18 -17.04 -8.19
N TYR B 711 -30.77 -16.08 -8.91
CA TYR B 711 -31.87 -16.34 -9.83
C TYR B 711 -31.39 -16.19 -11.27
N GLU B 712 -32.33 -16.29 -12.20
CA GLU B 712 -32.00 -16.27 -13.62
C GLU B 712 -32.03 -14.86 -14.20
N SER B 713 -33.06 -14.08 -13.91
CA SER B 713 -33.21 -12.76 -14.50
C SER B 713 -33.70 -11.77 -13.45
N ALA B 714 -33.45 -10.49 -13.72
CA ALA B 714 -33.89 -9.43 -12.83
C ALA B 714 -35.40 -9.39 -12.70
N ALA B 715 -36.12 -9.70 -13.79
CA ALA B 715 -37.57 -9.74 -13.73
C ALA B 715 -38.05 -10.82 -12.75
N GLU B 716 -37.45 -12.01 -12.84
CA GLU B 716 -37.80 -13.07 -11.89
C GLU B 716 -37.43 -12.69 -10.47
N ALA B 717 -36.27 -12.04 -10.30
CA ALA B 717 -35.85 -11.63 -8.96
C ALA B 717 -36.82 -10.63 -8.35
N ILE B 718 -37.23 -9.63 -9.12
CA ILE B 718 -38.16 -8.63 -8.60
C ILE B 718 -39.54 -9.22 -8.38
N GLN B 719 -39.95 -10.17 -9.23
CA GLN B 719 -41.21 -10.86 -8.99
C GLN B 719 -41.18 -11.64 -7.69
N ALA B 720 -40.06 -12.32 -7.42
CA ALA B 720 -39.92 -13.03 -6.15
C ALA B 720 -39.92 -12.07 -4.96
N VAL B 721 -39.25 -10.93 -5.11
CA VAL B 721 -39.25 -9.94 -4.04
C VAL B 721 -40.66 -9.44 -3.77
N ARG B 722 -41.43 -9.16 -4.84
CA ARG B 722 -42.81 -8.73 -4.68
C ARG B 722 -43.66 -9.83 -4.06
N ASP B 723 -43.35 -11.10 -4.33
CA ASP B 723 -44.08 -12.22 -3.80
C ASP B 723 -43.65 -12.60 -2.38
N ASN B 724 -42.96 -11.70 -1.68
CA ASN B 724 -42.52 -11.92 -0.30
C ASN B 724 -41.64 -13.17 -0.19
N LYS B 725 -40.76 -13.36 -1.17
CA LYS B 725 -39.81 -14.47 -1.16
C LYS B 725 -38.39 -14.03 -0.79
N LEU B 726 -37.91 -12.93 -1.35
CA LEU B 726 -36.59 -12.39 -1.03
C LEU B 726 -36.76 -11.08 -0.29
N HIS B 727 -36.08 -10.96 0.86
CA HIS B 727 -36.21 -9.76 1.68
C HIS B 727 -35.48 -8.56 1.09
N ALA B 728 -34.47 -8.78 0.25
CA ALA B 728 -33.75 -7.67 -0.37
C ALA B 728 -33.18 -8.13 -1.70
N PHE B 729 -32.96 -7.16 -2.58
CA PHE B 729 -32.42 -7.41 -3.91
C PHE B 729 -31.39 -6.33 -4.24
N ILE B 730 -30.30 -6.74 -4.88
CA ILE B 730 -29.19 -5.86 -5.21
C ILE B 730 -29.05 -5.78 -6.72
N TRP B 731 -29.11 -4.56 -7.26
CA TRP B 731 -28.97 -4.32 -8.68
C TRP B 731 -28.71 -2.83 -8.88
N ASP B 732 -28.45 -2.43 -10.12
CA ASP B 732 -28.19 -1.03 -10.43
C ASP B 732 -29.38 -0.17 -10.03
N SER B 733 -29.08 0.94 -9.35
CA SER B 733 -30.14 1.78 -8.78
C SER B 733 -31.05 2.38 -9.85
N ALA B 734 -30.57 2.53 -11.09
CA ALA B 734 -31.39 3.10 -12.13
C ALA B 734 -32.64 2.26 -12.39
N VAL B 735 -32.57 0.95 -12.16
CA VAL B 735 -33.72 0.08 -12.33
C VAL B 735 -34.60 0.09 -11.09
N LEU B 736 -34.00 0.04 -9.90
CA LEU B 736 -34.78 0.00 -8.67
C LEU B 736 -35.58 1.28 -8.47
N GLU B 737 -34.99 2.44 -8.76
CA GLU B 737 -35.73 3.69 -8.60
C GLU B 737 -36.89 3.77 -9.57
N PHE B 738 -36.69 3.31 -10.82
CA PHE B 738 -37.78 3.31 -11.79
C PHE B 738 -38.90 2.37 -11.36
N GLU B 739 -38.54 1.18 -10.86
CA GLU B 739 -39.56 0.25 -10.40
C GLU B 739 -40.32 0.80 -9.20
N ALA B 740 -39.62 1.46 -8.26
CA ALA B 740 -40.29 2.06 -7.12
C ALA B 740 -41.22 3.19 -7.54
N SER B 741 -40.79 4.00 -8.53
CA SER B 741 -41.66 5.05 -9.03
C SER B 741 -42.90 4.48 -9.72
N GLN B 742 -42.72 3.41 -10.50
CA GLN B 742 -43.84 2.84 -11.25
C GLN B 742 -44.84 2.16 -10.32
N LYS B 743 -44.36 1.32 -9.41
CA LYS B 743 -45.20 0.58 -8.49
C LYS B 743 -44.95 1.07 -7.08
N CYS B 744 -46.01 1.49 -6.39
CA CYS B 744 -45.90 2.05 -5.04
C CYS B 744 -46.00 0.97 -3.97
N ASP B 745 -45.16 -0.05 -4.08
CA ASP B 745 -45.08 -1.10 -3.08
C ASP B 745 -43.65 -1.48 -2.70
N LEU B 746 -42.65 -1.03 -3.44
CA LEU B 746 -41.25 -1.28 -3.13
C LEU B 746 -40.53 0.06 -2.91
N VAL B 747 -39.56 0.04 -2.00
CA VAL B 747 -38.79 1.24 -1.67
C VAL B 747 -37.31 0.87 -1.70
N THR B 748 -36.47 1.88 -1.97
CA THR B 748 -35.02 1.70 -2.06
C THR B 748 -34.37 2.25 -0.79
N THR B 749 -33.45 1.47 -0.23
CA THR B 749 -32.75 1.83 0.99
C THR B 749 -31.28 2.07 0.70
N GLY B 750 -30.64 2.85 1.58
CA GLY B 750 -29.25 3.20 1.41
C GLY B 750 -29.05 4.43 0.54
N GLU B 751 -27.96 5.15 0.76
CA GLU B 751 -27.70 6.37 -0.02
C GLU B 751 -27.10 6.02 -1.37
N LEU B 752 -25.88 5.48 -1.36
CA LEU B 752 -25.15 5.08 -2.56
C LEU B 752 -23.88 4.36 -2.15
N PHE B 753 -23.41 3.49 -3.04
CA PHE B 753 -22.15 2.80 -2.84
C PHE B 753 -21.72 2.18 -4.17
N PHE B 754 -20.41 2.14 -4.39
CA PHE B 754 -19.82 1.60 -5.62
C PHE B 754 -20.40 2.28 -6.86
N ARG B 755 -20.33 3.62 -6.87
CA ARG B 755 -20.86 4.38 -7.99
C ARG B 755 -20.06 4.11 -9.25
N SER B 756 -20.77 3.95 -10.37
CA SER B 756 -20.15 3.63 -11.65
C SER B 756 -20.97 4.24 -12.76
N GLY B 757 -20.74 3.78 -13.99
CA GLY B 757 -21.48 4.28 -15.14
C GLY B 757 -21.62 3.21 -16.19
N PHE B 758 -22.42 3.52 -17.22
CA PHE B 758 -22.65 2.60 -18.32
C PHE B 758 -21.59 2.81 -19.40
N GLY B 759 -21.81 2.20 -20.56
CA GLY B 759 -20.86 2.34 -21.65
C GLY B 759 -21.35 1.62 -22.89
N ILE B 760 -20.55 1.72 -23.95
CA ILE B 760 -20.86 1.11 -25.23
C ILE B 760 -19.74 0.12 -25.55
N GLY B 761 -20.10 -1.14 -25.78
CA GLY B 761 -19.13 -2.17 -26.07
C GLY B 761 -18.65 -2.13 -27.51
N MET B 762 -17.42 -1.70 -27.72
CA MET B 762 -16.83 -1.63 -29.05
C MET B 762 -15.42 -2.23 -29.02
N ARG B 763 -15.05 -2.84 -30.14
CA ARG B 763 -13.72 -3.42 -30.26
C ARG B 763 -12.66 -2.31 -30.41
N LYS B 764 -11.42 -2.66 -30.06
CA LYS B 764 -10.33 -1.69 -30.10
C LYS B 764 -10.00 -1.23 -31.51
N ASP B 765 -10.25 -2.07 -32.52
CA ASP B 765 -9.96 -1.72 -33.90
C ASP B 765 -11.10 -0.96 -34.57
N SER B 766 -12.21 -0.74 -33.89
CA SER B 766 -13.32 0.00 -34.48
C SER B 766 -12.96 1.48 -34.58
N PRO B 767 -13.04 2.08 -35.77
CA PRO B 767 -12.72 3.50 -35.93
C PRO B 767 -13.85 4.44 -35.58
N TRP B 768 -14.91 3.98 -34.91
CA TRP B 768 -16.07 4.79 -34.57
C TRP B 768 -16.07 5.19 -33.10
N LYS B 769 -14.89 5.47 -32.55
CA LYS B 769 -14.80 5.85 -31.14
C LYS B 769 -15.00 7.35 -30.97
N GLN B 770 -14.21 8.17 -31.68
CA GLN B 770 -14.29 9.61 -31.54
C GLN B 770 -15.66 10.12 -32.00
N ASN B 771 -16.18 9.58 -33.11
CA ASN B 771 -17.49 10.02 -33.59
C ASN B 771 -18.57 9.75 -32.55
N VAL B 772 -18.59 8.54 -31.98
CA VAL B 772 -19.61 8.20 -31.00
C VAL B 772 -19.46 9.05 -29.74
N SER B 773 -18.23 9.25 -29.28
CA SER B 773 -18.02 10.06 -28.09
C SER B 773 -18.48 11.49 -28.30
N LEU B 774 -18.13 12.09 -29.44
CA LEU B 774 -18.55 13.46 -29.72
C LEU B 774 -20.06 13.56 -29.84
N SER B 775 -20.69 12.61 -30.52
CA SER B 775 -22.14 12.63 -30.68
C SER B 775 -22.84 12.50 -29.33
N ILE B 776 -22.36 11.60 -28.47
CA ILE B 776 -22.97 11.41 -27.16
C ILE B 776 -22.81 12.67 -26.32
N LEU B 777 -21.62 13.27 -26.34
CA LEU B 777 -21.41 14.49 -25.56
C LEU B 777 -22.29 15.63 -26.06
N LYS B 778 -22.41 15.78 -27.38
CA LYS B 778 -23.26 16.82 -27.93
C LYS B 778 -24.73 16.59 -27.56
N SER B 779 -25.19 15.35 -27.64
CA SER B 779 -26.57 15.04 -27.26
C SER B 779 -26.81 15.33 -25.80
N HIS B 780 -25.86 14.97 -24.92
CA HIS B 780 -26.01 15.25 -23.51
C HIS B 780 -26.02 16.74 -23.23
N GLU B 781 -25.18 17.50 -23.94
CA GLU B 781 -25.14 18.94 -23.74
C GLU B 781 -26.42 19.62 -24.22
N ASN B 782 -27.00 19.12 -25.32
CA ASN B 782 -28.16 19.75 -25.93
C ASN B 782 -29.47 19.40 -25.24
N GLY B 783 -29.43 18.78 -24.06
CA GLY B 783 -30.63 18.48 -23.33
C GLY B 783 -31.38 17.24 -23.77
N PHE B 784 -30.82 16.47 -24.71
CA PHE B 784 -31.49 15.25 -25.17
C PHE B 784 -31.62 14.24 -24.04
N MET B 785 -30.58 14.11 -23.22
CA MET B 785 -30.63 13.16 -22.11
C MET B 785 -31.72 13.53 -21.10
N GLU B 786 -31.87 14.83 -20.81
CA GLU B 786 -32.89 15.26 -19.87
C GLU B 786 -34.29 14.94 -20.40
N ASP B 787 -34.53 15.21 -21.68
CA ASP B 787 -35.83 14.91 -22.27
C ASP B 787 -36.09 13.40 -22.27
N LEU B 788 -35.07 12.60 -22.59
CA LEU B 788 -35.24 11.15 -22.57
C LEU B 788 -35.56 10.65 -21.17
N ASP B 789 -34.85 11.18 -20.16
CA ASP B 789 -35.12 10.77 -18.78
C ASP B 789 -36.52 11.16 -18.35
N LYS B 790 -36.97 12.37 -18.70
CA LYS B 790 -38.31 12.81 -18.33
C LYS B 790 -39.37 11.96 -19.03
N THR B 791 -39.14 11.60 -20.29
CA THR B 791 -40.15 10.84 -21.03
C THR B 791 -40.20 9.37 -20.62
N TRP B 792 -39.07 8.78 -20.24
CA TRP B 792 -39.00 7.34 -20.00
C TRP B 792 -38.74 6.99 -18.54
N VAL B 793 -37.64 7.51 -17.96
CA VAL B 793 -37.23 7.04 -16.64
C VAL B 793 -37.82 7.87 -15.49
N ARG B 794 -38.33 9.07 -15.77
CA ARG B 794 -38.89 9.94 -14.74
C ARG B 794 -40.40 9.95 -14.88
N TYR B 795 -41.08 9.33 -13.91
CA TYR B 795 -42.54 9.28 -13.90
C TYR B 795 -43.08 9.81 -12.58
N GLN B 796 -44.39 9.64 -12.35
CA GLN B 796 -44.99 10.10 -11.10
C GLN B 796 -44.45 9.32 -9.92
N GLU B 797 -44.30 10.01 -8.80
CA GLU B 797 -43.77 9.41 -7.58
C GLU B 797 -44.89 8.97 -6.66
N CYS B 798 -44.51 8.31 -5.56
CA CYS B 798 -45.48 7.80 -4.60
C CYS B 798 -45.56 8.70 -3.37
N THR B 809 -58.53 3.15 13.44
CA THR B 809 -57.40 2.96 12.54
C THR B 809 -57.35 1.52 12.01
N PHE B 810 -57.19 0.57 12.92
CA PHE B 810 -57.03 -0.82 12.53
C PHE B 810 -57.62 -1.69 13.65
N GLU B 811 -57.23 -2.98 13.67
CA GLU B 811 -57.85 -3.97 14.53
C GLU B 811 -57.72 -3.61 16.01
N ASN B 812 -56.76 -2.76 16.38
CA ASN B 812 -56.57 -2.41 17.79
C ASN B 812 -57.80 -1.74 18.38
N MET B 813 -58.13 -0.54 17.88
CA MET B 813 -59.25 0.20 18.43
C MET B 813 -60.59 -0.46 18.11
N ALA B 814 -60.71 -1.07 16.93
CA ALA B 814 -61.94 -1.78 16.60
C ALA B 814 -62.18 -2.94 17.58
N GLY B 815 -61.13 -3.69 17.89
CA GLY B 815 -61.26 -4.81 18.81
C GLY B 815 -61.55 -4.35 20.22
N VAL B 816 -60.89 -3.28 20.69
CA VAL B 816 -61.19 -2.79 22.03
C VAL B 816 -62.61 -2.26 22.11
N PHE B 817 -63.09 -1.63 21.03
CA PHE B 817 -64.48 -1.18 20.98
C PHE B 817 -65.43 -2.37 21.03
N MET B 818 -65.14 -3.43 20.27
CA MET B 818 -65.99 -4.61 20.30
C MET B 818 -66.04 -5.22 21.69
N LEU B 819 -64.88 -5.31 22.36
CA LEU B 819 -64.84 -5.85 23.71
C LEU B 819 -65.67 -5.02 24.67
N VAL B 820 -65.48 -3.70 24.66
CA VAL B 820 -66.21 -2.85 25.61
C VAL B 820 -67.70 -2.85 25.28
N ALA B 821 -68.07 -2.93 24.00
CA ALA B 821 -69.47 -2.94 23.63
C ALA B 821 -70.15 -4.23 24.07
N GLY B 822 -69.50 -5.37 23.84
CA GLY B 822 -70.04 -6.62 24.35
C GLY B 822 -70.17 -6.62 25.86
N GLY B 823 -69.14 -6.11 26.54
CA GLY B 823 -69.19 -6.01 27.99
C GLY B 823 -70.35 -5.16 28.47
N ILE B 824 -70.55 -4.00 27.84
CA ILE B 824 -71.59 -3.09 28.32
C ILE B 824 -72.98 -3.63 28.01
N VAL B 825 -73.16 -4.29 26.86
CA VAL B 825 -74.49 -4.83 26.56
C VAL B 825 -74.81 -6.01 27.49
N ALA B 826 -73.83 -6.88 27.73
CA ALA B 826 -74.04 -7.96 28.70
C ALA B 826 -74.32 -7.39 30.08
N GLY B 827 -73.59 -6.32 30.45
CA GLY B 827 -73.80 -5.71 31.75
C GLY B 827 -75.18 -5.11 31.91
N ILE B 828 -75.66 -4.41 30.89
CA ILE B 828 -76.98 -3.80 31.00
C ILE B 828 -78.07 -4.86 31.03
N PHE B 829 -77.92 -5.93 30.24
CA PHE B 829 -78.90 -7.01 30.30
C PHE B 829 -78.94 -7.67 31.67
N LEU B 830 -77.76 -8.04 32.19
CA LEU B 830 -77.70 -8.70 33.48
C LEU B 830 -78.18 -7.77 34.60
N ILE B 831 -77.86 -6.48 34.49
CA ILE B 831 -78.28 -5.54 35.53
C ILE B 831 -79.77 -5.32 35.47
N PHE B 832 -80.36 -5.36 34.27
CA PHE B 832 -81.81 -5.25 34.16
C PHE B 832 -82.51 -6.43 34.83
N ILE B 833 -82.08 -7.65 34.50
CA ILE B 833 -82.73 -8.82 35.10
C ILE B 833 -82.46 -8.87 36.61
N GLU B 834 -81.26 -8.47 37.03
CA GLU B 834 -80.93 -8.48 38.46
C GLU B 834 -81.70 -7.41 39.22
N ILE B 835 -81.94 -6.26 38.60
CA ILE B 835 -82.74 -5.22 39.24
C ILE B 835 -84.18 -5.66 39.36
N ALA B 836 -84.70 -6.34 38.33
CA ALA B 836 -86.04 -6.91 38.43
C ALA B 836 -86.12 -7.91 39.58
N TYR B 837 -85.12 -8.79 39.69
CA TYR B 837 -85.10 -9.78 40.77
C TYR B 837 -84.99 -9.10 42.13
N LYS B 838 -84.16 -8.05 42.23
CA LYS B 838 -84.00 -7.34 43.49
C LYS B 838 -85.28 -6.64 43.90
N ARG B 839 -85.98 -6.03 42.94
CA ARG B 839 -87.27 -5.41 43.23
C ARG B 839 -88.28 -6.44 43.70
N HIS B 840 -88.29 -7.60 43.05
CA HIS B 840 -89.20 -8.67 43.48
C HIS B 840 -88.87 -9.13 44.89
N LYS B 841 -87.58 -9.28 45.21
CA LYS B 841 -87.17 -9.71 46.54
C LYS B 841 -87.53 -8.68 47.59
N ASP B 842 -87.33 -7.40 47.29
CA ASP B 842 -87.69 -6.35 48.24
C ASP B 842 -89.19 -6.27 48.45
N ALA B 843 -89.97 -6.49 47.39
CA ALA B 843 -91.42 -6.40 47.43
C ALA B 843 -92.09 -7.77 47.45
N ARG B 844 -91.51 -8.74 48.15
CA ARG B 844 -92.12 -10.06 48.26
C ARG B 844 -93.47 -9.98 48.98
N LEU C 34 3.92 -59.03 -39.87
CA LEU C 34 4.28 -60.43 -40.08
C LEU C 34 5.68 -60.72 -39.57
N ASN C 35 6.57 -59.74 -39.69
CA ASN C 35 7.95 -59.87 -39.23
C ASN C 35 8.33 -58.60 -38.47
N ILE C 36 9.07 -58.79 -37.38
CA ILE C 36 9.49 -57.70 -36.50
C ILE C 36 11.01 -57.72 -36.41
N ALA C 37 11.63 -56.56 -36.61
CA ALA C 37 13.08 -56.40 -36.52
C ALA C 37 13.41 -55.31 -35.51
N VAL C 38 14.31 -55.61 -34.58
CA VAL C 38 14.71 -54.69 -33.53
C VAL C 38 16.22 -54.48 -33.63
N MET C 39 16.64 -53.21 -33.65
CA MET C 39 18.05 -52.85 -33.73
C MET C 39 18.55 -52.50 -32.34
N LEU C 40 19.70 -53.06 -31.97
CA LEU C 40 20.31 -52.84 -30.67
C LEU C 40 21.76 -52.44 -30.86
N GLY C 41 22.46 -52.24 -29.75
CA GLY C 41 23.86 -51.87 -29.77
C GLY C 41 24.75 -52.84 -29.02
N HIS C 42 25.88 -52.35 -28.52
CA HIS C 42 26.83 -53.16 -27.78
C HIS C 42 26.71 -52.99 -26.27
N SER C 43 25.66 -52.33 -25.80
CA SER C 43 25.50 -52.10 -24.37
C SER C 43 25.32 -53.41 -23.60
N HIS C 44 24.55 -54.34 -24.15
CA HIS C 44 24.24 -55.60 -23.50
C HIS C 44 24.56 -56.77 -24.42
N ASP C 45 24.48 -57.97 -23.86
CA ASP C 45 24.80 -59.18 -24.60
C ASP C 45 23.78 -59.44 -25.71
N VAL C 46 24.28 -59.97 -26.82
CA VAL C 46 23.42 -60.19 -27.99
C VAL C 46 22.45 -61.33 -27.75
N THR C 47 22.92 -62.42 -27.13
CA THR C 47 22.10 -63.62 -27.00
C THR C 47 20.87 -63.38 -26.13
N GLU C 48 21.06 -62.73 -24.97
CA GLU C 48 19.94 -62.47 -24.09
C GLU C 48 18.96 -61.48 -24.72
N ARG C 49 19.47 -60.50 -25.46
CA ARG C 49 18.59 -59.57 -26.17
C ARG C 49 17.75 -60.31 -27.21
N GLU C 50 18.37 -61.21 -27.96
CA GLU C 50 17.62 -61.99 -28.95
C GLU C 50 16.57 -62.85 -28.27
N LEU C 51 16.92 -63.50 -27.17
CA LEU C 51 15.95 -64.35 -26.47
C LEU C 51 14.78 -63.54 -25.93
N ARG C 52 15.06 -62.38 -25.34
CA ARG C 52 13.97 -61.57 -24.77
C ARG C 52 13.09 -61.00 -25.88
N THR C 53 13.68 -60.58 -27.00
CA THR C 53 12.87 -60.12 -28.12
C THR C 53 12.03 -61.26 -28.69
N LEU C 54 12.56 -62.48 -28.68
CA LEU C 54 11.79 -63.62 -29.16
C LEU C 54 10.61 -63.91 -28.25
N TRP C 55 10.82 -63.91 -26.94
CA TRP C 55 9.73 -64.28 -26.03
C TRP C 55 8.87 -63.10 -25.60
N GLY C 56 9.16 -61.90 -26.09
CA GLY C 56 8.32 -60.74 -25.82
C GLY C 56 6.88 -60.91 -26.26
N PRO C 57 6.65 -61.04 -27.57
CA PRO C 57 5.26 -61.20 -28.06
C PRO C 57 4.58 -62.47 -27.57
N GLU C 58 5.35 -63.46 -27.11
CA GLU C 58 4.77 -64.71 -26.62
C GLU C 58 4.26 -64.60 -25.18
N GLN C 59 4.48 -63.47 -24.50
CA GLN C 59 4.02 -63.33 -23.13
C GLN C 59 2.50 -63.32 -23.05
N ALA C 60 1.85 -62.50 -23.86
CA ALA C 60 0.40 -62.39 -23.85
C ALA C 60 -0.06 -61.78 -25.16
N ALA C 61 -1.37 -61.91 -25.42
CA ALA C 61 -2.01 -61.35 -26.61
C ALA C 61 -1.35 -61.88 -27.88
N GLY C 62 -1.45 -63.20 -28.07
CA GLY C 62 -0.88 -63.85 -29.23
C GLY C 62 -1.46 -63.36 -30.54
N LEU C 63 -0.59 -62.97 -31.47
CA LEU C 63 -1.05 -62.49 -32.76
C LEU C 63 -1.61 -63.64 -33.59
N PRO C 64 -2.59 -63.37 -34.46
CA PRO C 64 -3.07 -64.43 -35.38
C PRO C 64 -1.98 -64.97 -36.28
N LEU C 65 -1.03 -64.13 -36.68
CA LEU C 65 0.13 -64.56 -37.47
C LEU C 65 1.37 -64.34 -36.62
N ASP C 66 2.08 -65.43 -36.32
CA ASP C 66 3.27 -65.34 -35.49
C ASP C 66 4.37 -64.55 -36.19
N VAL C 67 5.07 -63.74 -35.42
CA VAL C 67 6.15 -62.91 -35.94
C VAL C 67 7.48 -63.42 -35.41
N ASN C 68 8.54 -63.14 -36.16
CA ASN C 68 9.90 -63.51 -35.80
C ASN C 68 10.69 -62.25 -35.41
N VAL C 69 11.93 -62.46 -35.02
CA VAL C 69 12.83 -61.39 -34.61
C VAL C 69 14.13 -61.51 -35.39
N VAL C 70 14.55 -60.42 -36.02
CA VAL C 70 15.84 -60.34 -36.71
C VAL C 70 16.60 -59.19 -36.05
N ALA C 71 17.42 -59.52 -35.06
CA ALA C 71 18.14 -58.52 -34.27
C ALA C 71 19.57 -58.41 -34.79
N LEU C 72 19.96 -57.20 -35.18
CA LEU C 72 21.31 -56.91 -35.62
C LEU C 72 21.95 -55.93 -34.64
N LEU C 73 23.12 -56.31 -34.11
CA LEU C 73 23.80 -55.52 -33.10
C LEU C 73 25.18 -55.12 -33.62
N MET C 74 25.49 -53.83 -33.53
CA MET C 74 26.78 -53.31 -33.96
C MET C 74 27.07 -52.02 -33.20
N ASN C 75 28.36 -51.77 -32.97
CA ASN C 75 28.76 -50.56 -32.25
C ASN C 75 28.62 -49.31 -33.11
N ARG C 76 29.00 -49.41 -34.38
CA ARG C 76 28.95 -48.26 -35.28
C ARG C 76 27.52 -48.00 -35.75
N THR C 77 27.30 -46.78 -36.23
CA THR C 77 26.02 -46.36 -36.78
C THR C 77 26.23 -45.63 -38.10
N ASP C 78 27.07 -46.20 -38.95
CA ASP C 78 27.37 -45.60 -40.24
C ASP C 78 26.14 -45.65 -41.15
N PRO C 79 25.91 -44.59 -41.94
CA PRO C 79 24.73 -44.60 -42.82
C PRO C 79 24.73 -45.74 -43.83
N LYS C 80 25.90 -46.10 -44.36
CA LYS C 80 25.96 -47.21 -45.30
C LYS C 80 25.61 -48.53 -44.61
N SER C 81 26.11 -48.74 -43.39
CA SER C 81 25.72 -49.91 -42.63
C SER C 81 24.22 -49.93 -42.36
N LEU C 82 23.65 -48.76 -42.04
CA LEU C 82 22.22 -48.68 -41.78
C LEU C 82 21.40 -49.04 -43.02
N ILE C 83 21.78 -48.51 -44.18
CA ILE C 83 21.01 -48.79 -45.39
C ILE C 83 21.19 -50.25 -45.82
N THR C 84 22.38 -50.81 -45.63
CA THR C 84 22.56 -52.23 -45.94
C THR C 84 21.71 -53.11 -45.01
N HIS C 85 21.65 -52.76 -43.73
CA HIS C 85 20.81 -53.50 -42.81
C HIS C 85 19.33 -53.36 -43.17
N VAL C 86 18.91 -52.17 -43.59
CA VAL C 86 17.53 -51.96 -44.01
C VAL C 86 17.22 -52.82 -45.23
N CYS C 87 18.14 -52.89 -46.19
CA CYS C 87 17.94 -53.73 -47.36
C CYS C 87 17.86 -55.20 -46.99
N ASP C 88 18.72 -55.63 -46.06
CA ASP C 88 18.69 -57.03 -45.61
C ASP C 88 17.37 -57.36 -44.93
N LEU C 89 16.86 -56.43 -44.11
CA LEU C 89 15.56 -56.64 -43.48
C LEU C 89 14.44 -56.67 -44.52
N MET C 90 14.54 -55.81 -45.53
CA MET C 90 13.55 -55.81 -46.61
C MET C 90 13.54 -57.15 -47.34
N SER C 91 14.72 -57.71 -47.59
CA SER C 91 14.81 -59.04 -48.20
C SER C 91 14.36 -60.14 -47.25
N GLY C 92 14.17 -59.84 -45.96
CA GLY C 92 13.76 -60.84 -44.99
C GLY C 92 12.28 -61.10 -44.95
N ALA C 93 11.73 -61.59 -46.07
CA ALA C 93 10.32 -61.97 -46.18
C ALA C 93 9.39 -60.80 -45.86
N ARG C 94 9.72 -59.61 -46.37
CA ARG C 94 8.87 -58.43 -46.30
C ARG C 94 8.53 -58.07 -44.85
N ILE C 95 9.59 -57.68 -44.12
CA ILE C 95 9.42 -57.26 -42.73
C ILE C 95 8.54 -56.02 -42.69
N HIS C 96 7.49 -56.07 -41.87
CA HIS C 96 6.55 -54.95 -41.75
C HIS C 96 6.90 -54.00 -40.62
N GLY C 97 7.60 -54.47 -39.58
CA GLY C 97 7.94 -53.63 -38.45
C GLY C 97 9.42 -53.56 -38.19
N LEU C 98 9.97 -52.35 -38.14
CA LEU C 98 11.40 -52.12 -37.94
C LEU C 98 11.57 -51.26 -36.69
N VAL C 99 12.05 -51.87 -35.61
CA VAL C 99 12.36 -51.14 -34.40
C VAL C 99 13.82 -50.71 -34.45
N PHE C 100 14.06 -49.40 -34.36
CA PHE C 100 15.40 -48.84 -34.49
C PHE C 100 15.89 -48.37 -33.13
N GLY C 101 17.06 -48.87 -32.72
CA GLY C 101 17.69 -48.44 -31.50
C GLY C 101 19.04 -47.78 -31.78
N ASP C 102 19.58 -47.14 -30.75
CA ASP C 102 20.85 -46.45 -30.88
C ASP C 102 21.46 -46.29 -29.50
N ASP C 103 22.76 -46.00 -29.48
CA ASP C 103 23.49 -45.77 -28.25
C ASP C 103 24.31 -44.48 -28.24
N THR C 104 24.36 -43.74 -29.35
CA THR C 104 25.11 -42.50 -29.42
C THR C 104 24.20 -41.33 -29.03
N ASP C 105 24.70 -40.11 -29.19
CA ASP C 105 23.95 -38.90 -28.84
C ASP C 105 23.87 -37.95 -30.03
N GLN C 106 23.81 -38.48 -31.24
CA GLN C 106 23.71 -37.67 -32.45
C GLN C 106 22.27 -37.68 -32.95
N GLU C 107 21.77 -36.49 -33.31
CA GLU C 107 20.39 -36.35 -33.78
C GLU C 107 20.25 -36.50 -35.28
N ALA C 108 21.37 -36.60 -36.02
CA ALA C 108 21.28 -36.76 -37.47
C ALA C 108 20.76 -38.13 -37.86
N VAL C 109 20.87 -39.12 -36.98
CA VAL C 109 20.31 -40.44 -37.27
C VAL C 109 18.79 -40.36 -37.40
N ALA C 110 18.17 -39.45 -36.63
CA ALA C 110 16.73 -39.22 -36.78
C ALA C 110 16.40 -38.71 -38.17
N GLN C 111 17.19 -37.78 -38.68
CA GLN C 111 16.97 -37.27 -40.04
C GLN C 111 17.17 -38.38 -41.07
N MET C 112 18.21 -39.20 -40.90
CA MET C 112 18.45 -40.29 -41.83
C MET C 112 17.30 -41.29 -41.83
N LEU C 113 16.79 -41.64 -40.66
CA LEU C 113 15.65 -42.54 -40.57
C LEU C 113 14.39 -41.91 -41.15
N ASP C 114 14.21 -40.60 -40.97
CA ASP C 114 13.10 -39.90 -41.61
C ASP C 114 13.16 -40.03 -43.12
N PHE C 115 14.35 -39.79 -43.70
CA PHE C 115 14.49 -39.91 -45.14
C PHE C 115 14.29 -41.35 -45.60
N ILE C 116 14.77 -42.33 -44.83
CA ILE C 116 14.60 -43.73 -45.21
C ILE C 116 13.13 -44.10 -45.21
N SER C 117 12.40 -43.70 -44.16
CA SER C 117 10.99 -44.03 -44.05
C SER C 117 10.12 -43.22 -45.00
N SER C 118 10.64 -42.11 -45.53
CA SER C 118 9.92 -41.37 -46.56
C SER C 118 9.80 -42.16 -47.87
N HIS C 119 10.57 -43.23 -48.02
CA HIS C 119 10.51 -44.08 -49.22
C HIS C 119 10.16 -45.52 -48.92
N THR C 120 10.68 -46.10 -47.83
CA THR C 120 10.41 -47.50 -47.54
C THR C 120 8.99 -47.73 -47.02
N PHE C 121 8.33 -46.69 -46.53
CA PHE C 121 6.95 -46.77 -46.04
C PHE C 121 6.80 -47.84 -44.96
N VAL C 122 7.76 -47.89 -44.04
CA VAL C 122 7.76 -48.85 -42.95
C VAL C 122 7.71 -48.06 -41.64
N PRO C 123 6.67 -48.23 -40.82
CA PRO C 123 6.63 -47.52 -39.53
C PRO C 123 7.77 -47.97 -38.61
N ILE C 124 8.32 -47.00 -37.88
CA ILE C 124 9.45 -47.24 -36.98
C ILE C 124 9.16 -46.54 -35.66
N LEU C 125 9.37 -47.24 -34.55
CA LEU C 125 9.17 -46.68 -33.22
C LEU C 125 10.51 -46.27 -32.63
N GLY C 126 10.56 -45.05 -32.08
CA GLY C 126 11.81 -44.54 -31.54
C GLY C 126 12.08 -45.11 -30.16
N ILE C 127 13.33 -45.51 -29.92
CA ILE C 127 13.75 -46.08 -28.64
C ILE C 127 14.88 -45.23 -28.10
N HIS C 128 15.41 -45.60 -26.93
CA HIS C 128 16.49 -44.84 -26.32
C HIS C 128 17.71 -44.80 -27.24
N GLY C 129 18.35 -43.63 -27.31
CA GLY C 129 19.50 -43.45 -28.16
C GLY C 129 19.46 -42.13 -28.92
N GLY C 130 19.99 -42.13 -30.15
CA GLY C 130 19.98 -40.93 -30.95
C GLY C 130 18.61 -40.52 -31.44
N ALA C 131 17.66 -41.46 -31.51
CA ALA C 131 16.30 -41.14 -31.91
C ALA C 131 15.45 -40.63 -30.77
N SER C 132 15.99 -40.58 -29.54
CA SER C 132 15.21 -40.08 -28.41
C SER C 132 14.87 -38.61 -28.59
N MET C 133 15.81 -37.81 -29.08
CA MET C 133 15.59 -36.39 -29.28
C MET C 133 14.84 -36.18 -30.59
N ILE C 134 13.61 -35.70 -30.49
CA ILE C 134 12.77 -35.43 -31.65
C ILE C 134 12.80 -33.94 -31.93
N MET C 135 13.40 -33.55 -33.05
CA MET C 135 13.50 -32.15 -33.44
C MET C 135 13.15 -31.90 -34.89
N ALA C 136 12.98 -32.93 -35.71
CA ALA C 136 12.68 -32.76 -37.13
C ALA C 136 11.18 -32.61 -37.35
N ASP C 137 10.83 -31.86 -38.38
CA ASP C 137 9.43 -31.66 -38.73
C ASP C 137 8.81 -32.97 -39.21
N LYS C 138 7.53 -33.15 -38.88
CA LYS C 138 6.82 -34.37 -39.24
C LYS C 138 6.43 -34.32 -40.70
N ASP C 139 7.11 -35.11 -41.53
CA ASP C 139 6.80 -35.15 -42.95
C ASP C 139 5.43 -35.79 -43.17
N PRO C 140 4.64 -35.30 -44.13
CA PRO C 140 3.33 -35.91 -44.38
C PRO C 140 3.42 -37.38 -44.76
N THR C 141 4.47 -37.79 -45.45
CA THR C 141 4.65 -39.19 -45.82
C THR C 141 5.40 -39.99 -44.75
N SER C 142 5.91 -39.33 -43.71
CA SER C 142 6.62 -40.03 -42.65
C SER C 142 5.67 -40.90 -41.84
N THR C 143 6.21 -41.99 -41.29
CA THR C 143 5.46 -42.96 -40.50
C THR C 143 6.13 -43.16 -39.14
N PHE C 144 6.49 -42.06 -38.49
CA PHE C 144 7.22 -42.11 -37.22
C PHE C 144 6.29 -41.79 -36.07
N PHE C 145 6.36 -42.60 -35.00
CA PHE C 145 5.66 -42.35 -33.74
C PHE C 145 6.66 -42.65 -32.63
N GLN C 146 7.41 -41.62 -32.23
CA GLN C 146 8.52 -41.79 -31.31
C GLN C 146 8.07 -41.62 -29.86
N PHE C 147 8.95 -42.00 -28.95
CA PHE C 147 8.72 -41.88 -27.51
C PHE C 147 9.28 -40.58 -26.94
N GLY C 148 9.80 -39.70 -27.78
CA GLY C 148 10.40 -38.47 -27.29
C GLY C 148 9.37 -37.47 -26.79
N ALA C 149 9.87 -36.43 -26.16
CA ALA C 149 9.05 -35.36 -25.58
C ALA C 149 9.25 -34.08 -26.37
N SER C 150 8.14 -33.52 -26.85
CA SER C 150 8.19 -32.28 -27.61
C SER C 150 8.23 -31.07 -26.67
N ILE C 151 8.61 -29.92 -27.23
CA ILE C 151 8.66 -28.69 -26.46
C ILE C 151 7.25 -28.26 -26.04
N GLN C 152 6.25 -28.50 -26.90
CA GLN C 152 4.89 -28.07 -26.60
C GLN C 152 4.36 -28.71 -25.33
N GLN C 153 4.63 -30.01 -25.15
CA GLN C 153 4.19 -30.73 -23.96
C GLN C 153 5.14 -30.58 -22.78
N GLN C 154 6.23 -29.81 -22.94
CA GLN C 154 7.12 -29.50 -21.84
C GLN C 154 6.78 -28.19 -21.17
N ALA C 155 6.23 -27.23 -21.92
CA ALA C 155 5.82 -25.96 -21.34
C ALA C 155 4.70 -26.14 -20.32
N THR C 156 3.76 -27.06 -20.60
CA THR C 156 2.71 -27.33 -19.61
C THR C 156 3.27 -27.93 -18.34
N VAL C 157 4.27 -28.83 -18.46
CA VAL C 157 4.91 -29.38 -17.26
C VAL C 157 5.62 -28.28 -16.47
N MET C 158 6.30 -27.37 -17.18
CA MET C 158 6.96 -26.26 -16.50
C MET C 158 5.95 -25.37 -15.79
N LEU C 159 4.81 -25.10 -16.44
CA LEU C 159 3.77 -24.28 -15.81
C LEU C 159 3.19 -24.97 -14.59
N LYS C 160 2.99 -26.30 -14.66
CA LYS C 160 2.52 -27.04 -13.49
C LYS C 160 3.51 -26.97 -12.35
N ILE C 161 4.81 -27.06 -12.67
CA ILE C 161 5.84 -26.93 -11.64
C ILE C 161 5.79 -25.54 -11.01
N MET C 162 5.62 -24.50 -11.85
CA MET C 162 5.50 -23.14 -11.33
C MET C 162 4.29 -23.01 -10.41
N GLN C 163 3.16 -23.59 -10.80
CA GLN C 163 1.97 -23.53 -9.96
C GLN C 163 2.19 -24.24 -8.63
N ASP C 164 2.85 -25.40 -8.67
CA ASP C 164 3.13 -26.11 -7.43
C ASP C 164 4.07 -25.32 -6.52
N TYR C 165 5.08 -24.67 -7.10
CA TYR C 165 6.01 -23.87 -6.30
C TYR C 165 5.49 -22.49 -5.97
N ASP C 166 4.36 -22.08 -6.55
CA ASP C 166 3.76 -20.76 -6.30
C ASP C 166 4.74 -19.65 -6.63
N TRP C 167 5.51 -19.83 -7.70
CA TRP C 167 6.46 -18.83 -8.17
C TRP C 167 5.77 -17.99 -9.25
N HIS C 168 5.47 -16.73 -8.92
CA HIS C 168 4.73 -15.84 -9.80
C HIS C 168 5.61 -14.83 -10.50
N VAL C 169 6.88 -15.18 -10.76
CA VAL C 169 7.82 -14.32 -11.45
C VAL C 169 8.44 -15.11 -12.59
N PHE C 170 8.37 -14.56 -13.81
CA PHE C 170 8.90 -15.21 -15.00
C PHE C 170 9.92 -14.32 -15.68
N SER C 171 10.88 -14.94 -16.35
CA SER C 171 11.90 -14.22 -17.11
C SER C 171 12.33 -15.12 -18.26
N LEU C 172 11.80 -14.87 -19.45
CA LEU C 172 12.07 -15.70 -20.63
C LEU C 172 13.37 -15.22 -21.28
N VAL C 173 14.49 -15.56 -20.64
CA VAL C 173 15.81 -15.23 -21.17
C VAL C 173 16.20 -16.38 -22.08
N THR C 174 15.86 -16.24 -23.36
CA THR C 174 16.08 -17.27 -24.36
C THR C 174 17.24 -16.88 -25.27
N THR C 175 17.47 -17.68 -26.31
CA THR C 175 18.51 -17.43 -27.30
C THR C 175 17.93 -17.64 -28.68
N ILE C 176 18.41 -16.86 -29.64
CA ILE C 176 17.89 -16.92 -31.01
C ILE C 176 18.32 -18.26 -31.62
N PHE C 177 17.34 -19.14 -31.84
CA PHE C 177 17.53 -20.41 -32.53
C PHE C 177 16.35 -20.65 -33.44
N PRO C 178 16.54 -21.37 -34.54
CA PRO C 178 15.41 -21.65 -35.44
C PRO C 178 14.34 -22.49 -34.74
N GLY C 179 13.14 -21.94 -34.67
CA GLY C 179 12.02 -22.62 -34.05
C GLY C 179 11.72 -22.25 -32.61
N TYR C 180 12.37 -21.22 -32.07
CA TYR C 180 12.11 -20.78 -30.71
C TYR C 180 11.14 -19.60 -30.63
N ARG C 181 11.02 -18.81 -31.70
CA ARG C 181 10.05 -17.71 -31.69
C ARG C 181 8.64 -18.24 -31.56
N GLU C 182 8.32 -19.34 -32.26
CA GLU C 182 7.00 -19.95 -32.13
C GLU C 182 6.77 -20.45 -30.71
N PHE C 183 7.80 -21.01 -30.08
CA PHE C 183 7.67 -21.46 -28.69
C PHE C 183 7.41 -20.29 -27.76
N ILE C 184 8.11 -19.17 -27.97
CA ILE C 184 7.90 -17.98 -27.14
C ILE C 184 6.48 -17.45 -27.33
N SER C 185 6.00 -17.43 -28.57
CA SER C 185 4.63 -16.99 -28.83
C SER C 185 3.63 -17.90 -28.15
N PHE C 186 3.86 -19.23 -28.23
CA PHE C 186 2.96 -20.17 -27.59
C PHE C 186 2.93 -19.99 -26.08
N VAL C 187 4.10 -19.82 -25.46
CA VAL C 187 4.13 -19.69 -24.00
C VAL C 187 3.53 -18.37 -23.56
N LYS C 188 3.72 -17.29 -24.34
CA LYS C 188 3.12 -16.02 -23.97
C LYS C 188 1.61 -16.05 -24.13
N THR C 189 1.11 -16.73 -25.17
CA THR C 189 -0.33 -16.89 -25.31
C THR C 189 -0.90 -17.73 -24.17
N THR C 190 -0.18 -18.78 -23.76
CA THR C 190 -0.64 -19.62 -22.67
C THR C 190 -0.68 -18.86 -21.35
N VAL C 191 0.37 -18.08 -21.05
CA VAL C 191 0.39 -17.34 -19.80
C VAL C 191 -0.66 -16.22 -19.82
N ASP C 192 -0.88 -15.61 -20.98
CA ASP C 192 -1.96 -14.63 -21.10
C ASP C 192 -3.31 -15.30 -20.89
N ASN C 193 -3.49 -16.51 -21.42
CA ASN C 193 -4.74 -17.25 -21.26
C ASN C 193 -4.88 -17.85 -19.87
N SER C 194 -3.80 -17.96 -19.11
CA SER C 194 -3.86 -18.56 -17.80
C SER C 194 -4.64 -17.67 -16.82
N PHE C 195 -5.43 -18.31 -15.95
CA PHE C 195 -6.19 -17.57 -14.95
C PHE C 195 -5.29 -16.96 -13.88
N VAL C 196 -4.15 -17.60 -13.59
CA VAL C 196 -3.27 -17.11 -12.53
C VAL C 196 -2.71 -15.74 -12.88
N GLY C 197 -2.25 -15.58 -14.12
CA GLY C 197 -1.69 -14.32 -14.56
C GLY C 197 -0.40 -13.95 -13.86
N TRP C 198 0.65 -14.75 -14.09
CA TRP C 198 1.93 -14.48 -13.47
C TRP C 198 2.57 -13.22 -14.05
N ASP C 199 3.52 -12.67 -13.32
CA ASP C 199 4.25 -11.50 -13.77
C ASP C 199 5.08 -11.84 -15.00
N MET C 200 4.84 -11.15 -16.10
CA MET C 200 5.52 -11.40 -17.36
C MET C 200 6.40 -10.22 -17.72
N GLN C 201 7.63 -10.52 -18.15
CA GLN C 201 8.58 -9.52 -18.60
C GLN C 201 8.92 -9.76 -20.06
N ASN C 202 9.42 -8.71 -20.71
CA ASN C 202 9.80 -8.82 -22.11
C ASN C 202 10.97 -9.81 -22.27
N VAL C 203 10.96 -10.54 -23.38
CA VAL C 203 12.00 -11.54 -23.64
C VAL C 203 13.32 -10.81 -23.87
N ILE C 204 14.24 -10.96 -22.93
CA ILE C 204 15.57 -10.35 -23.03
C ILE C 204 16.51 -11.46 -23.47
N THR C 205 16.72 -11.57 -24.77
CA THR C 205 17.49 -12.64 -25.37
C THR C 205 18.86 -12.15 -25.80
N LEU C 206 19.82 -13.07 -25.83
CA LEU C 206 21.17 -12.77 -26.28
C LEU C 206 21.23 -12.84 -27.80
N ASP C 207 21.54 -11.72 -28.44
CA ASP C 207 21.50 -11.64 -29.90
C ASP C 207 22.53 -12.58 -30.53
N THR C 208 23.80 -12.34 -30.28
CA THR C 208 24.88 -13.12 -30.86
C THR C 208 25.83 -13.60 -29.77
N SER C 209 26.43 -14.76 -30.00
CA SER C 209 27.34 -15.34 -29.03
C SER C 209 28.66 -14.55 -28.97
N PHE C 210 29.24 -14.52 -27.78
CA PHE C 210 30.54 -13.89 -27.54
C PHE C 210 30.53 -12.41 -27.93
N GLU C 211 29.49 -11.71 -27.51
CA GLU C 211 29.43 -10.26 -27.73
C GLU C 211 30.50 -9.54 -26.93
N ASP C 212 30.62 -9.86 -25.64
CA ASP C 212 31.59 -9.31 -24.70
C ASP C 212 31.38 -7.83 -24.43
N ALA C 213 30.38 -7.19 -25.03
CA ALA C 213 30.12 -5.78 -24.80
C ALA C 213 28.66 -5.55 -24.46
N LYS C 214 27.77 -6.41 -25.00
CA LYS C 214 26.34 -6.30 -24.77
C LYS C 214 25.80 -7.38 -23.85
N THR C 215 26.57 -8.44 -23.59
CA THR C 215 26.12 -9.48 -22.67
C THR C 215 25.94 -8.92 -21.26
N GLN C 216 26.84 -8.04 -20.84
CA GLN C 216 26.69 -7.40 -19.53
C GLN C 216 25.42 -6.57 -19.47
N VAL C 217 25.10 -5.85 -20.54
CA VAL C 217 23.86 -5.07 -20.57
C VAL C 217 22.65 -5.99 -20.49
N GLN C 218 22.69 -7.10 -21.24
CA GLN C 218 21.57 -8.06 -21.19
C GLN C 218 21.40 -8.63 -19.79
N LEU C 219 22.50 -8.97 -19.12
CA LEU C 219 22.43 -9.50 -17.77
C LEU C 219 21.98 -8.45 -16.76
N LYS C 220 22.26 -7.17 -17.02
CA LYS C 220 21.76 -6.10 -16.17
C LYS C 220 20.29 -5.76 -16.45
N LYS C 221 19.77 -6.15 -17.62
CA LYS C 221 18.37 -5.88 -17.93
C LYS C 221 17.40 -6.76 -17.16
N ILE C 222 17.87 -7.85 -16.55
CA ILE C 222 17.03 -8.75 -15.78
C ILE C 222 17.30 -8.54 -14.30
N HIS C 223 16.23 -8.38 -13.52
CA HIS C 223 16.33 -8.19 -12.08
C HIS C 223 15.32 -9.05 -11.36
N SER C 224 15.20 -10.31 -11.78
CA SER C 224 14.24 -11.25 -11.20
C SER C 224 15.00 -12.43 -10.57
N SER C 225 14.23 -13.41 -10.10
CA SER C 225 14.80 -14.58 -9.44
C SER C 225 14.63 -15.88 -10.21
N VAL C 226 13.59 -16.00 -11.02
CA VAL C 226 13.33 -17.21 -11.79
C VAL C 226 13.55 -16.89 -13.26
N ILE C 227 14.45 -17.64 -13.90
CA ILE C 227 14.83 -17.42 -15.29
C ILE C 227 14.70 -18.73 -16.05
N LEU C 228 14.03 -18.69 -17.20
CA LEU C 228 13.91 -19.85 -18.07
C LEU C 228 14.89 -19.70 -19.24
N LEU C 229 15.52 -20.80 -19.62
CA LEU C 229 16.55 -20.80 -20.65
C LEU C 229 16.12 -21.67 -21.82
N TYR C 230 16.29 -21.15 -23.04
CA TYR C 230 16.04 -21.89 -24.27
C TYR C 230 17.27 -21.72 -25.16
N CYS C 231 18.24 -22.61 -25.00
CA CYS C 231 19.47 -22.56 -25.77
C CYS C 231 20.02 -23.98 -25.88
N SER C 232 21.28 -24.10 -26.30
CA SER C 232 21.97 -25.38 -26.39
C SER C 232 22.89 -25.55 -25.19
N LYS C 233 23.54 -26.72 -25.10
CA LYS C 233 24.42 -27.00 -23.97
C LYS C 233 25.66 -26.13 -23.99
N ASP C 234 26.29 -25.99 -25.17
CA ASP C 234 27.52 -25.21 -25.26
C ASP C 234 27.28 -23.75 -24.90
N GLU C 235 26.18 -23.17 -25.39
CA GLU C 235 25.88 -21.78 -25.06
C GLU C 235 25.38 -21.64 -23.63
N ALA C 236 24.70 -22.65 -23.11
CA ALA C 236 24.27 -22.62 -21.72
C ALA C 236 25.47 -22.63 -20.78
N VAL C 237 26.55 -23.31 -21.17
CA VAL C 237 27.76 -23.30 -20.34
C VAL C 237 28.29 -21.88 -20.18
N LEU C 238 28.40 -21.14 -21.29
CA LEU C 238 28.91 -19.78 -21.20
C LEU C 238 27.90 -18.85 -20.53
N ILE C 239 26.61 -19.09 -20.70
CA ILE C 239 25.61 -18.29 -20.00
C ILE C 239 25.74 -18.48 -18.49
N LEU C 240 25.92 -19.73 -18.05
CA LEU C 240 26.11 -19.99 -16.63
C LEU C 240 27.42 -19.40 -16.13
N SER C 241 28.46 -19.41 -16.95
CA SER C 241 29.72 -18.78 -16.56
C SER C 241 29.53 -17.28 -16.37
N GLU C 242 28.80 -16.63 -17.28
CA GLU C 242 28.52 -15.20 -17.14
C GLU C 242 27.69 -14.93 -15.90
N ALA C 243 26.70 -15.79 -15.63
CA ALA C 243 25.89 -15.63 -14.41
C ALA C 243 26.75 -15.76 -13.16
N ARG C 244 27.67 -16.72 -13.16
CA ARG C 244 28.59 -16.87 -12.02
C ARG C 244 29.47 -15.63 -11.86
N SER C 245 29.95 -15.08 -12.97
CA SER C 245 30.75 -13.87 -12.90
C SER C 245 29.94 -12.70 -12.35
N LEU C 246 28.68 -12.58 -12.76
CA LEU C 246 27.82 -11.53 -12.24
C LEU C 246 27.19 -11.89 -10.90
N GLY C 247 27.26 -13.16 -10.49
CA GLY C 247 26.73 -13.57 -9.21
C GLY C 247 25.22 -13.76 -9.19
N LEU C 248 24.73 -14.69 -10.00
CA LEU C 248 23.30 -14.98 -10.10
C LEU C 248 22.96 -16.37 -9.57
N THR C 249 23.68 -16.83 -8.55
CA THR C 249 23.47 -18.14 -7.96
C THR C 249 23.14 -18.03 -6.48
N GLY C 250 22.27 -17.09 -6.13
CA GLY C 250 21.88 -16.89 -4.75
C GLY C 250 20.77 -17.83 -4.32
N TYR C 251 20.39 -17.70 -3.04
CA TYR C 251 19.33 -18.53 -2.48
C TYR C 251 18.00 -18.23 -3.16
N ASP C 252 17.69 -16.95 -3.40
CA ASP C 252 16.41 -16.59 -3.99
C ASP C 252 16.36 -16.91 -5.48
N PHE C 253 17.51 -16.96 -6.14
CA PHE C 253 17.53 -17.24 -7.57
C PHE C 253 17.12 -18.69 -7.84
N PHE C 254 16.30 -18.87 -8.87
CA PHE C 254 15.87 -20.19 -9.31
C PHE C 254 16.07 -20.31 -10.81
N TRP C 255 16.44 -21.50 -11.26
CA TRP C 255 16.72 -21.75 -12.67
C TRP C 255 16.07 -23.06 -13.10
N ILE C 256 15.53 -23.07 -14.32
CA ILE C 256 14.95 -24.25 -14.93
C ILE C 256 15.65 -24.50 -16.25
N VAL C 257 16.12 -25.72 -16.44
CA VAL C 257 16.89 -26.11 -17.63
C VAL C 257 16.03 -27.08 -18.44
N PRO C 258 15.89 -26.87 -19.76
CA PRO C 258 15.08 -27.79 -20.57
C PRO C 258 15.74 -29.14 -20.76
N SER C 259 15.06 -30.03 -21.50
CA SER C 259 15.56 -31.40 -21.65
C SER C 259 16.76 -31.46 -22.59
N LEU C 260 16.75 -30.68 -23.67
CA LEU C 260 17.80 -30.78 -24.68
C LEU C 260 19.16 -30.30 -24.15
N VAL C 261 19.18 -29.50 -23.09
CA VAL C 261 20.44 -29.01 -22.55
C VAL C 261 21.05 -29.99 -21.57
N SER C 262 20.25 -30.53 -20.65
CA SER C 262 20.73 -31.46 -19.63
C SER C 262 20.36 -32.91 -19.97
N GLY C 263 20.34 -33.26 -21.26
CA GLY C 263 20.05 -34.64 -21.63
C GLY C 263 21.14 -35.59 -21.19
N ASN C 264 22.40 -35.17 -21.30
CA ASN C 264 23.54 -36.00 -20.89
C ASN C 264 23.74 -35.83 -19.39
N THR C 265 23.23 -36.79 -18.61
CA THR C 265 23.26 -36.67 -17.15
C THR C 265 24.64 -36.95 -16.58
N GLU C 266 25.41 -37.85 -17.19
CA GLU C 266 26.69 -38.25 -16.63
C GLU C 266 27.80 -37.22 -16.89
N LEU C 267 27.54 -36.20 -17.69
CA LEU C 267 28.50 -35.13 -17.96
C LEU C 267 27.96 -33.84 -17.36
N ILE C 268 28.48 -33.48 -16.19
CA ILE C 268 28.04 -32.27 -15.48
C ILE C 268 29.21 -31.30 -15.38
N PRO C 269 29.18 -30.19 -16.11
CA PRO C 269 30.27 -29.21 -16.01
C PRO C 269 30.27 -28.53 -14.65
N LYS C 270 31.46 -28.07 -14.25
CA LYS C 270 31.63 -27.43 -12.95
C LYS C 270 30.90 -26.09 -12.84
N GLU C 271 30.44 -25.53 -13.95
CA GLU C 271 29.78 -24.23 -13.95
C GLU C 271 28.27 -24.33 -13.78
N PHE C 272 27.77 -25.50 -13.37
CA PHE C 272 26.33 -25.69 -13.15
C PHE C 272 26.05 -25.78 -11.65
N PRO C 273 25.47 -24.76 -11.04
CA PRO C 273 25.12 -24.85 -9.62
C PRO C 273 23.98 -25.83 -9.40
N SER C 274 23.94 -26.36 -8.18
CA SER C 274 22.88 -27.31 -7.82
C SER C 274 21.53 -26.62 -7.80
N GLY C 275 20.48 -27.41 -8.06
CA GLY C 275 19.13 -26.91 -8.12
C GLY C 275 18.59 -26.63 -9.50
N LEU C 276 19.31 -27.03 -10.55
CA LEU C 276 18.83 -26.84 -11.93
C LEU C 276 17.71 -27.82 -12.21
N ILE C 277 16.47 -27.34 -12.08
CA ILE C 277 15.32 -28.20 -12.31
C ILE C 277 15.17 -28.48 -13.79
N SER C 278 15.09 -29.77 -14.14
CA SER C 278 14.96 -30.20 -15.53
C SER C 278 13.85 -31.23 -15.63
N VAL C 279 13.16 -31.22 -16.77
CA VAL C 279 12.10 -32.18 -17.05
C VAL C 279 12.47 -32.93 -18.33
N SER C 280 12.53 -34.25 -18.23
CA SER C 280 12.91 -35.11 -19.34
C SER C 280 12.54 -36.55 -18.95
N TYR C 281 12.97 -37.51 -19.76
CA TYR C 281 12.78 -38.92 -19.48
C TYR C 281 14.11 -39.64 -19.63
N ASP C 282 14.38 -40.57 -18.71
CA ASP C 282 15.64 -41.31 -18.72
C ASP C 282 15.34 -42.76 -18.31
N ASP C 283 16.38 -43.50 -17.99
CA ASP C 283 16.29 -44.93 -17.70
C ASP C 283 16.30 -45.23 -16.20
N TRP C 284 16.05 -44.23 -15.36
CA TRP C 284 16.01 -44.49 -13.92
C TRP C 284 14.83 -45.38 -13.56
N ASP C 285 13.66 -45.14 -14.15
CA ASP C 285 12.47 -45.93 -13.87
C ASP C 285 12.01 -46.74 -15.07
N TYR C 286 12.78 -46.77 -16.15
CA TYR C 286 12.45 -47.55 -17.34
C TYR C 286 13.70 -48.18 -17.90
N SER C 287 13.52 -49.17 -18.76
CA SER C 287 14.64 -49.91 -19.34
C SER C 287 14.39 -50.10 -20.83
N LEU C 288 15.44 -50.54 -21.52
CA LEU C 288 15.31 -50.86 -22.95
C LEU C 288 14.27 -51.96 -23.17
N GLU C 289 14.23 -52.95 -22.27
CA GLU C 289 13.21 -53.98 -22.35
C GLU C 289 11.81 -53.38 -22.18
N ALA C 290 11.65 -52.48 -21.20
CA ALA C 290 10.35 -51.86 -20.97
C ALA C 290 9.92 -51.03 -22.18
N ARG C 291 10.87 -50.41 -22.88
CA ARG C 291 10.52 -49.63 -24.06
C ARG C 291 10.18 -50.51 -25.25
N VAL C 292 10.95 -51.58 -25.48
CA VAL C 292 10.69 -52.43 -26.63
C VAL C 292 9.40 -53.21 -26.45
N ARG C 293 9.07 -53.62 -25.21
CA ARG C 293 7.79 -54.29 -24.98
C ARG C 293 6.62 -53.35 -25.29
N ASP C 294 6.72 -52.09 -24.87
CA ASP C 294 5.67 -51.12 -25.20
C ASP C 294 5.59 -50.90 -26.69
N GLY C 295 6.73 -50.83 -27.38
CA GLY C 295 6.72 -50.63 -28.82
C GLY C 295 6.06 -51.79 -29.56
N ILE C 296 6.41 -53.02 -29.18
CA ILE C 296 5.82 -54.18 -29.84
C ILE C 296 4.34 -54.30 -29.49
N GLY C 297 3.94 -53.90 -28.28
CA GLY C 297 2.53 -53.88 -27.96
C GLY C 297 1.76 -52.87 -28.80
N ILE C 298 2.34 -51.68 -29.00
CA ILE C 298 1.71 -50.69 -29.87
C ILE C 298 1.61 -51.20 -31.30
N LEU C 299 2.65 -51.88 -31.78
CA LEU C 299 2.62 -52.43 -33.12
C LEU C 299 1.53 -53.50 -33.25
N THR C 300 1.40 -54.37 -32.24
CA THR C 300 0.36 -55.39 -32.28
C THR C 300 -1.03 -54.77 -32.25
N THR C 301 -1.22 -53.73 -31.43
CA THR C 301 -2.52 -53.06 -31.40
C THR C 301 -2.84 -52.41 -32.75
N ALA C 302 -1.83 -51.80 -33.37
CA ALA C 302 -2.03 -51.21 -34.70
C ALA C 302 -2.39 -52.27 -35.73
N ALA C 303 -1.72 -53.42 -35.67
CA ALA C 303 -2.03 -54.51 -36.59
C ALA C 303 -3.45 -55.03 -36.37
N SER C 304 -3.86 -55.15 -35.11
CA SER C 304 -5.23 -55.58 -34.81
C SER C 304 -6.25 -54.57 -35.33
N SER C 305 -5.98 -53.28 -35.15
CA SER C 305 -6.89 -52.26 -35.67
C SER C 305 -6.96 -52.31 -37.19
N MET C 306 -5.82 -52.54 -37.85
CA MET C 306 -5.82 -52.68 -39.31
C MET C 306 -6.63 -53.90 -39.75
N LEU C 307 -6.49 -55.02 -39.05
CA LEU C 307 -7.24 -56.23 -39.40
C LEU C 307 -8.72 -56.11 -39.07
N GLU C 308 -9.10 -55.23 -38.14
CA GLU C 308 -10.51 -55.05 -37.82
C GLU C 308 -11.29 -54.56 -39.03
N LYS C 309 -10.73 -53.60 -39.78
CA LYS C 309 -11.41 -53.03 -40.94
C LYS C 309 -11.09 -53.78 -42.22
N PHE C 310 -9.82 -53.85 -42.59
CA PHE C 310 -9.40 -54.51 -43.81
C PHE C 310 -8.94 -55.95 -43.52
N SER C 311 -8.90 -56.76 -44.58
CA SER C 311 -8.47 -58.14 -44.50
C SER C 311 -7.36 -58.41 -45.50
N TYR C 312 -6.48 -57.43 -45.70
CA TYR C 312 -5.37 -57.52 -46.64
C TYR C 312 -4.07 -57.28 -45.90
N ILE C 313 -3.09 -58.16 -46.13
CA ILE C 313 -1.78 -58.06 -45.52
C ILE C 313 -0.96 -57.04 -46.30
N PRO C 314 -0.46 -55.98 -45.66
CA PRO C 314 0.32 -54.97 -46.40
C PRO C 314 1.59 -55.56 -46.97
N GLU C 315 1.99 -55.05 -48.13
CA GLU C 315 3.19 -55.49 -48.83
C GLU C 315 4.15 -54.32 -48.99
N ALA C 316 5.45 -54.61 -48.90
CA ALA C 316 6.48 -53.62 -49.03
C ALA C 316 6.99 -53.56 -50.47
N LYS C 317 7.98 -52.71 -50.70
CA LYS C 317 8.56 -52.56 -52.02
C LYS C 317 9.29 -53.83 -52.43
N ALA C 318 9.15 -54.20 -53.72
CA ALA C 318 9.84 -55.38 -54.22
C ALA C 318 11.35 -55.21 -54.15
N SER C 319 11.85 -54.04 -54.52
CA SER C 319 13.26 -53.73 -54.42
C SER C 319 13.59 -53.10 -53.07
N CYS C 320 14.88 -52.97 -52.78
CA CYS C 320 15.31 -52.39 -51.51
C CYS C 320 15.18 -50.87 -51.54
N TYR C 321 15.93 -50.21 -52.41
CA TYR C 321 15.89 -48.76 -52.49
C TYR C 321 15.85 -48.22 -53.92
N GLY C 322 16.09 -49.04 -54.93
CA GLY C 322 16.10 -48.55 -56.29
C GLY C 322 14.69 -48.18 -56.76
N GLN C 323 14.59 -47.03 -57.43
CA GLN C 323 13.32 -46.55 -57.93
C GLN C 323 13.57 -45.55 -59.05
N MET C 324 12.70 -45.58 -60.06
CA MET C 324 12.78 -44.63 -61.17
C MET C 324 11.61 -43.67 -61.23
N GLU C 325 10.52 -43.96 -60.53
CA GLU C 325 9.34 -43.10 -60.50
C GLU C 325 8.95 -42.85 -59.04
N ARG C 326 8.09 -41.86 -58.84
CA ARG C 326 7.71 -41.48 -57.48
C ARG C 326 6.95 -42.62 -56.82
N PRO C 327 7.14 -42.84 -55.52
CA PRO C 327 6.44 -43.93 -54.83
C PRO C 327 5.11 -43.47 -54.25
N GLU C 328 4.22 -44.45 -54.06
CA GLU C 328 2.92 -44.20 -53.48
C GLU C 328 2.45 -45.44 -52.75
N VAL C 329 1.54 -45.24 -51.80
CA VAL C 329 0.98 -46.32 -50.99
C VAL C 329 -0.44 -46.58 -51.49
N PRO C 330 -0.71 -47.72 -52.14
CA PRO C 330 -2.08 -47.97 -52.61
C PRO C 330 -3.09 -48.09 -51.48
N MET C 331 -2.81 -48.93 -50.48
CA MET C 331 -3.72 -49.11 -49.36
C MET C 331 -3.59 -47.95 -48.38
N HIS C 332 -4.58 -47.85 -47.49
CA HIS C 332 -4.57 -46.81 -46.48
C HIS C 332 -3.44 -47.02 -45.49
N THR C 333 -2.84 -45.92 -45.03
CA THR C 333 -1.75 -46.00 -44.08
C THR C 333 -2.28 -46.38 -42.70
N LEU C 334 -1.34 -46.69 -41.80
CA LEU C 334 -1.68 -47.10 -40.45
C LEU C 334 -1.95 -45.94 -39.50
N HIS C 335 -1.78 -44.70 -39.97
CA HIS C 335 -2.00 -43.55 -39.11
C HIS C 335 -3.42 -43.45 -38.57
N PRO C 336 -4.49 -43.56 -39.38
CA PRO C 336 -5.85 -43.48 -38.81
C PRO C 336 -6.21 -44.68 -37.95
N PHE C 337 -5.53 -45.81 -38.11
CA PHE C 337 -5.87 -46.99 -37.32
C PHE C 337 -5.37 -46.92 -35.89
N MET C 338 -4.22 -46.27 -35.66
CA MET C 338 -3.61 -46.21 -34.35
C MET C 338 -3.84 -44.88 -33.64
N VAL C 339 -4.87 -44.13 -34.04
CA VAL C 339 -5.17 -42.86 -33.38
C VAL C 339 -5.63 -43.11 -31.94
N ASN C 340 -6.39 -44.18 -31.72
CA ASN C 340 -6.88 -44.55 -30.39
C ASN C 340 -6.35 -45.94 -30.06
N VAL C 341 -5.36 -45.99 -29.17
CA VAL C 341 -4.71 -47.25 -28.80
C VAL C 341 -4.77 -47.39 -27.29
N THR C 342 -5.24 -48.56 -26.82
CA THR C 342 -5.27 -48.89 -25.40
C THR C 342 -4.53 -50.20 -25.19
N TRP C 343 -3.57 -50.19 -24.28
CA TRP C 343 -2.72 -51.37 -24.01
C TRP C 343 -2.84 -51.71 -22.53
N ASP C 344 -3.73 -52.66 -22.21
CA ASP C 344 -3.93 -53.16 -20.85
C ASP C 344 -4.24 -52.03 -19.88
N GLY C 345 -5.07 -51.09 -20.32
CA GLY C 345 -5.44 -49.95 -19.51
C GLY C 345 -4.47 -48.78 -19.56
N LYS C 346 -3.35 -48.92 -20.26
CA LYS C 346 -2.37 -47.84 -20.40
C LYS C 346 -2.52 -47.27 -21.81
N ASP C 347 -3.32 -46.22 -21.94
CA ASP C 347 -3.57 -45.60 -23.24
C ASP C 347 -2.31 -44.90 -23.73
N LEU C 348 -1.68 -45.47 -24.75
CA LEU C 348 -0.47 -44.90 -25.36
C LEU C 348 -0.82 -44.57 -26.81
N SER C 349 -1.35 -43.37 -27.01
CA SER C 349 -1.76 -42.90 -28.34
C SER C 349 -0.79 -41.84 -28.83
N PHE C 350 -1.01 -41.39 -30.06
CA PHE C 350 -0.18 -40.37 -30.69
C PHE C 350 -1.06 -39.30 -31.32
N THR C 351 -0.53 -38.08 -31.36
CA THR C 351 -1.26 -36.95 -31.93
C THR C 351 -1.20 -37.02 -33.46
N GLU C 352 -1.74 -35.99 -34.12
CA GLU C 352 -1.71 -35.96 -35.58
C GLU C 352 -0.27 -35.90 -36.10
N GLU C 353 0.57 -35.08 -35.48
CA GLU C 353 1.97 -35.01 -35.89
C GLU C 353 2.70 -36.32 -35.60
N GLY C 354 2.43 -36.92 -34.44
CA GLY C 354 3.07 -38.16 -34.07
C GLY C 354 3.61 -38.17 -32.65
N TYR C 355 3.43 -37.06 -31.95
CA TYR C 355 3.88 -36.95 -30.57
C TYR C 355 2.94 -37.72 -29.64
N GLN C 356 3.51 -38.22 -28.55
CA GLN C 356 2.74 -39.00 -27.59
C GLN C 356 1.76 -38.10 -26.82
N VAL C 357 0.70 -38.73 -26.31
CA VAL C 357 -0.32 -38.01 -25.56
C VAL C 357 -0.03 -38.04 -24.06
N HIS C 358 0.50 -39.16 -23.56
CA HIS C 358 0.81 -39.31 -22.13
C HIS C 358 2.25 -39.77 -21.99
N PRO C 359 3.22 -38.86 -22.10
CA PRO C 359 4.62 -39.21 -21.91
C PRO C 359 4.94 -39.38 -20.42
N ARG C 360 6.21 -39.61 -20.12
CA ARG C 360 6.65 -39.83 -18.75
C ARG C 360 7.01 -38.51 -18.07
N LEU C 361 8.03 -37.82 -18.59
CA LEU C 361 8.48 -36.52 -18.09
C LEU C 361 8.76 -36.56 -16.59
N VAL C 362 9.75 -37.36 -16.23
CA VAL C 362 10.18 -37.46 -14.84
C VAL C 362 11.02 -36.23 -14.49
N VAL C 363 10.62 -35.52 -13.45
CA VAL C 363 11.31 -34.30 -13.05
C VAL C 363 12.58 -34.66 -12.30
N ILE C 364 13.68 -34.00 -12.65
CA ILE C 364 14.97 -34.24 -12.02
C ILE C 364 15.53 -32.90 -11.54
N VAL C 365 16.10 -32.92 -10.33
CA VAL C 365 16.72 -31.74 -9.73
C VAL C 365 18.15 -32.09 -9.37
N LEU C 366 19.09 -31.22 -9.73
CA LEU C 366 20.49 -31.47 -9.48
C LEU C 366 20.77 -31.55 -7.99
N ASN C 367 21.51 -32.58 -7.58
CA ASN C 367 21.82 -32.80 -6.18
C ASN C 367 22.94 -31.88 -5.72
N LYS C 368 23.15 -31.84 -4.40
CA LYS C 368 24.20 -31.00 -3.83
C LYS C 368 25.58 -31.46 -4.29
N ASP C 369 25.75 -32.75 -4.57
CA ASP C 369 27.02 -33.30 -5.04
C ASP C 369 27.00 -33.59 -6.54
N ARG C 370 26.21 -32.83 -7.30
CA ARG C 370 26.11 -32.96 -8.75
C ARG C 370 25.62 -34.36 -9.15
N GLU C 371 24.39 -34.67 -8.72
CA GLU C 371 23.70 -35.88 -9.14
C GLU C 371 22.26 -35.54 -9.50
N TRP C 372 21.61 -36.44 -10.22
CA TRP C 372 20.23 -36.29 -10.64
C TRP C 372 19.37 -37.34 -9.96
N GLU C 373 18.27 -36.91 -9.35
CA GLU C 373 17.36 -37.80 -8.65
C GLU C 373 15.92 -37.53 -9.10
N LYS C 374 15.10 -38.56 -9.03
CA LYS C 374 13.68 -38.44 -9.37
C LYS C 374 12.94 -37.74 -8.25
N VAL C 375 12.26 -36.64 -8.58
CA VAL C 375 11.52 -35.86 -7.60
C VAL C 375 10.04 -35.76 -7.96
N GLY C 376 9.58 -36.54 -8.93
CA GLY C 376 8.18 -36.49 -9.31
C GLY C 376 7.95 -37.23 -10.61
N LYS C 377 6.68 -37.17 -11.05
CA LYS C 377 6.27 -37.83 -12.27
C LYS C 377 5.13 -37.03 -12.90
N TRP C 378 4.94 -37.22 -14.20
CA TRP C 378 3.93 -36.49 -14.94
C TRP C 378 2.89 -37.37 -15.61
N GLU C 379 3.07 -38.69 -15.64
CA GLU C 379 2.12 -39.58 -16.29
C GLU C 379 0.81 -39.72 -15.51
N ASN C 380 0.74 -39.20 -14.29
CA ASN C 380 -0.46 -39.32 -13.46
C ASN C 380 -1.52 -38.34 -13.97
N HIS C 381 -2.23 -38.78 -15.03
CA HIS C 381 -3.31 -38.02 -15.64
C HIS C 381 -2.84 -36.63 -16.07
N THR C 382 -1.64 -36.56 -16.63
CA THR C 382 -1.05 -35.31 -17.14
C THR C 382 -1.02 -34.24 -16.04
N LEU C 383 -0.68 -34.65 -14.83
CA LEU C 383 -0.55 -33.75 -13.69
C LEU C 383 0.89 -33.79 -13.18
N SER C 384 1.15 -33.03 -12.13
CA SER C 384 2.48 -32.93 -11.55
C SER C 384 2.48 -33.48 -10.12
N LEU C 385 3.60 -34.09 -9.73
CA LEU C 385 3.76 -34.67 -8.41
C LEU C 385 5.13 -34.31 -7.88
N ARG C 386 5.25 -34.25 -6.57
CA ARG C 386 6.49 -33.88 -5.91
C ARG C 386 6.57 -34.57 -4.56
N HIS C 387 7.79 -34.69 -4.04
CA HIS C 387 8.04 -35.28 -2.73
C HIS C 387 7.98 -34.26 -1.61
N ALA C 388 7.61 -33.01 -1.92
CA ALA C 388 7.45 -31.94 -0.93
C ALA C 388 8.77 -31.66 -0.21
N VAL C 389 9.79 -31.35 -0.99
CA VAL C 389 11.10 -30.97 -0.47
C VAL C 389 11.41 -29.59 -1.05
N TRP C 390 11.08 -28.55 -0.27
CA TRP C 390 11.27 -27.18 -0.78
C TRP C 390 12.73 -26.76 -0.81
N PRO C 391 13.46 -26.76 0.30
CA PRO C 391 14.79 -26.11 0.29
C PRO C 391 15.86 -27.03 -0.26
N ARG C 392 16.42 -26.65 -1.41
CA ARG C 392 17.56 -27.35 -1.98
C ARG C 392 18.62 -26.40 -2.55
N TYR C 393 18.40 -25.08 -2.50
CA TYR C 393 19.31 -24.12 -3.09
C TYR C 393 20.23 -23.56 -2.00
N LYS C 394 21.21 -24.36 -1.63
CA LYS C 394 22.22 -23.95 -0.66
C LYS C 394 23.43 -23.37 -1.40
N SER C 395 24.13 -22.45 -0.73
CA SER C 395 25.27 -21.78 -1.33
C SER C 395 26.40 -22.78 -1.54
N PHE C 396 26.62 -23.16 -2.80
CA PHE C 396 27.66 -24.12 -3.17
C PHE C 396 28.76 -23.48 -4.00
N SER C 397 28.41 -22.80 -5.09
CA SER C 397 29.43 -22.15 -5.91
C SER C 397 30.14 -21.05 -5.14
N ASP C 398 29.41 -20.27 -4.35
CA ASP C 398 29.97 -19.23 -3.52
C ASP C 398 29.85 -19.62 -2.05
N CYS C 399 30.39 -18.78 -1.17
CA CYS C 399 30.38 -19.00 0.26
C CYS C 399 29.72 -17.79 0.92
N GLU C 400 28.40 -17.84 1.05
CA GLU C 400 27.64 -16.76 1.67
C GLU C 400 26.36 -17.33 2.24
N PRO C 401 26.36 -17.68 3.52
CA PRO C 401 25.13 -18.20 4.15
C PRO C 401 24.07 -17.12 4.26
N ASP C 402 22.81 -17.55 4.26
CA ASP C 402 21.69 -16.64 4.37
C ASP C 402 20.53 -17.35 5.05
N ASP C 403 19.64 -16.56 5.64
CA ASP C 403 18.45 -17.06 6.34
C ASP C 403 17.23 -16.44 5.66
N ASN C 404 16.73 -17.10 4.63
CA ASN C 404 15.57 -16.63 3.88
C ASN C 404 14.29 -17.37 4.23
N HIS C 405 14.34 -18.70 4.32
CA HIS C 405 13.16 -19.51 4.61
C HIS C 405 12.92 -19.50 6.12
N LEU C 406 12.15 -18.51 6.57
CA LEU C 406 11.82 -18.38 7.99
C LEU C 406 10.64 -19.31 8.30
N SER C 407 10.92 -20.38 9.04
CA SER C 407 9.88 -21.35 9.39
C SER C 407 8.89 -20.72 10.37
N ILE C 408 7.60 -20.90 10.08
CA ILE C 408 6.52 -20.34 10.89
C ILE C 408 5.54 -21.46 11.22
N VAL C 409 5.02 -21.45 12.44
CA VAL C 409 4.00 -22.39 12.89
C VAL C 409 2.73 -21.59 13.19
N THR C 410 1.61 -22.03 12.60
CA THR C 410 0.34 -21.35 12.75
C THR C 410 -0.75 -22.37 13.05
N LEU C 411 -1.67 -22.00 13.93
CA LEU C 411 -2.78 -22.85 14.35
C LEU C 411 -4.10 -22.26 13.88
N GLU C 412 -5.16 -23.05 14.02
CA GLU C 412 -6.52 -22.60 13.71
C GLU C 412 -7.44 -23.05 14.85
N GLU C 413 -7.53 -22.23 15.89
CA GLU C 413 -8.54 -22.39 16.93
C GLU C 413 -9.39 -21.15 17.09
N ALA C 414 -8.77 -19.98 17.21
CA ALA C 414 -9.48 -18.72 17.34
C ALA C 414 -10.01 -18.27 15.99
N PRO C 415 -11.07 -17.42 15.97
CA PRO C 415 -11.61 -16.89 14.72
C PRO C 415 -10.75 -15.77 14.12
N PHE C 416 -9.44 -16.02 14.04
CA PHE C 416 -8.51 -15.08 13.43
C PHE C 416 -7.89 -15.61 12.14
N VAL C 417 -8.12 -16.87 11.80
CA VAL C 417 -7.60 -17.47 10.58
C VAL C 417 -8.71 -18.25 9.91
N ILE C 418 -8.81 -18.12 8.58
CA ILE C 418 -9.85 -18.77 7.80
C ILE C 418 -9.22 -19.70 6.78
N VAL C 419 -8.09 -20.31 7.15
CA VAL C 419 -7.38 -21.21 6.23
C VAL C 419 -8.29 -22.36 5.83
N GLU C 420 -8.34 -22.63 4.53
CA GLU C 420 -9.15 -23.70 3.96
C GLU C 420 -8.31 -24.52 3.00
N ASP C 421 -8.71 -25.77 2.79
CA ASP C 421 -7.97 -26.66 1.92
C ASP C 421 -8.06 -26.21 0.47
N ILE C 422 -7.31 -26.89 -0.39
CA ILE C 422 -7.26 -26.52 -1.81
C ILE C 422 -8.58 -26.87 -2.48
N ASP C 423 -9.19 -25.88 -3.12
CA ASP C 423 -10.42 -26.07 -3.88
C ASP C 423 -10.10 -26.49 -5.31
N PRO C 424 -10.86 -27.44 -5.86
CA PRO C 424 -10.61 -27.86 -7.25
C PRO C 424 -10.79 -26.74 -8.27
N LEU C 425 -11.69 -25.80 -8.01
CA LEU C 425 -11.95 -24.71 -8.94
C LEU C 425 -10.92 -23.60 -8.73
N THR C 426 -11.13 -22.47 -9.42
CA THR C 426 -10.26 -21.29 -9.37
C THR C 426 -8.85 -21.73 -9.77
N GLU C 427 -7.81 -21.32 -9.06
CA GLU C 427 -6.43 -21.71 -9.36
C GLU C 427 -5.83 -22.45 -8.19
N THR C 428 -6.60 -23.37 -7.60
CA THR C 428 -6.30 -24.17 -6.43
C THR C 428 -6.25 -23.35 -5.15
N CYS C 429 -6.38 -22.03 -5.24
CA CYS C 429 -6.42 -21.13 -4.08
C CYS C 429 -7.08 -19.83 -4.53
N VAL C 430 -6.95 -18.79 -3.71
CA VAL C 430 -7.43 -17.46 -4.07
C VAL C 430 -6.24 -16.56 -4.39
N ARG C 431 -6.53 -15.39 -4.95
CA ARG C 431 -5.48 -14.46 -5.34
C ARG C 431 -4.83 -13.77 -4.15
N ASN C 432 -5.40 -13.89 -2.95
CA ASN C 432 -4.85 -13.27 -1.74
C ASN C 432 -4.77 -14.36 -0.66
N THR C 433 -3.65 -15.08 -0.65
CA THR C 433 -3.44 -16.14 0.33
C THR C 433 -1.95 -16.45 0.41
N VAL C 434 -1.61 -17.32 1.36
CA VAL C 434 -0.23 -17.75 1.58
C VAL C 434 -0.19 -19.27 1.53
N PRO C 435 0.77 -19.88 0.85
CA PRO C 435 0.86 -21.34 0.85
C PRO C 435 1.10 -21.88 2.25
N CYS C 436 0.48 -23.03 2.54
CA CYS C 436 0.54 -23.65 3.85
C CYS C 436 0.71 -25.15 3.68
N ARG C 437 0.85 -25.84 4.82
CA ARG C 437 1.01 -27.30 4.81
C ARG C 437 0.57 -27.84 6.16
N LYS C 438 0.15 -29.10 6.15
CA LYS C 438 -0.32 -29.75 7.37
C LYS C 438 -0.32 -31.26 7.16
N PHE C 439 -0.02 -31.99 8.23
CA PHE C 439 0.03 -33.45 8.19
C PHE C 439 -1.38 -34.01 8.40
N VAL C 440 -1.90 -34.70 7.39
CA VAL C 440 -3.23 -35.28 7.45
C VAL C 440 -3.11 -36.72 7.93
N LYS C 441 -3.91 -37.08 8.93
CA LYS C 441 -3.90 -38.43 9.47
C LYS C 441 -4.67 -39.38 8.57
N ILE C 442 -4.17 -40.60 8.43
CA ILE C 442 -4.79 -41.62 7.60
C ILE C 442 -5.20 -42.85 8.41
N ASN C 443 -4.34 -43.30 9.32
CA ASN C 443 -4.64 -44.47 10.15
C ASN C 443 -4.38 -44.12 11.61
N ASN C 444 -5.04 -44.86 12.50
CA ASN C 444 -4.91 -44.63 13.93
C ASN C 444 -3.56 -45.07 14.48
N SER C 445 -2.75 -45.78 13.70
CA SER C 445 -1.45 -46.26 14.15
C SER C 445 -0.29 -45.67 13.37
N THR C 446 -0.38 -45.62 12.04
CA THR C 446 0.71 -45.08 11.24
C THR C 446 0.76 -43.56 11.36
N ASN C 447 1.97 -43.03 11.45
CA ASN C 447 2.19 -41.59 11.55
C ASN C 447 2.45 -40.92 10.21
N GLU C 448 2.37 -41.67 9.11
CA GLU C 448 2.62 -41.09 7.80
C GLU C 448 1.49 -40.15 7.41
N GLY C 449 1.85 -38.96 6.92
CA GLY C 449 0.87 -37.99 6.48
C GLY C 449 1.35 -37.15 5.31
N MET C 450 0.55 -37.10 4.25
CA MET C 450 0.92 -36.31 3.08
C MET C 450 0.87 -34.82 3.40
N ASN C 451 1.84 -34.08 2.87
CA ASN C 451 1.94 -32.64 3.09
C ASN C 451 1.10 -31.91 2.04
N VAL C 452 -0.21 -32.09 2.15
CA VAL C 452 -1.13 -31.43 1.22
C VAL C 452 -1.19 -29.94 1.54
N LYS C 453 -1.00 -29.11 0.52
CA LYS C 453 -1.01 -27.67 0.71
C LYS C 453 -2.43 -27.17 0.94
N LYS C 454 -2.53 -26.03 1.64
CA LYS C 454 -3.81 -25.39 1.90
C LYS C 454 -3.67 -23.89 1.72
N CYS C 455 -4.78 -23.24 1.38
CA CYS C 455 -4.81 -21.80 1.20
C CYS C 455 -5.00 -21.13 2.56
N CYS C 456 -4.04 -20.32 2.97
CA CYS C 456 -4.01 -19.73 4.30
C CYS C 456 -4.42 -18.26 4.24
N LYS C 457 -5.47 -17.91 4.97
CA LYS C 457 -5.91 -16.53 5.10
C LYS C 457 -6.31 -16.27 6.55
N GLY C 458 -6.18 -15.03 6.98
CA GLY C 458 -6.58 -14.67 8.32
C GLY C 458 -5.97 -13.35 8.75
N PHE C 459 -6.30 -12.97 9.98
CA PHE C 459 -5.81 -11.71 10.54
C PHE C 459 -4.31 -11.76 10.79
N CYS C 460 -3.84 -12.82 11.44
CA CYS C 460 -2.40 -12.97 11.69
C CYS C 460 -1.63 -13.11 10.39
N ILE C 461 -2.21 -13.81 9.42
CA ILE C 461 -1.56 -13.94 8.11
C ILE C 461 -1.51 -12.60 7.41
N ASP C 462 -2.54 -11.77 7.57
CA ASP C 462 -2.50 -10.42 7.01
C ASP C 462 -1.44 -9.57 7.70
N ILE C 463 -1.27 -9.74 9.01
CA ILE C 463 -0.20 -9.05 9.73
C ILE C 463 1.16 -9.49 9.20
N LEU C 464 1.31 -10.78 8.93
CA LEU C 464 2.56 -11.28 8.34
C LEU C 464 2.79 -10.68 6.95
N LYS C 465 1.72 -10.57 6.16
CA LYS C 465 1.85 -9.93 4.85
C LYS C 465 2.30 -8.48 4.98
N LYS C 466 1.73 -7.75 5.95
CA LYS C 466 2.16 -6.38 6.18
C LYS C 466 3.61 -6.30 6.61
N LEU C 467 4.04 -7.21 7.50
CA LEU C 467 5.43 -7.25 7.94
C LEU C 467 6.37 -7.66 6.81
N SER C 468 5.87 -8.36 5.79
CA SER C 468 6.71 -8.74 4.66
C SER C 468 7.25 -7.54 3.89
N ARG C 469 6.62 -6.37 4.04
CA ARG C 469 7.15 -5.16 3.41
C ARG C 469 8.52 -4.80 3.99
N THR C 470 8.77 -5.16 5.25
CA THR C 470 10.05 -4.90 5.89
C THR C 470 10.96 -6.13 5.89
N VAL C 471 10.41 -7.30 6.21
CA VAL C 471 11.23 -8.52 6.25
C VAL C 471 11.68 -8.89 4.85
N LYS C 472 10.75 -8.89 3.89
CA LYS C 472 11.06 -9.14 2.48
C LYS C 472 11.75 -10.49 2.27
N PHE C 473 11.29 -11.51 2.97
CA PHE C 473 11.82 -12.87 2.87
C PHE C 473 10.70 -13.83 2.49
N THR C 474 11.02 -15.12 2.50
CA THR C 474 10.07 -16.18 2.19
C THR C 474 9.61 -16.84 3.48
N TYR C 475 8.30 -17.03 3.62
CA TYR C 475 7.70 -17.54 4.85
C TYR C 475 6.90 -18.80 4.53
N ASP C 476 7.24 -19.90 5.20
CA ASP C 476 6.47 -21.13 5.13
C ASP C 476 5.79 -21.37 6.47
N LEU C 477 4.49 -21.64 6.44
CA LEU C 477 3.69 -21.81 7.65
C LEU C 477 3.44 -23.28 7.90
N TYR C 478 3.63 -23.71 9.14
CA TYR C 478 3.45 -25.09 9.56
C TYR C 478 2.23 -25.21 10.46
N LEU C 479 1.99 -26.42 10.95
CA LEU C 479 0.89 -26.68 11.87
C LEU C 479 1.26 -27.85 12.77
N VAL C 480 0.87 -27.76 14.03
CA VAL C 480 1.20 -28.78 15.03
C VAL C 480 0.02 -29.73 15.17
N THR C 481 0.28 -31.02 14.99
CA THR C 481 -0.75 -32.05 15.10
C THR C 481 -0.84 -32.64 16.51
N ASN C 482 0.00 -32.20 17.44
CA ASN C 482 0.00 -32.70 18.82
C ASN C 482 -0.51 -31.58 19.72
N GLY C 483 -1.79 -31.64 20.08
CA GLY C 483 -2.38 -30.63 20.92
C GLY C 483 -2.55 -29.31 20.17
N LYS C 484 -2.80 -28.26 20.95
CA LYS C 484 -2.95 -26.92 20.43
C LYS C 484 -1.83 -25.99 20.88
N HIS C 485 -1.64 -25.83 22.19
CA HIS C 485 -0.62 -24.95 22.72
C HIS C 485 0.43 -25.66 23.56
N GLY C 486 0.02 -26.64 24.36
CA GLY C 486 0.95 -27.40 25.17
C GLY C 486 1.37 -26.66 26.43
N LYS C 487 2.11 -27.38 27.27
CA LYS C 487 2.61 -26.83 28.53
C LYS C 487 3.76 -27.69 29.00
N LYS C 488 4.38 -27.29 30.11
CA LYS C 488 5.50 -28.03 30.66
C LYS C 488 5.03 -29.33 31.32
N VAL C 489 5.05 -30.42 30.58
CA VAL C 489 4.67 -31.74 31.08
C VAL C 489 5.90 -32.64 30.99
N ASN C 490 6.36 -33.12 32.15
CA ASN C 490 7.56 -33.95 32.24
C ASN C 490 8.76 -33.25 31.62
N ASN C 491 8.84 -31.92 31.86
CA ASN C 491 9.91 -31.08 31.32
C ASN C 491 9.95 -31.13 29.79
N VAL C 492 8.80 -31.32 29.16
CA VAL C 492 8.68 -31.39 27.70
C VAL C 492 7.60 -30.41 27.27
N TRP C 493 7.91 -29.57 26.28
CA TRP C 493 6.96 -28.61 25.74
C TRP C 493 6.35 -29.15 24.45
N ASN C 494 5.07 -28.86 24.24
CA ASN C 494 4.34 -29.28 23.06
C ASN C 494 3.77 -28.05 22.34
N GLY C 495 3.13 -28.30 21.20
CA GLY C 495 2.51 -27.22 20.45
C GLY C 495 3.54 -26.26 19.87
N MET C 496 3.13 -25.00 19.76
CA MET C 496 4.02 -23.98 19.22
C MET C 496 5.25 -23.79 20.11
N ILE C 497 5.06 -23.85 21.44
CA ILE C 497 6.19 -23.69 22.35
C ILE C 497 7.20 -24.82 22.13
N GLY C 498 6.71 -26.05 22.03
CA GLY C 498 7.61 -27.17 21.76
C GLY C 498 8.29 -27.06 20.42
N GLU C 499 7.57 -26.58 19.40
CA GLU C 499 8.16 -26.40 18.09
C GLU C 499 9.29 -25.38 18.13
N VAL C 500 9.08 -24.27 18.85
CA VAL C 500 10.11 -23.23 18.95
C VAL C 500 11.29 -23.72 19.77
N VAL C 501 11.04 -24.52 20.80
CA VAL C 501 12.11 -24.96 21.71
C VAL C 501 13.18 -25.73 20.95
N TYR C 502 12.76 -26.65 20.08
CA TYR C 502 13.69 -27.50 19.34
C TYR C 502 14.19 -26.85 18.05
N GLN C 503 14.13 -25.52 17.96
CA GLN C 503 14.63 -24.77 16.81
C GLN C 503 13.93 -25.18 15.51
N ARG C 504 12.69 -25.65 15.62
CA ARG C 504 11.90 -26.02 14.45
C ARG C 504 11.09 -24.86 13.89
N ALA C 505 11.10 -23.71 14.57
CA ALA C 505 10.36 -22.53 14.11
C ALA C 505 11.06 -21.30 14.64
N VAL C 506 11.78 -20.60 13.75
CA VAL C 506 12.50 -19.39 14.16
C VAL C 506 11.53 -18.31 14.61
N MET C 507 10.44 -18.12 13.86
CA MET C 507 9.42 -17.13 14.18
C MET C 507 8.07 -17.82 14.27
N ALA C 508 7.29 -17.49 15.30
CA ALA C 508 6.02 -18.15 15.56
C ALA C 508 4.95 -17.12 15.86
N VAL C 509 3.82 -17.23 15.17
CA VAL C 509 2.67 -16.36 15.42
C VAL C 509 1.39 -17.18 15.30
N GLY C 510 0.76 -17.48 16.44
CA GLY C 510 -0.46 -18.25 16.44
C GLY C 510 -1.49 -17.76 17.44
N SER C 511 -1.46 -16.46 17.74
CA SER C 511 -2.39 -15.89 18.69
C SER C 511 -2.16 -16.48 20.08
N LEU C 512 -0.99 -17.06 20.26
CA LEU C 512 -0.63 -17.67 21.54
C LEU C 512 -0.97 -16.65 22.62
N THR C 513 -1.28 -17.15 23.81
CA THR C 513 -1.63 -16.28 24.92
C THR C 513 -0.32 -16.13 25.70
N ILE C 514 -0.21 -15.04 26.46
CA ILE C 514 0.98 -14.78 27.25
C ILE C 514 0.76 -15.23 28.68
N ASN C 515 1.67 -16.06 29.18
CA ASN C 515 1.61 -16.58 30.54
C ASN C 515 2.96 -16.37 31.21
N GLU C 516 3.09 -16.89 32.43
CA GLU C 516 4.32 -16.77 33.21
C GLU C 516 5.33 -17.87 32.92
N GLU C 517 4.99 -18.82 32.04
CA GLU C 517 5.89 -19.90 31.69
C GLU C 517 6.57 -19.72 30.34
N ARG C 518 5.97 -18.95 29.43
CA ARG C 518 6.54 -18.75 28.11
C ARG C 518 7.55 -17.63 28.04
N SER C 519 7.49 -16.67 28.98
CA SER C 519 8.39 -15.52 28.92
C SER C 519 9.85 -15.93 29.11
N GLU C 520 10.10 -16.87 30.02
CA GLU C 520 11.47 -17.33 30.24
C GLU C 520 11.96 -18.18 29.08
N VAL C 521 11.09 -19.05 28.55
CA VAL C 521 11.49 -19.94 27.47
C VAL C 521 11.76 -19.18 26.18
N VAL C 522 10.83 -18.30 25.80
CA VAL C 522 10.91 -17.56 24.55
C VAL C 522 10.59 -16.10 24.80
N ASP C 523 10.97 -15.26 23.84
CA ASP C 523 10.72 -13.83 23.90
C ASP C 523 9.71 -13.43 22.83
N PHE C 524 8.84 -12.49 23.17
CA PHE C 524 7.78 -12.03 22.27
C PHE C 524 7.79 -10.52 22.18
N SER C 525 7.27 -10.01 21.07
CA SER C 525 7.27 -8.57 20.81
C SER C 525 6.09 -7.91 21.51
N VAL C 526 5.87 -6.64 21.20
CA VAL C 526 4.76 -5.90 21.81
C VAL C 526 3.43 -6.47 21.32
N PRO C 527 2.48 -6.77 22.20
CA PRO C 527 1.19 -7.31 21.74
C PRO C 527 0.41 -6.28 20.94
N PHE C 528 -0.40 -6.79 20.02
CA PHE C 528 -1.23 -5.95 19.15
C PHE C 528 -2.72 -6.20 19.29
N VAL C 529 -3.14 -7.29 19.90
CA VAL C 529 -4.55 -7.59 20.13
C VAL C 529 -4.76 -7.73 21.64
N GLU C 530 -5.74 -7.01 22.17
CA GLU C 530 -6.01 -7.03 23.60
C GLU C 530 -6.75 -8.31 23.98
N THR C 531 -6.39 -8.85 25.16
CA THR C 531 -7.04 -10.04 25.68
C THR C 531 -6.96 -10.01 27.20
N GLY C 532 -7.59 -10.98 27.83
CA GLY C 532 -7.61 -11.08 29.28
C GLY C 532 -8.86 -11.79 29.75
N ILE C 533 -9.09 -11.71 31.05
CA ILE C 533 -10.24 -12.34 31.69
C ILE C 533 -11.39 -11.34 31.67
N SER C 534 -12.36 -11.57 30.81
CA SER C 534 -13.52 -10.71 30.67
C SER C 534 -14.78 -11.43 31.15
N VAL C 535 -15.81 -10.64 31.42
CA VAL C 535 -17.10 -11.15 31.90
C VAL C 535 -18.19 -10.67 30.97
N MET C 536 -19.04 -11.59 30.52
CA MET C 536 -20.17 -11.27 29.66
C MET C 536 -21.45 -11.25 30.49
N VAL C 537 -22.19 -10.14 30.39
CA VAL C 537 -23.44 -9.96 31.10
C VAL C 537 -24.54 -9.65 30.09
N SER C 538 -25.67 -10.33 30.22
CA SER C 538 -26.79 -10.09 29.32
C SER C 538 -27.34 -8.69 29.52
N ARG C 539 -27.74 -8.07 28.41
CA ARG C 539 -28.28 -6.71 28.47
C ARG C 539 -29.61 -6.70 29.21
N SER C 540 -29.82 -5.68 30.04
CA SER C 540 -31.03 -5.52 30.83
C SER C 540 -31.90 -4.44 30.21
N ASN C 541 -33.18 -4.75 30.02
CA ASN C 541 -34.12 -3.80 29.43
C ASN C 541 -34.36 -2.64 30.39
N GLY C 542 -34.66 -1.48 29.82
CA GLY C 542 -34.95 -0.31 30.62
C GLY C 542 -36.27 -0.45 31.37
N THR C 543 -36.40 0.33 32.44
CA THR C 543 -37.59 0.29 33.29
C THR C 543 -37.86 1.68 33.83
N VAL C 544 -38.80 1.73 34.77
CA VAL C 544 -39.21 2.99 35.40
C VAL C 544 -38.85 2.91 36.88
N SER C 545 -37.72 2.25 37.17
CA SER C 545 -37.28 2.07 38.54
C SER C 545 -37.19 3.36 39.36
N PRO C 546 -36.75 4.50 38.84
CA PRO C 546 -36.85 5.74 39.62
C PRO C 546 -38.30 6.05 39.98
N SER C 547 -38.48 6.63 41.17
CA SER C 547 -39.80 6.84 41.74
C SER C 547 -40.71 7.66 40.84
N ALA C 548 -41.77 7.04 40.34
CA ALA C 548 -42.74 7.75 39.51
C ALA C 548 -43.56 8.71 40.36
N PHE C 549 -44.03 9.78 39.73
CA PHE C 549 -44.80 10.87 40.32
C PHE C 549 -44.02 11.65 41.37
N LEU C 550 -42.75 11.31 41.60
CA LEU C 550 -41.84 12.02 42.48
C LEU C 550 -40.91 12.89 41.63
N GLU C 551 -39.83 13.39 42.23
CA GLU C 551 -38.90 14.30 41.56
C GLU C 551 -38.47 13.84 40.17
N PRO C 552 -38.10 12.59 39.92
CA PRO C 552 -37.75 12.19 38.54
C PRO C 552 -38.87 12.44 37.53
N PHE C 553 -40.13 12.19 37.92
CA PHE C 553 -41.25 12.44 37.01
C PHE C 553 -41.46 13.93 36.82
N SER C 554 -41.51 14.69 37.91
CA SER C 554 -41.68 16.13 37.87
C SER C 554 -41.36 16.68 39.25
N ALA C 555 -41.22 18.00 39.35
CA ALA C 555 -40.91 18.68 40.60
C ALA C 555 -39.58 18.16 41.17
N SER C 556 -38.49 18.43 40.45
CA SER C 556 -37.17 17.95 40.83
C SER C 556 -36.74 18.47 42.19
N VAL C 557 -36.97 19.76 42.45
CA VAL C 557 -36.63 20.33 43.75
C VAL C 557 -37.58 19.80 44.82
N TRP C 558 -38.86 19.67 44.48
CA TRP C 558 -39.90 18.97 45.25
C TRP C 558 -40.28 19.69 46.54
N VAL C 559 -39.62 20.78 46.90
CA VAL C 559 -39.87 21.45 48.18
C VAL C 559 -40.57 22.79 48.01
N MET C 560 -40.88 23.21 46.79
CA MET C 560 -41.51 24.50 46.57
C MET C 560 -42.90 24.41 45.98
N MET C 561 -43.15 23.51 45.03
CA MET C 561 -44.47 23.44 44.41
C MET C 561 -45.51 22.85 45.36
N PHE C 562 -45.10 21.89 46.20
CA PHE C 562 -46.04 21.25 47.10
C PHE C 562 -46.50 22.17 48.22
N VAL C 563 -45.74 23.23 48.52
CA VAL C 563 -46.21 24.27 49.41
C VAL C 563 -46.83 25.43 48.65
N MET C 564 -46.45 25.63 47.37
CA MET C 564 -47.10 26.63 46.55
C MET C 564 -48.58 26.30 46.35
N LEU C 565 -48.89 25.04 46.09
CA LEU C 565 -50.29 24.64 45.95
C LEU C 565 -51.05 24.86 47.24
N LEU C 566 -50.43 24.55 48.39
CA LEU C 566 -51.08 24.76 49.68
C LEU C 566 -51.36 26.24 49.92
N ILE C 567 -50.38 27.10 49.65
CA ILE C 567 -50.56 28.53 49.93
C ILE C 567 -51.58 29.15 48.97
N VAL C 568 -51.59 28.72 47.71
CA VAL C 568 -52.59 29.27 46.79
C VAL C 568 -53.98 28.78 47.16
N SER C 569 -54.11 27.54 47.62
CA SER C 569 -55.40 27.07 48.10
C SER C 569 -55.84 27.87 49.33
N ALA C 570 -54.91 28.15 50.24
CA ALA C 570 -55.24 28.92 51.43
C ALA C 570 -55.69 30.33 51.07
N ILE C 571 -54.99 30.98 50.13
CA ILE C 571 -55.37 32.33 49.75
C ILE C 571 -56.69 32.33 48.98
N ALA C 572 -56.96 31.26 48.23
CA ALA C 572 -58.26 31.15 47.57
C ALA C 572 -59.37 31.02 48.60
N VAL C 573 -59.16 30.22 49.64
CA VAL C 573 -60.15 30.12 50.71
C VAL C 573 -60.33 31.47 51.40
N PHE C 574 -59.22 32.19 51.63
CA PHE C 574 -59.30 33.49 52.28
C PHE C 574 -60.10 34.48 51.46
N VAL C 575 -59.85 34.54 50.14
CA VAL C 575 -60.59 35.49 49.31
C VAL C 575 -62.04 35.05 49.15
N PHE C 576 -62.31 33.74 49.15
CA PHE C 576 -63.70 33.29 49.13
C PHE C 576 -64.43 33.72 50.39
N GLU C 577 -63.77 33.63 51.55
CA GLU C 577 -64.37 34.13 52.78
C GLU C 577 -64.56 35.64 52.71
N TYR C 578 -63.60 36.36 52.14
CA TYR C 578 -63.71 37.81 51.98
C TYR C 578 -64.85 38.19 51.04
N PHE C 579 -65.23 37.30 50.11
CA PHE C 579 -66.32 37.57 49.17
C PHE C 579 -67.69 37.36 49.79
N SER C 580 -67.79 37.26 51.12
CA SER C 580 -69.09 37.06 51.76
C SER C 580 -70.06 38.20 51.50
N PRO C 581 -69.68 39.49 51.60
CA PRO C 581 -70.69 40.50 51.29
C PRO C 581 -70.94 40.65 49.79
N SER C 598 -70.85 28.74 49.35
CA SER C 598 -71.63 28.95 50.56
C SER C 598 -70.72 29.04 51.79
N PHE C 599 -70.59 27.92 52.51
CA PHE C 599 -69.73 27.89 53.68
C PHE C 599 -68.27 28.04 53.28
N THR C 600 -67.55 28.87 54.03
CA THR C 600 -66.14 29.12 53.72
C THR C 600 -65.29 27.86 53.92
N ILE C 601 -65.42 27.22 55.08
CA ILE C 601 -64.61 26.05 55.38
C ILE C 601 -65.10 24.83 54.61
N GLY C 602 -66.41 24.65 54.51
CA GLY C 602 -66.96 23.44 53.95
C GLY C 602 -67.08 23.38 52.44
N LYS C 603 -66.81 24.47 51.75
CA LYS C 603 -67.00 24.48 50.30
C LYS C 603 -65.77 24.94 49.53
N ALA C 604 -65.01 25.90 50.05
CA ALA C 604 -63.88 26.45 49.30
C ALA C 604 -62.80 25.40 49.06
N ILE C 605 -62.45 24.63 50.10
CA ILE C 605 -61.41 23.62 49.95
C ILE C 605 -61.85 22.54 48.97
N TRP C 606 -63.10 22.10 49.08
CA TRP C 606 -63.62 21.08 48.16
C TRP C 606 -63.61 21.59 46.72
N LEU C 607 -64.04 22.83 46.50
CA LEU C 607 -64.03 23.38 45.15
C LEU C 607 -62.62 23.49 44.61
N LEU C 608 -61.68 23.96 45.44
CA LEU C 608 -60.30 24.13 44.99
C LEU C 608 -59.67 22.78 44.63
N TRP C 609 -59.91 21.76 45.44
CA TRP C 609 -59.34 20.44 45.15
C TRP C 609 -60.14 19.65 44.13
N GLY C 610 -61.34 20.11 43.76
CA GLY C 610 -62.07 19.47 42.69
C GLY C 610 -61.88 20.16 41.35
N LEU C 611 -61.33 21.37 41.37
CA LEU C 611 -61.06 22.09 40.13
C LEU C 611 -59.61 22.00 39.68
N VAL C 612 -58.70 21.52 40.54
CA VAL C 612 -57.32 21.34 40.12
C VAL C 612 -57.22 20.28 39.04
N PHE C 613 -58.03 19.23 39.13
CA PHE C 613 -58.12 18.21 38.10
C PHE C 613 -59.59 17.95 37.80
N ASN C 614 -59.87 17.62 36.54
CA ASN C 614 -61.24 17.55 36.06
C ASN C 614 -61.96 16.27 36.46
N ASN C 615 -61.26 15.28 37.00
CA ASN C 615 -61.89 14.00 37.33
C ASN C 615 -62.54 14.05 38.71
N SER C 616 -63.41 15.03 38.94
CA SER C 616 -64.11 15.19 40.20
C SER C 616 -65.60 15.15 39.94
N VAL C 617 -66.27 14.16 40.52
CA VAL C 617 -67.73 14.00 40.36
C VAL C 617 -68.44 14.95 41.31
N PRO C 618 -68.03 15.02 42.58
CA PRO C 618 -68.74 15.89 43.53
C PRO C 618 -68.41 17.36 43.33
N VAL C 619 -68.99 17.96 42.28
CA VAL C 619 -68.79 19.37 41.97
C VAL C 619 -70.15 20.03 41.86
N GLN C 620 -70.40 21.02 42.72
CA GLN C 620 -71.66 21.77 42.70
C GLN C 620 -71.36 23.17 43.22
N ASN C 621 -71.25 24.13 42.29
CA ASN C 621 -70.87 25.51 42.61
C ASN C 621 -71.99 26.46 42.22
N PRO C 622 -73.20 26.26 42.77
CA PRO C 622 -74.31 27.17 42.48
C PRO C 622 -74.46 28.32 43.45
N LYS C 623 -73.74 28.31 44.57
CA LYS C 623 -73.87 29.38 45.55
C LYS C 623 -73.29 30.69 45.03
N GLY C 624 -72.19 30.62 44.30
CA GLY C 624 -71.56 31.82 43.76
C GLY C 624 -72.38 32.39 42.62
N THR C 625 -72.83 33.64 42.76
CA THR C 625 -73.64 34.25 41.71
C THR C 625 -72.77 34.82 40.60
N THR C 626 -71.88 35.77 40.93
CA THR C 626 -71.01 36.39 39.94
C THR C 626 -69.57 36.39 40.41
N SER C 627 -69.36 36.48 41.73
CA SER C 627 -68.01 36.58 42.27
C SER C 627 -67.20 35.32 41.99
N LYS C 628 -67.82 34.14 42.17
CA LYS C 628 -67.10 32.89 41.98
C LYS C 628 -66.93 32.53 40.51
N ILE C 629 -67.71 33.15 39.62
CA ILE C 629 -67.62 32.85 38.19
C ILE C 629 -66.22 33.21 37.67
N MET C 630 -65.69 34.37 38.08
CA MET C 630 -64.34 34.73 37.70
C MET C 630 -63.29 33.92 38.46
N VAL C 631 -63.63 33.48 39.68
CA VAL C 631 -62.72 32.60 40.42
C VAL C 631 -62.56 31.28 39.68
N SER C 632 -63.57 30.88 38.90
CA SER C 632 -63.51 29.63 38.14
C SER C 632 -62.41 29.62 37.08
N VAL C 633 -61.85 30.78 36.72
CA VAL C 633 -60.83 30.82 35.67
C VAL C 633 -59.52 30.20 36.10
N TRP C 634 -59.35 29.89 37.40
CA TRP C 634 -58.16 29.17 37.83
C TRP C 634 -58.12 27.75 37.29
N ALA C 635 -59.26 27.25 36.81
CA ALA C 635 -59.28 25.95 36.15
C ALA C 635 -58.44 25.95 34.88
N PHE C 636 -58.25 27.11 34.25
CA PHE C 636 -57.34 27.17 33.10
C PHE C 636 -55.92 26.83 33.50
N PHE C 637 -55.42 27.48 34.56
CA PHE C 637 -54.09 27.14 35.06
C PHE C 637 -54.04 25.70 35.56
N ALA C 638 -55.13 25.23 36.18
CA ALA C 638 -55.16 23.86 36.67
C ALA C 638 -55.01 22.86 35.52
N VAL C 639 -55.76 23.05 34.45
CA VAL C 639 -55.69 22.11 33.33
C VAL C 639 -54.37 22.25 32.58
N ILE C 640 -53.81 23.47 32.51
CA ILE C 640 -52.50 23.62 31.89
C ILE C 640 -51.44 22.88 32.70
N PHE C 641 -51.50 22.98 34.02
CA PHE C 641 -50.57 22.26 34.87
C PHE C 641 -50.75 20.75 34.72
N LEU C 642 -51.99 20.29 34.66
CA LEU C 642 -52.25 18.85 34.49
C LEU C 642 -51.69 18.35 33.16
N ALA C 643 -51.91 19.11 32.08
CA ALA C 643 -51.40 18.71 30.77
C ALA C 643 -49.88 18.69 30.76
N SER C 644 -49.24 19.71 31.35
CA SER C 644 -47.79 19.75 31.40
C SER C 644 -47.24 18.58 32.22
N TYR C 645 -47.88 18.27 33.35
CA TYR C 645 -47.45 17.15 34.18
C TYR C 645 -47.57 15.83 33.43
N THR C 646 -48.70 15.62 32.75
CA THR C 646 -48.90 14.38 32.00
C THR C 646 -47.88 14.26 30.87
N ALA C 647 -47.64 15.35 30.13
CA ALA C 647 -46.67 15.31 29.04
C ALA C 647 -45.27 15.04 29.56
N ASN C 648 -44.89 15.67 30.67
CA ASN C 648 -43.56 15.45 31.23
C ASN C 648 -43.39 14.02 31.73
N LEU C 649 -44.43 13.48 32.38
CA LEU C 649 -44.37 12.08 32.82
C LEU C 649 -44.26 11.12 31.64
N ALA C 650 -44.99 11.40 30.56
CA ALA C 650 -44.91 10.54 29.39
C ALA C 650 -43.56 10.65 28.69
N ALA C 651 -42.96 11.84 28.68
CA ALA C 651 -41.71 12.05 27.96
C ALA C 651 -40.47 11.71 28.76
N PHE C 652 -40.58 11.56 30.08
CA PHE C 652 -39.43 11.23 30.93
C PHE C 652 -39.43 9.77 31.35
N MET C 653 -39.83 8.85 30.46
CA MET C 653 -39.75 7.43 30.73
C MET C 653 -39.20 6.66 29.53
N ILE C 654 -38.45 7.32 28.66
CA ILE C 654 -37.85 6.69 27.49
C ILE C 654 -36.38 6.45 27.82
N GLN C 655 -36.07 5.24 28.29
CA GLN C 655 -34.70 4.89 28.65
C GLN C 655 -34.23 3.67 27.86
N PHE C 658 -28.98 1.38 33.57
CA PHE C 658 -28.56 0.15 34.23
C PHE C 658 -28.11 -0.89 33.20
N VAL C 659 -26.81 -0.91 32.90
CA VAL C 659 -26.26 -1.84 31.93
C VAL C 659 -25.30 -2.79 32.62
N ASP C 660 -24.26 -2.25 33.23
CA ASP C 660 -23.23 -3.03 33.92
C ASP C 660 -22.97 -2.44 35.29
N GLN C 661 -22.92 -3.30 36.31
CA GLN C 661 -22.64 -2.86 37.67
C GLN C 661 -21.57 -3.68 38.38
N VAL C 662 -21.15 -4.81 37.81
CA VAL C 662 -20.15 -5.65 38.47
C VAL C 662 -18.80 -4.95 38.52
N THR C 663 -18.45 -4.22 37.46
CA THR C 663 -17.23 -3.43 37.31
C THR C 663 -15.98 -4.11 37.89
N GLY C 664 -15.89 -5.42 37.72
CA GLY C 664 -14.74 -6.19 38.19
C GLY C 664 -15.17 -7.46 38.91
N LEU C 665 -14.16 -8.30 39.15
CA LEU C 665 -14.37 -9.58 39.82
C LEU C 665 -14.20 -9.48 41.33
N SER C 666 -13.76 -8.34 41.86
CA SER C 666 -13.55 -8.17 43.29
C SER C 666 -14.77 -7.62 44.01
N ASP C 667 -15.86 -7.35 43.29
CA ASP C 667 -17.07 -6.85 43.92
C ASP C 667 -17.71 -7.93 44.80
N LYS C 668 -18.46 -7.48 45.80
CA LYS C 668 -19.10 -8.41 46.74
C LYS C 668 -20.18 -9.25 46.08
N LYS C 669 -20.70 -8.83 44.92
CA LYS C 669 -21.75 -9.59 44.27
C LYS C 669 -21.26 -10.97 43.86
N PHE C 670 -20.06 -11.06 43.30
CA PHE C 670 -19.51 -12.35 42.91
C PHE C 670 -19.23 -13.24 44.12
N GLN C 671 -18.70 -12.66 45.19
CA GLN C 671 -18.28 -13.44 46.35
C GLN C 671 -19.39 -13.66 47.37
N ARG C 672 -20.52 -12.98 47.24
CA ARG C 672 -21.64 -13.12 48.18
C ARG C 672 -22.93 -13.32 47.39
N PRO C 673 -23.16 -14.53 46.87
CA PRO C 673 -24.42 -14.81 46.17
C PRO C 673 -25.62 -14.92 47.10
N HIS C 674 -25.40 -15.04 48.41
CA HIS C 674 -26.51 -15.19 49.35
C HIS C 674 -27.26 -13.88 49.59
N ASP C 675 -26.64 -12.74 49.28
CA ASP C 675 -27.29 -11.46 49.50
C ASP C 675 -28.43 -11.19 48.53
N TYR C 676 -28.55 -11.99 47.46
CA TYR C 676 -29.61 -11.82 46.47
C TYR C 676 -30.43 -13.10 46.39
N SER C 677 -31.75 -12.95 46.29
CA SER C 677 -32.62 -14.11 46.19
C SER C 677 -32.33 -14.98 44.98
N PRO C 678 -32.17 -14.46 43.76
CA PRO C 678 -31.78 -15.33 42.64
C PRO C 678 -30.32 -15.69 42.73
N PRO C 679 -29.99 -16.98 42.85
CA PRO C 679 -28.58 -17.38 42.93
C PRO C 679 -27.83 -17.06 41.65
N PHE C 680 -26.57 -16.66 41.79
CA PHE C 680 -25.75 -16.37 40.64
C PHE C 680 -25.30 -17.66 39.96
N ARG C 681 -25.24 -17.63 38.63
CA ARG C 681 -24.84 -18.78 37.82
C ARG C 681 -23.77 -18.32 36.84
N PHE C 682 -22.51 -18.46 37.23
CA PHE C 682 -21.38 -18.09 36.40
C PHE C 682 -20.83 -19.31 35.68
N GLY C 683 -20.07 -19.07 34.62
CA GLY C 683 -19.55 -20.16 33.81
C GLY C 683 -18.14 -19.97 33.31
N THR C 684 -17.33 -21.02 33.40
CA THR C 684 -15.98 -21.04 32.84
C THR C 684 -15.71 -22.41 32.25
N VAL C 685 -14.83 -22.45 31.27
CA VAL C 685 -14.44 -23.71 30.62
C VAL C 685 -13.39 -24.40 31.49
N PRO C 686 -13.64 -25.62 31.95
CA PRO C 686 -12.65 -26.31 32.77
C PRO C 686 -11.42 -26.72 31.96
N ASN C 687 -10.38 -27.09 32.69
CA ASN C 687 -9.11 -27.52 32.09
C ASN C 687 -8.49 -26.43 31.22
N GLY C 688 -8.67 -25.18 31.60
CA GLY C 688 -8.09 -24.06 30.89
C GLY C 688 -7.27 -23.16 31.78
N SER C 689 -6.90 -21.99 31.28
CA SER C 689 -6.14 -21.04 32.09
C SER C 689 -7.01 -20.29 33.10
N THR C 690 -8.33 -20.29 32.91
CA THR C 690 -9.21 -19.55 33.82
C THR C 690 -9.17 -20.13 35.22
N GLU C 691 -9.18 -21.46 35.34
CA GLU C 691 -9.14 -22.08 36.66
C GLU C 691 -7.83 -21.79 37.36
N ARG C 692 -6.71 -21.83 36.63
CA ARG C 692 -5.42 -21.50 37.23
C ARG C 692 -5.38 -20.04 37.67
N ASN C 693 -5.97 -19.14 36.87
CA ASN C 693 -6.00 -17.73 37.24
C ASN C 693 -6.84 -17.50 38.49
N ILE C 694 -7.98 -18.19 38.60
CA ILE C 694 -8.87 -17.93 39.73
C ILE C 694 -8.46 -18.67 41.00
N ARG C 695 -7.70 -19.77 40.88
CA ARG C 695 -7.26 -20.47 42.08
C ARG C 695 -6.28 -19.63 42.90
N ASN C 696 -5.37 -18.93 42.22
CA ASN C 696 -4.33 -18.17 42.90
C ASN C 696 -4.82 -16.83 43.46
N ASN C 697 -6.05 -16.42 43.15
CA ASN C 697 -6.53 -15.12 43.60
C ASN C 697 -7.87 -15.24 44.33
N TYR C 698 -8.68 -16.22 43.95
CA TYR C 698 -10.00 -16.43 44.54
C TYR C 698 -10.15 -17.89 44.94
N PRO C 699 -9.46 -18.32 46.00
CA PRO C 699 -9.61 -19.71 46.46
C PRO C 699 -11.01 -20.05 46.91
N TYR C 700 -11.73 -19.10 47.53
CA TYR C 700 -13.07 -19.37 48.02
C TYR C 700 -14.11 -19.41 46.90
N MET C 701 -13.93 -18.58 45.87
CA MET C 701 -14.91 -18.51 44.80
C MET C 701 -14.93 -19.78 43.97
N HIS C 702 -13.81 -20.51 43.93
CA HIS C 702 -13.73 -21.72 43.10
C HIS C 702 -14.69 -22.80 43.57
N GLN C 703 -14.94 -22.88 44.88
CA GLN C 703 -15.86 -23.89 45.40
C GLN C 703 -17.26 -23.70 44.85
N TYR C 704 -17.73 -22.45 44.81
CA TYR C 704 -19.03 -22.17 44.22
C TYR C 704 -18.98 -22.21 42.70
N MET C 705 -17.83 -21.92 42.11
CA MET C 705 -17.71 -21.94 40.66
C MET C 705 -17.78 -23.35 40.09
N THR C 706 -17.28 -24.34 40.85
CA THR C 706 -17.28 -25.72 40.37
C THR C 706 -18.70 -26.26 40.19
N LYS C 707 -19.71 -25.62 40.79
CA LYS C 707 -21.08 -26.11 40.68
C LYS C 707 -21.65 -25.90 39.28
N PHE C 708 -21.04 -25.07 38.46
CA PHE C 708 -21.53 -24.77 37.11
C PHE C 708 -20.38 -24.92 36.13
N ASN C 709 -20.39 -25.99 35.35
CA ASN C 709 -19.38 -26.25 34.34
C ASN C 709 -20.04 -26.47 32.98
N GLN C 710 -19.34 -26.06 31.92
CA GLN C 710 -19.80 -26.24 30.57
C GLN C 710 -18.66 -26.77 29.70
N LYS C 711 -19.00 -27.57 28.70
CA LYS C 711 -18.02 -28.26 27.87
C LYS C 711 -17.78 -27.57 26.53
N GLY C 712 -18.38 -26.41 26.28
CA GLY C 712 -18.18 -25.74 25.01
C GLY C 712 -18.64 -24.31 25.07
N VAL C 713 -18.08 -23.51 24.16
CA VAL C 713 -18.46 -22.10 24.05
C VAL C 713 -19.88 -21.98 23.51
N GLU C 714 -20.26 -22.86 22.59
CA GLU C 714 -21.61 -22.82 22.03
C GLU C 714 -22.65 -23.11 23.11
N ASP C 715 -22.33 -24.01 24.05
CA ASP C 715 -23.23 -24.27 25.16
C ASP C 715 -23.42 -23.03 26.01
N ALA C 716 -22.34 -22.29 26.27
CA ALA C 716 -22.45 -21.03 27.00
C ALA C 716 -23.30 -20.03 26.24
N LEU C 717 -23.11 -19.95 24.92
CA LEU C 717 -23.88 -19.00 24.11
C LEU C 717 -25.36 -19.31 24.16
N VAL C 718 -25.72 -20.59 24.00
CA VAL C 718 -27.13 -20.96 24.00
C VAL C 718 -27.73 -20.81 25.40
N SER C 719 -26.94 -21.06 26.45
CA SER C 719 -27.43 -20.83 27.80
C SER C 719 -27.70 -19.35 28.05
N LEU C 720 -26.80 -18.47 27.57
CA LEU C 720 -27.02 -17.04 27.71
C LEU C 720 -28.24 -16.58 26.91
N LYS C 721 -28.41 -17.14 25.71
CA LYS C 721 -29.60 -16.81 24.92
C LYS C 721 -30.88 -17.25 25.63
N THR C 722 -30.87 -18.45 26.22
CA THR C 722 -32.02 -18.93 26.97
C THR C 722 -32.13 -18.25 28.33
N GLY C 723 -31.02 -17.73 28.87
CA GLY C 723 -31.03 -17.10 30.16
C GLY C 723 -30.72 -18.00 31.33
N LYS C 724 -30.17 -19.19 31.07
CA LYS C 724 -29.86 -20.13 32.14
C LYS C 724 -28.63 -19.73 32.95
N LEU C 725 -27.81 -18.81 32.44
CA LEU C 725 -26.62 -18.34 33.15
C LEU C 725 -26.67 -16.83 33.25
N ASP C 726 -26.43 -16.31 34.46
CA ASP C 726 -26.43 -14.86 34.65
C ASP C 726 -25.23 -14.21 33.97
N ALA C 727 -24.07 -14.87 34.02
CA ALA C 727 -22.87 -14.32 33.41
C ALA C 727 -21.94 -15.45 33.00
N PHE C 728 -21.03 -15.15 32.08
CA PHE C 728 -20.06 -16.11 31.59
C PHE C 728 -18.69 -15.44 31.51
N ILE C 729 -17.65 -16.21 31.76
CA ILE C 729 -16.27 -15.72 31.78
C ILE C 729 -15.44 -16.56 30.84
N TYR C 730 -14.67 -15.90 29.97
CA TYR C 730 -13.81 -16.57 29.01
C TYR C 730 -12.75 -15.56 28.55
N ASP C 731 -12.00 -15.92 27.51
CA ASP C 731 -10.99 -15.02 26.96
C ASP C 731 -11.64 -13.76 26.43
N ALA C 732 -10.95 -12.63 26.61
CA ALA C 732 -11.54 -11.34 26.26
C ALA C 732 -11.82 -11.24 24.76
N ALA C 733 -10.87 -11.66 23.92
CA ALA C 733 -11.04 -11.55 22.48
C ALA C 733 -12.17 -12.45 21.99
N VAL C 734 -12.19 -13.70 22.45
CA VAL C 734 -13.23 -14.64 22.03
C VAL C 734 -14.59 -14.17 22.53
N LEU C 735 -14.65 -13.68 23.78
CA LEU C 735 -15.92 -13.20 24.32
C LEU C 735 -16.43 -12.00 23.53
N ASN C 736 -15.54 -11.06 23.19
CA ASN C 736 -15.95 -9.90 22.41
C ASN C 736 -16.41 -10.31 21.01
N TYR C 737 -15.71 -11.25 20.39
CA TYR C 737 -16.12 -11.73 19.06
C TYR C 737 -17.49 -12.38 19.12
N LYS C 738 -17.72 -13.23 20.12
CA LYS C 738 -19.02 -13.88 20.25
C LYS C 738 -20.12 -12.88 20.53
N ALA C 739 -19.86 -11.89 21.39
CA ALA C 739 -20.86 -10.86 21.66
C ALA C 739 -21.18 -10.04 20.42
N GLY C 740 -20.15 -9.70 19.63
CA GLY C 740 -20.39 -8.95 18.41
C GLY C 740 -21.18 -9.73 17.39
N ARG C 741 -20.86 -11.02 17.21
CA ARG C 741 -21.53 -11.85 16.22
C ARG C 741 -22.64 -12.71 16.81
N ASP C 742 -23.34 -12.18 17.81
CA ASP C 742 -24.49 -12.86 18.40
C ASP C 742 -25.77 -12.14 17.97
N GLU C 743 -26.75 -12.92 17.52
CA GLU C 743 -28.01 -12.35 17.08
C GLU C 743 -28.78 -11.75 18.26
N GLY C 744 -29.38 -10.58 18.03
CA GLY C 744 -30.15 -9.89 19.04
C GLY C 744 -29.39 -8.82 19.79
N CYS C 745 -28.05 -8.88 19.78
CA CYS C 745 -27.21 -7.89 20.45
C CYS C 745 -27.56 -7.77 21.93
N LYS C 746 -27.90 -8.89 22.56
CA LYS C 746 -28.25 -8.92 23.98
C LYS C 746 -27.07 -9.32 24.87
N LEU C 747 -25.89 -9.55 24.29
CA LEU C 747 -24.71 -9.94 25.04
C LEU C 747 -23.58 -8.95 24.76
N VAL C 748 -22.91 -8.51 25.82
CA VAL C 748 -21.84 -7.53 25.69
C VAL C 748 -20.95 -7.64 26.93
N THR C 749 -19.70 -7.22 26.79
CA THR C 749 -18.75 -7.25 27.90
C THR C 749 -19.04 -6.07 28.84
N ILE C 750 -18.17 -5.87 29.82
CA ILE C 750 -18.36 -4.80 30.80
C ILE C 750 -17.35 -3.68 30.57
N GLY C 751 -17.71 -2.72 29.72
CA GLY C 751 -16.92 -1.54 29.47
C GLY C 751 -15.52 -1.87 28.99
N SER C 752 -14.57 -1.03 29.38
CA SER C 752 -13.16 -1.23 29.06
C SER C 752 -12.33 -0.88 30.29
N GLY C 753 -11.20 -1.57 30.43
CA GLY C 753 -10.31 -1.36 31.56
C GLY C 753 -10.69 -2.10 32.82
N TYR C 754 -11.80 -2.84 32.81
CA TYR C 754 -12.22 -3.62 33.95
C TYR C 754 -11.73 -5.07 33.91
N ILE C 755 -10.88 -5.40 32.94
CA ILE C 755 -10.36 -6.76 32.83
C ILE C 755 -9.52 -7.08 34.06
N PHE C 756 -9.74 -8.28 34.61
CA PHE C 756 -9.00 -8.70 35.80
C PHE C 756 -7.50 -8.79 35.51
N ALA C 757 -7.11 -9.67 34.60
CA ALA C 757 -5.71 -9.85 34.21
C ALA C 757 -5.62 -9.62 32.70
N THR C 758 -5.44 -8.36 32.32
CA THR C 758 -5.38 -8.01 30.91
C THR C 758 -3.97 -8.24 30.36
N THR C 759 -3.89 -8.94 29.24
CA THR C 759 -2.62 -9.25 28.59
C THR C 759 -2.80 -9.10 27.08
N GLY C 760 -1.83 -9.59 26.33
CA GLY C 760 -1.92 -9.56 24.88
C GLY C 760 -1.55 -10.89 24.25
N TYR C 761 -1.34 -10.90 22.94
CA TYR C 761 -0.93 -12.10 22.22
C TYR C 761 0.50 -11.97 21.70
N GLY C 762 0.80 -10.93 20.92
CA GLY C 762 2.13 -10.74 20.42
C GLY C 762 2.52 -11.78 19.38
N ILE C 763 3.82 -11.80 19.10
CA ILE C 763 4.41 -12.76 18.16
C ILE C 763 5.62 -13.40 18.82
N ALA C 764 5.69 -14.73 18.79
CA ALA C 764 6.77 -15.44 19.44
C ALA C 764 8.02 -15.46 18.57
N LEU C 765 9.17 -15.26 19.21
CA LEU C 765 10.45 -15.29 18.51
C LEU C 765 11.41 -16.25 19.20
N GLN C 766 12.67 -16.24 18.76
CA GLN C 766 13.71 -17.08 19.32
C GLN C 766 14.63 -16.26 20.22
N LYS C 767 15.15 -16.89 21.26
CA LYS C 767 16.03 -16.22 22.20
C LYS C 767 17.32 -15.80 21.49
N GLY C 768 17.60 -14.50 21.50
CA GLY C 768 18.77 -13.98 20.83
C GLY C 768 18.65 -13.83 19.33
N SER C 769 17.48 -14.09 18.77
CA SER C 769 17.30 -13.96 17.33
C SER C 769 17.35 -12.49 16.93
N PRO C 770 18.13 -12.13 15.91
CA PRO C 770 18.24 -10.71 15.49
C PRO C 770 17.05 -10.27 14.64
N TRP C 771 15.85 -10.40 15.20
CA TRP C 771 14.63 -9.98 14.52
C TRP C 771 13.71 -9.14 15.38
N LYS C 772 13.82 -9.20 16.71
CA LYS C 772 12.93 -8.41 17.57
C LYS C 772 13.12 -6.91 17.35
N ARG C 773 14.37 -6.49 17.18
CA ARG C 773 14.68 -5.05 17.09
C ARG C 773 13.97 -4.39 15.92
N GLN C 774 13.68 -5.15 14.86
CA GLN C 774 12.92 -4.61 13.74
C GLN C 774 11.45 -4.98 13.79
N ILE C 775 11.11 -6.16 14.34
CA ILE C 775 9.71 -6.57 14.41
C ILE C 775 8.92 -5.62 15.31
N ASP C 776 9.47 -5.29 16.47
CA ASP C 776 8.76 -4.38 17.38
C ASP C 776 8.57 -3.01 16.75
N LEU C 777 9.60 -2.50 16.07
CA LEU C 777 9.49 -1.19 15.43
C LEU C 777 8.45 -1.23 14.31
N ALA C 778 8.42 -2.30 13.52
CA ALA C 778 7.42 -2.42 12.47
C ALA C 778 6.01 -2.49 13.04
N LEU C 779 5.82 -3.25 14.11
CA LEU C 779 4.50 -3.32 14.74
C LEU C 779 4.07 -1.97 15.29
N LEU C 780 4.99 -1.25 15.93
CA LEU C 780 4.65 0.07 16.46
C LEU C 780 4.33 1.05 15.34
N GLN C 781 5.09 0.99 14.24
CA GLN C 781 4.79 1.86 13.11
C GLN C 781 3.42 1.55 12.52
N PHE C 782 3.08 0.27 12.39
CA PHE C 782 1.77 -0.11 11.87
C PHE C 782 0.65 0.34 12.79
N VAL C 783 0.84 0.20 14.11
CA VAL C 783 -0.22 0.60 15.04
C VAL C 783 -0.30 2.11 15.20
N GLY C 784 0.75 2.84 14.85
CA GLY C 784 0.72 4.28 14.94
C GLY C 784 0.17 4.95 13.70
N ASP C 785 0.52 4.41 12.52
CA ASP C 785 0.03 4.97 11.27
C ASP C 785 -1.46 4.75 11.06
N GLY C 786 -2.09 3.88 11.85
CA GLY C 786 -3.51 3.64 11.70
C GLY C 786 -3.82 2.62 10.62
N GLU C 787 -3.10 1.50 10.62
CA GLU C 787 -3.30 0.44 9.65
C GLU C 787 -4.12 -0.72 10.20
N MET C 788 -4.70 -0.56 11.39
CA MET C 788 -5.52 -1.61 12.00
C MET C 788 -7.01 -1.32 11.94
N GLU C 789 -7.41 -0.09 11.64
CA GLU C 789 -8.84 0.24 11.59
C GLU C 789 -9.55 -0.52 10.48
N GLU C 790 -8.94 -0.60 9.30
CA GLU C 790 -9.57 -1.32 8.21
C GLU C 790 -9.71 -2.81 8.51
N LEU C 791 -8.70 -3.39 9.16
CA LEU C 791 -8.79 -4.79 9.58
C LEU C 791 -9.89 -4.98 10.63
N GLU C 792 -9.97 -4.06 11.59
CA GLU C 792 -10.98 -4.18 12.63
C GLU C 792 -12.39 -4.02 12.09
N THR C 793 -12.58 -3.18 11.07
CA THR C 793 -13.93 -2.90 10.56
C THR C 793 -14.57 -4.15 9.98
N CYS C 794 -13.82 -4.93 9.20
CA CYS C 794 -14.42 -6.06 8.48
C CYS C 794 -13.79 -7.40 8.85
N TRP C 795 -13.05 -7.48 9.96
CA TRP C 795 -12.50 -8.74 10.43
C TRP C 795 -13.15 -9.18 11.74
N LEU C 796 -13.11 -8.34 12.78
CA LEU C 796 -13.77 -8.62 14.04
C LEU C 796 -14.61 -7.39 14.41
N THR C 797 -15.84 -7.35 13.91
CA THR C 797 -16.78 -6.28 14.26
C THR C 797 -18.18 -6.77 13.88
N GLY C 798 -18.92 -7.28 14.85
CA GLY C 798 -20.26 -7.77 14.57
C GLY C 798 -21.27 -6.66 14.44
N ILE C 799 -21.49 -5.93 15.52
CA ILE C 799 -22.42 -4.81 15.52
C ILE C 799 -21.73 -3.58 16.10
N CYS C 800 -21.19 -3.71 17.32
CA CYS C 800 -20.44 -2.69 18.03
C CYS C 800 -21.28 -1.45 18.35
N HIS C 801 -22.60 -1.50 18.15
CA HIS C 801 -23.47 -0.37 18.43
C HIS C 801 -24.74 -0.89 19.09
N ASN C 802 -25.01 -0.39 20.31
CA ASN C 802 -26.20 -0.80 21.04
C ASN C 802 -26.64 0.35 21.94
N GLU C 803 -27.91 0.30 22.33
CA GLU C 803 -28.48 1.33 23.21
C GLU C 803 -29.66 0.77 23.98
N VAL C 807 -35.08 3.61 24.17
CA VAL C 807 -35.52 2.45 23.42
C VAL C 807 -36.16 1.43 24.35
N MET C 808 -36.79 1.93 25.41
CA MET C 808 -37.48 1.09 26.40
C MET C 808 -38.90 1.59 26.59
N SER C 809 -39.81 0.65 26.87
CA SER C 809 -41.20 0.95 27.10
C SER C 809 -41.61 0.66 28.55
N SER C 810 -41.40 -0.57 29.01
CA SER C 810 -41.67 -0.97 30.40
C SER C 810 -43.13 -0.76 30.78
N GLN C 811 -43.42 -0.87 32.08
CA GLN C 811 -44.78 -0.70 32.59
C GLN C 811 -44.66 -0.25 34.04
N LEU C 812 -45.76 -0.41 34.79
CA LEU C 812 -45.78 -0.01 36.20
C LEU C 812 -44.89 -0.95 36.99
N ASP C 813 -43.72 -0.47 37.38
CA ASP C 813 -42.74 -1.29 38.10
C ASP C 813 -43.10 -1.36 39.58
N ILE C 814 -42.18 -1.92 40.38
CA ILE C 814 -42.44 -2.10 41.80
C ILE C 814 -42.55 -0.75 42.51
N ASP C 815 -41.85 0.27 42.00
CA ASP C 815 -41.88 1.59 42.64
C ASP C 815 -43.28 2.19 42.62
N ASN C 816 -44.09 1.86 41.60
CA ASN C 816 -45.49 2.27 41.61
C ASN C 816 -46.25 1.63 42.77
N MET C 817 -45.98 0.35 43.03
CA MET C 817 -46.57 -0.31 44.20
C MET C 817 -46.08 0.34 45.49
N ALA C 818 -44.81 0.74 45.53
CA ALA C 818 -44.30 1.44 46.71
C ALA C 818 -45.05 2.75 46.92
N GLY C 819 -45.28 3.50 45.85
CA GLY C 819 -46.00 4.77 45.97
C GLY C 819 -47.44 4.58 46.40
N VAL C 820 -48.12 3.58 45.83
CA VAL C 820 -49.51 3.35 46.21
C VAL C 820 -49.60 2.87 47.65
N PHE C 821 -48.63 2.05 48.09
CA PHE C 821 -48.60 1.65 49.49
C PHE C 821 -48.34 2.85 50.40
N TYR C 822 -47.47 3.77 49.98
CA TYR C 822 -47.19 4.95 50.78
C TYR C 822 -48.45 5.82 50.92
N MET C 823 -49.17 6.03 49.81
CA MET C 823 -50.36 6.86 49.90
C MET C 823 -51.47 6.17 50.69
N LEU C 824 -51.59 4.85 50.57
CA LEU C 824 -52.56 4.11 51.39
C LEU C 824 -52.21 4.21 52.87
N ALA C 825 -50.93 4.11 53.21
CA ALA C 825 -50.51 4.25 54.60
C ALA C 825 -50.80 5.66 55.12
N ALA C 826 -50.56 6.67 54.29
CA ALA C 826 -50.86 8.04 54.69
C ALA C 826 -52.36 8.21 54.94
N ALA C 827 -53.19 7.65 54.04
CA ALA C 827 -54.64 7.73 54.23
C ALA C 827 -55.08 7.02 55.50
N MET C 828 -54.50 5.84 55.78
CA MET C 828 -54.83 5.12 57.00
C MET C 828 -54.42 5.91 58.24
N ALA C 829 -53.24 6.53 58.21
CA ALA C 829 -52.80 7.33 59.33
C ALA C 829 -53.72 8.53 59.56
N LEU C 830 -54.13 9.20 58.47
CA LEU C 830 -55.05 10.32 58.62
C LEU C 830 -56.39 9.87 59.18
N SER C 831 -56.89 8.72 58.70
CA SER C 831 -58.15 8.20 59.21
C SER C 831 -58.04 7.86 60.70
N LEU C 832 -56.94 7.25 61.11
CA LEU C 832 -56.74 6.94 62.53
C LEU C 832 -56.66 8.20 63.37
N ILE C 833 -55.97 9.24 62.87
CA ILE C 833 -55.88 10.49 63.60
C ILE C 833 -57.26 11.12 63.75
N THR C 834 -58.05 11.13 62.67
CA THR C 834 -59.40 11.69 62.75
C THR C 834 -60.27 10.88 63.72
N PHE C 835 -60.13 9.56 63.71
CA PHE C 835 -60.90 8.73 64.63
C PHE C 835 -60.52 9.00 66.08
N ILE C 836 -59.22 9.15 66.35
CA ILE C 836 -58.77 9.41 67.73
C ILE C 836 -59.00 10.84 68.17
N TRP C 837 -59.28 11.75 67.23
CA TRP C 837 -59.61 13.13 67.60
C TRP C 837 -60.88 13.20 68.43
N LYS D 25 73.19 -2.59 -15.95
CA LYS D 25 72.22 -2.99 -14.95
C LYS D 25 72.79 -2.78 -13.54
N ILE D 26 73.00 -1.53 -13.18
CA ILE D 26 73.54 -1.15 -11.87
C ILE D 26 72.57 -0.19 -11.21
N VAL D 27 72.19 -0.49 -9.97
CA VAL D 27 71.27 0.34 -9.20
C VAL D 27 71.98 0.77 -7.93
N ASN D 28 71.99 2.08 -7.68
CA ASN D 28 72.62 2.65 -6.50
C ASN D 28 71.55 3.16 -5.55
N ILE D 29 71.64 2.80 -4.28
CA ILE D 29 70.69 3.22 -3.25
C ILE D 29 71.47 3.92 -2.14
N GLY D 30 71.03 5.13 -1.80
CA GLY D 30 71.65 5.84 -0.70
C GLY D 30 71.15 5.39 0.66
N ALA D 31 71.95 5.67 1.68
CA ALA D 31 71.63 5.26 3.04
C ALA D 31 71.94 6.41 4.00
N VAL D 32 71.08 6.58 5.00
CA VAL D 32 71.26 7.58 6.04
C VAL D 32 71.42 6.85 7.36
N LEU D 33 72.58 7.00 7.99
CA LEU D 33 72.90 6.26 9.21
C LEU D 33 73.57 7.20 10.21
N SER D 34 73.49 6.82 11.49
CA SER D 34 73.90 7.71 12.56
C SER D 34 75.42 7.80 12.68
N THR D 35 76.08 6.68 12.98
CA THR D 35 77.51 6.67 13.26
C THR D 35 78.27 5.94 12.16
N ARG D 36 79.58 6.19 12.12
CA ARG D 36 80.41 5.64 11.06
C ARG D 36 80.50 4.12 11.13
N LYS D 37 80.61 3.56 12.33
CA LYS D 37 80.70 2.11 12.47
C LYS D 37 79.42 1.44 11.98
N HIS D 38 78.27 2.05 12.26
CA HIS D 38 77.02 1.55 11.70
C HIS D 38 77.03 1.61 10.18
N GLU D 39 77.57 2.70 9.62
CA GLU D 39 77.65 2.81 8.16
C GLU D 39 78.50 1.68 7.57
N GLN D 40 79.67 1.42 8.15
CA GLN D 40 80.53 0.37 7.64
C GLN D 40 79.89 -1.01 7.78
N MET D 41 79.29 -1.29 8.94
CA MET D 41 78.73 -2.62 9.15
C MET D 41 77.51 -2.84 8.26
N PHE D 42 76.70 -1.81 8.04
CA PHE D 42 75.55 -1.96 7.14
C PHE D 42 75.98 -2.04 5.69
N ARG D 43 77.06 -1.34 5.31
CA ARG D 43 77.60 -1.52 3.97
C ARG D 43 78.09 -2.94 3.74
N GLU D 44 78.78 -3.50 4.75
CA GLU D 44 79.19 -4.90 4.65
C GLU D 44 77.99 -5.83 4.59
N ALA D 45 76.95 -5.53 5.37
CA ALA D 45 75.75 -6.37 5.36
C ALA D 45 75.06 -6.35 4.01
N VAL D 46 74.92 -5.18 3.39
CA VAL D 46 74.26 -5.11 2.09
C VAL D 46 75.14 -5.74 1.01
N ASN D 47 76.47 -5.60 1.12
CA ASN D 47 77.35 -6.27 0.17
C ASN D 47 77.21 -7.78 0.28
N GLN D 48 77.11 -8.31 1.50
CA GLN D 48 76.88 -9.74 1.67
C GLN D 48 75.51 -10.16 1.14
N ALA D 49 74.48 -9.35 1.40
CA ALA D 49 73.14 -9.64 0.91
C ALA D 49 73.05 -9.60 -0.61
N ASN D 50 73.95 -8.87 -1.26
CA ASN D 50 74.01 -8.88 -2.71
C ASN D 50 74.38 -10.25 -3.26
N LYS D 51 74.91 -11.14 -2.42
CA LYS D 51 75.23 -12.50 -2.84
C LYS D 51 74.40 -13.56 -2.11
N ARG D 52 73.57 -13.17 -1.16
CA ARG D 52 72.75 -14.14 -0.43
C ARG D 52 71.63 -14.67 -1.31
N HIS D 53 71.33 -15.95 -1.15
CA HIS D 53 70.22 -16.64 -1.85
C HIS D 53 70.48 -16.50 -3.36
N GLY D 54 69.44 -16.21 -4.15
CA GLY D 54 69.61 -16.04 -5.59
C GLY D 54 69.85 -14.60 -5.94
N SER D 55 70.86 -14.37 -6.77
CA SER D 55 71.24 -13.00 -7.13
C SER D 55 71.99 -13.04 -8.46
N TRP D 56 72.13 -11.87 -9.07
CA TRP D 56 72.82 -11.71 -10.35
C TRP D 56 74.18 -11.06 -10.13
N LYS D 57 74.89 -10.81 -11.24
CA LYS D 57 76.25 -10.29 -11.16
C LYS D 57 76.27 -8.87 -10.61
N ILE D 58 75.45 -7.97 -11.17
CA ILE D 58 75.40 -6.58 -10.76
C ILE D 58 73.96 -6.24 -10.40
N GLN D 59 73.71 -5.95 -9.14
CA GLN D 59 72.36 -5.64 -8.68
C GLN D 59 72.28 -4.37 -7.86
N LEU D 60 73.29 -4.08 -7.04
CA LEU D 60 73.22 -2.98 -6.09
C LEU D 60 74.57 -2.29 -6.00
N ASN D 61 74.54 -1.00 -5.66
CA ASN D 61 75.73 -0.20 -5.40
C ASN D 61 75.63 0.36 -3.99
N ALA D 62 76.70 0.22 -3.22
CA ALA D 62 76.68 0.58 -1.80
C ALA D 62 77.08 2.05 -1.64
N THR D 63 76.14 2.86 -1.17
CA THR D 63 76.40 4.25 -0.81
C THR D 63 75.65 4.58 0.47
N SER D 64 76.23 5.49 1.27
CA SER D 64 75.64 5.85 2.54
C SER D 64 76.03 7.28 2.89
N VAL D 65 75.21 7.89 3.75
CA VAL D 65 75.47 9.24 4.25
C VAL D 65 75.19 9.26 5.75
N THR D 66 75.74 10.27 6.42
CA THR D 66 75.59 10.38 7.87
C THR D 66 74.28 11.08 8.23
N HIS D 67 73.82 10.84 9.44
CA HIS D 67 72.62 11.48 9.97
C HIS D 67 73.01 12.86 10.49
N LYS D 68 72.69 13.90 9.71
CA LYS D 68 73.02 15.26 10.11
C LYS D 68 71.85 15.88 10.85
N PRO D 69 72.03 16.32 12.10
CA PRO D 69 70.91 16.95 12.81
C PRO D 69 70.38 18.20 12.14
N ASN D 70 71.24 18.96 11.45
CA ASN D 70 70.80 20.18 10.80
C ASN D 70 69.96 19.85 9.57
N ALA D 71 68.75 20.45 9.51
CA ALA D 71 67.81 20.11 8.45
C ALA D 71 68.33 20.53 7.08
N ILE D 72 68.85 21.77 6.97
CA ILE D 72 69.34 22.24 5.69
C ILE D 72 70.55 21.41 5.23
N GLN D 73 71.47 21.13 6.16
CA GLN D 73 72.64 20.34 5.80
C GLN D 73 72.26 18.93 5.36
N MET D 74 71.33 18.30 6.07
CA MET D 74 70.94 16.94 5.70
C MET D 74 70.19 16.93 4.38
N ALA D 75 69.36 17.94 4.12
CA ALA D 75 68.67 18.03 2.84
C ALA D 75 69.65 18.23 1.69
N LEU D 76 70.65 19.09 1.88
CA LEU D 76 71.67 19.28 0.86
C LEU D 76 72.46 18.01 0.61
N SER D 77 72.81 17.30 1.69
CA SER D 77 73.54 16.04 1.53
C SER D 77 72.69 15.01 0.78
N VAL D 78 71.40 14.91 1.10
CA VAL D 78 70.52 13.99 0.41
C VAL D 78 70.45 14.32 -1.07
N CYS D 79 70.25 15.61 -1.39
CA CYS D 79 70.17 16.01 -2.79
C CYS D 79 71.47 15.71 -3.54
N GLU D 80 72.60 15.99 -2.92
CA GLU D 80 73.88 15.82 -3.59
C GLU D 80 74.37 14.36 -3.61
N ASP D 81 73.76 13.48 -2.82
CA ASP D 81 74.21 12.09 -2.77
C ASP D 81 73.25 11.10 -3.41
N LEU D 82 71.94 11.21 -3.15
CA LEU D 82 70.98 10.23 -3.64
C LEU D 82 70.34 10.62 -4.96
N ILE D 83 69.84 11.86 -5.05
CA ILE D 83 69.18 12.30 -6.27
C ILE D 83 70.13 12.26 -7.45
N SER D 84 71.37 12.69 -7.25
CA SER D 84 72.39 12.69 -8.30
C SER D 84 73.03 11.33 -8.51
N SER D 85 72.44 10.25 -7.99
CA SER D 85 73.02 8.91 -8.13
C SER D 85 71.97 7.89 -8.58
N GLN D 86 70.81 8.35 -9.05
CA GLN D 86 69.78 7.47 -9.61
C GLN D 86 69.33 6.42 -8.60
N VAL D 87 68.74 6.91 -7.49
CA VAL D 87 68.29 6.04 -6.41
C VAL D 87 66.82 5.73 -6.58
N TYR D 88 66.40 4.60 -6.00
CA TYR D 88 65.00 4.19 -5.99
C TYR D 88 64.41 4.13 -4.59
N ALA D 89 65.24 4.22 -3.54
CA ALA D 89 64.75 4.17 -2.17
C ALA D 89 65.74 4.89 -1.26
N ILE D 90 65.26 5.21 -0.06
CA ILE D 90 66.07 5.91 0.94
C ILE D 90 66.20 5.01 2.15
N LEU D 91 67.44 4.72 2.56
CA LEU D 91 67.71 3.87 3.71
C LEU D 91 68.03 4.77 4.90
N VAL D 92 66.99 5.34 5.49
CA VAL D 92 67.11 6.23 6.65
C VAL D 92 66.80 5.43 7.91
N SER D 93 67.69 5.50 8.88
CA SER D 93 67.55 4.75 10.12
C SER D 93 66.90 5.61 11.20
N HIS D 94 66.63 4.98 12.34
CA HIS D 94 66.01 5.67 13.46
C HIS D 94 67.00 6.66 14.09
N PRO D 95 66.50 7.75 14.65
CA PRO D 95 67.37 8.70 15.35
C PRO D 95 68.13 8.01 16.47
N PRO D 96 69.40 8.37 16.68
CA PRO D 96 70.18 7.75 17.76
C PRO D 96 69.60 7.99 19.14
N THR D 97 68.97 9.13 19.38
CA THR D 97 68.44 9.46 20.70
C THR D 97 66.93 9.31 20.71
N PRO D 98 66.39 8.30 21.40
CA PRO D 98 64.92 8.16 21.45
C PRO D 98 64.23 9.33 22.15
N ASN D 99 64.93 10.06 23.02
CA ASN D 99 64.30 11.17 23.72
C ASN D 99 63.87 12.27 22.75
N ASP D 100 64.74 12.61 21.80
CA ASP D 100 64.39 13.57 20.76
C ASP D 100 63.55 12.90 19.69
N HIS D 101 62.67 13.69 19.06
CA HIS D 101 61.81 13.14 18.02
C HIS D 101 62.59 12.82 16.76
N PHE D 102 63.16 13.85 16.13
CA PHE D 102 63.97 13.69 14.91
C PHE D 102 63.26 12.83 13.88
N THR D 103 61.97 13.12 13.67
CA THR D 103 61.16 12.30 12.80
C THR D 103 61.66 12.37 11.36
N PRO D 104 61.68 11.25 10.62
CA PRO D 104 62.11 11.24 9.22
C PRO D 104 61.08 11.84 8.27
N THR D 105 60.63 13.05 8.58
CA THR D 105 59.63 13.77 7.78
C THR D 105 60.24 14.43 6.54
N PRO D 106 61.34 15.17 6.64
CA PRO D 106 61.88 15.83 5.43
C PRO D 106 62.26 14.86 4.34
N VAL D 107 62.82 13.70 4.68
CA VAL D 107 63.21 12.73 3.65
C VAL D 107 61.98 12.21 2.92
N SER D 108 60.91 11.90 3.67
CA SER D 108 59.69 11.43 3.03
C SER D 108 59.06 12.52 2.16
N TYR D 109 59.08 13.77 2.63
CA TYR D 109 58.52 14.86 1.84
C TYR D 109 59.31 15.07 0.56
N THR D 110 60.64 15.00 0.63
CA THR D 110 61.45 15.13 -0.57
C THR D 110 61.21 13.96 -1.53
N ALA D 111 61.07 12.75 -0.99
CA ALA D 111 60.81 11.59 -1.83
C ALA D 111 59.40 11.59 -2.39
N GLY D 112 58.50 12.40 -1.83
CA GLY D 112 57.13 12.45 -2.32
C GLY D 112 56.96 13.15 -3.65
N PHE D 113 57.97 13.89 -4.11
CA PHE D 113 57.89 14.53 -5.42
C PHE D 113 57.78 13.49 -6.54
N TYR D 114 58.57 12.42 -6.45
CA TYR D 114 58.55 11.35 -7.43
C TYR D 114 58.01 10.05 -6.87
N ARG D 115 57.31 10.11 -5.74
CA ARG D 115 56.74 8.93 -5.09
C ARG D 115 57.80 7.88 -4.80
N ILE D 116 58.97 8.34 -4.34
CA ILE D 116 60.08 7.44 -4.04
C ILE D 116 59.82 6.75 -2.72
N PRO D 117 59.81 5.42 -2.68
CA PRO D 117 59.63 4.73 -1.39
C PRO D 117 60.80 4.95 -0.46
N VAL D 118 60.51 4.93 0.84
CA VAL D 118 61.50 5.11 1.88
C VAL D 118 61.44 3.92 2.83
N LEU D 119 62.42 3.85 3.73
CA LEU D 119 62.54 2.76 4.68
C LEU D 119 62.44 3.32 6.10
N GLY D 120 61.54 2.76 6.90
CA GLY D 120 61.40 3.12 8.29
C GLY D 120 61.90 2.01 9.19
N LEU D 121 62.82 2.36 10.09
CA LEU D 121 63.41 1.36 10.98
C LEU D 121 62.51 1.06 12.17
N THR D 122 62.25 2.06 13.02
CA THR D 122 61.40 1.87 14.19
C THR D 122 60.45 3.05 14.40
N THR D 123 60.17 3.83 13.35
CA THR D 123 59.24 4.96 13.46
C THR D 123 57.83 4.41 13.65
N ARG D 124 57.35 4.43 14.88
CA ARG D 124 56.07 3.82 15.24
C ARG D 124 54.93 4.82 15.30
N MET D 125 55.19 6.10 15.04
CA MET D 125 54.14 7.11 15.08
C MET D 125 53.13 6.88 13.97
N SER D 126 51.88 7.25 14.25
CA SER D 126 50.78 7.05 13.31
C SER D 126 50.66 8.16 12.29
N ILE D 127 51.51 9.18 12.34
CA ILE D 127 51.47 10.26 11.35
C ILE D 127 51.78 9.71 9.96
N TYR D 128 52.78 8.85 9.86
CA TYR D 128 53.18 8.28 8.58
C TYR D 128 52.23 7.18 8.10
N SER D 129 51.30 6.72 8.94
CA SER D 129 50.40 5.65 8.54
C SER D 129 49.51 6.09 7.38
N ASP D 130 48.97 7.31 7.43
CA ASP D 130 48.11 7.80 6.38
C ASP D 130 48.92 8.21 5.16
N LYS D 131 48.40 7.88 3.98
CA LYS D 131 49.05 8.23 2.73
C LYS D 131 48.71 9.63 2.24
N SER D 132 47.74 10.30 2.87
CA SER D 132 47.42 11.66 2.47
C SER D 132 48.54 12.64 2.83
N ILE D 133 49.20 12.43 3.95
CA ILE D 133 50.30 13.30 4.37
C ILE D 133 51.62 12.87 3.75
N HIS D 134 51.94 11.58 3.82
CA HIS D 134 53.15 11.03 3.23
C HIS D 134 52.74 10.11 2.09
N LEU D 135 53.07 10.50 0.86
CA LEU D 135 52.60 9.77 -0.32
C LEU D 135 53.14 8.36 -0.35
N SER D 136 54.42 8.16 -0.04
CA SER D 136 55.06 6.86 -0.11
C SER D 136 55.98 6.69 1.09
N PHE D 137 55.48 6.05 2.14
CA PHE D 137 56.26 5.74 3.33
C PHE D 137 56.13 4.25 3.63
N LEU D 138 57.25 3.58 3.78
CA LEU D 138 57.28 2.15 4.10
C LEU D 138 58.16 1.94 5.32
N ARG D 139 57.61 1.23 6.32
CA ARG D 139 58.34 0.95 7.55
C ARG D 139 58.17 -0.51 7.92
N THR D 140 59.17 -1.05 8.61
CA THR D 140 59.17 -2.44 9.05
C THR D 140 58.62 -2.60 10.47
N VAL D 141 58.15 -1.53 11.10
CA VAL D 141 57.64 -1.55 12.45
C VAL D 141 56.12 -1.42 12.39
N PRO D 142 55.36 -2.26 13.10
CA PRO D 142 53.90 -2.12 13.07
C PRO D 142 53.47 -0.81 13.70
N PRO D 143 52.38 -0.22 13.21
CA PRO D 143 51.92 1.05 13.78
C PRO D 143 51.34 0.90 15.18
N TYR D 144 51.00 2.03 15.81
CA TYR D 144 50.35 2.00 17.11
C TYR D 144 48.91 1.45 17.05
N SER D 145 48.35 1.32 15.85
CA SER D 145 47.00 0.78 15.72
C SER D 145 46.92 -0.67 16.17
N HIS D 146 48.04 -1.40 16.10
CA HIS D 146 48.05 -2.79 16.54
C HIS D 146 47.84 -2.92 18.05
N GLN D 147 48.08 -1.84 18.81
CA GLN D 147 47.75 -1.86 20.23
C GLN D 147 46.26 -2.08 20.44
N SER D 148 45.44 -1.46 19.60
CA SER D 148 44.00 -1.68 19.68
C SER D 148 43.64 -3.13 19.40
N SER D 149 44.29 -3.75 18.42
CA SER D 149 44.05 -5.16 18.15
C SER D 149 44.46 -6.03 19.32
N VAL D 150 45.59 -5.68 19.96
CA VAL D 150 46.04 -6.43 21.14
C VAL D 150 45.00 -6.31 22.27
N TRP D 151 44.50 -5.10 22.50
CA TRP D 151 43.48 -4.91 23.54
C TRP D 151 42.22 -5.71 23.21
N PHE D 152 41.81 -5.70 21.94
CA PHE D 152 40.61 -6.43 21.54
C PHE D 152 40.80 -7.93 21.74
N GLU D 153 41.97 -8.46 21.39
CA GLU D 153 42.24 -9.88 21.58
C GLU D 153 42.26 -10.24 23.06
N MET D 154 42.86 -9.38 23.90
CA MET D 154 42.86 -9.66 25.33
C MET D 154 41.46 -9.64 25.91
N MET D 155 40.63 -8.69 25.48
CA MET D 155 39.24 -8.66 25.94
C MET D 155 38.48 -9.89 25.46
N ARG D 156 38.73 -10.33 24.23
CA ARG D 156 38.07 -11.52 23.70
C ARG D 156 38.46 -12.77 24.48
N VAL D 157 39.74 -12.91 24.83
CA VAL D 157 40.19 -14.10 25.55
C VAL D 157 39.95 -14.03 27.04
N TYR D 158 39.66 -12.85 27.59
CA TYR D 158 39.38 -12.69 29.01
C TYR D 158 37.94 -12.25 29.28
N SER D 159 37.08 -12.26 28.26
CA SER D 159 35.65 -11.96 28.39
C SER D 159 35.42 -10.57 29.00
N TRP D 160 35.88 -9.55 28.26
CA TRP D 160 35.63 -8.16 28.61
C TRP D 160 34.77 -7.52 27.53
N ASN D 161 33.69 -6.86 27.95
CA ASN D 161 32.76 -6.22 27.03
C ASN D 161 32.71 -4.71 27.21
N HIS D 162 32.48 -4.23 28.42
CA HIS D 162 32.41 -2.80 28.69
C HIS D 162 33.80 -2.28 29.05
N ILE D 163 34.33 -1.40 28.20
CA ILE D 163 35.68 -0.87 28.37
C ILE D 163 35.64 0.64 28.11
N ILE D 164 36.28 1.40 28.99
CA ILE D 164 36.43 2.84 28.79
C ILE D 164 37.82 3.11 28.24
N LEU D 165 37.96 4.25 27.56
CA LEU D 165 39.19 4.60 26.88
C LEU D 165 39.65 5.99 27.30
N LEU D 166 40.95 6.14 27.52
CA LEU D 166 41.57 7.42 27.87
C LEU D 166 42.57 7.78 26.79
N VAL D 167 42.20 8.73 25.92
CA VAL D 167 43.03 9.12 24.79
C VAL D 167 43.19 10.64 24.81
N SER D 168 44.43 11.10 24.72
CA SER D 168 44.72 12.53 24.68
C SER D 168 44.47 13.09 23.28
N ASP D 169 44.41 14.41 23.21
CA ASP D 169 44.14 15.11 21.94
C ASP D 169 45.40 15.07 21.07
N ASP D 170 45.59 13.92 20.43
CA ASP D 170 46.70 13.71 19.50
C ASP D 170 46.18 12.97 18.29
N HIS D 171 46.88 13.16 17.16
CA HIS D 171 46.49 12.48 15.93
C HIS D 171 46.62 10.96 16.08
N GLU D 172 47.72 10.50 16.69
CA GLU D 172 47.89 9.07 16.91
C GLU D 172 46.82 8.53 17.85
N GLY D 173 46.50 9.27 18.91
CA GLY D 173 45.45 8.83 19.81
C GLY D 173 44.10 8.75 19.14
N ARG D 174 43.76 9.73 18.30
CA ARG D 174 42.50 9.70 17.58
C ARG D 174 42.46 8.53 16.60
N ALA D 175 43.59 8.26 15.93
CA ALA D 175 43.65 7.11 15.02
C ALA D 175 43.45 5.80 15.78
N ALA D 176 44.08 5.68 16.95
CA ALA D 176 43.90 4.48 17.76
C ALA D 176 42.47 4.33 18.23
N GLN D 177 41.84 5.45 18.63
CA GLN D 177 40.44 5.39 19.06
C GLN D 177 39.52 4.97 17.91
N LYS D 178 39.76 5.51 16.71
CA LYS D 178 38.96 5.12 15.56
C LYS D 178 39.16 3.65 15.22
N ARG D 179 40.40 3.17 15.30
CA ARG D 179 40.67 1.75 15.06
C ARG D 179 39.95 0.88 16.09
N LEU D 180 39.97 1.27 17.36
CA LEU D 180 39.27 0.51 18.38
C LEU D 180 37.76 0.50 18.13
N GLU D 181 37.20 1.65 17.75
CA GLU D 181 35.77 1.70 17.49
C GLU D 181 35.39 0.82 16.30
N THR D 182 36.16 0.89 15.22
CA THR D 182 35.83 0.11 14.03
C THR D 182 36.14 -1.38 14.20
N LEU D 183 36.99 -1.74 15.17
CA LEU D 183 37.26 -3.14 15.46
C LEU D 183 36.27 -3.72 16.45
N LEU D 184 35.69 -2.89 17.32
CA LEU D 184 34.71 -3.36 18.29
C LEU D 184 33.28 -3.29 17.79
N GLU D 185 32.99 -2.44 16.79
CA GLU D 185 31.62 -2.32 16.30
C GLU D 185 31.15 -3.58 15.59
N GLU D 186 32.07 -4.38 15.05
CA GLU D 186 31.67 -5.57 14.31
C GLU D 186 31.08 -6.65 15.20
N ARG D 187 31.27 -6.57 16.51
CA ARG D 187 30.68 -7.52 17.45
C ARG D 187 29.47 -6.94 18.16
N GLU D 188 28.88 -5.87 17.63
CA GLU D 188 27.71 -5.21 18.22
C GLU D 188 27.99 -4.75 19.66
N SER D 189 29.23 -4.33 19.92
CA SER D 189 29.63 -3.84 21.23
C SER D 189 30.18 -2.43 21.09
N LYS D 190 29.78 -1.54 22.00
CA LYS D 190 30.20 -0.15 21.99
C LYS D 190 30.76 0.23 23.35
N ALA D 191 31.84 1.01 23.34
CA ALA D 191 32.42 1.50 24.58
C ALA D 191 31.47 2.47 25.28
N GLU D 192 31.53 2.51 26.60
CA GLU D 192 30.64 3.36 27.37
C GLU D 192 30.89 4.84 27.05
N LYS D 193 32.14 5.28 27.14
CA LYS D 193 32.51 6.65 26.82
C LYS D 193 34.03 6.74 26.74
N VAL D 194 34.50 7.77 26.05
CA VAL D 194 35.92 8.02 25.86
C VAL D 194 36.24 9.42 26.35
N LEU D 195 37.29 9.53 27.17
CA LEU D 195 37.72 10.81 27.71
C LEU D 195 38.88 11.37 26.89
N GLN D 196 38.87 12.69 26.70
CA GLN D 196 39.89 13.39 25.93
C GLN D 196 40.78 14.20 26.86
N PHE D 197 42.09 14.01 26.73
CA PHE D 197 43.07 14.72 27.53
C PHE D 197 43.88 15.65 26.63
N ASP D 198 44.72 16.47 27.27
CA ASP D 198 45.56 17.43 26.58
C ASP D 198 47.01 17.26 27.01
N PRO D 199 47.95 17.54 26.12
CA PRO D 199 49.37 17.37 26.48
C PRO D 199 49.89 18.51 27.34
N GLY D 200 49.69 18.40 28.66
CA GLY D 200 50.19 19.40 29.57
C GLY D 200 49.27 19.71 30.73
N THR D 201 48.04 19.19 30.67
CA THR D 201 47.10 19.42 31.75
C THR D 201 47.53 18.71 33.03
N LYS D 202 47.37 19.38 34.16
CA LYS D 202 47.71 18.83 35.46
C LYS D 202 46.51 18.74 36.40
N ASN D 203 45.31 19.04 35.92
CA ASN D 203 44.11 18.99 36.75
C ASN D 203 43.11 17.99 36.18
N VAL D 204 43.59 16.81 35.81
CA VAL D 204 42.76 15.77 35.21
C VAL D 204 42.04 14.99 36.30
N THR D 205 42.08 15.51 37.53
CA THR D 205 41.43 14.83 38.65
C THR D 205 39.92 14.73 38.44
N ALA D 206 39.31 15.77 37.87
CA ALA D 206 37.88 15.71 37.59
C ALA D 206 37.55 14.64 36.56
N LEU D 207 38.36 14.55 35.51
CA LEU D 207 38.15 13.52 34.50
C LEU D 207 38.32 12.13 35.09
N LEU D 208 39.33 11.96 35.96
CA LEU D 208 39.52 10.67 36.62
C LEU D 208 38.34 10.32 37.51
N MET D 209 37.80 11.31 38.23
CA MET D 209 36.65 11.06 39.09
C MET D 209 35.42 10.67 38.27
N GLU D 210 35.18 11.37 37.16
CA GLU D 210 34.03 11.05 36.33
C GLU D 210 34.21 9.72 35.59
N ALA D 211 35.45 9.30 35.38
CA ALA D 211 35.69 7.96 34.85
C ALA D 211 35.47 6.88 35.91
N LYS D 212 35.86 7.18 37.15
CA LYS D 212 35.60 6.26 38.26
C LYS D 212 34.11 6.08 38.48
N GLU D 213 33.34 7.17 38.38
CA GLU D 213 31.88 7.10 38.54
C GLU D 213 31.25 6.50 37.29
N LEU D 214 31.57 5.22 37.05
CA LEU D 214 31.08 4.50 35.90
C LEU D 214 30.93 3.02 36.27
N GLU D 215 30.15 2.30 35.47
CA GLU D 215 29.93 0.89 35.72
C GLU D 215 31.19 0.07 35.45
N ALA D 216 31.92 0.42 34.40
CA ALA D 216 33.12 -0.33 34.04
C ALA D 216 34.24 -0.06 35.03
N ARG D 217 35.17 -1.02 35.12
CA ARG D 217 36.31 -0.92 36.03
C ARG D 217 37.60 -1.33 35.32
N VAL D 218 37.67 -1.14 34.01
CA VAL D 218 38.86 -1.44 33.22
C VAL D 218 39.27 -0.19 32.47
N ILE D 219 40.55 0.16 32.54
CA ILE D 219 41.06 1.42 32.02
C ILE D 219 42.20 1.12 31.05
N ILE D 220 42.17 1.78 29.89
CA ILE D 220 43.22 1.68 28.89
C ILE D 220 43.92 3.04 28.78
N LEU D 221 45.24 3.04 28.88
CA LEU D 221 46.04 4.26 28.81
C LEU D 221 46.80 4.30 27.49
N SER D 222 46.68 5.41 26.77
CA SER D 222 47.40 5.58 25.50
C SER D 222 47.64 7.08 25.33
N ALA D 223 48.83 7.53 25.70
CA ALA D 223 49.21 8.94 25.60
C ALA D 223 50.73 9.03 25.63
N SER D 224 51.25 10.24 25.78
CA SER D 224 52.69 10.44 25.89
C SER D 224 53.19 9.94 27.24
N GLU D 225 54.52 9.81 27.36
CA GLU D 225 55.10 9.27 28.57
C GLU D 225 54.84 10.17 29.77
N ASP D 226 55.02 11.48 29.60
CA ASP D 226 54.80 12.41 30.71
C ASP D 226 53.35 12.45 31.14
N ASP D 227 52.42 12.49 30.18
CA ASP D 227 51.01 12.49 30.51
C ASP D 227 50.59 11.19 31.19
N ALA D 228 51.13 10.06 30.71
CA ALA D 228 50.83 8.78 31.35
C ALA D 228 51.36 8.74 32.79
N ALA D 229 52.56 9.27 33.01
CA ALA D 229 53.10 9.32 34.36
C ALA D 229 52.25 10.21 35.25
N THR D 230 51.82 11.37 34.74
CA THR D 230 51.00 12.27 35.54
C THR D 230 49.66 11.64 35.89
N VAL D 231 49.00 11.01 34.92
CA VAL D 231 47.70 10.40 35.20
C VAL D 231 47.85 9.21 36.13
N TYR D 232 48.97 8.47 36.02
CA TYR D 232 49.19 7.35 36.94
C TYR D 232 49.43 7.85 38.36
N ARG D 233 50.17 8.96 38.51
CA ARG D 233 50.35 9.56 39.82
C ARG D 233 49.03 10.03 40.40
N ALA D 234 48.18 10.63 39.56
CA ALA D 234 46.85 11.05 40.01
C ALA D 234 46.01 9.86 40.45
N ALA D 235 46.07 8.76 39.69
CA ALA D 235 45.34 7.55 40.08
C ALA D 235 45.85 6.98 41.39
N ALA D 236 47.17 6.97 41.57
CA ALA D 236 47.76 6.46 42.80
C ALA D 236 47.36 7.30 44.01
N MET D 237 47.37 8.63 43.85
CA MET D 237 46.99 9.50 44.95
C MET D 237 45.48 9.58 45.15
N LEU D 238 44.69 9.11 44.20
CA LEU D 238 43.24 9.02 44.34
C LEU D 238 42.77 7.58 44.63
N ASN D 239 43.69 6.70 44.99
CA ASN D 239 43.36 5.33 45.40
C ASN D 239 42.67 4.55 44.29
N MET D 240 43.22 4.63 43.08
CA MET D 240 42.72 3.87 41.95
C MET D 240 43.47 2.57 41.71
N THR D 241 44.47 2.26 42.55
CA THR D 241 45.25 1.04 42.41
C THR D 241 44.68 -0.13 43.21
N GLY D 242 43.40 -0.07 43.57
CA GLY D 242 42.77 -1.13 44.35
C GLY D 242 42.41 -2.34 43.51
N SER D 243 41.83 -3.33 44.19
CA SER D 243 41.43 -4.56 43.53
C SER D 243 40.26 -4.30 42.57
N GLY D 244 40.21 -5.09 41.51
CA GLY D 244 39.16 -4.97 40.52
C GLY D 244 39.35 -3.85 39.52
N TYR D 245 40.52 -3.22 39.48
CA TYR D 245 40.82 -2.14 38.54
C TYR D 245 41.97 -2.59 37.66
N VAL D 246 41.63 -3.18 36.51
CA VAL D 246 42.64 -3.66 35.57
C VAL D 246 43.15 -2.48 34.76
N TRP D 247 44.46 -2.30 34.74
CA TRP D 247 45.11 -1.22 34.01
C TRP D 247 45.81 -1.78 32.78
N LEU D 248 45.55 -1.19 31.63
CA LEU D 248 46.19 -1.57 30.37
C LEU D 248 47.07 -0.42 29.91
N VAL D 249 48.34 -0.73 29.68
CA VAL D 249 49.36 0.28 29.38
C VAL D 249 50.00 -0.04 28.04
N GLY D 250 50.20 0.99 27.22
CA GLY D 250 50.77 0.82 25.91
C GLY D 250 52.28 0.61 25.93
N GLU D 251 52.84 0.51 24.74
CA GLU D 251 54.27 0.20 24.60
C GLU D 251 55.14 1.34 25.13
N ARG D 252 54.82 2.58 24.75
CA ARG D 252 55.66 3.71 25.08
C ARG D 252 55.48 4.20 26.52
N GLU D 253 54.43 3.75 27.22
CA GLU D 253 54.11 4.25 28.54
C GLU D 253 54.62 3.34 29.66
N ILE D 254 55.46 2.36 29.34
CA ILE D 254 56.02 1.47 30.35
C ILE D 254 57.46 1.81 30.71
N SER D 255 58.00 2.89 30.14
CA SER D 255 59.38 3.31 30.39
C SER D 255 59.39 4.68 31.06
N GLY D 256 60.59 5.21 31.25
CA GLY D 256 60.74 6.51 31.89
C GLY D 256 60.29 6.44 33.34
N ASN D 257 59.40 7.36 33.73
CA ASN D 257 58.91 7.42 35.10
C ASN D 257 57.95 6.28 35.43
N ALA D 258 57.54 5.49 34.44
CA ALA D 258 56.65 4.37 34.70
C ALA D 258 57.35 3.29 35.53
N LEU D 259 58.62 3.04 35.25
CA LEU D 259 59.38 2.05 36.00
C LEU D 259 59.63 2.45 37.45
N ARG D 260 59.38 3.72 37.81
CA ARG D 260 59.61 4.21 39.16
C ARG D 260 58.33 4.53 39.92
N TYR D 261 57.27 4.96 39.23
CA TYR D 261 56.04 5.39 39.89
C TYR D 261 54.86 4.50 39.50
N ALA D 262 55.08 3.18 39.48
CA ALA D 262 53.98 2.27 39.16
C ALA D 262 54.13 0.95 39.92
N PRO D 263 53.14 0.58 40.73
CA PRO D 263 53.19 -0.74 41.40
C PRO D 263 52.88 -1.88 40.45
N ASP D 264 52.75 -3.09 41.00
CA ASP D 264 52.50 -4.27 40.18
C ASP D 264 51.09 -4.23 39.58
N GLY D 265 50.76 -5.26 38.81
CA GLY D 265 49.46 -5.33 38.18
C GLY D 265 49.34 -4.56 36.88
N ILE D 266 50.44 -4.36 36.17
CA ILE D 266 50.45 -3.60 34.92
C ILE D 266 50.52 -4.58 33.75
N LEU D 267 49.58 -4.46 32.83
CA LEU D 267 49.54 -5.30 31.63
C LEU D 267 50.23 -4.58 30.47
N GLY D 268 51.56 -4.52 30.56
CA GLY D 268 52.33 -3.85 29.54
C GLY D 268 52.49 -4.68 28.28
N LEU D 269 52.88 -4.00 27.20
CA LEU D 269 53.14 -4.64 25.92
C LEU D 269 54.50 -4.21 25.40
N GLN D 270 55.20 -5.12 24.73
CA GLN D 270 56.50 -4.85 24.17
C GLN D 270 56.68 -5.63 22.88
N LEU D 271 57.31 -5.00 21.89
CA LEU D 271 57.55 -5.64 20.61
C LEU D 271 58.72 -6.60 20.70
N ILE D 272 58.53 -7.82 20.19
CA ILE D 272 59.59 -8.81 20.15
C ILE D 272 60.51 -8.50 18.98
N ASN D 273 61.82 -8.43 19.26
CA ASN D 273 62.84 -8.11 18.25
C ASN D 273 62.55 -6.78 17.58
N GLY D 274 62.09 -5.81 18.36
CA GLY D 274 61.77 -4.49 17.84
C GLY D 274 62.90 -3.50 17.96
N LYS D 275 63.50 -3.41 19.14
CA LYS D 275 64.59 -2.46 19.37
C LYS D 275 65.85 -2.84 18.60
N ASN D 276 65.98 -4.10 18.19
CA ASN D 276 67.15 -4.51 17.43
C ASN D 276 67.15 -3.86 16.06
N GLU D 277 68.33 -3.39 15.62
CA GLU D 277 68.44 -2.62 14.39
C GLU D 277 68.76 -3.50 13.19
N SER D 278 69.83 -4.30 13.26
CA SER D 278 70.26 -5.10 12.12
C SER D 278 69.35 -6.30 11.86
N ALA D 279 68.43 -6.62 12.77
CA ALA D 279 67.56 -7.77 12.57
C ALA D 279 66.64 -7.58 11.36
N HIS D 280 66.09 -6.38 11.20
CA HIS D 280 65.13 -6.12 10.13
C HIS D 280 65.74 -5.42 8.92
N ILE D 281 66.89 -4.77 9.07
CA ILE D 281 67.46 -4.01 7.95
C ILE D 281 67.93 -4.95 6.84
N SER D 282 68.51 -6.09 7.21
CA SER D 282 68.93 -7.06 6.19
C SER D 282 67.74 -7.58 5.40
N ASP D 283 66.65 -7.92 6.08
CA ASP D 283 65.45 -8.37 5.40
C ASP D 283 64.88 -7.27 4.50
N ALA D 284 64.89 -6.02 5.00
CA ALA D 284 64.36 -4.91 4.22
C ALA D 284 65.17 -4.68 2.96
N VAL D 285 66.50 -4.71 3.06
CA VAL D 285 67.33 -4.49 1.87
C VAL D 285 67.21 -5.67 0.91
N GLY D 286 67.05 -6.89 1.42
CA GLY D 286 66.79 -8.02 0.55
C GLY D 286 65.48 -7.87 -0.21
N VAL D 287 64.43 -7.43 0.48
CA VAL D 287 63.15 -7.19 -0.18
C VAL D 287 63.28 -6.09 -1.21
N VAL D 288 64.05 -5.04 -0.90
CA VAL D 288 64.25 -3.95 -1.85
C VAL D 288 64.98 -4.45 -3.10
N ALA D 289 66.00 -5.28 -2.91
CA ALA D 289 66.72 -5.84 -4.06
C ALA D 289 65.82 -6.73 -4.90
N GLN D 290 64.99 -7.56 -4.25
CA GLN D 290 64.07 -8.40 -4.99
C GLN D 290 63.06 -7.57 -5.77
N ALA D 291 62.56 -6.48 -5.16
CA ALA D 291 61.63 -5.60 -5.85
C ALA D 291 62.29 -4.92 -7.04
N VAL D 292 63.56 -4.51 -6.88
CA VAL D 292 64.28 -3.91 -7.99
C VAL D 292 64.44 -4.91 -9.14
N HIS D 293 64.78 -6.15 -8.82
CA HIS D 293 64.90 -7.17 -9.86
C HIS D 293 63.56 -7.41 -10.55
N GLU D 294 62.47 -7.47 -9.78
CA GLU D 294 61.15 -7.68 -10.37
C GLU D 294 60.76 -6.52 -11.27
N LEU D 295 61.06 -5.28 -10.85
CA LEU D 295 60.77 -4.12 -11.68
C LEU D 295 61.59 -4.13 -12.96
N LEU D 296 62.86 -4.55 -12.86
CA LEU D 296 63.71 -4.63 -14.04
C LEU D 296 63.19 -5.67 -15.02
N GLU D 297 62.73 -6.82 -14.51
CA GLU D 297 62.26 -7.90 -15.36
C GLU D 297 60.79 -7.75 -15.78
N LYS D 298 60.08 -6.79 -15.22
CA LYS D 298 58.65 -6.63 -15.52
C LYS D 298 58.42 -5.84 -16.79
N GLU D 299 58.84 -4.57 -16.81
CA GLU D 299 58.59 -3.68 -17.94
C GLU D 299 59.61 -2.55 -17.89
N ASN D 300 59.37 -1.51 -18.69
CA ASN D 300 60.27 -0.37 -18.76
C ASN D 300 60.26 0.40 -17.44
N ILE D 301 61.44 0.92 -17.07
CA ILE D 301 61.62 1.68 -15.85
C ILE D 301 62.05 3.10 -16.22
N THR D 302 61.40 4.09 -15.62
CA THR D 302 61.79 5.48 -15.84
C THR D 302 62.91 5.88 -14.90
N ASP D 303 63.77 6.77 -15.38
CA ASP D 303 64.89 7.15 -14.53
C ASP D 303 64.68 8.53 -13.90
N PRO D 304 65.11 8.71 -12.65
CA PRO D 304 64.95 10.02 -12.02
C PRO D 304 65.88 11.03 -12.64
N PRO D 305 65.53 12.31 -12.58
CA PRO D 305 66.45 13.35 -13.09
C PRO D 305 67.74 13.38 -12.29
N ARG D 306 68.84 13.67 -12.98
CA ARG D 306 70.15 13.69 -12.33
C ARG D 306 70.23 14.81 -11.31
N GLY D 307 70.07 16.06 -11.75
CA GLY D 307 70.17 17.18 -10.84
C GLY D 307 68.91 17.38 -10.01
N CYS D 308 69.10 18.03 -8.86
CA CYS D 308 67.97 18.35 -7.98
C CYS D 308 67.17 19.54 -8.49
N VAL D 309 67.72 20.32 -9.41
CA VAL D 309 67.07 21.50 -9.95
C VAL D 309 66.93 21.32 -11.46
N GLY D 310 65.70 21.46 -11.96
CA GLY D 310 65.47 21.39 -13.38
C GLY D 310 64.30 20.51 -13.79
N ASN D 311 63.82 19.66 -12.88
CA ASN D 311 62.73 18.75 -13.20
C ASN D 311 61.78 18.66 -12.02
N THR D 312 60.47 18.71 -12.31
CA THR D 312 59.42 18.59 -11.30
C THR D 312 58.36 17.60 -11.76
N ASN D 313 58.75 16.55 -12.48
CA ASN D 313 57.81 15.58 -13.00
C ASN D 313 57.46 14.55 -11.93
N ILE D 314 56.74 13.50 -12.32
CA ILE D 314 56.31 12.45 -11.42
C ILE D 314 56.66 11.10 -12.03
N TRP D 315 57.15 10.18 -11.20
CA TRP D 315 57.50 8.85 -11.68
C TRP D 315 56.26 8.11 -12.15
N LYS D 316 56.43 7.33 -13.23
CA LYS D 316 55.39 6.44 -13.70
C LYS D 316 55.41 5.09 -12.99
N THR D 317 56.46 4.80 -12.22
CA THR D 317 56.58 3.56 -11.48
C THR D 317 56.24 3.74 -10.00
N GLY D 318 55.75 4.91 -9.61
CA GLY D 318 55.38 5.17 -8.24
C GLY D 318 54.35 4.20 -7.71
N PRO D 319 53.13 4.23 -8.27
CA PRO D 319 52.13 3.23 -7.88
C PRO D 319 52.54 1.81 -8.22
N LEU D 320 53.39 1.62 -9.23
CA LEU D 320 53.85 0.28 -9.58
C LEU D 320 54.66 -0.34 -8.44
N PHE D 321 55.49 0.46 -7.78
CA PHE D 321 56.26 -0.04 -6.63
C PHE D 321 55.33 -0.51 -5.53
N LYS D 322 54.29 0.28 -5.21
CA LYS D 322 53.34 -0.13 -4.19
C LYS D 322 52.61 -1.40 -4.60
N ARG D 323 52.21 -1.49 -5.87
CA ARG D 323 51.49 -2.68 -6.34
C ARG D 323 52.37 -3.92 -6.25
N VAL D 324 53.65 -3.78 -6.56
CA VAL D 324 54.54 -4.94 -6.54
C VAL D 324 55.05 -5.26 -5.14
N LEU D 325 54.95 -4.32 -4.20
CA LEU D 325 55.42 -4.56 -2.84
C LEU D 325 54.33 -5.00 -1.88
N MET D 326 53.09 -4.52 -2.02
CA MET D 326 52.03 -4.92 -1.11
C MET D 326 51.72 -6.40 -1.25
N SER D 327 51.69 -6.91 -2.47
CA SER D 327 51.39 -8.32 -2.72
C SER D 327 52.63 -9.20 -2.66
N SER D 328 53.81 -8.63 -2.47
CA SER D 328 55.03 -9.42 -2.42
C SER D 328 55.11 -10.20 -1.11
N LYS D 329 55.58 -11.44 -1.19
CA LYS D 329 55.75 -12.29 -0.03
C LYS D 329 57.17 -12.83 -0.02
N TYR D 330 57.83 -12.75 1.13
CA TYR D 330 59.19 -13.25 1.29
C TYR D 330 59.30 -13.95 2.63
N ALA D 331 59.61 -15.25 2.59
CA ALA D 331 59.74 -16.06 3.80
C ALA D 331 61.17 -16.13 4.30
N ASP D 332 62.11 -15.43 3.67
CA ASP D 332 63.50 -15.47 4.08
C ASP D 332 63.81 -14.58 5.27
N GLY D 333 62.84 -13.79 5.73
CA GLY D 333 63.07 -12.91 6.85
C GLY D 333 63.16 -13.66 8.18
N VAL D 334 63.65 -12.95 9.18
CA VAL D 334 63.80 -13.55 10.52
C VAL D 334 62.45 -13.82 11.17
N THR D 335 61.40 -13.13 10.73
CA THR D 335 60.06 -13.30 11.29
C THR D 335 59.15 -14.08 10.34
N GLY D 336 59.73 -15.06 9.65
CA GLY D 336 58.95 -15.85 8.71
C GLY D 336 58.59 -15.04 7.48
N ARG D 337 57.37 -15.24 6.99
CA ARG D 337 56.91 -14.50 5.82
C ARG D 337 56.74 -13.02 6.15
N VAL D 338 56.93 -12.19 5.14
CA VAL D 338 56.84 -10.73 5.28
C VAL D 338 55.64 -10.27 4.47
N GLU D 339 54.70 -9.58 5.13
CA GLU D 339 53.51 -9.06 4.49
C GLU D 339 53.33 -7.60 4.87
N PHE D 340 52.71 -6.84 3.97
CA PHE D 340 52.46 -5.42 4.17
C PHE D 340 50.96 -5.14 4.17
N ASN D 341 50.54 -4.23 5.03
CA ASN D 341 49.14 -3.85 5.13
C ASN D 341 48.79 -2.88 4.01
N GLU D 342 47.57 -2.30 4.06
CA GLU D 342 47.17 -1.33 3.06
C GLU D 342 47.94 -0.02 3.17
N ASP D 343 48.60 0.22 4.30
CA ASP D 343 49.41 1.42 4.50
C ASP D 343 50.90 1.17 4.28
N GLY D 344 51.26 0.00 3.78
CA GLY D 344 52.66 -0.33 3.55
C GLY D 344 53.49 -0.46 4.81
N ASP D 345 52.92 -1.05 5.85
CA ASP D 345 53.60 -1.24 7.13
C ASP D 345 53.67 -2.72 7.45
N ARG D 346 54.40 -3.04 8.53
CA ARG D 346 54.58 -4.43 8.93
C ARG D 346 53.25 -5.04 9.35
N LYS D 347 53.00 -6.26 8.88
CA LYS D 347 51.77 -6.99 9.17
C LYS D 347 52.08 -8.24 9.99
N PHE D 348 51.25 -8.47 11.02
CA PHE D 348 51.35 -9.65 11.87
C PHE D 348 52.73 -9.74 12.52
N ALA D 349 53.05 -8.72 13.32
CA ALA D 349 54.30 -8.68 14.06
C ALA D 349 54.17 -9.45 15.37
N ASN D 350 55.32 -9.72 15.98
CA ASN D 350 55.37 -10.48 17.23
C ASN D 350 55.28 -9.52 18.40
N TYR D 351 54.29 -9.72 19.26
CA TYR D 351 54.10 -8.93 20.47
C TYR D 351 54.35 -9.80 21.70
N SER D 352 54.56 -9.13 22.83
CA SER D 352 54.83 -9.81 24.09
C SER D 352 54.13 -9.06 25.21
N ILE D 353 53.27 -9.77 25.94
CA ILE D 353 52.56 -9.18 27.07
C ILE D 353 53.53 -9.07 28.25
N MET D 354 53.62 -7.87 28.82
CA MET D 354 54.54 -7.59 29.90
C MET D 354 53.77 -7.39 31.20
N ASN D 355 54.26 -8.01 32.27
CA ASN D 355 53.68 -7.87 33.60
C ASN D 355 54.77 -7.39 34.56
N LEU D 356 54.36 -6.56 35.51
CA LEU D 356 55.28 -5.95 36.47
C LEU D 356 55.14 -6.65 37.81
N GLN D 357 56.26 -7.12 38.35
CA GLN D 357 56.30 -7.77 39.66
C GLN D 357 57.48 -7.21 40.42
N ASN D 358 57.20 -6.37 41.42
CA ASN D 358 58.23 -5.70 42.23
C ASN D 358 59.20 -4.93 41.33
N ARG D 359 58.63 -4.13 40.42
CA ARG D 359 59.40 -3.32 39.47
C ARG D 359 60.29 -4.17 38.57
N LYS D 360 59.85 -5.39 38.27
CA LYS D 360 60.57 -6.30 37.38
C LYS D 360 59.62 -6.78 36.30
N LEU D 361 60.07 -6.73 35.04
CA LEU D 361 59.25 -7.15 33.92
C LEU D 361 59.19 -8.67 33.85
N VAL D 362 57.98 -9.20 33.69
CA VAL D 362 57.75 -10.64 33.62
C VAL D 362 57.01 -10.94 32.32
N GLN D 363 57.54 -11.90 31.56
CA GLN D 363 56.92 -12.30 30.30
C GLN D 363 55.93 -13.44 30.54
N VAL D 364 54.70 -13.24 30.09
CA VAL D 364 53.65 -14.23 30.28
C VAL D 364 53.02 -14.61 28.94
N GLY D 365 52.55 -13.61 28.20
CA GLY D 365 51.85 -13.85 26.96
C GLY D 365 52.62 -13.32 25.76
N ILE D 366 52.46 -14.00 24.62
CA ILE D 366 53.07 -13.60 23.37
C ILE D 366 52.01 -13.60 22.28
N TYR D 367 52.27 -12.86 21.22
CA TYR D 367 51.34 -12.73 20.09
C TYR D 367 52.07 -13.10 18.80
N ASN D 368 51.44 -13.95 17.99
CA ASN D 368 52.01 -14.33 16.71
C ASN D 368 50.96 -14.34 15.60
N GLY D 369 49.83 -13.69 15.79
CA GLY D 369 48.79 -13.63 14.79
C GLY D 369 47.53 -14.38 15.17
N THR D 370 46.53 -13.66 15.67
CA THR D 370 45.23 -14.22 16.04
C THR D 370 45.37 -15.39 17.00
N HIS D 371 46.37 -15.32 17.88
CA HIS D 371 46.62 -16.36 18.85
C HIS D 371 47.21 -15.75 20.12
N VAL D 372 47.02 -16.47 21.23
CA VAL D 372 47.59 -16.08 22.53
C VAL D 372 48.24 -17.31 23.14
N ILE D 373 49.45 -17.15 23.64
CA ILE D 373 50.19 -18.27 24.25
C ILE D 373 50.65 -17.85 25.64
N PRO D 374 49.81 -17.98 26.66
CA PRO D 374 50.25 -17.66 28.03
C PRO D 374 51.28 -18.66 28.53
N ASN D 375 52.12 -18.18 29.44
CA ASN D 375 53.15 -19.01 30.05
C ASN D 375 52.69 -19.53 31.42
N ASP D 376 53.58 -20.23 32.11
CA ASP D 376 53.24 -20.80 33.40
C ASP D 376 53.13 -19.75 34.50
N ARG D 377 53.71 -18.57 34.29
CA ARG D 377 53.63 -17.52 35.30
C ARG D 377 52.20 -17.01 35.45
N LYS D 378 51.75 -16.88 36.70
CA LYS D 378 50.41 -16.40 36.96
C LYS D 378 50.31 -14.91 36.69
N ILE D 379 49.17 -14.49 36.12
CA ILE D 379 48.92 -13.08 35.84
C ILE D 379 48.35 -12.44 37.10
N ILE D 380 49.11 -11.53 37.69
CA ILE D 380 48.70 -10.85 38.91
C ILE D 380 47.84 -9.65 38.56
N TRP D 381 47.11 -9.15 39.55
CA TRP D 381 46.23 -8.01 39.40
C TRP D 381 46.46 -7.04 40.55
N PRO D 382 46.15 -5.76 40.36
CA PRO D 382 46.31 -4.79 41.44
C PRO D 382 45.46 -5.17 42.66
N GLY D 383 46.01 -4.87 43.84
CA GLY D 383 45.37 -5.23 45.08
C GLY D 383 45.79 -6.56 45.66
N GLY D 384 46.65 -7.31 44.96
CA GLY D 384 47.14 -8.58 45.45
C GLY D 384 46.28 -9.78 45.11
N GLU D 385 45.14 -9.59 44.46
CA GLU D 385 44.29 -10.70 44.08
C GLU D 385 44.93 -11.52 42.98
N THR D 386 44.79 -12.84 43.07
CA THR D 386 45.34 -13.77 42.08
C THR D 386 44.29 -14.30 41.13
N GLU D 387 43.08 -13.73 41.14
CA GLU D 387 42.00 -14.16 40.28
C GLU D 387 41.55 -13.01 39.39
N LYS D 388 41.10 -13.34 38.19
CA LYS D 388 40.65 -12.33 37.25
C LYS D 388 39.37 -11.67 37.76
N PRO D 389 39.33 -10.36 37.92
CA PRO D 389 38.13 -9.69 38.40
C PRO D 389 37.09 -9.57 37.30
N ARG D 390 35.94 -9.01 37.65
CA ARG D 390 34.83 -8.80 36.73
C ARG D 390 34.51 -7.32 36.65
N GLY D 391 34.19 -6.86 35.44
CA GLY D 391 33.86 -5.47 35.19
C GLY D 391 32.39 -5.12 35.34
N TYR D 392 31.57 -6.06 35.80
CA TYR D 392 30.13 -5.84 35.97
C TYR D 392 29.82 -5.78 37.47
N GLN D 393 29.78 -4.57 38.02
CA GLN D 393 29.40 -4.33 39.40
C GLN D 393 28.25 -3.32 39.40
N MET D 394 27.06 -3.78 39.76
CA MET D 394 25.86 -2.94 39.77
C MET D 394 25.77 -2.27 41.14
N SER D 395 26.04 -0.96 41.18
CA SER D 395 25.94 -0.20 42.42
C SER D 395 24.49 0.01 42.86
N THR D 396 23.52 -0.30 41.99
CA THR D 396 22.09 -0.16 42.27
C THR D 396 21.69 1.26 42.64
N ARG D 397 22.49 2.25 42.22
CA ARG D 397 22.16 3.65 42.45
C ARG D 397 21.44 4.23 41.24
N LEU D 398 20.27 3.66 40.96
CA LEU D 398 19.49 4.02 39.78
C LEU D 398 18.75 5.32 40.05
N LYS D 399 19.16 6.39 39.38
CA LYS D 399 18.46 7.66 39.48
C LYS D 399 17.21 7.62 38.62
N ILE D 400 16.05 7.84 39.23
CA ILE D 400 14.76 7.71 38.58
C ILE D 400 14.10 9.07 38.48
N VAL D 401 13.68 9.44 37.27
CA VAL D 401 12.99 10.70 37.01
C VAL D 401 11.54 10.38 36.67
N THR D 402 10.61 11.10 37.31
CA THR D 402 9.19 10.85 37.16
C THR D 402 8.46 12.14 36.85
N ILE D 403 7.40 12.04 36.04
CA ILE D 403 6.59 13.17 35.68
C ILE D 403 5.45 13.32 36.68
N HIS D 404 4.94 14.54 36.82
CA HIS D 404 3.88 14.83 37.77
C HIS D 404 2.54 14.60 37.09
N GLN D 405 1.89 13.49 37.42
CA GLN D 405 0.55 13.17 36.95
C GLN D 405 -0.33 12.89 38.17
N GLU D 406 -1.42 13.64 38.28
CA GLU D 406 -2.25 13.57 39.50
C GLU D 406 -2.78 12.18 39.79
N PRO D 407 -3.34 11.43 38.84
CA PRO D 407 -3.81 10.08 39.17
C PRO D 407 -2.72 9.12 39.60
N PHE D 408 -1.46 9.39 39.24
CA PHE D 408 -0.36 8.48 39.52
C PHE D 408 0.68 9.04 40.48
N VAL D 409 0.99 10.34 40.42
CA VAL D 409 1.99 10.95 41.28
C VAL D 409 1.35 12.14 41.99
N TYR D 410 1.31 12.10 43.32
CA TYR D 410 0.74 13.17 44.13
C TYR D 410 1.90 13.97 44.74
N VAL D 411 2.39 14.96 43.99
CA VAL D 411 3.48 15.80 44.45
C VAL D 411 2.92 16.82 45.44
N LYS D 412 3.39 16.75 46.69
CA LYS D 412 2.96 17.66 47.73
C LYS D 412 4.18 18.18 48.50
N PRO D 413 4.11 19.41 48.99
CA PRO D 413 5.24 19.94 49.77
C PRO D 413 5.41 19.23 51.10
N THR D 414 6.63 19.22 51.58
CA THR D 414 6.95 18.59 52.86
C THR D 414 6.65 19.54 54.01
N LEU D 415 6.83 19.05 55.23
CA LEU D 415 6.60 19.84 56.43
C LEU D 415 7.90 20.47 56.90
N SER D 416 7.88 21.09 58.08
CA SER D 416 9.06 21.75 58.62
C SER D 416 10.08 20.77 59.19
N ASP D 417 9.71 19.51 59.37
CA ASP D 417 10.62 18.50 59.90
C ASP D 417 11.37 17.75 58.81
N GLY D 418 11.17 18.09 57.55
CA GLY D 418 11.84 17.42 56.46
C GLY D 418 11.11 16.23 55.88
N THR D 419 10.01 15.81 56.50
CA THR D 419 9.23 14.67 56.04
C THR D 419 7.79 15.10 55.82
N CYS D 420 6.94 14.13 55.48
CA CYS D 420 5.52 14.36 55.23
C CYS D 420 4.69 13.65 56.28
N LYS D 421 3.41 14.00 56.33
CA LYS D 421 2.49 13.41 57.30
C LYS D 421 2.21 11.96 56.95
N GLU D 422 1.81 11.19 57.97
CA GLU D 422 1.51 9.77 57.82
C GLU D 422 0.01 9.58 57.93
N GLU D 423 -0.61 9.11 56.85
CA GLU D 423 -2.03 8.85 56.80
C GLU D 423 -2.27 7.37 56.46
N PHE D 424 -3.55 7.00 56.36
CA PHE D 424 -3.94 5.64 56.04
C PHE D 424 -5.04 5.66 54.99
N THR D 425 -5.14 4.56 54.24
CA THR D 425 -6.14 4.44 53.19
C THR D 425 -7.48 4.05 53.80
N VAL D 426 -8.44 3.71 52.93
CA VAL D 426 -9.77 3.31 53.40
C VAL D 426 -9.68 2.00 54.18
N ASN D 427 -8.80 1.10 53.76
CA ASN D 427 -8.64 -0.20 54.42
C ASN D 427 -7.76 -0.10 55.66
N GLY D 428 -7.17 1.05 55.95
CA GLY D 428 -6.32 1.23 57.11
C GLY D 428 -4.86 0.90 56.89
N ASP D 429 -4.49 0.41 55.71
CA ASP D 429 -3.10 0.10 55.44
C ASP D 429 -2.28 1.40 55.36
N PRO D 430 -1.05 1.39 55.87
CA PRO D 430 -0.22 2.61 55.80
C PRO D 430 0.20 2.91 54.37
N VAL D 431 0.05 4.17 53.98
CA VAL D 431 0.43 4.61 52.64
C VAL D 431 1.91 4.96 52.65
N LYS D 432 2.69 4.27 51.82
CA LYS D 432 4.11 4.53 51.72
C LYS D 432 4.37 5.89 51.07
N LYS D 433 5.36 6.60 51.58
CA LYS D 433 5.75 7.90 51.05
C LYS D 433 7.26 7.97 50.93
N VAL D 434 7.72 8.55 49.82
CA VAL D 434 9.15 8.68 49.53
C VAL D 434 9.45 10.14 49.26
N ILE D 435 10.59 10.61 49.78
CA ILE D 435 11.02 11.98 49.55
C ILE D 435 11.44 12.12 48.10
N CYS D 436 10.85 13.09 47.39
CA CYS D 436 11.09 13.29 45.97
C CYS D 436 11.78 14.63 45.77
N THR D 437 12.82 14.65 44.95
CA THR D 437 13.58 15.85 44.67
C THR D 437 13.10 16.47 43.36
N GLY D 438 12.81 17.77 43.40
CA GLY D 438 12.34 18.48 42.24
C GLY D 438 12.31 19.98 42.44
N PRO D 439 12.06 20.72 41.37
CA PRO D 439 12.01 22.19 41.48
C PRO D 439 10.84 22.65 42.35
N ASN D 440 11.07 23.76 43.05
CA ASN D 440 10.02 24.33 43.90
C ASN D 440 8.86 24.86 43.07
N ASP D 441 9.17 25.51 41.95
CA ASP D 441 8.15 26.11 41.08
C ASP D 441 8.14 25.36 39.75
N THR D 442 6.97 24.85 39.36
CA THR D 442 6.86 24.12 38.10
C THR D 442 6.96 25.08 36.91
N SER D 443 6.33 26.24 37.00
CA SER D 443 6.33 27.17 35.88
C SER D 443 7.73 27.75 35.67
N PRO D 444 8.13 28.00 34.43
CA PRO D 444 9.44 28.58 34.14
C PRO D 444 9.46 30.06 34.47
N GLY D 445 10.63 30.67 34.27
CA GLY D 445 10.80 32.08 34.58
C GLY D 445 10.63 32.40 36.05
N SER D 446 11.12 31.54 36.92
CA SER D 446 11.01 31.68 38.36
C SER D 446 12.31 31.25 39.00
N PRO D 447 12.58 31.71 40.24
CA PRO D 447 13.80 31.27 40.93
C PRO D 447 13.72 29.81 41.35
N ARG D 448 14.01 28.91 40.40
CA ARG D 448 13.89 27.48 40.66
C ARG D 448 14.83 27.04 41.78
N HIS D 449 14.30 26.27 42.71
CA HIS D 449 15.07 25.70 43.80
C HIS D 449 14.75 24.22 43.92
N THR D 450 15.79 23.40 44.04
CA THR D 450 15.62 21.94 44.11
C THR D 450 15.34 21.52 45.57
N VAL D 451 14.22 22.00 46.08
CA VAL D 451 13.78 21.65 47.43
C VAL D 451 13.24 20.23 47.42
N PRO D 452 13.37 19.49 48.52
CA PRO D 452 12.83 18.11 48.54
C PRO D 452 11.33 18.11 48.76
N GLN D 453 10.61 17.42 47.87
CA GLN D 453 9.17 17.25 47.99
C GLN D 453 8.86 15.84 48.50
N CYS D 454 7.58 15.51 48.57
CA CYS D 454 7.12 14.20 49.04
C CYS D 454 5.99 13.76 48.09
N CYS D 455 6.36 13.00 47.07
CA CYS D 455 5.43 12.56 46.04
C CYS D 455 5.09 11.08 46.22
N TYR D 456 3.83 10.74 46.01
CA TYR D 456 3.35 9.38 46.18
C TYR D 456 2.21 9.15 45.21
N GLY D 457 1.67 7.92 45.21
CA GLY D 457 0.55 7.60 44.35
C GLY D 457 0.46 6.15 43.93
N PHE D 458 0.34 5.92 42.62
CA PHE D 458 0.14 4.59 42.08
C PHE D 458 1.44 3.86 41.78
N CYS D 459 2.34 4.49 41.02
CA CYS D 459 3.57 3.83 40.59
C CYS D 459 4.56 3.64 41.73
N ILE D 460 4.36 4.33 42.87
CA ILE D 460 5.32 4.22 43.97
C ILE D 460 5.29 2.81 44.56
N ASP D 461 4.10 2.21 44.68
CA ASP D 461 4.03 0.86 45.23
C ASP D 461 4.72 -0.14 44.32
N LEU D 462 4.52 -0.02 43.00
CA LEU D 462 5.20 -0.90 42.07
C LEU D 462 6.71 -0.71 42.13
N LEU D 463 7.16 0.55 42.24
CA LEU D 463 8.59 0.81 42.34
C LEU D 463 9.17 0.21 43.62
N ILE D 464 8.46 0.32 44.74
CA ILE D 464 8.92 -0.25 45.99
C ILE D 464 8.98 -1.77 45.89
N LYS D 465 7.98 -2.38 45.27
CA LYS D 465 7.99 -3.84 45.10
C LYS D 465 9.17 -4.27 44.23
N LEU D 466 9.43 -3.55 43.14
CA LEU D 466 10.56 -3.88 42.27
C LEU D 466 11.88 -3.71 43.01
N ALA D 467 12.01 -2.65 43.81
CA ALA D 467 13.23 -2.44 44.57
C ALA D 467 13.44 -3.56 45.59
N ARG D 468 12.37 -3.98 46.27
CA ARG D 468 12.47 -5.05 47.25
C ARG D 468 12.85 -6.37 46.58
N THR D 469 12.27 -6.66 45.42
CA THR D 469 12.50 -7.95 44.78
C THR D 469 13.70 -7.96 43.84
N MET D 470 14.37 -6.82 43.63
CA MET D 470 15.44 -6.75 42.65
C MET D 470 16.67 -6.00 43.17
N ASN D 471 16.84 -5.90 44.50
CA ASN D 471 18.04 -5.30 45.10
C ASN D 471 18.26 -3.87 44.65
N PHE D 472 17.17 -3.14 44.42
CA PHE D 472 17.27 -1.78 43.91
C PHE D 472 17.12 -0.75 45.03
N THR D 473 17.87 0.35 44.89
CA THR D 473 17.78 1.50 45.79
C THR D 473 17.40 2.71 44.92
N TYR D 474 16.12 3.04 44.89
CA TYR D 474 15.60 4.06 44.01
C TYR D 474 15.80 5.46 44.59
N GLU D 475 16.00 6.44 43.69
CA GLU D 475 16.09 7.85 44.04
C GLU D 475 15.16 8.61 43.09
N VAL D 476 13.94 8.91 43.56
CA VAL D 476 12.94 9.53 42.70
C VAL D 476 13.32 10.99 42.46
N HIS D 477 13.23 11.41 41.20
CA HIS D 477 13.52 12.77 40.80
C HIS D 477 12.38 13.29 39.93
N LEU D 478 12.24 14.61 39.88
CA LEU D 478 11.20 15.27 39.11
C LEU D 478 11.78 15.92 37.86
N VAL D 479 10.97 15.98 36.81
CA VAL D 479 11.40 16.58 35.55
C VAL D 479 11.56 18.08 35.73
N ALA D 480 12.71 18.60 35.28
CA ALA D 480 12.94 20.04 35.38
C ALA D 480 12.14 20.83 34.36
N ASP D 481 11.67 20.19 33.29
CA ASP D 481 10.89 20.86 32.26
C ASP D 481 9.39 20.59 32.37
N GLY D 482 9.00 19.47 32.95
CA GLY D 482 7.60 19.14 33.09
C GLY D 482 6.96 18.52 31.87
N LYS D 483 7.75 18.17 30.85
CA LYS D 483 7.23 17.60 29.61
C LYS D 483 7.90 16.25 29.36
N PHE D 484 7.19 15.40 28.62
CA PHE D 484 7.74 14.08 28.28
C PHE D 484 9.00 14.22 27.42
N GLY D 485 8.97 15.12 26.44
CA GLY D 485 10.14 15.36 25.61
C GLY D 485 10.15 14.61 24.30
N THR D 486 10.18 15.34 23.20
CA THR D 486 10.26 14.77 21.86
C THR D 486 11.27 15.60 21.06
N GLN D 487 11.28 15.39 19.75
CA GLN D 487 12.17 16.16 18.89
C GLN D 487 11.75 17.62 18.85
N GLU D 488 12.73 18.51 18.93
CA GLU D 488 12.48 19.95 18.84
C GLU D 488 13.57 20.59 17.99
N ARG D 489 13.26 21.74 17.43
CA ARG D 489 14.16 22.45 16.53
C ARG D 489 14.77 23.64 17.25
N VAL D 490 16.10 23.70 17.27
CA VAL D 490 16.85 24.77 17.90
C VAL D 490 17.88 25.29 16.90
N ASN D 491 18.76 26.18 17.35
CA ASN D 491 19.87 26.63 16.50
C ASN D 491 20.65 25.42 15.98
N ASN D 492 21.05 25.50 14.71
CA ASN D 492 21.55 24.35 13.96
C ASN D 492 20.50 23.23 13.93
N SER D 493 19.39 23.54 13.28
CA SER D 493 18.19 22.71 13.29
C SER D 493 18.40 21.34 12.65
N ASN D 494 19.61 21.07 12.15
CA ASN D 494 19.94 19.76 11.59
C ASN D 494 20.32 18.75 12.67
N LYS D 495 20.00 19.04 13.93
CA LYS D 495 20.32 18.17 15.06
C LYS D 495 19.03 17.63 15.67
N LYS D 496 18.97 16.30 15.81
CA LYS D 496 17.82 15.64 16.43
C LYS D 496 18.24 15.23 17.85
N GLU D 497 17.96 16.11 18.81
CA GLU D 497 18.27 15.87 20.21
C GLU D 497 16.99 15.99 21.03
N TRP D 498 16.79 15.02 21.92
CA TRP D 498 15.58 15.00 22.74
C TRP D 498 15.70 15.96 23.90
N ASN D 499 14.55 16.44 24.37
CA ASN D 499 14.46 17.30 25.54
C ASN D 499 13.62 16.59 26.61
N GLY D 500 13.33 17.31 27.70
CA GLY D 500 12.44 16.80 28.71
C GLY D 500 12.93 15.50 29.33
N MET D 501 11.98 14.60 29.62
CA MET D 501 12.31 13.35 30.28
C MET D 501 13.16 12.45 29.39
N MET D 502 12.85 12.39 28.09
CA MET D 502 13.63 11.56 27.18
C MET D 502 15.07 12.05 27.07
N GLY D 503 15.25 13.36 26.98
CA GLY D 503 16.60 13.91 26.95
C GLY D 503 17.34 13.69 28.25
N GLU D 504 16.63 13.79 29.38
CA GLU D 504 17.24 13.50 30.68
C GLU D 504 17.71 12.06 30.74
N LEU D 505 16.88 11.12 30.26
CA LEU D 505 17.28 9.71 30.24
C LEU D 505 18.47 9.48 29.33
N LEU D 506 18.47 10.09 28.15
CA LEU D 506 19.55 9.87 27.20
C LEU D 506 20.84 10.57 27.62
N SER D 507 20.76 11.59 28.48
CA SER D 507 21.95 12.27 28.95
C SER D 507 22.79 11.44 29.90
N GLY D 508 22.27 10.31 30.36
CA GLY D 508 22.98 9.45 31.29
C GLY D 508 22.74 9.74 32.75
N GLN D 509 22.08 10.85 33.08
CA GLN D 509 21.79 11.14 34.48
C GLN D 509 20.76 10.17 35.05
N ALA D 510 19.77 9.80 34.25
CA ALA D 510 18.74 8.86 34.67
C ALA D 510 19.02 7.48 34.11
N ASP D 511 18.65 6.45 34.89
CA ASP D 511 18.87 5.06 34.51
C ASP D 511 17.57 4.33 34.20
N MET D 512 16.61 4.35 35.12
CA MET D 512 15.32 3.69 34.93
C MET D 512 14.21 4.69 35.22
N ILE D 513 13.17 4.67 34.41
CA ILE D 513 12.05 5.60 34.52
C ILE D 513 10.78 4.80 34.74
N VAL D 514 10.08 5.10 35.84
CA VAL D 514 8.77 4.53 36.12
C VAL D 514 7.79 5.68 36.14
N ALA D 515 7.04 5.84 35.05
CA ALA D 515 6.11 6.95 34.89
C ALA D 515 5.20 6.62 33.70
N PRO D 516 4.01 7.24 33.65
CA PRO D 516 3.12 7.01 32.51
C PRO D 516 3.69 7.60 31.22
N LEU D 517 4.09 6.73 30.30
CA LEU D 517 4.67 7.15 29.02
C LEU D 517 4.11 6.27 27.92
N THR D 518 3.33 6.87 27.02
CA THR D 518 2.74 6.13 25.92
C THR D 518 3.83 5.59 24.99
N ILE D 519 3.68 4.33 24.57
CA ILE D 519 4.65 3.71 23.69
C ILE D 519 4.57 4.35 22.31
N ASN D 520 5.72 4.78 21.79
CA ASN D 520 5.79 5.40 20.48
C ASN D 520 6.94 4.79 19.70
N ASN D 521 6.78 4.73 18.38
CA ASN D 521 7.81 4.15 17.52
C ASN D 521 9.10 4.96 17.59
N GLU D 522 8.99 6.29 17.56
CA GLU D 522 10.18 7.14 17.64
C GLU D 522 10.91 6.96 18.96
N ARG D 523 10.16 6.86 20.07
CA ARG D 523 10.78 6.62 21.36
C ARG D 523 11.43 5.25 21.41
N ALA D 524 10.79 4.24 20.82
CA ALA D 524 11.35 2.89 20.82
C ALA D 524 12.57 2.76 19.94
N GLN D 525 12.71 3.61 18.92
CA GLN D 525 13.89 3.55 18.06
C GLN D 525 15.16 3.91 18.82
N TYR D 526 15.04 4.68 19.90
CA TYR D 526 16.18 5.10 20.69
C TYR D 526 16.16 4.62 22.13
N ILE D 527 15.00 4.36 22.71
CA ILE D 527 14.87 3.93 24.10
C ILE D 527 14.10 2.62 24.14
N GLU D 528 14.68 1.61 24.77
CA GLU D 528 14.00 0.32 24.90
C GLU D 528 12.88 0.42 25.92
N PHE D 529 11.79 -0.32 25.66
CA PHE D 529 10.62 -0.32 26.53
C PHE D 529 10.29 -1.75 26.95
N SER D 530 9.73 -1.86 28.16
CA SER D 530 9.31 -3.14 28.71
C SER D 530 7.79 -3.28 28.56
N LYS D 531 7.23 -4.33 29.17
CA LYS D 531 5.81 -4.58 29.06
C LYS D 531 5.02 -3.49 29.78
N PRO D 532 3.87 -3.07 29.24
CA PRO D 532 3.10 -2.00 29.86
C PRO D 532 2.45 -2.45 31.17
N PHE D 533 2.18 -1.47 32.03
CA PHE D 533 1.44 -1.74 33.26
C PHE D 533 0.03 -2.22 32.95
N LYS D 534 -0.63 -1.57 32.00
CA LYS D 534 -1.99 -1.91 31.62
C LYS D 534 -2.20 -1.49 30.17
N TYR D 535 -3.45 -1.53 29.72
CA TYR D 535 -3.81 -1.20 28.35
C TYR D 535 -5.01 -0.26 28.35
N GLN D 536 -4.81 0.95 27.84
CA GLN D 536 -5.89 1.92 27.75
C GLN D 536 -5.53 2.95 26.69
N GLY D 537 -6.55 3.56 26.10
CA GLY D 537 -6.40 4.57 25.07
C GLY D 537 -6.63 5.97 25.60
N LEU D 538 -7.08 6.85 24.71
CA LEU D 538 -7.37 8.23 25.05
C LEU D 538 -8.78 8.58 24.63
N THR D 539 -9.45 9.40 25.44
CA THR D 539 -10.83 9.78 25.17
C THR D 539 -10.99 11.30 25.16
N ILE D 540 -12.24 11.77 25.10
CA ILE D 540 -12.55 13.20 25.04
C ILE D 540 -13.32 13.57 26.29
N LEU D 541 -12.91 14.66 26.94
CA LEU D 541 -13.55 15.14 28.15
C LEU D 541 -14.39 16.37 27.83
N VAL D 542 -15.65 16.35 28.27
CA VAL D 542 -16.57 17.48 28.08
C VAL D 542 -17.30 17.73 29.39
N LYS D 543 -17.82 18.95 29.53
CA LYS D 543 -18.58 19.34 30.71
C LYS D 543 -20.06 19.05 30.49
N LYS D 544 -20.67 18.37 31.45
CA LYS D 544 -22.09 18.00 31.39
C LYS D 544 -22.80 18.62 32.59
N GLU D 545 -23.40 19.79 32.36
CA GLU D 545 -24.18 20.45 33.40
C GLU D 545 -25.57 19.85 33.49
N ILE D 546 -26.29 20.18 34.57
CA ILE D 546 -27.61 19.62 34.83
C ILE D 546 -28.58 20.13 33.77
N PRO D 547 -29.24 19.24 33.01
CA PRO D 547 -30.19 19.71 32.00
C PRO D 547 -31.36 20.45 32.63
N ARG D 548 -31.85 21.45 31.90
CA ARG D 548 -32.96 22.27 32.34
C ARG D 548 -33.98 22.39 31.22
N SER D 549 -35.24 22.62 31.61
CA SER D 549 -36.31 22.77 30.63
C SER D 549 -36.19 24.13 29.94
N THR D 550 -35.85 24.11 28.65
CA THR D 550 -35.68 25.32 27.86
C THR D 550 -36.95 25.69 27.10
N LEU D 551 -38.12 25.29 27.62
CA LEU D 551 -39.39 25.59 26.97
C LEU D 551 -39.97 26.87 27.57
N ASP D 552 -39.51 27.99 27.05
CA ASP D 552 -39.96 29.30 27.50
C ASP D 552 -41.25 29.74 26.81
N SER D 553 -41.78 28.96 25.87
CA SER D 553 -42.99 29.31 25.16
C SER D 553 -44.20 28.91 26.02
N PHE D 554 -44.51 29.77 26.99
CA PHE D 554 -45.67 29.52 27.85
C PHE D 554 -46.96 29.53 27.03
N MET D 555 -47.09 30.48 26.11
CA MET D 555 -48.23 30.57 25.21
C MET D 555 -47.92 29.80 23.93
N GLN D 556 -48.75 30.00 22.91
CA GLN D 556 -48.49 29.37 21.62
C GLN D 556 -47.13 29.80 21.08
N PRO D 557 -46.37 28.89 20.47
CA PRO D 557 -45.02 29.27 20.01
C PRO D 557 -44.99 30.47 19.07
N PHE D 558 -45.86 30.49 18.07
CA PHE D 558 -46.00 31.64 17.18
C PHE D 558 -47.48 31.81 16.86
N GLN D 559 -47.80 32.93 16.20
CA GLN D 559 -49.17 33.29 15.85
C GLN D 559 -50.04 33.36 17.10
N SER D 560 -49.68 34.30 17.98
CA SER D 560 -50.37 34.49 19.24
C SER D 560 -51.82 34.95 19.08
N THR D 561 -52.28 35.13 17.83
CA THR D 561 -53.67 35.51 17.57
C THR D 561 -54.65 34.38 17.81
N LEU D 562 -54.16 33.17 18.11
CA LEU D 562 -55.07 32.04 18.35
C LEU D 562 -55.93 32.27 19.59
N TRP D 563 -55.36 32.90 20.62
CA TRP D 563 -56.14 33.22 21.81
C TRP D 563 -57.26 34.20 21.48
N LEU D 564 -56.96 35.22 20.68
CA LEU D 564 -57.99 36.15 20.25
C LEU D 564 -59.04 35.44 19.40
N LEU D 565 -58.62 34.51 18.54
CA LEU D 565 -59.55 33.78 17.71
C LEU D 565 -60.50 32.93 18.55
N VAL D 566 -59.97 32.24 19.56
CA VAL D 566 -60.83 31.40 20.39
C VAL D 566 -61.74 32.25 21.26
N GLY D 567 -61.26 33.41 21.73
CA GLY D 567 -62.14 34.32 22.45
C GLY D 567 -63.28 34.83 21.57
N LEU D 568 -62.96 35.19 20.33
CA LEU D 568 -64.00 35.61 19.38
C LEU D 568 -64.98 34.48 19.12
N SER D 569 -64.48 33.24 19.02
CA SER D 569 -65.36 32.10 18.83
C SER D 569 -66.31 31.93 20.02
N VAL D 570 -65.78 32.09 21.23
CA VAL D 570 -66.62 32.00 22.42
C VAL D 570 -67.69 33.09 22.37
N HIS D 571 -67.30 34.31 22.02
CA HIS D 571 -68.27 35.41 21.96
C HIS D 571 -69.35 35.14 20.92
N VAL D 572 -68.97 34.67 19.74
CA VAL D 572 -69.95 34.48 18.67
C VAL D 572 -70.88 33.32 18.99
N VAL D 573 -70.36 32.24 19.59
CA VAL D 573 -71.24 31.14 19.96
C VAL D 573 -72.18 31.56 21.09
N ALA D 574 -71.70 32.41 21.99
CA ALA D 574 -72.57 32.94 23.05
C ALA D 574 -73.71 33.75 22.48
N VAL D 575 -73.40 34.67 21.56
CA VAL D 575 -74.45 35.52 20.99
C VAL D 575 -75.38 34.69 20.10
N MET D 576 -74.84 33.66 19.45
CA MET D 576 -75.69 32.78 18.66
C MET D 576 -76.64 31.98 19.55
N LEU D 577 -76.15 31.54 20.71
CA LEU D 577 -77.02 30.88 21.67
C LEU D 577 -78.09 31.82 22.18
N TYR D 578 -77.74 33.09 22.40
CA TYR D 578 -78.74 34.08 22.79
C TYR D 578 -79.81 34.23 21.72
N LEU D 579 -79.38 34.30 20.45
CA LEU D 579 -80.34 34.42 19.34
C LEU D 579 -81.23 33.18 19.27
N LEU D 580 -80.66 31.99 19.45
CA LEU D 580 -81.46 30.77 19.43
C LEU D 580 -82.47 30.74 20.56
N ASP D 581 -82.05 31.18 21.76
CA ASP D 581 -82.98 31.26 22.88
C ASP D 581 -84.11 32.25 22.59
N ARG D 582 -83.78 33.37 21.94
CA ARG D 582 -84.81 34.31 21.52
C ARG D 582 -85.76 33.65 20.51
N PHE D 583 -85.23 32.82 19.62
CA PHE D 583 -86.01 32.12 18.62
C PHE D 583 -86.36 30.69 19.03
N SER D 584 -86.57 30.48 20.33
CA SER D 584 -86.90 29.14 20.84
C SER D 584 -88.30 28.71 20.38
N LEU D 601 -80.26 33.59 30.39
CA LEU D 601 -80.33 33.73 28.94
C LEU D 601 -80.64 35.16 28.54
N THR D 602 -80.34 36.10 29.44
CA THR D 602 -80.61 37.52 29.22
C THR D 602 -79.36 38.37 29.09
N LEU D 603 -78.45 38.31 30.06
CA LEU D 603 -77.30 39.21 30.10
C LEU D 603 -75.97 38.48 29.98
N SER D 604 -75.67 37.54 30.87
CA SER D 604 -74.36 36.91 30.89
C SER D 604 -74.38 35.42 31.21
N SER D 605 -75.56 34.79 31.33
CA SER D 605 -75.60 33.37 31.66
C SER D 605 -74.98 32.52 30.55
N ALA D 606 -75.25 32.87 29.29
CA ALA D 606 -74.70 32.11 28.18
C ALA D 606 -73.17 32.19 28.15
N MET D 607 -72.61 33.38 28.36
CA MET D 607 -71.16 33.50 28.37
C MET D 607 -70.54 32.84 29.59
N TRP D 608 -71.24 32.86 30.73
CA TRP D 608 -70.77 32.11 31.89
C TRP D 608 -70.72 30.62 31.60
N PHE D 609 -71.75 30.10 30.93
CA PHE D 609 -71.76 28.69 30.55
C PHE D 609 -70.65 28.38 29.56
N SER D 610 -70.43 29.27 28.59
CA SER D 610 -69.39 29.04 27.60
C SER D 610 -67.99 29.06 28.22
N TRP D 611 -67.79 29.88 29.26
CA TRP D 611 -66.51 29.84 29.97
C TRP D 611 -66.40 28.61 30.86
N GLY D 612 -67.50 28.21 31.51
CA GLY D 612 -67.46 27.10 32.44
C GLY D 612 -67.37 25.73 31.79
N VAL D 613 -67.84 25.60 30.54
CA VAL D 613 -67.68 24.33 29.85
C VAL D 613 -66.22 24.07 29.53
N LEU D 614 -65.47 25.11 29.16
CA LEU D 614 -64.04 24.97 28.95
C LEU D 614 -63.30 24.84 30.27
N LEU D 615 -63.68 25.63 31.26
CA LEU D 615 -63.06 25.60 32.59
C LEU D 615 -64.10 25.03 33.56
N ASN D 616 -64.06 23.71 33.74
CA ASN D 616 -65.11 23.00 34.47
C ASN D 616 -65.27 23.49 35.90
N SER D 617 -66.40 24.14 36.17
CA SER D 617 -66.75 24.55 37.52
C SER D 617 -68.22 24.35 37.86
N GLY D 618 -69.00 23.73 36.97
CA GLY D 618 -70.43 23.56 37.21
C GLY D 618 -71.21 24.85 37.08
N ILE D 619 -71.27 25.40 35.86
CA ILE D 619 -71.99 26.62 35.58
C ILE D 619 -73.04 26.36 34.51
N GLY D 620 -74.31 26.35 34.91
CA GLY D 620 -75.40 26.11 33.98
C GLY D 620 -76.53 25.28 34.56
N SER D 626 -84.64 25.47 21.41
CA SER D 626 -84.62 24.16 22.06
C SER D 626 -83.69 23.21 21.34
N PHE D 627 -84.11 22.72 20.16
CA PHE D 627 -83.29 21.81 19.38
C PHE D 627 -82.00 22.48 18.90
N SER D 628 -82.08 23.76 18.53
CA SER D 628 -80.88 24.47 18.09
C SER D 628 -79.87 24.60 19.23
N ALA D 629 -80.36 24.82 20.45
CA ALA D 629 -79.47 24.85 21.60
C ALA D 629 -78.77 23.51 21.78
N ARG D 630 -79.47 22.40 21.51
CA ARG D 630 -78.86 21.08 21.65
C ARG D 630 -77.70 20.91 20.70
N ILE D 631 -77.89 21.23 19.41
CA ILE D 631 -76.81 21.06 18.44
C ILE D 631 -75.69 22.06 18.71
N LEU D 632 -76.02 23.26 19.19
CA LEU D 632 -74.98 24.21 19.59
C LEU D 632 -74.13 23.64 20.71
N GLY D 633 -74.76 23.05 21.72
CA GLY D 633 -74.02 22.42 22.79
C GLY D 633 -73.18 21.26 22.31
N MET D 634 -73.73 20.46 21.37
CA MET D 634 -72.99 19.33 20.83
C MET D 634 -71.72 19.79 20.10
N VAL D 635 -71.86 20.79 19.23
CA VAL D 635 -70.70 21.24 18.47
C VAL D 635 -69.68 21.92 19.37
N TRP D 636 -70.16 22.68 20.38
CA TRP D 636 -69.22 23.31 21.30
C TRP D 636 -68.50 22.28 22.15
N ALA D 637 -69.19 21.23 22.57
CA ALA D 637 -68.54 20.15 23.31
C ALA D 637 -67.51 19.45 22.45
N GLY D 638 -67.83 19.22 21.17
CA GLY D 638 -66.86 18.62 20.28
C GLY D 638 -65.63 19.50 20.08
N PHE D 639 -65.83 20.81 20.00
CA PHE D 639 -64.72 21.73 19.82
C PHE D 639 -63.89 21.91 21.08
N ALA D 640 -64.50 21.69 22.26
CA ALA D 640 -63.80 21.95 23.51
C ALA D 640 -62.54 21.10 23.66
N MET D 641 -62.62 19.81 23.31
CA MET D 641 -61.48 18.94 23.49
C MET D 641 -60.35 19.22 22.48
N ILE D 642 -60.65 19.94 21.40
CA ILE D 642 -59.65 20.20 20.37
C ILE D 642 -58.50 21.02 20.95
N ILE D 643 -58.81 22.06 21.71
CA ILE D 643 -57.78 22.95 22.24
C ILE D 643 -56.87 22.21 23.20
N VAL D 644 -57.45 21.43 24.11
CA VAL D 644 -56.64 20.73 25.10
C VAL D 644 -55.83 19.63 24.44
N ALA D 645 -56.38 18.94 23.44
CA ALA D 645 -55.62 17.94 22.73
C ALA D 645 -54.43 18.55 22.00
N SER D 646 -54.66 19.69 21.33
CA SER D 646 -53.56 20.36 20.63
C SER D 646 -52.50 20.83 21.62
N TYR D 647 -52.92 21.38 22.77
CA TYR D 647 -51.96 21.84 23.76
C TYR D 647 -51.12 20.68 24.31
N THR D 648 -51.77 19.55 24.61
CA THR D 648 -51.03 18.39 25.10
C THR D 648 -50.06 17.87 24.04
N ALA D 649 -50.50 17.82 22.78
CA ALA D 649 -49.62 17.33 21.72
C ALA D 649 -48.41 18.25 21.55
N ASN D 650 -48.64 19.57 21.58
CA ASN D 650 -47.53 20.51 21.44
C ASN D 650 -46.57 20.41 22.62
N LEU D 651 -47.11 20.26 23.84
CA LEU D 651 -46.24 20.11 25.01
C LEU D 651 -45.41 18.84 24.92
N ALA D 652 -46.03 17.73 24.50
CA ALA D 652 -45.27 16.49 24.35
C ALA D 652 -44.19 16.61 23.29
N ALA D 653 -44.53 17.24 22.16
CA ALA D 653 -43.55 17.43 21.10
C ALA D 653 -42.38 18.28 21.55
N PHE D 654 -42.65 19.34 22.31
CA PHE D 654 -41.57 20.16 22.86
C PHE D 654 -40.75 19.37 23.86
N LEU D 655 -41.39 18.54 24.69
CA LEU D 655 -40.69 17.82 25.73
C LEU D 655 -39.86 16.65 25.21
N VAL D 656 -40.19 16.11 24.04
CA VAL D 656 -39.38 15.01 23.47
C VAL D 656 -38.26 15.69 22.68
N LEU D 657 -37.22 16.10 23.41
CA LEU D 657 -36.08 16.78 22.84
C LEU D 657 -34.94 16.85 23.85
N ASP D 658 -33.73 16.49 23.43
CA ASP D 658 -32.56 16.58 24.30
C ASP D 658 -32.10 18.03 24.36
N ARG D 659 -32.28 18.67 25.51
CA ARG D 659 -31.87 20.06 25.67
C ARG D 659 -30.38 20.25 25.45
N PRO D 660 -29.49 19.48 26.08
CA PRO D 660 -28.07 19.61 25.78
C PRO D 660 -27.73 19.09 24.40
N GLU D 661 -26.67 19.65 23.83
CA GLU D 661 -26.22 19.21 22.51
C GLU D 661 -25.65 17.81 22.59
N GLU D 662 -25.74 17.09 21.48
CA GLU D 662 -25.30 15.69 21.44
C GLU D 662 -23.82 15.58 21.80
N ARG D 663 -23.49 14.58 22.61
CA ARG D 663 -22.13 14.38 23.06
C ARG D 663 -21.25 13.90 21.90
N ILE D 664 -19.93 13.95 22.13
CA ILE D 664 -18.98 13.54 21.11
C ILE D 664 -19.04 12.03 20.94
N THR D 665 -19.26 11.59 19.70
CA THR D 665 -19.33 10.16 19.40
C THR D 665 -17.96 9.53 19.21
N GLY D 666 -16.91 10.32 19.07
CA GLY D 666 -15.58 9.80 18.89
C GLY D 666 -14.75 10.73 18.03
N ILE D 667 -13.69 10.16 17.45
CA ILE D 667 -12.81 10.94 16.58
C ILE D 667 -13.53 11.37 15.31
N ASN D 668 -14.43 10.52 14.81
CA ASN D 668 -15.12 10.77 13.54
C ASN D 668 -16.36 11.66 13.71
N ASP D 669 -16.44 12.43 14.80
CA ASP D 669 -17.56 13.34 14.99
C ASP D 669 -17.49 14.45 13.93
N PRO D 670 -18.56 14.69 13.18
CA PRO D 670 -18.49 15.73 12.12
C PRO D 670 -18.20 17.11 12.66
N ARG D 671 -18.67 17.46 13.86
CA ARG D 671 -18.39 18.79 14.40
C ARG D 671 -16.92 18.97 14.74
N LEU D 672 -16.22 17.90 15.10
CA LEU D 672 -14.79 17.98 15.38
C LEU D 672 -13.98 18.13 14.11
N ARG D 673 -14.44 17.56 12.99
CA ARG D 673 -13.72 17.65 11.74
C ARG D 673 -13.66 19.08 11.20
N ASN D 674 -14.56 19.95 11.63
CA ASN D 674 -14.59 21.34 11.20
C ASN D 674 -14.30 22.24 12.39
N PRO D 675 -13.06 22.73 12.55
CA PRO D 675 -12.75 23.58 13.70
C PRO D 675 -13.49 24.91 13.64
N SER D 676 -13.81 25.43 14.82
CA SER D 676 -14.51 26.70 14.93
C SER D 676 -14.18 27.34 16.27
N ASP D 677 -14.43 28.65 16.35
CA ASP D 677 -14.13 29.40 17.56
C ASP D 677 -15.15 29.14 18.67
N LYS D 678 -16.39 28.77 18.32
CA LYS D 678 -17.40 28.51 19.35
C LYS D 678 -17.08 27.25 20.14
N PHE D 679 -16.45 26.26 19.52
CA PHE D 679 -16.09 25.00 20.16
C PHE D 679 -14.58 24.84 20.01
N ILE D 680 -13.83 25.26 21.03
CA ILE D 680 -12.38 25.23 21.02
C ILE D 680 -11.90 24.02 21.81
N TYR D 681 -10.96 23.27 21.23
CA TYR D 681 -10.36 22.13 21.89
C TYR D 681 -8.96 21.92 21.33
N ALA D 682 -8.03 21.54 22.19
CA ALA D 682 -6.64 21.40 21.79
C ALA D 682 -5.92 20.46 22.74
N THR D 683 -4.75 20.01 22.31
CA THR D 683 -3.88 19.18 23.13
C THR D 683 -3.08 20.07 24.08
N VAL D 684 -2.09 19.49 24.76
CA VAL D 684 -1.31 20.23 25.74
C VAL D 684 0.03 20.65 25.15
N LYS D 685 0.77 19.69 24.59
CA LYS D 685 2.14 19.95 24.15
C LYS D 685 2.50 18.91 23.08
N GLN D 686 3.79 18.79 22.79
CA GLN D 686 4.30 17.89 21.76
C GLN D 686 4.41 16.44 22.23
N SER D 687 3.66 16.07 23.27
CA SER D 687 3.69 14.71 23.81
C SER D 687 3.12 13.71 22.82
N SER D 688 3.02 12.44 23.24
CA SER D 688 2.63 11.36 22.33
C SER D 688 1.29 11.62 21.64
N VAL D 689 0.39 12.36 22.30
CA VAL D 689 -0.88 12.70 21.67
C VAL D 689 -0.65 13.54 20.42
N ASP D 690 0.25 14.52 20.51
CA ASP D 690 0.56 15.36 19.35
C ASP D 690 1.15 14.54 18.21
N ILE D 691 2.04 13.59 18.53
CA ILE D 691 2.63 12.74 17.50
C ILE D 691 1.58 11.87 16.86
N TYR D 692 0.67 11.31 17.66
CA TYR D 692 -0.40 10.48 17.12
C TYR D 692 -1.30 11.30 16.19
N PHE D 693 -1.64 12.52 16.58
CA PHE D 693 -2.47 13.36 15.73
C PHE D 693 -1.74 13.78 14.46
N ARG D 694 -0.43 13.99 14.53
CA ARG D 694 0.34 14.40 13.37
C ARG D 694 0.57 13.24 12.40
N ARG D 695 0.61 12.01 12.90
CA ARG D 695 0.95 10.88 12.04
C ARG D 695 -0.06 10.69 10.91
N GLN D 696 -1.36 10.77 11.23
CA GLN D 696 -2.40 10.65 10.21
C GLN D 696 -2.62 12.02 9.58
N VAL D 697 -1.93 12.28 8.48
CA VAL D 697 -1.98 13.61 7.83
C VAL D 697 -3.12 13.55 6.82
N CYS D 698 -4.33 13.78 7.32
CA CYS D 698 -5.48 14.04 6.46
C CYS D 698 -6.25 15.22 7.01
N LEU D 699 -6.09 15.50 8.30
CA LEU D 699 -6.74 16.64 8.95
C LEU D 699 -5.77 17.82 8.99
N SER D 700 -5.59 18.43 7.81
CA SER D 700 -4.68 19.57 7.71
C SER D 700 -5.16 20.75 8.53
N THR D 701 -6.47 21.02 8.51
CA THR D 701 -7.02 22.15 9.23
C THR D 701 -7.09 21.93 10.74
N MET D 702 -6.90 20.70 11.20
CA MET D 702 -6.97 20.44 12.64
C MET D 702 -5.85 21.15 13.39
N TYR D 703 -4.62 21.08 12.86
CA TYR D 703 -3.49 21.73 13.51
C TYR D 703 -3.52 23.24 13.34
N ARG D 704 -4.30 23.76 12.39
CA ARG D 704 -4.44 25.20 12.25
C ARG D 704 -5.15 25.83 13.44
N HIS D 705 -5.89 25.03 14.22
CA HIS D 705 -6.59 25.51 15.40
C HIS D 705 -6.11 24.85 16.68
N MET D 706 -5.63 23.61 16.64
CA MET D 706 -5.17 22.94 17.85
C MET D 706 -3.92 23.61 18.41
N GLU D 707 -3.00 24.02 17.55
CA GLU D 707 -1.76 24.64 18.01
C GLU D 707 -1.96 26.01 18.62
N LYS D 708 -3.14 26.62 18.46
CA LYS D 708 -3.41 27.95 18.96
C LYS D 708 -3.92 27.97 20.40
N HIS D 709 -4.16 26.81 21.01
CA HIS D 709 -4.71 26.75 22.35
C HIS D 709 -3.95 25.77 23.24
N ASN D 710 -2.70 25.47 22.92
CA ASN D 710 -1.91 24.57 23.75
C ASN D 710 -1.57 25.23 25.09
N TYR D 711 -1.64 24.44 26.16
CA TYR D 711 -1.35 24.91 27.51
C TYR D 711 -0.05 24.29 28.00
N GLU D 712 0.27 24.56 29.26
CA GLU D 712 1.55 24.12 29.82
C GLU D 712 1.46 22.75 30.48
N SER D 713 0.43 22.49 31.28
CA SER D 713 0.31 21.24 32.01
C SER D 713 -1.14 20.75 31.98
N ALA D 714 -1.29 19.44 32.20
CA ALA D 714 -2.61 18.84 32.23
C ALA D 714 -3.46 19.40 33.37
N ALA D 715 -2.82 19.74 34.50
CA ALA D 715 -3.57 20.34 35.61
C ALA D 715 -4.14 21.69 35.20
N GLU D 716 -3.34 22.52 34.53
CA GLU D 716 -3.85 23.80 34.06
C GLU D 716 -4.93 23.61 33.00
N ALA D 717 -4.76 22.62 32.12
CA ALA D 717 -5.77 22.37 31.10
C ALA D 717 -7.10 21.96 31.72
N ILE D 718 -7.07 21.05 32.69
CA ILE D 718 -8.31 20.60 33.32
C ILE D 718 -8.92 21.71 34.16
N GLN D 719 -8.09 22.55 34.78
CA GLN D 719 -8.62 23.71 35.51
C GLN D 719 -9.34 24.67 34.56
N ALA D 720 -8.75 24.91 33.38
CA ALA D 720 -9.41 25.76 32.39
C ALA D 720 -10.71 25.14 31.90
N VAL D 721 -10.71 23.81 31.69
CA VAL D 721 -11.94 23.13 31.27
C VAL D 721 -13.02 23.28 32.33
N ARG D 722 -12.65 23.11 33.60
CA ARG D 722 -13.60 23.28 34.69
C ARG D 722 -14.09 24.72 34.78
N ASP D 723 -13.24 25.68 34.43
CA ASP D 723 -13.58 27.09 34.48
C ASP D 723 -14.34 27.56 33.23
N ASN D 724 -14.91 26.62 32.46
CA ASN D 724 -15.69 26.94 31.26
C ASN D 724 -14.87 27.75 30.26
N LYS D 725 -13.61 27.37 30.08
CA LYS D 725 -12.74 28.01 29.11
C LYS D 725 -12.51 27.16 27.87
N LEU D 726 -12.27 25.87 28.04
CA LEU D 726 -12.08 24.95 26.93
C LEU D 726 -13.26 23.97 26.88
N HIS D 727 -13.87 23.85 25.72
CA HIS D 727 -15.03 22.98 25.57
C HIS D 727 -14.69 21.50 25.59
N ALA D 728 -13.45 21.14 25.25
CA ALA D 728 -13.04 19.74 25.26
C ALA D 728 -11.55 19.66 25.48
N PHE D 729 -11.11 18.52 26.02
CA PHE D 729 -9.70 18.27 26.31
C PHE D 729 -9.36 16.84 25.91
N ILE D 730 -8.17 16.66 25.35
CA ILE D 730 -7.71 15.37 24.84
C ILE D 730 -6.49 14.95 25.64
N TRP D 731 -6.55 13.76 26.23
CA TRP D 731 -5.45 13.20 27.00
C TRP D 731 -5.75 11.71 27.20
N ASP D 732 -4.79 11.00 27.80
CA ASP D 732 -4.96 9.58 28.07
C ASP D 732 -6.18 9.34 28.95
N SER D 733 -7.00 8.36 28.54
CA SER D 733 -8.28 8.13 29.22
C SER D 733 -8.11 7.72 30.67
N ALA D 734 -6.96 7.15 31.04
CA ALA D 734 -6.74 6.73 32.43
C ALA D 734 -6.81 7.91 33.39
N VAL D 735 -6.47 9.11 32.92
CA VAL D 735 -6.56 10.31 33.75
C VAL D 735 -7.96 10.88 33.73
N LEU D 736 -8.60 10.94 32.56
CA LEU D 736 -9.92 11.53 32.45
C LEU D 736 -10.96 10.73 33.23
N GLU D 737 -10.88 9.39 33.16
CA GLU D 737 -11.85 8.58 33.90
C GLU D 737 -11.67 8.75 35.41
N PHE D 738 -10.42 8.83 35.87
CA PHE D 738 -10.17 9.05 37.30
C PHE D 738 -10.69 10.41 37.74
N GLU D 739 -10.47 11.46 36.93
CA GLU D 739 -10.97 12.78 37.27
C GLU D 739 -12.49 12.81 37.28
N ALA D 740 -13.13 12.14 36.33
CA ALA D 740 -14.59 12.08 36.31
C ALA D 740 -15.13 11.35 37.52
N SER D 741 -14.46 10.26 37.92
CA SER D 741 -14.89 9.53 39.11
C SER D 741 -14.72 10.38 40.37
N GLN D 742 -13.62 11.11 40.46
CA GLN D 742 -13.35 11.89 41.68
C GLN D 742 -14.30 13.09 41.78
N LYS D 743 -14.46 13.84 40.69
CA LYS D 743 -15.32 15.02 40.68
C LYS D 743 -16.50 14.77 39.76
N CYS D 744 -17.71 14.93 40.29
CA CYS D 744 -18.93 14.66 39.52
C CYS D 744 -19.41 15.89 38.77
N ASP D 745 -18.53 16.47 37.96
CA ASP D 745 -18.88 17.60 37.10
C ASP D 745 -18.35 17.46 35.67
N LEU D 746 -17.45 16.51 35.41
CA LEU D 746 -16.93 16.28 34.07
C LEU D 746 -17.25 14.84 33.65
N VAL D 747 -17.50 14.67 32.35
CA VAL D 747 -17.85 13.37 31.79
C VAL D 747 -16.97 13.12 30.57
N THR D 748 -16.73 11.84 30.28
CA THR D 748 -15.91 11.43 29.15
C THR D 748 -16.80 10.95 28.01
N THR D 749 -16.50 11.41 26.80
CA THR D 749 -17.26 11.07 25.61
C THR D 749 -16.41 10.23 24.66
N GLY D 750 -17.09 9.45 23.82
CA GLY D 750 -16.43 8.58 22.88
C GLY D 750 -16.12 7.22 23.48
N GLU D 751 -16.04 6.19 22.64
CA GLU D 751 -15.77 4.84 23.14
C GLU D 751 -14.27 4.65 23.38
N LEU D 752 -13.48 4.67 22.30
CA LEU D 752 -12.03 4.50 22.35
C LEU D 752 -11.47 4.76 20.96
N PHE D 753 -10.21 5.18 20.93
CA PHE D 753 -9.49 5.37 19.67
C PHE D 753 -8.01 5.48 19.99
N PHE D 754 -7.19 4.97 19.07
CA PHE D 754 -5.73 4.98 19.21
C PHE D 754 -5.29 4.33 20.52
N ARG D 755 -5.76 3.11 20.75
CA ARG D 755 -5.43 2.40 21.97
C ARG D 755 -3.94 2.08 22.01
N SER D 756 -3.34 2.25 23.19
CA SER D 756 -1.91 2.05 23.38
C SER D 756 -1.67 1.59 24.81
N GLY D 757 -0.41 1.66 25.24
CA GLY D 757 -0.05 1.27 26.59
C GLY D 757 1.13 2.08 27.08
N PHE D 758 1.43 1.89 28.37
CA PHE D 758 2.53 2.59 29.01
C PHE D 758 3.82 1.78 28.85
N GLY D 759 4.86 2.17 29.57
CA GLY D 759 6.13 1.45 29.49
C GLY D 759 7.14 2.04 30.44
N ILE D 760 8.32 1.43 30.45
CA ILE D 760 9.42 1.84 31.31
C ILE D 760 10.59 2.23 30.41
N GLY D 761 11.07 3.47 30.59
CA GLY D 761 12.17 3.96 29.78
C GLY D 761 13.52 3.46 30.24
N MET D 762 14.12 2.55 29.48
CA MET D 762 15.42 1.98 29.79
C MET D 762 16.30 2.00 28.56
N ARG D 763 17.60 2.17 28.77
CA ARG D 763 18.57 2.16 27.69
C ARG D 763 18.76 0.74 27.17
N LYS D 764 19.22 0.65 25.91
CA LYS D 764 19.39 -0.65 25.28
C LYS D 764 20.50 -1.48 25.92
N ASP D 765 21.48 -0.83 26.54
CA ASP D 765 22.58 -1.54 27.18
C ASP D 765 22.28 -1.94 28.63
N SER D 766 21.12 -1.56 29.15
CA SER D 766 20.77 -1.92 30.51
C SER D 766 20.46 -3.41 30.60
N PRO D 767 21.13 -4.16 31.47
CA PRO D 767 20.86 -5.60 31.60
C PRO D 767 19.67 -5.95 32.48
N TRP D 768 18.82 -4.99 32.82
CA TRP D 768 17.68 -5.22 33.71
C TRP D 768 16.37 -5.28 32.93
N LYS D 769 16.40 -5.86 31.74
CA LYS D 769 15.18 -5.96 30.93
C LYS D 769 14.38 -7.20 31.29
N GLN D 770 15.02 -8.37 31.25
CA GLN D 770 14.31 -9.61 31.54
C GLN D 770 13.82 -9.66 32.98
N ASN D 771 14.64 -9.19 33.92
CA ASN D 771 14.23 -9.18 35.32
C ASN D 771 12.98 -8.31 35.52
N VAL D 772 12.99 -7.11 34.96
CA VAL D 772 11.85 -6.20 35.11
C VAL D 772 10.62 -6.77 34.45
N SER D 773 10.77 -7.33 33.24
CA SER D 773 9.61 -7.91 32.55
C SER D 773 9.01 -9.05 33.34
N LEU D 774 9.85 -9.96 33.84
CA LEU D 774 9.34 -11.10 34.61
C LEU D 774 8.67 -10.62 35.90
N SER D 775 9.28 -9.67 36.60
CA SER D 775 8.69 -9.16 37.84
C SER D 775 7.34 -8.51 37.57
N ILE D 776 7.25 -7.70 36.52
CA ILE D 776 5.98 -7.03 36.19
C ILE D 776 4.91 -8.06 35.84
N LEU D 777 5.27 -9.06 35.03
CA LEU D 777 4.30 -10.08 34.66
C LEU D 777 3.83 -10.87 35.87
N LYS D 778 4.76 -11.23 36.77
CA LYS D 778 4.38 -11.96 37.97
C LYS D 778 3.47 -11.12 38.87
N SER D 779 3.79 -9.83 39.02
CA SER D 779 2.94 -8.95 39.83
C SER D 779 1.55 -8.82 39.23
N HIS D 780 1.47 -8.69 37.90
CA HIS D 780 0.17 -8.58 37.25
C HIS D 780 -0.63 -9.88 37.40
N GLU D 781 0.05 -11.02 37.30
CA GLU D 781 -0.65 -12.30 37.45
C GLU D 781 -1.13 -12.52 38.88
N ASN D 782 -0.35 -12.08 39.87
CA ASN D 782 -0.67 -12.32 41.27
C ASN D 782 -1.72 -11.37 41.83
N GLY D 783 -2.39 -10.58 40.98
CA GLY D 783 -3.44 -9.70 41.44
C GLY D 783 -2.97 -8.39 42.04
N PHE D 784 -1.67 -8.10 41.99
CA PHE D 784 -1.16 -6.84 42.53
C PHE D 784 -1.72 -5.64 41.78
N MET D 785 -1.82 -5.75 40.45
CA MET D 785 -2.37 -4.65 39.66
C MET D 785 -3.82 -4.37 40.00
N GLU D 786 -4.62 -5.42 40.21
CA GLU D 786 -6.02 -5.23 40.56
C GLU D 786 -6.15 -4.51 41.91
N ASP D 787 -5.36 -4.93 42.90
CA ASP D 787 -5.40 -4.28 44.20
C ASP D 787 -4.96 -2.83 44.11
N LEU D 788 -3.91 -2.55 43.32
CA LEU D 788 -3.45 -1.18 43.15
C LEU D 788 -4.52 -0.32 42.48
N ASP D 789 -5.18 -0.85 41.46
CA ASP D 789 -6.23 -0.11 40.77
C ASP D 789 -7.40 0.16 41.72
N LYS D 790 -7.80 -0.84 42.51
CA LYS D 790 -8.90 -0.63 43.44
C LYS D 790 -8.54 0.39 44.50
N THR D 791 -7.30 0.37 44.99
CA THR D 791 -6.91 1.29 46.06
C THR D 791 -6.70 2.72 45.56
N TRP D 792 -6.22 2.89 44.34
CA TRP D 792 -5.84 4.22 43.84
C TRP D 792 -6.73 4.72 42.71
N VAL D 793 -6.85 3.97 41.62
CA VAL D 793 -7.52 4.49 40.44
C VAL D 793 -9.02 4.21 40.41
N ARG D 794 -9.51 3.27 41.21
CA ARG D 794 -10.92 2.90 41.23
C ARG D 794 -11.55 3.44 42.51
N TYR D 795 -12.40 4.45 42.37
CA TYR D 795 -13.09 5.06 43.50
C TYR D 795 -14.60 5.06 43.26
N GLN D 796 -15.34 5.75 44.12
CA GLN D 796 -16.79 5.83 43.97
C GLN D 796 -17.16 6.56 42.68
N GLU D 797 -18.24 6.12 42.05
CA GLU D 797 -18.71 6.70 40.81
C GLU D 797 -19.82 7.71 41.08
N CYS D 798 -20.24 8.38 40.01
CA CYS D 798 -21.27 9.41 40.11
C CYS D 798 -22.62 8.88 39.64
N THR D 809 -40.01 22.26 38.97
CA THR D 809 -38.68 21.82 38.56
C THR D 809 -37.70 22.98 38.55
N PHE D 810 -37.96 23.96 37.70
CA PHE D 810 -37.05 25.09 37.52
C PHE D 810 -37.88 26.32 37.15
N GLU D 811 -37.21 27.33 36.58
CA GLU D 811 -37.82 28.63 36.36
C GLU D 811 -39.07 28.57 35.48
N ASN D 812 -39.22 27.52 34.67
CA ASN D 812 -40.36 27.41 33.77
C ASN D 812 -41.68 27.39 34.54
N MET D 813 -41.90 26.34 35.33
CA MET D 813 -43.17 26.21 36.06
C MET D 813 -43.30 27.25 37.15
N ALA D 814 -42.20 27.61 37.82
CA ALA D 814 -42.27 28.65 38.83
C ALA D 814 -42.69 29.98 38.21
N GLY D 815 -42.14 30.33 37.05
CA GLY D 815 -42.52 31.57 36.39
C GLY D 815 -43.95 31.55 35.89
N VAL D 816 -44.40 30.43 35.33
CA VAL D 816 -45.79 30.38 34.87
C VAL D 816 -46.74 30.46 36.06
N PHE D 817 -46.36 29.85 37.19
CA PHE D 817 -47.17 29.97 38.40
C PHE D 817 -47.21 31.42 38.89
N MET D 818 -46.07 32.10 38.88
CA MET D 818 -46.05 33.50 39.31
C MET D 818 -46.93 34.35 38.40
N LEU D 819 -46.87 34.12 37.09
CA LEU D 819 -47.69 34.87 36.16
C LEU D 819 -49.18 34.64 36.42
N VAL D 820 -49.58 33.36 36.55
CA VAL D 820 -51.00 33.07 36.75
C VAL D 820 -51.47 33.59 38.11
N ALA D 821 -50.61 33.52 39.13
CA ALA D 821 -50.99 34.00 40.45
C ALA D 821 -51.17 35.52 40.47
N GLY D 822 -50.24 36.25 39.86
CA GLY D 822 -50.43 37.69 39.73
C GLY D 822 -51.68 38.03 38.95
N GLY D 823 -51.91 37.32 37.85
CA GLY D 823 -53.12 37.55 37.07
C GLY D 823 -54.38 37.32 37.87
N ILE D 824 -54.43 36.22 38.63
CA ILE D 824 -55.65 35.90 39.36
C ILE D 824 -55.87 36.85 40.53
N VAL D 825 -54.79 37.29 41.21
CA VAL D 825 -55.00 38.23 42.31
C VAL D 825 -55.43 39.60 41.80
N ALA D 826 -54.81 40.06 40.69
CA ALA D 826 -55.27 41.30 40.09
C ALA D 826 -56.71 41.17 39.62
N GLY D 827 -57.06 40.01 39.05
CA GLY D 827 -58.42 39.81 38.58
C GLY D 827 -59.44 39.83 39.70
N ILE D 828 -59.12 39.17 40.82
CA ILE D 828 -60.09 39.14 41.92
C ILE D 828 -60.23 40.53 42.54
N PHE D 829 -59.13 41.27 42.66
CA PHE D 829 -59.24 42.63 43.19
C PHE D 829 -60.09 43.51 42.29
N LEU D 830 -59.79 43.51 40.98
CA LEU D 830 -60.53 44.34 40.04
C LEU D 830 -61.98 43.91 39.96
N ILE D 831 -62.24 42.60 40.04
CA ILE D 831 -63.62 42.13 39.95
C ILE D 831 -64.39 42.50 41.22
N PHE D 832 -63.70 42.51 42.37
CA PHE D 832 -64.36 42.93 43.60
C PHE D 832 -64.77 44.40 43.52
N ILE D 833 -63.84 45.26 43.12
CA ILE D 833 -64.18 46.68 43.05
C ILE D 833 -65.21 46.95 41.95
N GLU D 834 -65.13 46.21 40.83
CA GLU D 834 -66.09 46.40 39.75
C GLU D 834 -67.47 45.87 40.12
N ILE D 835 -67.53 44.80 40.91
CA ILE D 835 -68.82 44.29 41.38
C ILE D 835 -69.44 45.27 42.36
N ALA D 836 -68.63 45.88 43.23
CA ALA D 836 -69.13 46.92 44.11
C ALA D 836 -69.70 48.09 43.30
N TYR D 837 -68.96 48.52 42.28
CA TYR D 837 -69.42 49.62 41.44
C TYR D 837 -70.70 49.24 40.69
N LYS D 838 -70.78 48.01 40.19
CA LYS D 838 -71.97 47.55 39.47
C LYS D 838 -73.18 47.50 40.39
N ARG D 839 -72.99 47.03 41.62
CA ARG D 839 -74.09 47.01 42.59
C ARG D 839 -74.54 48.43 42.91
N HIS D 840 -73.60 49.35 43.07
CA HIS D 840 -73.96 50.74 43.31
C HIS D 840 -74.75 51.33 42.13
N LYS D 841 -74.30 51.03 40.91
CA LYS D 841 -74.99 51.53 39.73
C LYS D 841 -76.39 50.96 39.60
N ASP D 842 -76.55 49.66 39.88
CA ASP D 842 -77.87 49.04 39.82
C ASP D 842 -78.79 49.59 40.91
N ALA D 843 -78.24 49.87 42.08
CA ALA D 843 -79.02 50.34 43.23
C ALA D 843 -78.83 51.84 43.47
N ARG D 844 -78.73 52.63 42.41
CA ARG D 844 -78.61 54.08 42.56
C ARG D 844 -79.85 54.68 43.22
C1 NAG E . -18.69 39.59 -16.25
C2 NAG E . -18.59 40.36 -14.93
C3 NAG E . -19.07 41.79 -15.10
C4 NAG E . -18.33 42.46 -16.25
C5 NAG E . -18.45 41.61 -17.52
C6 NAG E . -17.63 42.16 -18.67
C7 NAG E . -18.85 39.47 -12.65
C8 NAG E . -19.77 38.77 -11.70
N2 NAG E . -19.34 39.68 -13.87
O3 NAG E . -18.85 42.51 -13.90
O4 NAG E . -18.88 43.75 -16.49
O5 NAG E . -17.96 40.29 -17.27
O6 NAG E . -18.45 42.43 -19.80
O7 NAG E . -17.72 39.83 -12.33
P01 7RC F . -19.95 29.01 -12.76
C01 7RC F . -13.93 24.27 -13.55
N01 7RC F . -15.91 25.74 -13.40
O01 7RC F . -12.45 24.29 -15.37
C02 7RC F . -14.99 25.06 -14.33
N02 7RC F . -14.54 23.30 -12.64
O02 7RC F . -20.84 29.88 -13.78
C03 7RC F . -16.53 24.76 -12.49
O03 7RC F . -18.94 30.09 -12.11
C04 7RC F . -16.91 26.49 -14.13
O04 7RC F . -20.70 28.16 -11.81
C05 7RC F . -15.47 23.97 -11.73
O05 7RC F . -12.99 22.26 -14.50
C06 7RC F . -17.80 27.27 -13.14
C07 7RC F . -18.87 28.09 -13.86
C08 7RC F . -13.09 23.48 -14.49
H011 7RC F . -13.30 24.95 -12.99
H022 7RC F . -14.49 25.81 -14.95
H023 7RC F . -15.55 24.38 -14.95
H3 7RC F . -13.85 22.87 -12.14
H031 7RC F . -17.14 24.08 -13.08
H032 7RC F . -17.16 25.29 -11.78
H042 7RC F . -16.43 27.20 -14.80
H041 7RC F . -17.54 25.81 -14.71
H051 7RC F . -15.96 23.22 -11.11
H052 7RC F . -14.90 24.66 -11.09
H062 7RC F . -18.28 26.57 -12.48
H061 7RC F . -17.18 27.95 -12.56
H072 7RC F . -18.38 28.79 -14.54
H071 7RC F . -19.48 27.41 -14.47
C1 NAG G . 24.22 -15.75 -66.05
C2 NAG G . 23.96 -15.62 -67.55
C3 NAG G . 25.27 -15.58 -68.32
C4 NAG G . 26.18 -14.49 -67.77
C5 NAG G . 26.36 -14.68 -66.27
C6 NAG G . 27.16 -13.56 -65.63
C7 NAG G . 22.13 -16.53 -68.92
C8 NAG G . 21.37 -17.76 -69.30
N2 NAG G . 23.11 -16.70 -68.03
O3 NAG G . 25.00 -15.34 -69.70
O4 NAG G . 27.46 -14.56 -68.42
O5 NAG G . 25.09 -14.69 -65.62
O6 NAG G . 26.32 -12.62 -64.98
O7 NAG G . 21.88 -15.43 -69.41
C1 NAG H . -16.56 9.72 -38.45
C2 NAG H . -16.03 11.15 -38.60
C3 NAG H . -15.30 11.30 -39.93
C4 NAG H . -14.24 10.22 -40.10
C5 NAG H . -14.86 8.83 -39.87
C6 NAG H . -13.84 7.72 -39.90
C7 NAG H . -16.92 13.36 -38.01
C8 NAG H . -18.13 14.23 -37.97
N2 NAG H . -17.10 12.13 -38.49
O3 NAG H . -14.70 12.58 -40.01
O4 NAG H . -13.69 10.27 -41.41
O5 NAG H . -15.49 8.79 -38.58
O6 NAG H . -14.45 6.46 -40.12
O7 NAG H . -15.82 13.75 -37.63
C1 NAG I . -23.36 9.16 -45.74
C2 NAG I . -24.51 8.72 -46.66
C3 NAG I . -24.60 9.64 -47.87
C4 NAG I . -24.69 11.10 -47.43
C5 NAG I . -23.55 11.44 -46.48
C6 NAG I . -23.64 12.83 -45.89
C7 NAG I . -25.24 6.38 -46.83
C8 NAG I . -24.91 5.02 -47.33
N2 NAG I . -24.34 7.34 -47.08
O3 NAG I . -25.73 9.29 -48.64
O4 NAG I . -24.63 11.95 -48.55
O5 NAG I . -23.54 10.53 -45.36
O6 NAG I . -22.37 13.33 -45.53
O7 NAG I . -26.28 6.62 -46.21
C1 NAG J . -11.33 -31.86 32.21
C2 NAG J . -12.61 -32.31 31.51
C3 NAG J . -13.26 -33.46 32.29
C4 NAG J . -12.25 -34.58 32.51
C5 NAG J . -10.98 -34.03 33.16
C6 NAG J . -9.89 -35.06 33.30
C7 NAG J . -14.20 -30.95 30.22
C8 NAG J . -15.12 -29.77 30.25
N2 NAG J . -13.54 -31.21 31.36
O3 NAG J . -14.37 -33.95 31.57
O4 NAG J . -12.81 -35.58 33.35
O5 NAG J . -10.44 -32.97 32.36
O6 NAG J . -9.50 -35.23 34.66
O7 NAG J . -14.04 -31.64 29.21
P01 7RC K . -10.58 -21.29 29.07
C01 7RC K . -5.25 -19.47 23.82
N01 7RC K . -6.88 -20.01 25.58
O01 7RC K . -3.11 -20.43 23.71
C02 7RC K . -5.45 -19.94 25.27
N02 7RC K . -5.89 -18.17 23.58
O02 7RC K . -10.54 -21.94 30.54
C03 7RC K . -7.52 -18.70 25.36
O03 7RC K . -11.02 -22.50 28.12
C04 7RC K . -7.08 -20.46 26.97
O04 7RC K . -11.38 -20.03 28.93
C05 7RC K . -7.31 -18.25 23.92
O05 7RC K . -3.28 -18.21 23.22
C06 7RC K . -8.57 -20.62 27.25
C07 7RC K . -8.83 -21.09 28.68
C08 7RC K . -3.78 -19.27 23.55
H011 7RC K . -5.65 -20.21 23.14
H022 7RC K . -4.96 -19.23 25.94
H023 7RC K . -5.01 -20.92 25.39
H3 7RC K . -5.79 -17.94 22.65
H031 7RC K . -7.09 -17.97 26.04
H032 7RC K . -8.59 -18.80 25.55
H042 7RC K . -6.58 -21.41 27.11
H041 7RC K . -6.67 -19.72 27.65
H051 7RC K . -7.80 -18.95 23.24
H052 7RC K . -7.75 -17.25 23.79
H062 7RC K . -9.07 -19.66 27.10
H061 7RC K . -8.99 -21.35 26.56
H072 7RC K . -8.34 -22.04 28.83
H071 7RC K . -8.41 -20.36 29.37
C1 NAG L . 69.78 -8.49 16.05
C2 NAG L . 70.78 -8.81 17.17
C3 NAG L . 72.02 -9.50 16.58
C4 NAG L . 71.60 -10.73 15.77
C5 NAG L . 70.57 -10.33 14.71
C6 NAG L . 70.03 -11.51 13.94
C7 NAG L . 71.33 -7.57 19.21
C8 NAG L . 71.73 -6.25 19.79
N2 NAG L . 71.16 -7.61 17.88
O3 NAG L . 72.87 -9.90 17.64
O4 NAG L . 72.74 -11.28 15.12
O5 NAG L . 69.45 -9.69 15.34
O6 NAG L . 68.75 -11.90 14.41
O7 NAG L . 71.17 -8.57 19.92
C1 NAG M . 18.62 -10.26 37.35
C2 NAG M . 18.45 -11.78 37.31
C3 NAG M . 19.80 -12.47 37.54
C4 NAG M . 20.85 -11.92 36.59
C5 NAG M . 20.90 -10.41 36.65
C6 NAG M . 21.83 -9.79 35.64
C7 NAG M . 16.70 -13.31 38.12
C8 NAG M . 15.75 -13.62 39.23
N2 NAG M . 17.47 -12.22 38.29
O3 NAG M . 19.65 -13.87 37.37
O4 NAG M . 22.13 -12.45 36.91
O5 NAG M . 19.59 -9.86 36.39
O6 NAG M . 22.21 -8.46 36.00
O7 NAG M . 16.79 -14.01 37.11
C1 NAG N . 21.31 -8.64 46.83
C2 NAG N . 21.65 -7.99 48.18
C3 NAG N . 22.20 -9.03 49.14
C4 NAG N . 21.25 -10.22 49.26
C5 NAG N . 20.92 -10.76 47.87
C6 NAG N . 19.88 -11.87 47.89
C7 NAG N . 22.31 -5.64 48.38
C8 NAG N . 23.40 -4.63 48.13
N2 NAG N . 22.58 -6.89 48.01
O3 NAG N . 22.39 -8.44 50.42
O4 NAG N . 21.84 -11.24 50.04
O5 NAG N . 20.39 -9.72 47.04
O6 NAG N . 20.02 -12.74 46.78
O7 NAG N . 21.24 -5.32 48.89
#